data_7TF7
#
_entry.id   7TF7
#
_cell.length_a   1.00
_cell.length_b   1.00
_cell.length_c   1.00
_cell.angle_alpha   90.00
_cell.angle_beta   90.00
_cell.angle_gamma   90.00
#
_symmetry.space_group_name_H-M   'P 1'
#
_entity_poly.entity_id   1
_entity_poly.type   'polypeptide(L)'
_entity_poly.pdbx_seq_one_letter_code
;GSHMPKRTFTKEDIRKFAEEENVRYLRLQFTDILGTIKNVEVPVSQLEKVLDNEMMFDGSSIEGFVRIEESDMYLHPDLD
TWVIFPWTAGQGKVARLICDVYKTDGTPFEGDPRANLKRVLKEMEDLGFTDFNLGPEPEFFLFKLDEKGEPTLELNDDGG
YFDLAPTDLGENCRRDIVLELEDMGFDIEASHHEVAPGQHEIDFKYADAVTACDNIQTFKLVVKTIARKHNLHATFMPKP
LFGVNGSGMHFNVSLFKGKENAFFDPNTEMGLTETAYQFTAGVLKNARGFTAVCNPLVNSYKRLVPGYEAPCYIAWSGKN
RSPLIRVPSSRGLSTRIEVRSVDPAANPYMALAAILEAGLDGIKNKLKVPEPVNQNIYEMNREEREAVGIQDLPSTLYTA
LKAMRENEVIKKALGNHIYNQFINSKSIEWDYYRTQVSEWERDQYMKQY
;
_entity_poly.pdbx_strand_id   A,B,C,D,E,F,G,H,I,J,K,L
#
# COMPACT_ATOMS: atom_id res chain seq x y z
N PHE A 9 -41.48 19.08 47.16
CA PHE A 9 -42.31 18.32 46.22
C PHE A 9 -43.01 17.17 46.92
N THR A 10 -44.26 16.92 46.54
CA THR A 10 -45.07 15.83 47.06
C THR A 10 -45.36 14.83 45.95
N LYS A 11 -46.04 13.75 46.30
CA LYS A 11 -46.43 12.76 45.31
C LYS A 11 -47.34 13.38 44.26
N GLU A 12 -48.28 14.22 44.69
CA GLU A 12 -49.16 14.91 43.75
C GLU A 12 -48.38 15.80 42.79
N ASP A 13 -47.34 16.49 43.26
CA ASP A 13 -46.53 17.30 42.38
C ASP A 13 -45.83 16.45 41.33
N ILE A 14 -45.30 15.29 41.70
CA ILE A 14 -44.63 14.43 40.75
C ILE A 14 -45.62 13.86 39.73
N ARG A 15 -46.81 13.46 40.19
CA ARG A 15 -47.82 12.98 39.24
C ARG A 15 -48.21 14.08 38.27
N LYS A 16 -48.41 15.30 38.77
CA LYS A 16 -48.75 16.41 37.90
C LYS A 16 -47.64 16.68 36.89
N PHE A 17 -46.39 16.64 37.33
CA PHE A 17 -45.26 16.84 36.43
C PHE A 17 -45.22 15.78 35.36
N ALA A 18 -45.42 14.51 35.73
CA ALA A 18 -45.39 13.43 34.76
C ALA A 18 -46.51 13.57 33.73
N GLU A 19 -47.71 13.96 34.16
CA GLU A 19 -48.81 14.12 33.20
C GLU A 19 -48.59 15.32 32.29
N GLU A 20 -48.17 16.45 32.86
CA GLU A 20 -48.11 17.69 32.08
C GLU A 20 -46.88 17.80 31.22
N GLU A 21 -45.77 17.15 31.59
CA GLU A 21 -44.56 17.17 30.78
C GLU A 21 -44.47 15.97 29.84
N ASN A 22 -45.42 15.05 29.90
CA ASN A 22 -45.44 13.85 29.07
C ASN A 22 -44.15 13.04 29.25
N VAL A 23 -43.77 12.86 30.50
CA VAL A 23 -42.62 12.04 30.84
C VAL A 23 -42.95 10.58 30.61
N ARG A 24 -42.10 9.90 29.85
CA ARG A 24 -42.34 8.50 29.53
C ARG A 24 -41.55 7.53 30.39
N TYR A 25 -40.36 7.91 30.87
CA TYR A 25 -39.51 7.00 31.60
C TYR A 25 -38.90 7.68 32.81
N LEU A 26 -38.61 6.89 33.83
CA LEU A 26 -38.04 7.36 35.08
C LEU A 26 -36.70 6.67 35.30
N ARG A 27 -35.69 7.43 35.70
CA ARG A 27 -34.40 6.89 36.08
C ARG A 27 -34.23 7.01 37.59
N LEU A 28 -34.20 5.88 38.28
CA LEU A 28 -33.94 5.84 39.71
C LEU A 28 -32.45 5.63 39.90
N GLN A 29 -31.75 6.70 40.26
CA GLN A 29 -30.29 6.65 40.28
C GLN A 29 -29.76 6.95 41.67
N PHE A 30 -28.69 6.25 42.02
CA PHE A 30 -28.05 6.35 43.32
C PHE A 30 -26.55 6.16 43.12
N THR A 31 -25.80 6.30 44.21
CA THR A 31 -24.35 6.30 44.16
C THR A 31 -23.79 5.17 45.02
N ASP A 32 -22.79 4.48 44.49
CA ASP A 32 -22.13 3.41 45.22
C ASP A 32 -21.00 4.00 46.07
N ILE A 33 -20.19 3.13 46.68
CA ILE A 33 -19.15 3.61 47.58
C ILE A 33 -18.01 4.31 46.83
N LEU A 34 -17.81 3.99 45.56
CA LEU A 34 -16.73 4.57 44.78
C LEU A 34 -17.11 5.88 44.12
N GLY A 35 -18.33 6.37 44.35
CA GLY A 35 -18.78 7.58 43.71
C GLY A 35 -19.41 7.40 42.35
N THR A 36 -19.44 6.18 41.83
CA THR A 36 -20.04 5.93 40.53
C THR A 36 -21.55 5.94 40.63
N ILE A 37 -22.22 6.65 39.74
CA ILE A 37 -23.67 6.76 39.76
C ILE A 37 -24.28 5.56 39.05
N LYS A 38 -25.18 4.87 39.74
CA LYS A 38 -25.87 3.70 39.22
C LYS A 38 -27.34 4.02 39.06
N ASN A 39 -27.97 3.46 38.02
CA ASN A 39 -29.37 3.76 37.78
C ASN A 39 -30.06 2.58 37.09
N VAL A 40 -31.38 2.57 37.20
CA VAL A 40 -32.25 1.68 36.45
C VAL A 40 -33.39 2.51 35.86
N GLU A 41 -33.74 2.25 34.62
CA GLU A 41 -34.76 3.01 33.92
C GLU A 41 -36.07 2.24 33.97
N VAL A 42 -37.15 2.95 34.30
CA VAL A 42 -38.44 2.33 34.56
C VAL A 42 -39.51 3.09 33.77
N PRO A 43 -40.43 2.40 33.11
CA PRO A 43 -41.51 3.10 32.41
C PRO A 43 -42.41 3.84 33.40
N VAL A 44 -42.97 4.97 32.93
CA VAL A 44 -43.78 5.81 33.80
C VAL A 44 -45.03 5.11 34.31
N SER A 45 -45.41 3.98 33.71
CA SER A 45 -46.54 3.21 34.21
C SER A 45 -46.26 2.58 35.57
N GLN A 46 -45.01 2.56 36.01
CA GLN A 46 -44.65 2.09 37.35
C GLN A 46 -44.43 3.24 38.32
N LEU A 47 -45.03 4.41 38.02
CA LEU A 47 -44.82 5.57 38.88
C LEU A 47 -45.35 5.34 40.28
N GLU A 48 -46.52 4.72 40.40
CA GLU A 48 -47.06 4.45 41.72
C GLU A 48 -46.20 3.48 42.51
N LYS A 49 -45.64 2.46 41.86
CA LYS A 49 -44.72 1.57 42.54
C LYS A 49 -43.46 2.31 42.98
N VAL A 50 -42.95 3.21 42.13
CA VAL A 50 -41.76 3.97 42.49
C VAL A 50 -42.03 4.86 43.69
N LEU A 51 -43.17 5.55 43.70
CA LEU A 51 -43.50 6.46 44.78
C LEU A 51 -43.83 5.74 46.08
N ASP A 52 -44.15 4.45 46.02
CA ASP A 52 -44.42 3.66 47.22
C ASP A 52 -43.18 3.00 47.78
N ASN A 53 -41.99 3.37 47.29
CA ASN A 53 -40.72 2.88 47.81
C ASN A 53 -40.64 1.35 47.71
N GLU A 54 -41.19 0.80 46.64
CA GLU A 54 -41.24 -0.65 46.46
C GLU A 54 -40.29 -1.13 45.37
N MET A 55 -39.46 -0.26 44.80
CA MET A 55 -38.50 -0.67 43.80
C MET A 55 -37.39 -1.49 44.45
N MET A 56 -36.92 -2.51 43.75
CA MET A 56 -35.96 -3.47 44.28
C MET A 56 -34.82 -3.65 43.31
N PHE A 57 -33.62 -3.86 43.85
CA PHE A 57 -32.46 -4.21 43.04
C PHE A 57 -31.60 -5.21 43.82
N ASP A 58 -30.52 -5.66 43.21
CA ASP A 58 -29.74 -6.75 43.77
C ASP A 58 -28.89 -6.30 44.95
N GLY A 59 -27.94 -5.41 44.71
CA GLY A 59 -27.07 -4.96 45.77
C GLY A 59 -25.76 -5.74 45.85
N SER A 60 -25.83 -7.06 45.67
CA SER A 60 -24.62 -7.87 45.68
C SER A 60 -23.76 -7.63 44.46
N SER A 61 -24.31 -7.02 43.41
CA SER A 61 -23.57 -6.71 42.20
C SER A 61 -22.98 -5.31 42.21
N ILE A 62 -23.13 -4.58 43.32
CA ILE A 62 -22.69 -3.19 43.41
C ILE A 62 -21.73 -3.07 44.58
N GLU A 63 -20.62 -2.35 44.37
CA GLU A 63 -19.63 -2.13 45.41
C GLU A 63 -20.22 -1.45 46.64
N ASP A 72 -30.39 -7.69 48.32
CA ASP A 72 -31.83 -7.42 48.37
C ASP A 72 -32.11 -6.08 49.02
N MET A 73 -32.20 -5.03 48.20
CA MET A 73 -32.30 -3.67 48.67
C MET A 73 -33.49 -2.98 48.03
N TYR A 74 -33.93 -1.88 48.65
CA TYR A 74 -35.06 -1.10 48.18
C TYR A 74 -34.61 0.32 47.88
N LEU A 75 -35.25 0.92 46.87
CA LEU A 75 -34.95 2.29 46.46
C LEU A 75 -36.05 3.21 46.98
N HIS A 76 -35.65 4.25 47.70
CA HIS A 76 -36.57 5.25 48.25
C HIS A 76 -36.27 6.60 47.59
N PRO A 77 -37.05 7.00 46.58
CA PRO A 77 -36.73 8.24 45.87
C PRO A 77 -36.86 9.46 46.76
N ASP A 78 -35.98 10.43 46.52
CA ASP A 78 -36.05 11.73 47.16
C ASP A 78 -36.74 12.67 46.18
N LEU A 79 -37.99 13.03 46.49
CA LEU A 79 -38.84 13.72 45.54
C LEU A 79 -38.35 15.11 45.17
N ASP A 80 -37.55 15.75 46.03
CA ASP A 80 -37.05 17.07 45.72
C ASP A 80 -36.02 17.06 44.60
N THR A 81 -35.50 15.89 44.23
CA THR A 81 -34.47 15.75 43.21
C THR A 81 -35.05 15.51 41.83
N TRP A 82 -36.34 15.74 41.64
CA TRP A 82 -36.97 15.55 40.34
C TRP A 82 -36.38 16.53 39.32
N VAL A 83 -36.01 16.01 38.16
CA VAL A 83 -35.50 16.83 37.06
C VAL A 83 -35.58 16.01 35.79
N ILE A 84 -35.78 16.68 34.66
CA ILE A 84 -35.96 16.05 33.37
C ILE A 84 -34.71 16.26 32.54
N PHE A 85 -34.20 15.17 31.96
CA PHE A 85 -33.03 15.29 31.09
C PHE A 85 -33.44 15.86 29.75
N PRO A 86 -32.91 17.01 29.34
CA PRO A 86 -33.31 17.60 28.07
C PRO A 86 -32.54 17.05 26.88
N TRP A 87 -32.42 15.73 26.80
CA TRP A 87 -31.76 15.11 25.65
C TRP A 87 -32.30 13.70 25.41
N GLY A 92 -38.30 9.15 23.72
CA GLY A 92 -39.03 9.17 24.97
C GLY A 92 -38.36 10.04 26.02
N LYS A 93 -39.11 11.01 26.55
CA LYS A 93 -38.59 11.92 27.54
C LYS A 93 -38.32 11.18 28.84
N VAL A 94 -37.20 11.50 29.48
CA VAL A 94 -36.74 10.82 30.68
C VAL A 94 -36.57 11.83 31.80
N ALA A 95 -37.14 11.52 32.96
CA ALA A 95 -36.89 12.24 34.20
C ALA A 95 -36.15 11.31 35.15
N ARG A 96 -35.61 11.87 36.23
CA ARG A 96 -34.86 11.07 37.17
C ARG A 96 -35.21 11.45 38.59
N LEU A 97 -34.97 10.51 39.50
CA LEU A 97 -35.08 10.74 40.93
C LEU A 97 -33.87 10.10 41.60
N ILE A 98 -33.24 10.85 42.49
CA ILE A 98 -32.12 10.33 43.28
C ILE A 98 -32.68 9.62 44.50
N CYS A 99 -32.33 8.36 44.66
CA CYS A 99 -32.94 7.49 45.66
C CYS A 99 -31.94 7.14 46.75
N ASP A 100 -32.46 6.97 47.96
CA ASP A 100 -31.71 6.37 49.04
C ASP A 100 -31.91 4.87 49.03
N VAL A 101 -30.96 4.15 49.61
CA VAL A 101 -30.98 2.69 49.64
C VAL A 101 -31.41 2.24 51.03
N TYR A 102 -32.49 1.48 51.09
CA TYR A 102 -33.01 0.97 52.35
C TYR A 102 -32.95 -0.56 52.36
N LYS A 103 -32.93 -1.11 53.57
CA LYS A 103 -32.95 -2.55 53.74
C LYS A 103 -34.39 -3.05 53.69
N THR A 104 -34.57 -4.36 53.88
CA THR A 104 -35.89 -4.96 53.83
C THR A 104 -36.76 -4.53 55.01
N ASP A 105 -36.17 -4.09 56.12
CA ASP A 105 -36.92 -3.72 57.31
C ASP A 105 -37.33 -2.26 57.33
N GLY A 106 -37.09 -1.52 56.25
CA GLY A 106 -37.48 -0.13 56.19
C GLY A 106 -36.48 0.84 56.76
N THR A 107 -35.35 0.37 57.24
CA THR A 107 -34.32 1.28 57.73
C THR A 107 -33.27 1.50 56.65
N PRO A 108 -32.68 2.70 56.62
CA PRO A 108 -31.68 2.98 55.57
C PRO A 108 -30.48 2.06 55.69
N PHE A 109 -29.95 1.67 54.54
CA PHE A 109 -28.78 0.81 54.50
C PHE A 109 -27.56 1.57 54.99
N GLU A 110 -26.82 0.97 55.91
CA GLU A 110 -25.70 1.65 56.55
C GLU A 110 -24.54 1.89 55.59
N GLY A 111 -24.50 1.20 54.46
CA GLY A 111 -23.45 1.39 53.48
C GLY A 111 -23.78 2.35 52.36
N ASP A 112 -24.85 3.12 52.48
CA ASP A 112 -25.22 4.09 51.47
C ASP A 112 -24.61 5.45 51.79
N PRO A 113 -23.73 6.00 50.95
CA PRO A 113 -23.08 7.27 51.29
C PRO A 113 -24.04 8.42 51.50
N ARG A 114 -25.12 8.50 50.73
CA ARG A 114 -26.06 9.60 50.85
C ARG A 114 -26.81 9.55 52.18
N ALA A 115 -27.32 8.38 52.57
CA ALA A 115 -27.93 8.23 53.88
C ALA A 115 -26.93 8.45 55.00
N ASN A 116 -25.65 8.14 54.77
CA ASN A 116 -24.62 8.43 55.75
C ASN A 116 -24.48 9.94 55.95
N LEU A 117 -24.42 10.69 54.85
CA LEU A 117 -24.32 12.14 54.97
C LEU A 117 -25.56 12.72 55.65
N LYS A 118 -26.74 12.18 55.35
CA LYS A 118 -27.95 12.68 55.99
C LYS A 118 -27.89 12.51 57.51
N ARG A 119 -27.43 11.36 57.99
CA ARG A 119 -27.37 11.16 59.43
C ARG A 119 -26.22 11.92 60.08
N VAL A 120 -25.12 12.17 59.37
CA VAL A 120 -24.11 13.07 59.90
C VAL A 120 -24.66 14.47 60.05
N LEU A 121 -25.43 14.95 59.06
CA LEU A 121 -26.09 16.24 59.19
C LEU A 121 -27.08 16.27 60.33
N LYS A 122 -27.83 15.17 60.52
CA LYS A 122 -28.75 15.09 61.64
C LYS A 122 -28.01 15.20 62.98
N GLU A 123 -26.88 14.52 63.10
CA GLU A 123 -26.06 14.67 64.30
C GLU A 123 -25.52 16.08 64.47
N MET A 124 -25.14 16.74 63.37
CA MET A 124 -24.69 18.12 63.46
C MET A 124 -25.80 19.02 63.99
N GLU A 125 -27.04 18.79 63.55
CA GLU A 125 -28.16 19.62 63.97
C GLU A 125 -28.38 19.60 65.48
N ASP A 126 -27.91 18.57 66.17
CA ASP A 126 -28.03 18.54 67.63
C ASP A 126 -27.11 19.54 68.30
N LEU A 127 -26.13 20.07 67.60
CA LEU A 127 -25.21 21.07 68.13
C LEU A 127 -25.70 22.49 67.93
N GLY A 128 -26.90 22.68 67.39
CA GLY A 128 -27.46 23.98 67.16
C GLY A 128 -27.31 24.49 65.73
N PHE A 129 -26.42 23.88 64.95
CA PHE A 129 -26.24 24.29 63.56
C PHE A 129 -27.36 23.72 62.70
N THR A 130 -28.04 24.61 61.97
CA THR A 130 -29.21 24.23 61.21
C THR A 130 -28.94 23.99 59.72
N ASP A 131 -27.75 24.31 59.23
CA ASP A 131 -27.50 24.15 57.81
C ASP A 131 -26.00 23.99 57.57
N PHE A 132 -25.66 23.46 56.40
CA PHE A 132 -24.28 23.22 56.01
C PHE A 132 -24.19 23.32 54.50
N ASN A 133 -23.60 24.40 54.00
CA ASN A 133 -23.54 24.67 52.58
C ASN A 133 -22.21 24.23 51.99
N LEU A 134 -22.26 23.81 50.73
CA LEU A 134 -21.06 23.38 50.03
C LEU A 134 -21.03 24.03 48.65
N GLY A 135 -19.96 24.77 48.37
CA GLY A 135 -19.72 25.24 47.04
C GLY A 135 -18.56 24.51 46.39
N PRO A 136 -18.87 23.58 45.50
CA PRO A 136 -17.81 22.83 44.81
C PRO A 136 -17.45 23.48 43.47
N GLU A 137 -16.28 23.10 42.98
CA GLU A 137 -15.78 23.58 41.68
C GLU A 137 -14.90 22.52 41.06
N PRO A 138 -15.49 21.47 40.49
CA PRO A 138 -14.69 20.44 39.81
C PRO A 138 -14.16 20.92 38.47
N GLU A 139 -13.06 20.30 38.06
CA GLU A 139 -12.43 20.59 36.78
C GLU A 139 -12.28 19.29 36.02
N PHE A 140 -12.30 19.38 34.69
CA PHE A 140 -12.25 18.20 33.85
C PHE A 140 -11.38 18.47 32.64
N PHE A 141 -10.87 17.39 32.06
CA PHE A 141 -10.16 17.44 30.79
C PHE A 141 -11.07 16.96 29.67
N LEU A 142 -10.77 17.41 28.46
CA LEU A 142 -11.45 16.94 27.26
C LEU A 142 -10.43 16.28 26.35
N PHE A 143 -10.71 15.06 25.94
CA PHE A 143 -9.83 14.30 25.05
C PHE A 143 -10.56 13.97 23.76
N LYS A 144 -9.83 13.99 22.65
CA LYS A 144 -10.41 13.66 21.37
C LYS A 144 -10.70 12.17 21.27
N LEU A 145 -11.77 11.84 20.54
CA LEU A 145 -12.14 10.46 20.26
C LEU A 145 -11.57 10.04 18.90
N ASP A 146 -11.36 8.73 18.76
CA ASP A 146 -10.91 8.19 17.49
C ASP A 146 -12.13 7.81 16.65
N GLU A 147 -11.89 7.16 15.51
CA GLU A 147 -12.99 6.76 14.64
C GLU A 147 -13.85 5.67 15.28
N LYS A 148 -13.24 4.80 16.09
CA LYS A 148 -14.00 3.73 16.73
C LYS A 148 -14.79 4.24 17.93
N GLY A 149 -14.54 5.47 18.36
CA GLY A 149 -15.21 6.04 19.51
C GLY A 149 -14.47 5.92 20.82
N GLU A 150 -13.24 5.46 20.80
CA GLU A 150 -12.45 5.37 22.02
C GLU A 150 -11.68 6.66 22.26
N PRO A 151 -11.49 7.03 23.52
CA PRO A 151 -10.68 8.22 23.82
C PRO A 151 -9.23 8.02 23.45
N THR A 152 -8.62 9.07 22.90
CA THR A 152 -7.19 9.06 22.62
C THR A 152 -6.46 9.81 23.73
N LEU A 153 -5.17 10.05 23.53
CA LEU A 153 -4.35 10.74 24.52
C LEU A 153 -4.10 12.20 24.16
N GLU A 154 -4.71 12.70 23.09
CA GLU A 154 -4.49 14.08 22.67
C GLU A 154 -5.63 14.97 23.17
N LEU A 155 -5.28 16.09 23.78
CA LEU A 155 -6.25 17.01 24.34
C LEU A 155 -6.96 17.76 23.22
N ASN A 156 -8.13 18.32 23.55
CA ASN A 156 -8.94 18.98 22.53
C ASN A 156 -8.26 20.25 22.00
N ASP A 157 -7.43 20.90 22.81
CA ASP A 157 -6.75 22.11 22.37
C ASP A 157 -5.44 22.24 23.16
N ASP A 158 -4.77 23.37 23.01
CA ASP A 158 -3.55 23.68 23.72
C ASP A 158 -3.67 25.05 24.38
N GLY A 159 -4.86 25.34 24.88
CA GLY A 159 -5.10 26.64 25.49
C GLY A 159 -4.61 26.72 26.92
N GLY A 160 -4.66 27.93 27.47
CA GLY A 160 -4.24 28.16 28.83
C GLY A 160 -5.34 28.77 29.68
N TYR A 161 -4.94 29.45 30.75
CA TYR A 161 -5.90 30.01 31.69
C TYR A 161 -6.61 31.22 31.06
N PHE A 162 -7.93 31.18 31.08
CA PHE A 162 -8.78 32.27 30.58
C PHE A 162 -8.54 32.57 29.11
N ASP A 163 -8.14 31.54 28.36
CA ASP A 163 -7.89 31.68 26.95
C ASP A 163 -9.19 31.60 26.16
N LEU A 164 -9.20 32.19 24.98
CA LEU A 164 -10.38 32.19 24.11
C LEU A 164 -10.02 31.63 22.74
N ALA A 165 -11.07 31.38 21.95
CA ALA A 165 -10.98 30.70 20.66
C ALA A 165 -10.27 31.58 19.63
N PRO A 166 -9.54 30.98 18.68
CA PRO A 166 -9.41 29.53 18.45
C PRO A 166 -8.33 28.86 19.28
N THR A 167 -7.68 29.60 20.17
CA THR A 167 -6.78 28.99 21.15
C THR A 167 -7.53 28.09 22.12
N ASP A 168 -8.69 28.52 22.59
CA ASP A 168 -9.60 27.71 23.40
C ASP A 168 -10.60 27.08 22.44
N LEU A 169 -10.38 25.81 22.10
CA LEU A 169 -11.27 25.08 21.21
C LEU A 169 -12.39 24.36 21.94
N GLY A 170 -12.44 24.48 23.27
CA GLY A 170 -13.51 23.85 24.03
C GLY A 170 -14.65 24.80 24.30
N GLU A 171 -14.66 25.94 23.61
CA GLU A 171 -15.67 26.96 23.87
C GLU A 171 -17.07 26.45 23.55
N ASN A 172 -17.25 25.77 22.41
CA ASN A 172 -18.58 25.32 22.02
C ASN A 172 -19.08 24.19 22.91
N CYS A 173 -18.22 23.22 23.24
CA CYS A 173 -18.63 22.14 24.13
C CYS A 173 -18.97 22.68 25.51
N ARG A 174 -18.16 23.60 26.02
CA ARG A 174 -18.43 24.19 27.32
C ARG A 174 -19.73 24.99 27.32
N ARG A 175 -19.99 25.72 26.23
CA ARG A 175 -21.24 26.45 26.11
C ARG A 175 -22.44 25.52 26.07
N ASP A 176 -22.34 24.41 25.33
CA ASP A 176 -23.43 23.43 25.33
C ASP A 176 -23.64 22.81 26.69
N ILE A 177 -22.57 22.52 27.42
CA ILE A 177 -22.72 22.00 28.78
C ILE A 177 -23.44 23.01 29.66
N VAL A 178 -23.07 24.28 29.57
CA VAL A 178 -23.70 25.32 30.38
C VAL A 178 -25.17 25.45 30.01
N LEU A 179 -25.48 25.43 28.70
CA LEU A 179 -26.86 25.51 28.24
C LEU A 179 -27.69 24.34 28.76
N GLU A 180 -27.15 23.14 28.72
CA GLU A 180 -27.87 21.97 29.18
C GLU A 180 -28.05 21.98 30.69
N LEU A 181 -27.05 22.44 31.44
CA LEU A 181 -27.17 22.54 32.88
C LEU A 181 -28.17 23.60 33.32
N GLU A 182 -28.25 24.72 32.59
CA GLU A 182 -29.22 25.75 32.95
C GLU A 182 -30.65 25.28 32.74
N ASP A 183 -30.90 24.45 31.72
CA ASP A 183 -32.23 23.89 31.55
C ASP A 183 -32.60 22.94 32.69
N MET A 184 -31.60 22.40 33.37
CA MET A 184 -31.84 21.42 34.43
C MET A 184 -31.93 22.07 35.81
N GLY A 185 -31.87 23.39 35.90
CA GLY A 185 -32.04 24.06 37.17
C GLY A 185 -30.77 24.45 37.88
N PHE A 186 -29.62 24.29 37.25
CA PHE A 186 -28.37 24.77 37.83
C PHE A 186 -28.31 26.30 37.74
N ASP A 187 -27.61 26.90 38.69
CA ASP A 187 -27.30 28.32 38.65
C ASP A 187 -25.82 28.44 38.33
N ILE A 188 -25.50 28.52 37.06
CA ILE A 188 -24.12 28.61 36.61
C ILE A 188 -23.57 29.99 36.91
N GLU A 189 -22.34 30.05 37.41
CA GLU A 189 -21.68 31.30 37.76
C GLU A 189 -20.62 31.74 36.76
N ALA A 190 -19.79 30.82 36.28
CA ALA A 190 -18.73 31.17 35.35
C ALA A 190 -18.28 29.91 34.62
N SER A 191 -17.67 30.11 33.45
CA SER A 191 -17.06 29.04 32.70
C SER A 191 -15.87 29.60 31.95
N HIS A 192 -14.75 28.88 32.00
CA HIS A 192 -13.51 29.38 31.42
C HIS A 192 -12.56 28.20 31.20
N HIS A 193 -11.57 28.44 30.37
CA HIS A 193 -10.48 27.48 30.18
C HIS A 193 -9.60 27.48 31.40
N GLU A 194 -9.07 26.30 31.74
CA GLU A 194 -8.25 26.14 32.93
C GLU A 194 -6.76 26.17 32.54
N VAL A 195 -5.90 26.04 33.55
CA VAL A 195 -4.46 26.24 33.36
C VAL A 195 -3.90 25.22 32.37
N ALA A 196 -4.20 23.95 32.59
CA ALA A 196 -3.65 22.91 31.74
C ALA A 196 -4.28 22.95 30.36
N PRO A 197 -3.56 22.50 29.33
CA PRO A 197 -4.18 22.38 28.00
C PRO A 197 -5.32 21.37 28.03
N GLY A 198 -6.42 21.74 27.40
CA GLY A 198 -7.57 20.86 27.38
C GLY A 198 -8.34 20.76 28.69
N GLN A 199 -8.02 21.61 29.65
CA GLN A 199 -8.66 21.57 30.97
C GLN A 199 -9.67 22.71 31.08
N HIS A 200 -10.84 22.41 31.62
CA HIS A 200 -11.95 23.34 31.65
C HIS A 200 -12.60 23.34 33.03
N GLU A 201 -13.25 24.45 33.35
CA GLU A 201 -13.95 24.60 34.61
C GLU A 201 -15.27 25.33 34.39
N ILE A 202 -16.34 24.77 34.95
CA ILE A 202 -17.65 25.42 34.98
C ILE A 202 -18.09 25.52 36.43
N ASP A 203 -18.45 26.71 36.86
CA ASP A 203 -18.77 26.97 38.25
C ASP A 203 -20.26 27.14 38.45
N PHE A 204 -20.78 26.56 39.53
CA PHE A 204 -22.16 26.76 39.93
C PHE A 204 -22.19 27.08 41.41
N LYS A 205 -23.21 27.85 41.82
CA LYS A 205 -23.23 28.39 43.17
C LYS A 205 -23.52 27.30 44.19
N TYR A 206 -23.26 27.63 45.45
CA TYR A 206 -23.39 26.68 46.54
C TYR A 206 -24.86 26.29 46.74
N ALA A 207 -25.04 25.15 47.39
CA ALA A 207 -26.36 24.69 47.82
C ALA A 207 -26.19 23.98 49.15
N ASP A 208 -27.29 23.39 49.63
CA ASP A 208 -27.20 22.61 50.84
C ASP A 208 -26.36 21.36 50.59
N ALA A 209 -25.88 20.75 51.68
CA ALA A 209 -24.90 19.69 51.56
C ALA A 209 -25.39 18.55 50.66
N VAL A 210 -26.57 18.02 50.95
CA VAL A 210 -27.08 16.90 50.17
C VAL A 210 -27.31 17.29 48.72
N THR A 211 -27.96 18.44 48.49
CA THR A 211 -28.21 18.86 47.12
C THR A 211 -26.94 19.34 46.43
N ALA A 212 -25.93 19.79 47.17
CA ALA A 212 -24.65 20.09 46.53
C ALA A 212 -23.95 18.83 46.06
N CYS A 213 -23.99 17.76 46.86
CA CYS A 213 -23.44 16.50 46.41
C CYS A 213 -24.22 15.94 45.21
N ASP A 214 -25.54 16.08 45.25
CA ASP A 214 -26.35 15.72 44.09
C ASP A 214 -25.99 16.56 42.87
N ASN A 215 -25.71 17.85 43.07
CA ASN A 215 -25.27 18.70 41.98
C ASN A 215 -23.95 18.22 41.39
N ILE A 216 -23.00 17.80 42.23
CA ILE A 216 -21.75 17.28 41.71
C ILE A 216 -21.99 16.02 40.89
N GLN A 217 -22.80 15.10 41.43
CA GLN A 217 -23.07 13.86 40.71
C GLN A 217 -23.76 14.12 39.37
N THR A 218 -24.75 15.02 39.35
CA THR A 218 -25.42 15.37 38.11
C THR A 218 -24.52 16.12 37.14
N PHE A 219 -23.67 17.00 37.65
CA PHE A 219 -22.75 17.76 36.82
C PHE A 219 -21.80 16.84 36.09
N LYS A 220 -21.26 15.84 36.77
CA LYS A 220 -20.32 14.94 36.12
C LYS A 220 -20.99 14.20 34.96
N LEU A 221 -22.20 13.67 35.18
CA LEU A 221 -22.85 12.92 34.12
C LEU A 221 -23.31 13.82 32.98
N VAL A 222 -23.75 15.04 33.28
CA VAL A 222 -24.12 15.96 32.21
C VAL A 222 -22.90 16.35 31.38
N VAL A 223 -21.77 16.63 32.02
CA VAL A 223 -20.55 16.96 31.28
C VAL A 223 -20.14 15.78 30.40
N LYS A 224 -20.13 14.57 30.95
CA LYS A 224 -19.73 13.41 30.18
C LYS A 224 -20.69 13.11 29.03
N THR A 225 -21.98 13.33 29.21
CA THR A 225 -22.94 13.11 28.13
C THR A 225 -22.79 14.15 27.03
N ILE A 226 -22.68 15.42 27.39
CA ILE A 226 -22.59 16.46 26.38
C ILE A 226 -21.26 16.41 25.63
N ALA A 227 -20.16 16.07 26.32
CA ALA A 227 -18.89 15.96 25.63
C ALA A 227 -18.90 14.89 24.55
N ARG A 228 -19.62 13.80 24.79
CA ARG A 228 -19.72 12.75 23.79
C ARG A 228 -20.40 13.24 22.52
N LYS A 229 -21.37 14.14 22.65
CA LYS A 229 -22.04 14.69 21.48
C LYS A 229 -21.10 15.54 20.64
N HIS A 230 -20.02 16.05 21.22
CA HIS A 230 -19.04 16.85 20.51
C HIS A 230 -17.83 16.05 20.09
N ASN A 231 -17.95 14.72 20.02
CA ASN A 231 -16.85 13.83 19.65
C ASN A 231 -15.66 14.02 20.59
N LEU A 232 -15.96 14.22 21.87
CA LEU A 232 -14.94 14.42 22.89
C LEU A 232 -15.19 13.48 24.06
N HIS A 233 -14.13 13.18 24.80
CA HIS A 233 -14.22 12.37 25.99
C HIS A 233 -13.91 13.23 27.20
N ALA A 234 -14.84 13.33 28.12
CA ALA A 234 -14.65 14.08 29.36
C ALA A 234 -14.21 13.13 30.47
N THR A 235 -13.16 13.51 31.17
CA THR A 235 -12.67 12.72 32.29
C THR A 235 -12.43 13.63 33.49
N PHE A 236 -12.77 13.11 34.67
CA PHE A 236 -12.48 13.78 35.93
C PHE A 236 -11.33 13.11 36.65
N MET A 237 -10.48 12.40 35.92
CA MET A 237 -9.27 11.82 36.47
C MET A 237 -8.38 12.93 37.01
N PRO A 238 -7.85 12.81 38.22
CA PRO A 238 -7.09 13.92 38.82
C PRO A 238 -5.88 14.35 38.01
N LYS A 239 -5.02 13.40 37.62
CA LYS A 239 -3.80 13.71 36.88
C LYS A 239 -3.70 12.79 35.67
N PRO A 240 -4.45 13.10 34.61
CA PRO A 240 -4.39 12.25 33.40
C PRO A 240 -3.03 12.23 32.73
N LEU A 241 -2.26 13.31 32.78
CA LEU A 241 -0.99 13.39 32.08
C LEU A 241 0.09 13.97 32.99
N PHE A 242 1.30 13.49 32.77
CA PHE A 242 2.47 13.96 33.53
C PHE A 242 2.93 15.31 33.01
N GLY A 243 3.48 16.13 33.91
CA GLY A 243 3.99 17.43 33.55
C GLY A 243 2.94 18.47 33.27
N VAL A 244 1.69 18.19 33.62
CA VAL A 244 0.57 19.06 33.31
C VAL A 244 -0.29 19.19 34.57
N ASN A 245 -0.85 20.38 34.74
CA ASN A 245 -1.67 20.66 35.91
C ASN A 245 -2.80 19.65 36.05
N GLY A 246 -3.09 19.26 37.29
CA GLY A 246 -4.16 18.34 37.58
C GLY A 246 -5.48 19.04 37.86
N SER A 247 -6.51 18.22 38.08
CA SER A 247 -7.86 18.70 38.33
C SER A 247 -8.18 18.61 39.81
N GLY A 248 -8.77 19.69 40.35
CA GLY A 248 -9.18 19.72 41.73
C GLY A 248 -10.68 19.96 41.85
N MET A 249 -11.20 19.71 43.05
CA MET A 249 -12.61 19.87 43.36
C MET A 249 -12.72 20.58 44.71
N HIS A 250 -12.09 21.76 44.80
CA HIS A 250 -12.13 22.56 46.01
C HIS A 250 -13.53 22.60 46.63
N PHE A 251 -13.58 22.42 47.95
CA PHE A 251 -14.84 22.40 48.69
C PHE A 251 -14.94 23.68 49.50
N ASN A 252 -15.88 24.55 49.12
CA ASN A 252 -16.18 25.76 49.88
C ASN A 252 -17.26 25.44 50.90
N VAL A 253 -16.98 25.71 52.17
CA VAL A 253 -17.77 25.21 53.28
C VAL A 253 -18.14 26.36 54.20
N SER A 254 -19.42 26.41 54.61
CA SER A 254 -19.88 27.40 55.57
C SER A 254 -21.00 26.81 56.41
N LEU A 255 -21.00 27.13 57.70
CA LEU A 255 -22.03 26.67 58.62
C LEU A 255 -23.03 27.78 58.90
N PHE A 256 -24.28 27.39 59.13
CA PHE A 256 -25.36 28.32 59.43
C PHE A 256 -26.17 27.81 60.62
N LYS A 257 -26.56 28.73 61.49
CA LYS A 257 -27.58 28.46 62.50
C LYS A 257 -28.70 29.47 62.33
N GLY A 258 -29.54 29.25 61.33
CA GLY A 258 -30.75 30.02 61.14
C GLY A 258 -30.45 31.26 60.35
N LYS A 259 -30.72 31.24 59.03
CA LYS A 259 -30.66 32.41 58.14
C LYS A 259 -29.49 33.34 58.46
N GLU A 260 -28.38 32.79 58.94
CA GLU A 260 -27.23 33.60 59.32
C GLU A 260 -25.99 32.70 59.39
N ASN A 261 -24.86 33.24 58.94
CA ASN A 261 -23.63 32.49 58.85
C ASN A 261 -22.95 32.44 60.22
N ALA A 262 -22.62 31.23 60.68
CA ALA A 262 -21.96 31.07 61.96
C ALA A 262 -20.48 31.39 61.90
N PHE A 263 -19.92 31.60 60.71
CA PHE A 263 -18.51 31.91 60.57
C PHE A 263 -18.22 33.41 60.54
N PHE A 264 -19.26 34.24 60.46
CA PHE A 264 -19.08 35.68 60.28
C PHE A 264 -19.17 36.40 61.61
N ASP A 265 -18.13 37.16 61.93
CA ASP A 265 -18.10 38.01 63.13
C ASP A 265 -18.11 39.46 62.70
N PRO A 266 -19.20 40.20 62.91
CA PRO A 266 -19.28 41.59 62.44
C PRO A 266 -18.51 42.58 63.30
N ASN A 267 -17.90 42.14 64.40
CA ASN A 267 -17.17 43.03 65.29
C ASN A 267 -15.66 42.89 65.18
N THR A 268 -15.16 41.67 65.05
CA THR A 268 -13.74 41.44 64.92
C THR A 268 -13.22 42.01 63.59
N GLU A 269 -12.01 42.56 63.62
CA GLU A 269 -11.43 43.16 62.43
C GLU A 269 -11.28 42.13 61.31
N MET A 270 -10.79 40.93 61.64
CA MET A 270 -10.66 39.89 60.64
C MET A 270 -12.03 39.43 60.15
N GLY A 271 -13.01 39.34 61.05
CA GLY A 271 -14.35 38.97 60.68
C GLY A 271 -14.68 37.51 60.79
N LEU A 272 -13.97 36.75 61.62
CA LEU A 272 -14.22 35.33 61.80
C LEU A 272 -14.57 35.05 63.25
N THR A 273 -15.63 34.25 63.45
CA THR A 273 -16.04 33.89 64.79
C THR A 273 -15.09 32.86 65.38
N GLU A 274 -15.26 32.59 66.67
CA GLU A 274 -14.51 31.49 67.29
C GLU A 274 -14.93 30.15 66.69
N THR A 275 -16.20 30.03 66.27
CA THR A 275 -16.65 28.82 65.63
C THR A 275 -15.89 28.55 64.34
N ALA A 276 -15.67 29.60 63.53
CA ALA A 276 -14.91 29.44 62.30
C ALA A 276 -13.48 28.98 62.58
N TYR A 277 -12.86 29.55 63.61
CA TYR A 277 -11.50 29.15 63.96
C TYR A 277 -11.45 27.70 64.45
N GLN A 278 -12.40 27.30 65.28
CA GLN A 278 -12.43 25.91 65.74
C GLN A 278 -12.69 24.93 64.62
N PHE A 279 -13.55 25.28 63.66
CA PHE A 279 -13.78 24.42 62.51
C PHE A 279 -12.50 24.21 61.71
N THR A 280 -11.77 25.31 61.46
CA THR A 280 -10.48 25.19 60.77
C THR A 280 -9.49 24.36 61.56
N ALA A 281 -9.46 24.54 62.89
CA ALA A 281 -8.55 23.76 63.72
C ALA A 281 -8.87 22.27 63.61
N GLY A 282 -10.15 21.92 63.65
CA GLY A 282 -10.53 20.52 63.52
C GLY A 282 -10.19 19.94 62.16
N VAL A 283 -10.46 20.69 61.08
CA VAL A 283 -10.15 20.20 59.75
C VAL A 283 -8.65 20.01 59.58
N LEU A 284 -7.85 20.96 60.09
CA LEU A 284 -6.40 20.83 60.01
C LEU A 284 -5.91 19.65 60.82
N LYS A 285 -6.47 19.45 62.02
CA LYS A 285 -6.04 18.36 62.88
C LYS A 285 -6.39 17.00 62.30
N ASN A 286 -7.53 16.89 61.61
CA ASN A 286 -7.96 15.61 61.05
C ASN A 286 -7.69 15.49 59.55
N ALA A 287 -6.91 16.40 58.97
CA ALA A 287 -6.68 16.40 57.53
C ALA A 287 -5.98 15.14 57.04
N ARG A 288 -4.99 14.65 57.78
CA ARG A 288 -4.31 13.42 57.40
C ARG A 288 -5.25 12.24 57.38
N GLY A 289 -6.25 12.23 58.27
CA GLY A 289 -7.17 11.13 58.38
C GLY A 289 -8.10 10.93 57.20
N PHE A 290 -8.63 12.01 56.64
CA PHE A 290 -9.63 11.90 55.58
C PHE A 290 -9.04 12.08 54.18
N THR A 291 -7.71 12.11 54.06
CA THR A 291 -7.10 12.31 52.75
C THR A 291 -7.45 11.17 51.80
N ALA A 292 -7.49 9.93 52.31
CA ALA A 292 -7.82 8.80 51.45
C ALA A 292 -9.21 8.90 50.87
N VAL A 293 -10.18 9.37 51.66
CA VAL A 293 -11.54 9.54 51.15
C VAL A 293 -11.60 10.67 50.13
N CYS A 294 -10.92 11.79 50.42
CA CYS A 294 -10.93 12.92 49.50
C CYS A 294 -10.05 12.70 48.29
N ASN A 295 -9.08 11.79 48.38
CA ASN A 295 -8.18 11.47 47.26
C ASN A 295 -8.16 9.95 47.13
N PRO A 296 -9.20 9.36 46.55
CA PRO A 296 -9.39 7.90 46.62
C PRO A 296 -8.66 7.09 45.57
N LEU A 297 -7.98 7.71 44.61
CA LEU A 297 -7.33 6.97 43.53
C LEU A 297 -5.83 6.90 43.76
N VAL A 298 -5.20 5.92 43.11
CA VAL A 298 -3.75 5.92 43.04
C VAL A 298 -3.26 7.14 42.27
N ASN A 299 -3.97 7.51 41.21
CA ASN A 299 -3.62 8.71 40.45
C ASN A 299 -3.78 9.99 41.24
N SER A 300 -4.58 9.98 42.31
CA SER A 300 -4.82 11.19 43.07
C SER A 300 -3.55 11.76 43.69
N TYR A 301 -2.56 10.93 43.97
CA TYR A 301 -1.34 11.37 44.62
C TYR A 301 -0.23 11.69 43.63
N LYS A 302 -0.49 11.51 42.34
CA LYS A 302 0.36 12.11 41.31
C LYS A 302 0.01 13.57 41.09
N ARG A 303 -1.16 14.01 41.55
CA ARG A 303 -1.50 15.42 41.55
C ARG A 303 -0.93 16.13 42.77
N LEU A 304 -0.90 15.45 43.92
CA LEU A 304 -0.40 16.03 45.14
C LEU A 304 1.13 16.03 45.14
N VAL A 305 1.72 16.77 44.21
CA VAL A 305 3.17 16.90 44.11
C VAL A 305 3.50 18.39 44.02
N PRO A 306 4.66 18.83 44.52
CA PRO A 306 4.95 20.26 44.53
C PRO A 306 5.12 20.82 43.13
N GLY A 307 4.75 22.08 42.97
CA GLY A 307 4.98 22.82 41.75
C GLY A 307 3.86 22.84 40.74
N TYR A 308 2.65 22.42 41.11
CA TYR A 308 1.54 22.36 40.17
C TYR A 308 0.26 22.90 40.79
N GLU A 309 0.38 23.91 41.65
CA GLU A 309 -0.76 24.59 42.26
C GLU A 309 -1.65 23.65 43.05
N ALA A 310 -1.08 22.58 43.60
CA ALA A 310 -1.86 21.63 44.39
C ALA A 310 -1.37 21.63 45.83
N PRO A 311 -2.29 21.52 46.79
CA PRO A 311 -1.89 21.56 48.19
C PRO A 311 -1.26 20.25 48.64
N CYS A 312 -0.16 20.37 49.37
CA CYS A 312 0.47 19.22 49.97
C CYS A 312 0.94 19.47 51.40
N TYR A 313 0.68 20.65 51.96
CA TYR A 313 1.08 20.97 53.33
C TYR A 313 -0.15 21.38 54.13
N ILE A 314 -0.26 20.82 55.33
CA ILE A 314 -1.42 21.03 56.18
C ILE A 314 -1.24 22.36 56.91
N ALA A 315 -1.83 23.40 56.37
CA ALA A 315 -1.79 24.73 56.98
C ALA A 315 -2.95 25.54 56.43
N TRP A 316 -3.24 26.66 57.08
CA TRP A 316 -4.32 27.54 56.65
C TRP A 316 -3.80 28.96 56.51
N SER A 317 -4.47 29.72 55.66
CA SER A 317 -4.11 31.12 55.46
C SER A 317 -5.33 31.88 54.96
N GLY A 318 -5.34 33.18 55.24
CA GLY A 318 -6.39 34.04 54.74
C GLY A 318 -5.93 34.82 53.53
N LYS A 319 -4.64 35.14 53.47
CA LYS A 319 -4.05 35.86 52.34
C LYS A 319 -2.86 35.03 51.85
N ASN A 320 -3.15 34.04 51.01
CA ASN A 320 -2.17 33.19 50.37
C ASN A 320 -2.90 32.26 49.42
N ARG A 321 -2.14 31.68 48.49
CA ARG A 321 -2.78 30.92 47.42
C ARG A 321 -2.83 29.43 47.71
N SER A 322 -1.75 28.83 48.19
CA SER A 322 -1.64 27.37 48.28
C SER A 322 -1.27 26.88 49.68
N PRO A 323 -2.11 27.13 50.69
CA PRO A 323 -2.11 26.24 51.85
C PRO A 323 -3.20 25.18 51.68
N LEU A 324 -3.31 24.25 52.63
CA LEU A 324 -4.35 23.24 52.53
C LEU A 324 -5.74 23.86 52.67
N ILE A 325 -5.88 24.83 53.56
CA ILE A 325 -7.14 25.52 53.79
C ILE A 325 -6.94 26.99 53.44
N ARG A 326 -7.82 27.52 52.60
CA ARG A 326 -7.82 28.94 52.27
C ARG A 326 -9.13 29.54 52.74
N VAL A 327 -9.05 30.66 53.45
CA VAL A 327 -10.22 31.42 53.86
C VAL A 327 -10.34 32.61 52.92
N PRO A 328 -11.34 32.65 52.04
CA PRO A 328 -11.46 33.76 51.10
C PRO A 328 -11.74 35.08 51.82
N SER A 329 -11.33 36.16 51.16
CA SER A 329 -11.44 37.49 51.76
C SER A 329 -12.88 37.97 51.88
N SER A 330 -13.81 37.39 51.14
CA SER A 330 -15.20 37.83 51.21
C SER A 330 -15.77 37.53 52.59
N ARG A 331 -16.63 38.44 53.07
CA ARG A 331 -17.26 38.28 54.37
C ARG A 331 -18.77 38.41 54.24
N GLY A 332 -19.45 38.50 55.38
CA GLY A 332 -20.90 38.55 55.37
C GLY A 332 -21.50 37.17 55.38
N LEU A 333 -22.57 36.96 54.60
CA LEU A 333 -23.17 35.64 54.50
C LEU A 333 -22.35 34.68 53.66
N SER A 334 -21.35 35.18 52.93
CA SER A 334 -20.52 34.35 52.05
C SER A 334 -19.19 34.00 52.69
N THR A 335 -19.09 34.07 54.01
CA THR A 335 -17.87 33.70 54.72
C THR A 335 -17.75 32.19 54.69
N ARG A 336 -16.68 31.68 54.09
CA ARG A 336 -16.52 30.25 53.88
C ARG A 336 -15.09 29.82 54.14
N ILE A 337 -14.92 28.51 54.25
CA ILE A 337 -13.61 27.88 54.39
C ILE A 337 -13.44 26.93 53.21
N GLU A 338 -12.31 27.06 52.52
CA GLU A 338 -12.08 26.31 51.27
C GLU A 338 -11.03 25.22 51.53
N VAL A 339 -11.47 23.97 51.46
CA VAL A 339 -10.55 22.84 51.52
C VAL A 339 -10.13 22.48 50.09
N ARG A 340 -8.83 22.47 49.84
CA ARG A 340 -8.32 22.47 48.47
C ARG A 340 -7.74 21.11 48.04
N SER A 341 -7.76 20.10 48.91
CA SER A 341 -7.17 18.81 48.60
C SER A 341 -8.14 17.84 47.92
N VAL A 342 -9.43 18.17 47.82
CA VAL A 342 -10.40 17.26 47.23
C VAL A 342 -10.24 17.27 45.72
N ASP A 343 -10.21 16.08 45.12
CA ASP A 343 -10.17 15.95 43.68
C ASP A 343 -11.51 15.48 43.14
N PRO A 344 -11.79 15.69 41.84
CA PRO A 344 -13.13 15.41 41.33
C PRO A 344 -13.48 13.92 41.29
N ALA A 345 -12.51 13.06 41.60
CA ALA A 345 -12.75 11.62 41.63
C ALA A 345 -13.29 11.14 42.97
N ALA A 346 -13.35 12.01 43.97
CA ALA A 346 -13.83 11.60 45.29
C ALA A 346 -15.34 11.46 45.29
N ASN A 347 -15.82 10.62 46.18
CA ASN A 347 -17.27 10.51 46.41
C ASN A 347 -17.71 11.76 47.15
N PRO A 348 -18.58 12.60 46.58
CA PRO A 348 -18.93 13.86 47.25
C PRO A 348 -19.57 13.66 48.61
N TYR A 349 -20.42 12.65 48.76
CA TYR A 349 -21.08 12.40 50.04
C TYR A 349 -20.07 12.03 51.11
N MET A 350 -19.18 11.08 50.84
CA MET A 350 -18.22 10.64 51.82
C MET A 350 -17.23 11.74 52.17
N ALA A 351 -16.69 12.43 51.17
CA ALA A 351 -15.76 13.52 51.44
C ALA A 351 -16.41 14.65 52.22
N LEU A 352 -17.63 15.05 51.85
CA LEU A 352 -18.32 16.09 52.60
C LEU A 352 -18.61 15.67 54.03
N ALA A 353 -19.04 14.42 54.24
CA ALA A 353 -19.26 13.94 55.60
C ALA A 353 -17.98 13.93 56.42
N ALA A 354 -16.87 13.50 55.81
CA ALA A 354 -15.59 13.49 56.52
C ALA A 354 -15.16 14.90 56.91
N ILE A 355 -15.28 15.86 55.99
CA ILE A 355 -14.90 17.23 56.31
C ILE A 355 -15.81 17.81 57.39
N LEU A 356 -17.12 17.56 57.30
CA LEU A 356 -18.04 18.07 58.32
C LEU A 356 -17.73 17.50 59.69
N GLU A 357 -17.46 16.19 59.76
CA GLU A 357 -17.14 15.59 61.05
C GLU A 357 -15.82 16.11 61.58
N ALA A 358 -14.83 16.32 60.71
CA ALA A 358 -13.56 16.87 61.16
C ALA A 358 -13.74 18.27 61.74
N GLY A 359 -14.55 19.10 61.08
CA GLY A 359 -14.82 20.41 61.63
C GLY A 359 -15.58 20.39 62.94
N LEU A 360 -16.61 19.54 63.02
CA LEU A 360 -17.38 19.43 64.26
C LEU A 360 -16.53 18.89 65.41
N ASP A 361 -15.53 18.06 65.12
CA ASP A 361 -14.62 17.61 66.17
C ASP A 361 -13.91 18.77 66.83
N GLY A 362 -13.36 19.70 66.03
CA GLY A 362 -12.80 20.92 66.58
C GLY A 362 -13.81 21.81 67.23
N ILE A 363 -15.05 21.85 66.72
CA ILE A 363 -16.09 22.65 67.35
C ILE A 363 -16.37 22.16 68.77
N LYS A 364 -16.52 20.86 68.94
CA LYS A 364 -16.90 20.32 70.23
C LYS A 364 -15.71 20.06 71.16
N ASN A 365 -14.48 20.10 70.65
CA ASN A 365 -13.32 20.05 71.51
C ASN A 365 -12.66 21.39 71.74
N LYS A 366 -13.17 22.46 71.14
CA LYS A 366 -12.66 23.82 71.33
C LYS A 366 -11.15 23.88 71.04
N LEU A 367 -10.75 23.25 69.95
CA LEU A 367 -9.34 23.21 69.58
C LEU A 367 -8.82 24.60 69.23
N LYS A 368 -7.59 24.86 69.63
CA LYS A 368 -6.93 26.12 69.29
C LYS A 368 -6.27 26.01 67.92
N VAL A 369 -6.33 27.10 67.17
CA VAL A 369 -5.88 27.12 65.79
C VAL A 369 -4.40 27.47 65.71
N PRO A 370 -3.62 26.75 64.90
CA PRO A 370 -2.25 27.19 64.63
C PRO A 370 -2.24 28.50 63.87
N GLU A 371 -1.13 29.21 63.99
CA GLU A 371 -1.00 30.50 63.35
C GLU A 371 -1.05 30.34 61.83
N PRO A 372 -1.74 31.23 61.12
CA PRO A 372 -1.81 31.13 59.66
C PRO A 372 -0.42 31.28 59.03
N VAL A 373 -0.20 30.52 57.97
CA VAL A 373 1.07 30.59 57.23
C VAL A 373 0.87 31.47 56.01
N ASN A 374 1.46 32.66 56.03
CA ASN A 374 1.29 33.62 54.97
C ASN A 374 2.44 33.63 53.96
N GLN A 375 3.52 32.91 54.24
CA GLN A 375 4.68 32.89 53.33
C GLN A 375 4.58 31.73 52.36
N ILE A 390 4.10 22.60 60.60
CA ILE A 390 3.48 22.33 59.31
C ILE A 390 3.65 20.86 58.96
N GLN A 391 2.55 20.11 59.02
CA GLN A 391 2.57 18.68 58.75
C GLN A 391 2.51 18.46 57.24
N ASP A 392 2.47 17.20 56.81
CA ASP A 392 2.53 16.86 55.40
C ASP A 392 1.43 15.87 55.08
N LEU A 393 0.76 16.08 53.94
CA LEU A 393 -0.26 15.14 53.50
C LEU A 393 0.38 13.81 53.09
N PRO A 394 -0.38 12.71 53.20
CA PRO A 394 0.16 11.42 52.75
C PRO A 394 0.55 11.47 51.28
N SER A 395 1.66 10.80 50.96
CA SER A 395 2.25 10.87 49.64
C SER A 395 1.72 9.82 48.68
N THR A 396 1.15 8.73 49.17
CA THR A 396 0.61 7.67 48.33
C THR A 396 -0.73 7.23 48.89
N LEU A 397 -1.45 6.43 48.09
CA LEU A 397 -2.70 5.86 48.57
C LEU A 397 -2.47 4.92 49.74
N TYR A 398 -1.35 4.19 49.72
CA TYR A 398 -1.03 3.28 50.81
C TYR A 398 -0.82 4.04 52.12
N THR A 399 -0.06 5.12 52.09
CA THR A 399 0.16 5.92 53.28
C THR A 399 -1.14 6.57 53.76
N ALA A 400 -1.98 7.02 52.83
CA ALA A 400 -3.27 7.58 53.21
C ALA A 400 -4.17 6.54 53.86
N LEU A 401 -4.17 5.31 53.35
CA LEU A 401 -4.92 4.24 54.01
C LEU A 401 -4.37 3.94 55.39
N LYS A 402 -3.05 3.95 55.54
CA LYS A 402 -2.46 3.74 56.86
C LYS A 402 -2.88 4.84 57.84
N ALA A 403 -2.88 6.09 57.39
CA ALA A 403 -3.34 7.19 58.24
C ALA A 403 -4.84 7.13 58.49
N MET A 404 -5.60 6.52 57.59
CA MET A 404 -7.04 6.37 57.79
C MET A 404 -7.35 5.41 58.93
N ARG A 405 -6.58 4.34 59.07
CA ARG A 405 -6.82 3.36 60.13
C ARG A 405 -6.49 3.90 61.51
N GLU A 406 -5.70 4.96 61.61
CA GLU A 406 -5.28 5.50 62.89
C GLU A 406 -6.10 6.71 63.33
N ASN A 407 -7.14 7.07 62.59
CA ASN A 407 -7.97 8.23 62.90
C ASN A 407 -9.36 7.76 63.25
N GLU A 408 -9.86 8.22 64.40
CA GLU A 408 -11.19 7.83 64.87
C GLU A 408 -12.29 8.71 64.30
N VAL A 409 -11.99 9.96 63.97
CA VAL A 409 -13.02 10.86 63.44
C VAL A 409 -13.53 10.39 62.08
N ILE A 410 -12.64 9.93 61.18
CA ILE A 410 -13.11 9.42 59.90
C ILE A 410 -13.96 8.18 60.07
N LYS A 411 -13.60 7.29 61.01
CA LYS A 411 -14.42 6.12 61.26
C LYS A 411 -15.79 6.50 61.80
N LYS A 412 -15.86 7.50 62.67
CA LYS A 412 -17.15 7.97 63.14
C LYS A 412 -17.95 8.62 62.03
N ALA A 413 -17.29 9.33 61.12
CA ALA A 413 -17.98 10.01 60.04
C ALA A 413 -18.57 9.03 59.03
N LEU A 414 -17.79 8.04 58.61
CA LEU A 414 -18.25 7.12 57.58
C LEU A 414 -19.13 6.00 58.12
N GLY A 415 -19.13 5.75 59.42
CA GLY A 415 -19.75 4.56 59.95
C GLY A 415 -18.87 3.34 59.73
N ASN A 416 -19.27 2.23 60.33
CA ASN A 416 -18.43 1.03 60.28
C ASN A 416 -18.42 0.39 58.90
N HIS A 417 -19.59 0.24 58.27
CA HIS A 417 -19.70 -0.49 57.03
C HIS A 417 -18.93 0.18 55.89
N ILE A 418 -19.17 1.48 55.69
CA ILE A 418 -18.50 2.19 54.61
C ILE A 418 -16.99 2.25 54.86
N TYR A 419 -16.60 2.49 56.12
CA TYR A 419 -15.19 2.52 56.47
C TYR A 419 -14.50 1.21 56.10
N ASN A 420 -15.06 0.08 56.53
CA ASN A 420 -14.44 -1.21 56.24
C ASN A 420 -14.43 -1.51 54.75
N GLN A 421 -15.55 -1.29 54.05
CA GLN A 421 -15.59 -1.57 52.62
C GLN A 421 -14.60 -0.71 51.84
N PHE A 422 -14.52 0.57 52.16
CA PHE A 422 -13.58 1.46 51.51
C PHE A 422 -12.15 1.00 51.75
N ILE A 423 -11.81 0.67 53.00
CA ILE A 423 -10.44 0.25 53.27
C ILE A 423 -10.11 -1.02 52.52
N ASN A 424 -11.02 -2.01 52.50
CA ASN A 424 -10.72 -3.26 51.82
C ASN A 424 -10.55 -3.05 50.31
N SER A 425 -11.47 -2.31 49.69
CA SER A 425 -11.39 -2.11 48.25
C SER A 425 -10.14 -1.32 47.87
N LYS A 426 -9.81 -0.27 48.62
CA LYS A 426 -8.62 0.50 48.30
C LYS A 426 -7.34 -0.30 48.56
N SER A 427 -7.33 -1.15 49.58
CA SER A 427 -6.17 -2.02 49.79
C SER A 427 -5.98 -2.97 48.62
N ILE A 428 -7.07 -3.56 48.12
CA ILE A 428 -6.95 -4.44 46.97
C ILE A 428 -6.46 -3.67 45.75
N GLU A 429 -6.98 -2.46 45.54
CA GLU A 429 -6.55 -1.64 44.42
C GLU A 429 -5.06 -1.29 44.52
N TRP A 430 -4.59 -0.93 45.71
CA TRP A 430 -3.19 -0.64 45.89
C TRP A 430 -2.33 -1.87 45.65
N ASP A 431 -2.77 -3.03 46.12
CA ASP A 431 -2.01 -4.26 45.87
C ASP A 431 -1.93 -4.58 44.39
N TYR A 432 -3.01 -4.35 43.65
CA TYR A 432 -2.97 -4.52 42.20
C TYR A 432 -1.99 -3.54 41.56
N TYR A 433 -1.98 -2.30 42.01
CA TYR A 433 -1.09 -1.30 41.42
C TYR A 433 0.38 -1.56 41.75
N ARG A 434 0.64 -2.08 42.95
CA ARG A 434 1.99 -2.20 43.46
C ARG A 434 2.86 -3.14 42.65
N THR A 435 2.27 -4.13 41.99
CA THR A 435 3.02 -5.17 41.30
C THR A 435 3.23 -4.89 39.83
N GLN A 436 2.76 -3.77 39.31
CA GLN A 436 2.88 -3.50 37.89
C GLN A 436 4.27 -2.95 37.55
N VAL A 437 4.71 -3.26 36.34
CA VAL A 437 5.96 -2.73 35.80
C VAL A 437 5.61 -1.69 34.75
N SER A 438 5.99 -0.44 35.01
CA SER A 438 5.61 0.67 34.15
C SER A 438 6.62 0.86 33.02
N GLU A 439 6.22 1.66 32.03
CA GLU A 439 7.11 1.97 30.92
C GLU A 439 8.30 2.81 31.39
N TRP A 440 8.11 3.60 32.44
CA TRP A 440 9.22 4.38 32.98
C TRP A 440 10.34 3.49 33.46
N GLU A 441 10.01 2.38 34.14
CA GLU A 441 11.02 1.46 34.61
C GLU A 441 11.79 0.81 33.45
N ARG A 442 11.09 0.41 32.40
CA ARG A 442 11.75 -0.18 31.25
C ARG A 442 12.52 0.84 30.43
N ASP A 443 12.21 2.13 30.56
CA ASP A 443 13.00 3.16 29.92
C ASP A 443 14.26 3.52 30.70
N GLN A 444 14.17 3.59 32.02
CA GLN A 444 15.34 3.86 32.85
C GLN A 444 16.29 2.68 32.91
N TYR A 445 15.74 1.49 33.10
CA TYR A 445 16.47 0.24 33.15
C TYR A 445 16.29 -0.50 31.82
N MET A 446 16.68 -1.77 31.79
CA MET A 446 16.49 -2.67 30.66
C MET A 446 17.50 -2.38 29.55
N LYS A 447 18.21 -1.26 29.64
CA LYS A 447 19.34 -1.03 28.77
C LYS A 447 20.54 -0.59 29.60
N GLN A 448 20.26 0.06 30.73
CA GLN A 448 21.33 0.40 31.67
C GLN A 448 21.77 -0.81 32.48
N TYR A 449 20.86 -1.73 32.77
CA TYR A 449 21.19 -2.92 33.54
C TYR A 449 20.85 -4.18 32.76
N PHE B 9 50.65 -11.98 39.94
CA PHE B 9 51.24 -11.37 38.76
C PHE B 9 52.03 -10.13 39.12
N THR B 10 53.18 -9.95 38.47
CA THR B 10 54.03 -8.79 38.65
C THR B 10 54.09 -7.99 37.35
N LYS B 11 54.82 -6.88 37.38
CA LYS B 11 54.98 -6.07 36.17
C LYS B 11 55.67 -6.87 35.07
N GLU B 12 56.69 -7.65 35.43
CA GLU B 12 57.37 -8.48 34.45
C GLU B 12 56.43 -9.50 33.82
N ASP B 13 55.53 -10.09 34.61
CA ASP B 13 54.56 -11.02 34.05
C ASP B 13 53.65 -10.34 33.04
N ILE B 14 53.19 -9.13 33.35
CA ILE B 14 52.31 -8.41 32.43
C ILE B 14 53.06 -8.05 31.15
N ARG B 15 54.31 -7.59 31.27
CA ARG B 15 55.09 -7.28 30.08
C ARG B 15 55.30 -8.52 29.22
N LYS B 16 55.64 -9.64 29.85
CA LYS B 16 55.82 -10.89 29.12
C LYS B 16 54.53 -11.30 28.42
N PHE B 17 53.39 -11.18 29.11
CA PHE B 17 52.11 -11.49 28.50
C PHE B 17 51.83 -10.60 27.29
N ALA B 18 52.11 -9.30 27.42
CA ALA B 18 51.85 -8.38 26.31
C ALA B 18 52.71 -8.71 25.11
N GLU B 19 53.99 -9.04 25.30
CA GLU B 19 54.82 -9.38 24.15
C GLU B 19 54.42 -10.74 23.55
N GLU B 20 54.24 -11.75 24.39
CA GLU B 20 54.04 -13.10 23.88
C GLU B 20 52.65 -13.33 23.32
N GLU B 21 51.64 -12.60 23.80
CA GLU B 21 50.28 -12.74 23.30
C GLU B 21 49.96 -11.72 22.22
N ASN B 22 50.87 -10.81 21.91
CA ASN B 22 50.70 -9.76 20.91
C ASN B 22 49.45 -8.92 21.21
N VAL B 23 49.35 -8.50 22.47
CA VAL B 23 48.27 -7.62 22.90
C VAL B 23 48.52 -6.23 22.35
N ARG B 24 47.51 -5.66 21.69
CA ARG B 24 47.65 -4.34 21.08
C ARG B 24 47.05 -3.22 21.91
N TYR B 25 46.03 -3.50 22.72
CA TYR B 25 45.34 -2.45 23.47
C TYR B 25 45.01 -2.93 24.87
N LEU B 26 44.97 -1.97 25.80
CA LEU B 26 44.66 -2.22 27.19
C LEU B 26 43.38 -1.51 27.55
N ARG B 27 42.48 -2.20 28.24
CA ARG B 27 41.23 -1.62 28.71
C ARG B 27 41.29 -1.50 30.22
N LEU B 28 41.48 -0.28 30.73
CA LEU B 28 41.51 -0.03 32.16
C LEU B 28 40.10 0.26 32.62
N GLN B 29 39.49 -0.68 33.34
CA GLN B 29 38.09 -0.56 33.66
C GLN B 29 37.86 -0.61 35.17
N PHE B 30 36.88 0.17 35.60
CA PHE B 30 36.52 0.30 37.01
C PHE B 30 35.02 0.49 37.10
N THR B 31 34.52 0.55 38.32
CA THR B 31 33.08 0.57 38.58
C THR B 31 32.70 1.82 39.35
N ASP B 32 31.56 2.43 38.97
CA ASP B 32 31.05 3.60 39.65
C ASP B 32 30.13 3.16 40.79
N ILE B 33 29.45 4.13 41.41
CA ILE B 33 28.58 3.81 42.54
C ILE B 33 27.36 3.00 42.13
N LEU B 34 26.88 3.16 40.90
CA LEU B 34 25.69 2.48 40.44
C LEU B 34 25.95 1.07 39.93
N GLY B 35 27.20 0.60 40.01
CA GLY B 35 27.54 -0.71 39.51
C GLY B 35 27.86 -0.77 38.03
N THR B 36 27.74 0.35 37.32
CA THR B 36 28.07 0.38 35.90
C THR B 36 29.57 0.35 35.73
N ILE B 37 30.04 -0.51 34.82
CA ILE B 37 31.48 -0.64 34.58
C ILE B 37 31.91 0.42 33.59
N LYS B 38 32.93 1.20 33.96
CA LYS B 38 33.48 2.25 33.12
C LYS B 38 34.89 1.88 32.70
N ASN B 39 35.29 2.31 31.50
CA ASN B 39 36.61 1.95 31.00
C ASN B 39 37.12 2.97 30.01
N VAL B 40 38.43 2.96 29.82
CA VAL B 40 39.11 3.71 28.77
C VAL B 40 40.12 2.78 28.11
N GLU B 41 40.21 2.85 26.79
CA GLU B 41 41.08 1.97 26.03
C GLU B 41 42.37 2.72 25.70
N VAL B 42 43.50 2.05 25.89
CA VAL B 42 44.82 2.66 25.77
C VAL B 42 45.70 1.76 24.92
N PRO B 43 46.46 2.31 23.98
CA PRO B 43 47.38 1.47 23.20
C PRO B 43 48.46 0.88 24.08
N VAL B 44 48.94 -0.31 23.70
CA VAL B 44 49.91 -1.02 24.50
C VAL B 44 51.24 -0.29 24.62
N SER B 45 51.47 0.73 23.79
CA SER B 45 52.66 1.56 23.90
C SER B 45 52.67 2.40 25.17
N GLN B 46 51.54 2.52 25.86
CA GLN B 46 51.47 3.20 27.15
C GLN B 46 51.46 2.22 28.31
N LEU B 47 51.98 1.01 28.10
CA LEU B 47 51.98 0.01 29.16
C LEU B 47 52.80 0.46 30.37
N GLU B 48 53.96 1.08 30.13
CA GLU B 48 54.77 1.55 31.23
C GLU B 48 54.06 2.64 32.03
N LYS B 49 53.38 3.56 31.35
CA LYS B 49 52.62 4.58 32.06
C LYS B 49 51.48 3.97 32.85
N VAL B 50 50.82 2.95 32.29
CA VAL B 50 49.73 2.29 33.01
C VAL B 50 50.25 1.60 34.26
N LEU B 51 51.37 0.88 34.14
CA LEU B 51 51.92 0.15 35.27
C LEU B 51 52.51 1.07 36.34
N ASP B 52 52.80 2.32 36.00
CA ASP B 52 53.29 3.28 36.97
C ASP B 52 52.17 4.05 37.66
N ASN B 53 50.93 3.61 37.49
CA ASN B 53 49.78 4.21 38.18
C ASN B 53 49.63 5.70 37.84
N GLU B 54 49.93 6.06 36.59
CA GLU B 54 49.90 7.45 36.17
C GLU B 54 48.74 7.77 35.25
N MET B 55 47.85 6.79 35.03
CA MET B 55 46.65 7.03 34.19
C MET B 55 45.70 7.99 34.91
N MET B 56 45.11 8.93 34.19
CA MET B 56 44.24 9.95 34.77
C MET B 56 42.91 10.00 34.01
N PHE B 57 41.84 10.32 34.74
CA PHE B 57 40.55 10.57 34.12
C PHE B 57 39.87 11.71 34.89
N ASP B 58 38.65 12.04 34.46
CA ASP B 58 37.99 13.23 34.98
C ASP B 58 37.43 13.01 36.38
N GLY B 59 36.45 12.12 36.51
CA GLY B 59 35.85 11.88 37.80
C GLY B 59 34.57 12.68 38.02
N SER B 60 34.57 13.94 37.57
CA SER B 60 33.37 14.75 37.70
C SER B 60 32.27 14.32 36.74
N SER B 61 32.62 13.55 35.71
CA SER B 61 31.66 13.06 34.74
C SER B 61 31.11 11.68 35.09
N ILE B 62 31.50 11.12 36.24
CA ILE B 62 31.11 9.78 36.64
C ILE B 62 30.42 9.85 37.99
N GLU B 63 29.31 9.15 38.12
CA GLU B 63 28.53 9.11 39.36
C GLU B 63 29.37 8.59 40.54
N ASP B 72 39.64 14.87 39.17
CA ASP B 72 41.04 14.65 38.86
C ASP B 72 41.55 13.42 39.60
N MET B 73 41.44 12.25 38.98
CA MET B 73 41.64 10.98 39.64
C MET B 73 42.65 10.12 38.90
N TYR B 74 43.25 9.17 39.61
CA TYR B 74 44.26 8.29 39.07
C TYR B 74 43.77 6.85 39.08
N LEU B 75 44.20 6.08 38.10
CA LEU B 75 43.86 4.67 37.98
C LEU B 75 45.04 3.82 38.41
N HIS B 76 44.80 2.90 39.34
CA HIS B 76 45.82 1.98 39.84
C HIS B 76 45.42 0.57 39.49
N PRO B 77 45.98 -0.02 38.44
CA PRO B 77 45.54 -1.35 38.01
C PRO B 77 45.87 -2.42 39.04
N ASP B 78 44.97 -3.40 39.12
CA ASP B 78 45.19 -4.60 39.91
C ASP B 78 45.70 -5.68 38.97
N LEU B 79 46.98 -5.99 39.08
CA LEU B 79 47.65 -6.84 38.10
C LEU B 79 47.12 -8.26 38.09
N ASP B 80 46.51 -8.73 39.18
CA ASP B 80 45.97 -10.08 39.20
C ASP B 80 44.74 -10.23 38.32
N THR B 81 44.13 -9.11 37.91
CA THR B 81 42.91 -9.13 37.12
C THR B 81 43.19 -9.13 35.62
N TRP B 82 44.42 -9.40 35.22
CA TRP B 82 44.78 -9.46 33.79
C TRP B 82 43.99 -10.57 33.10
N VAL B 83 43.38 -10.24 31.97
CA VAL B 83 42.67 -11.22 31.15
C VAL B 83 42.47 -10.60 29.77
N ILE B 84 42.47 -11.44 28.75
CA ILE B 84 42.39 -11.01 27.36
C ILE B 84 40.99 -11.33 26.84
N PHE B 85 40.36 -10.34 26.21
CA PHE B 85 39.05 -10.55 25.64
C PHE B 85 39.18 -11.36 24.35
N PRO B 86 38.62 -12.56 24.26
CA PRO B 86 38.74 -13.36 23.04
C PRO B 86 37.71 -13.01 21.97
N TRP B 87 37.54 -11.72 21.70
CA TRP B 87 36.65 -11.29 20.62
C TRP B 87 37.09 -9.95 20.05
N GLY B 92 42.54 -5.86 16.46
CA GLY B 92 43.46 -5.60 17.56
C GLY B 92 43.06 -6.28 18.85
N LYS B 93 43.90 -7.18 19.34
CA LYS B 93 43.64 -7.93 20.55
C LYS B 93 43.65 -6.99 21.76
N VAL B 94 42.67 -7.18 22.65
CA VAL B 94 42.48 -6.30 23.79
C VAL B 94 42.56 -7.13 25.06
N ALA B 95 43.37 -6.67 26.01
CA ALA B 95 43.37 -7.18 27.38
C ALA B 95 42.81 -6.10 28.30
N ARG B 96 42.51 -6.48 29.54
CA ARG B 96 41.95 -5.52 30.47
C ARG B 96 42.60 -5.67 31.83
N LEU B 97 42.56 -4.58 32.59
CA LEU B 97 42.96 -4.56 33.98
C LEU B 97 41.91 -3.81 34.77
N ILE B 98 41.49 -4.39 35.88
CA ILE B 98 40.54 -3.74 36.78
C ILE B 98 41.33 -2.85 37.74
N CYS B 99 40.99 -1.57 37.77
CA CYS B 99 41.78 -0.57 38.45
C CYS B 99 41.02 -0.01 39.65
N ASP B 100 41.78 0.39 40.67
CA ASP B 100 41.27 1.16 41.78
C ASP B 100 41.45 2.65 41.49
N VAL B 101 40.58 3.46 42.08
CA VAL B 101 40.59 4.90 41.88
C VAL B 101 41.31 5.54 43.06
N TYR B 102 42.37 6.29 42.77
CA TYR B 102 43.14 6.98 43.78
C TYR B 102 43.05 8.48 43.57
N LYS B 103 43.29 9.22 44.65
CA LYS B 103 43.36 10.68 44.58
C LYS B 103 44.77 11.10 44.17
N THR B 104 44.98 12.41 44.09
CA THR B 104 46.29 12.93 43.69
C THR B 104 47.36 12.73 44.75
N ASP B 105 46.98 12.43 45.99
CA ASP B 105 47.93 12.25 47.07
C ASP B 105 48.35 10.79 47.26
N GLY B 106 47.92 9.90 46.37
CA GLY B 106 48.30 8.50 46.47
C GLY B 106 47.44 7.67 47.38
N THR B 107 46.41 8.25 47.98
CA THR B 107 45.52 7.47 48.82
C THR B 107 44.27 7.07 48.04
N PRO B 108 43.71 5.90 48.32
CA PRO B 108 42.53 5.46 47.58
C PRO B 108 41.35 6.41 47.78
N PHE B 109 40.59 6.61 46.72
CA PHE B 109 39.43 7.48 46.77
C PHE B 109 38.36 6.86 47.65
N GLU B 110 37.83 7.64 48.59
CA GLU B 110 36.88 7.12 49.55
C GLU B 110 35.54 6.74 48.93
N GLY B 111 35.25 7.21 47.72
CA GLY B 111 34.01 6.88 47.05
C GLY B 111 34.11 5.74 46.05
N ASP B 112 35.22 5.01 46.03
CA ASP B 112 35.38 3.89 45.11
C ASP B 112 34.88 2.62 45.77
N PRO B 113 33.86 1.95 45.22
CA PRO B 113 33.30 0.77 45.90
C PRO B 113 34.30 -0.35 46.09
N ARG B 114 35.20 -0.58 45.12
CA ARG B 114 36.16 -1.66 45.23
C ARG B 114 37.16 -1.44 46.35
N ALA B 115 37.73 -0.23 46.44
CA ALA B 115 38.59 0.11 47.55
C ALA B 115 37.85 0.10 48.88
N ASN B 116 36.55 0.41 48.87
CA ASN B 116 35.74 0.28 50.07
C ASN B 116 35.67 -1.16 50.54
N LEU B 117 35.39 -2.07 49.62
CA LEU B 117 35.34 -3.49 49.97
C LEU B 117 36.69 -3.99 50.46
N LYS B 118 37.77 -3.52 49.84
CA LYS B 118 39.10 -3.93 50.28
C LYS B 118 39.38 -3.51 51.72
N ARG B 119 39.01 -2.29 52.10
CA ARG B 119 39.27 -1.86 53.46
C ARG B 119 38.29 -2.48 54.46
N VAL B 120 37.07 -2.81 54.04
CA VAL B 120 36.20 -3.59 54.92
C VAL B 120 36.80 -4.97 55.17
N LEU B 121 37.35 -5.61 54.14
CA LEU B 121 38.03 -6.89 54.33
C LEU B 121 39.24 -6.74 55.23
N LYS B 122 40.00 -5.64 55.08
CA LYS B 122 41.14 -5.40 55.96
C LYS B 122 40.69 -5.28 57.41
N GLU B 123 39.60 -4.57 57.67
CA GLU B 123 39.06 -4.50 59.02
C GLU B 123 38.59 -5.86 59.52
N MET B 124 38.01 -6.67 58.64
CA MET B 124 37.62 -8.02 59.04
C MET B 124 38.81 -8.86 59.46
N GLU B 125 39.93 -8.71 58.74
CA GLU B 125 41.13 -9.50 59.06
C GLU B 125 41.64 -9.24 60.47
N ASP B 126 41.30 -8.10 61.07
CA ASP B 126 41.72 -7.83 62.44
C ASP B 126 40.97 -8.70 63.46
N LEU B 127 39.86 -9.31 63.06
CA LEU B 127 39.10 -10.19 63.94
C LEU B 127 39.56 -11.63 63.89
N GLY B 128 40.61 -11.93 63.13
CA GLY B 128 41.13 -13.27 63.00
C GLY B 128 40.71 -13.99 61.74
N PHE B 129 39.68 -13.50 61.06
CA PHE B 129 39.23 -14.13 59.83
C PHE B 129 40.14 -13.73 58.67
N THR B 130 40.66 -14.72 57.97
CA THR B 130 41.64 -14.47 56.92
C THR B 130 41.05 -14.47 55.52
N ASP B 131 39.78 -14.84 55.35
CA ASP B 131 39.22 -14.92 54.02
C ASP B 131 37.71 -14.77 54.08
N PHE B 132 37.12 -14.42 52.95
CA PHE B 132 35.68 -14.26 52.82
C PHE B 132 35.29 -14.59 51.39
N ASN B 133 34.64 -15.74 51.21
CA ASN B 133 34.31 -16.24 49.88
C ASN B 133 32.89 -15.85 49.48
N LEU B 134 32.68 -15.67 48.18
CA LEU B 134 31.38 -15.31 47.66
C LEU B 134 31.08 -16.16 46.45
N GLY B 135 30.01 -16.95 46.51
CA GLY B 135 29.50 -17.64 45.35
C GLY B 135 28.20 -17.03 44.88
N PRO B 136 28.27 -16.24 43.82
CA PRO B 136 27.06 -15.62 43.27
C PRO B 136 26.44 -16.44 42.16
N GLU B 137 25.17 -16.17 41.90
CA GLU B 137 24.43 -16.84 40.83
C GLU B 137 23.42 -15.88 40.23
N PRO B 138 23.87 -14.96 39.38
CA PRO B 138 22.95 -14.03 38.73
C PRO B 138 22.15 -14.71 37.62
N GLU B 139 20.99 -14.13 37.36
CA GLU B 139 20.10 -14.59 36.29
C GLU B 139 19.78 -13.41 35.38
N PHE B 140 19.52 -13.70 34.12
CA PHE B 140 19.29 -12.67 33.13
C PHE B 140 18.21 -13.11 32.16
N PHE B 141 17.58 -12.12 31.53
CA PHE B 141 16.62 -12.36 30.46
C PHE B 141 17.27 -12.09 29.11
N LEU B 142 16.74 -12.73 28.09
CA LEU B 142 17.14 -12.48 26.71
C LEU B 142 15.94 -11.98 25.94
N PHE B 143 16.10 -10.84 25.27
CA PHE B 143 15.04 -10.24 24.47
C PHE B 143 15.48 -10.16 23.02
N LYS B 144 14.52 -10.29 22.11
CA LYS B 144 14.83 -10.18 20.70
C LYS B 144 15.05 -8.73 20.30
N LEU B 145 15.99 -8.53 19.39
CA LEU B 145 16.26 -7.22 18.81
C LEU B 145 15.42 -7.03 17.54
N ASP B 146 15.15 -5.78 17.22
CA ASP B 146 14.43 -5.45 16.00
C ASP B 146 15.44 -5.24 14.87
N GLU B 147 14.96 -4.77 13.71
CA GLU B 147 15.85 -4.55 12.58
C GLU B 147 16.81 -3.40 12.84
N LYS B 148 16.36 -2.38 13.59
CA LYS B 148 17.22 -1.23 13.85
C LYS B 148 18.27 -1.53 14.92
N GLY B 149 18.13 -2.65 15.62
CA GLY B 149 19.05 -3.02 16.68
C GLY B 149 18.59 -2.68 18.08
N GLU B 150 17.37 -2.23 18.24
CA GLU B 150 16.84 -1.92 19.56
C GLU B 150 16.14 -3.13 20.15
N PRO B 151 16.23 -3.32 21.47
CA PRO B 151 15.52 -4.43 22.11
C PRO B 151 14.02 -4.24 22.04
N THR B 152 13.31 -5.34 21.83
CA THR B 152 11.85 -5.35 21.87
C THR B 152 11.40 -5.91 23.22
N LEU B 153 10.10 -6.12 23.36
CA LEU B 153 9.53 -6.71 24.56
C LEU B 153 9.26 -8.19 24.40
N GLU B 154 9.70 -8.80 23.30
CA GLU B 154 9.44 -10.19 23.02
C GLU B 154 10.61 -11.05 23.45
N LEU B 155 10.35 -12.01 24.33
CA LEU B 155 11.40 -12.87 24.86
C LEU B 155 11.89 -13.83 23.78
N ASN B 156 13.10 -14.35 23.97
CA ASN B 156 13.70 -15.21 22.95
C ASN B 156 12.97 -16.53 22.81
N ASP B 157 12.35 -17.03 23.87
CA ASP B 157 11.63 -18.29 23.80
C ASP B 157 10.50 -18.26 24.83
N ASP B 158 9.86 -19.41 25.03
CA ASP B 158 8.80 -19.58 26.00
C ASP B 158 9.04 -20.84 26.81
N GLY B 159 10.31 -21.08 27.14
CA GLY B 159 10.68 -22.26 27.89
C GLY B 159 10.51 -22.09 29.39
N GLY B 160 10.73 -23.20 30.11
CA GLY B 160 10.60 -23.20 31.54
C GLY B 160 11.86 -23.65 32.24
N TYR B 161 11.72 -24.13 33.48
CA TYR B 161 12.87 -24.55 34.26
C TYR B 161 13.43 -25.85 33.71
N PHE B 162 14.75 -25.86 33.47
CA PHE B 162 15.46 -27.04 32.98
C PHE B 162 14.91 -27.54 31.66
N ASP B 163 14.39 -26.62 30.85
CA ASP B 163 13.84 -26.96 29.54
C ASP B 163 14.97 -27.09 28.53
N LEU B 164 14.72 -27.83 27.47
CA LEU B 164 15.70 -28.04 26.42
C LEU B 164 15.11 -27.66 25.06
N ALA B 165 15.99 -27.54 24.07
CA ALA B 165 15.61 -27.15 22.72
C ALA B 165 14.74 -28.23 22.08
N PRO B 166 13.82 -27.85 21.17
CA PRO B 166 13.58 -26.50 20.67
C PRO B 166 12.66 -25.65 21.54
N THR B 167 12.24 -26.16 22.69
CA THR B 167 11.54 -25.34 23.66
C THR B 167 12.44 -24.29 24.28
N ASP B 168 13.69 -24.63 24.56
CA ASP B 168 14.72 -23.70 25.01
C ASP B 168 15.49 -23.23 23.79
N LEU B 169 15.18 -22.03 23.32
CA LEU B 169 15.85 -21.46 22.17
C LEU B 169 17.08 -20.65 22.54
N GLY B 170 17.41 -20.55 23.82
CA GLY B 170 18.60 -19.83 24.24
C GLY B 170 19.79 -20.75 24.42
N GLU B 171 19.66 -21.99 23.94
CA GLU B 171 20.71 -22.99 24.15
C GLU B 171 22.02 -22.59 23.46
N ASN B 172 21.94 -22.13 22.21
CA ASN B 172 23.16 -21.76 21.50
C ASN B 172 23.81 -20.51 22.08
N CYS B 173 23.01 -19.49 22.40
CA CYS B 173 23.57 -18.28 23.00
C CYS B 173 24.21 -18.59 24.35
N ARG B 174 23.52 -19.38 25.17
CA ARG B 174 24.07 -19.75 26.47
C ARG B 174 25.34 -20.56 26.34
N ARG B 175 25.38 -21.48 25.37
CA ARG B 175 26.59 -22.27 25.12
C ARG B 175 27.75 -21.39 24.68
N ASP B 176 27.49 -20.43 23.80
CA ASP B 176 28.56 -19.53 23.39
C ASP B 176 29.02 -18.63 24.53
N ILE B 177 28.12 -18.20 25.41
CA ILE B 177 28.55 -17.44 26.58
C ILE B 177 29.44 -18.30 27.46
N VAL B 178 29.08 -19.55 27.69
CA VAL B 178 29.89 -20.44 28.53
C VAL B 178 31.25 -20.67 27.88
N LEU B 179 31.27 -20.90 26.56
CA LEU B 179 32.53 -21.09 25.86
C LEU B 179 33.42 -19.88 25.95
N GLU B 180 32.84 -18.69 25.82
CA GLU B 180 33.60 -17.45 25.88
C GLU B 180 34.12 -17.19 27.29
N LEU B 181 33.33 -17.49 28.32
CA LEU B 181 33.77 -17.34 29.70
C LEU B 181 34.86 -18.32 30.08
N GLU B 182 34.81 -19.56 29.57
CA GLU B 182 35.85 -20.52 29.90
C GLU B 182 37.20 -20.11 29.33
N ASP B 183 37.23 -19.46 28.16
CA ASP B 183 38.49 -18.95 27.63
C ASP B 183 39.06 -17.85 28.52
N MET B 184 38.21 -17.16 29.27
CA MET B 184 38.66 -16.07 30.14
C MET B 184 39.02 -16.54 31.53
N GLY B 185 39.00 -17.84 31.81
CA GLY B 185 39.45 -18.33 33.09
C GLY B 185 38.36 -18.54 34.12
N PHE B 186 37.10 -18.48 33.73
CA PHE B 186 36.03 -18.82 34.65
C PHE B 186 35.96 -20.33 34.83
N ASP B 187 35.47 -20.75 35.98
CA ASP B 187 35.17 -22.16 36.24
C ASP B 187 33.65 -22.29 36.26
N ILE B 188 33.08 -22.59 35.11
CA ILE B 188 31.64 -22.73 34.96
C ILE B 188 31.19 -24.03 35.59
N GLU B 189 30.08 -23.99 36.33
CA GLU B 189 29.55 -25.15 37.02
C GLU B 189 28.32 -25.73 36.36
N ALA B 190 27.38 -24.90 35.91
CA ALA B 190 26.16 -25.38 35.29
C ALA B 190 25.55 -24.25 34.49
N SER B 191 24.71 -24.63 33.53
CA SER B 191 23.94 -23.66 32.76
C SER B 191 22.62 -24.31 32.37
N HIS B 192 21.52 -23.57 32.53
CA HIS B 192 20.20 -24.13 32.30
C HIS B 192 19.22 -23.00 32.08
N HIS B 193 18.07 -23.35 31.49
CA HIS B 193 16.96 -22.43 31.38
C HIS B 193 16.34 -22.21 32.75
N GLU B 194 15.91 -20.97 33.01
CA GLU B 194 15.35 -20.62 34.29
C GLU B 194 13.82 -20.69 34.24
N VAL B 195 13.19 -20.37 35.37
CA VAL B 195 11.75 -20.58 35.52
C VAL B 195 10.96 -19.73 34.52
N ALA B 196 11.30 -18.45 34.43
CA ALA B 196 10.55 -17.56 33.57
C ALA B 196 10.86 -17.83 32.11
N PRO B 197 9.93 -17.51 31.20
CA PRO B 197 10.26 -17.58 29.78
C PRO B 197 11.36 -16.61 29.41
N GLY B 198 12.34 -17.10 28.66
CA GLY B 198 13.44 -16.25 28.26
C GLY B 198 14.45 -15.97 29.34
N GLN B 199 14.36 -16.63 30.48
CA GLN B 199 15.25 -16.40 31.61
C GLN B 199 16.28 -17.52 31.65
N HIS B 200 17.54 -17.15 31.88
CA HIS B 200 18.65 -18.10 31.82
C HIS B 200 19.57 -17.88 33.01
N GLU B 201 20.28 -18.94 33.40
CA GLU B 201 21.23 -18.88 34.49
C GLU B 201 22.48 -19.65 34.13
N ILE B 202 23.64 -19.03 34.32
CA ILE B 202 24.93 -19.69 34.18
C ILE B 202 25.66 -19.57 35.51
N ASP B 203 26.10 -20.71 36.04
CA ASP B 203 26.68 -20.77 37.37
C ASP B 203 28.20 -20.92 37.28
N PHE B 204 28.91 -20.18 38.11
CA PHE B 204 30.35 -20.32 38.24
C PHE B 204 30.70 -20.40 39.72
N LYS B 205 31.79 -21.08 40.03
CA LYS B 205 32.11 -21.42 41.41
C LYS B 205 32.57 -20.19 42.17
N TYR B 206 32.60 -20.32 43.49
CA TYR B 206 32.94 -19.21 44.36
C TYR B 206 34.39 -18.80 44.19
N ALA B 207 34.70 -17.60 44.68
CA ALA B 207 36.06 -17.09 44.71
C ALA B 207 36.18 -16.17 45.92
N ASP B 208 37.34 -15.54 46.06
CA ASP B 208 37.51 -14.57 47.11
C ASP B 208 36.62 -13.35 46.84
N ALA B 209 36.37 -12.57 47.89
CA ALA B 209 35.36 -11.51 47.81
C ALA B 209 35.63 -10.55 46.66
N VAL B 210 36.84 -10.00 46.60
CA VAL B 210 37.15 -9.02 45.56
C VAL B 210 37.09 -9.65 44.18
N THR B 211 37.71 -10.82 44.00
CA THR B 211 37.68 -11.46 42.70
C THR B 211 36.30 -12.01 42.37
N ALA B 212 35.47 -12.34 43.36
CA ALA B 212 34.10 -12.72 43.07
C ALA B 212 33.29 -11.54 42.54
N CYS B 213 33.47 -10.36 43.13
CA CYS B 213 32.80 -9.18 42.60
C CYS B 213 33.31 -8.83 41.20
N ASP B 214 34.62 -8.97 40.98
CA ASP B 214 35.16 -8.81 39.64
C ASP B 214 34.57 -9.83 38.67
N ASN B 215 34.37 -11.06 39.12
CA ASN B 215 33.73 -12.09 38.29
C ASN B 215 32.32 -11.68 37.93
N ILE B 216 31.56 -11.13 38.87
CA ILE B 216 30.19 -10.68 38.55
C ILE B 216 30.24 -9.58 37.50
N GLN B 217 31.12 -8.59 37.69
CA GLN B 217 31.22 -7.50 36.74
C GLN B 217 31.61 -7.99 35.36
N THR B 218 32.60 -8.88 35.27
CA THR B 218 33.02 -9.42 33.99
C THR B 218 31.95 -10.31 33.36
N PHE B 219 31.24 -11.09 34.17
CA PHE B 219 30.20 -11.97 33.68
C PHE B 219 29.08 -11.17 33.02
N LYS B 220 28.68 -10.07 33.64
CA LYS B 220 27.60 -9.27 33.06
C LYS B 220 27.99 -8.74 31.69
N LEU B 221 29.21 -8.21 31.56
CA LEU B 221 29.61 -7.65 30.27
C LEU B 221 29.84 -8.73 29.23
N VAL B 222 30.35 -9.90 29.62
CA VAL B 222 30.49 -10.98 28.66
C VAL B 222 29.14 -11.45 28.17
N VAL B 223 28.17 -11.61 29.07
CA VAL B 223 26.83 -12.01 28.67
C VAL B 223 26.23 -10.99 27.71
N LYS B 224 26.34 -9.70 28.04
CA LYS B 224 25.76 -8.68 27.19
C LYS B 224 26.46 -8.56 25.84
N THR B 225 27.78 -8.81 25.79
CA THR B 225 28.48 -8.77 24.51
C THR B 225 28.12 -9.98 23.64
N ILE B 226 28.10 -11.17 24.22
CA ILE B 226 27.80 -12.36 23.42
C ILE B 226 26.34 -12.38 22.98
N ALA B 227 25.43 -11.80 23.77
CA ALA B 227 24.04 -11.75 23.36
C ALA B 227 23.85 -10.95 22.08
N ARG B 228 24.58 -9.84 21.93
CA ARG B 228 24.45 -9.02 20.74
C ARG B 228 24.85 -9.79 19.48
N LYS B 229 25.88 -10.63 19.57
CA LYS B 229 26.29 -11.44 18.44
C LYS B 229 25.20 -12.39 17.99
N HIS B 230 24.27 -12.75 18.87
CA HIS B 230 23.16 -13.62 18.55
C HIS B 230 21.88 -12.84 18.25
N ASN B 231 21.99 -11.55 17.98
CA ASN B 231 20.84 -10.69 17.69
C ASN B 231 19.85 -10.71 18.85
N LEU B 232 20.37 -10.73 20.07
CA LEU B 232 19.58 -10.75 21.29
C LEU B 232 20.06 -9.66 22.22
N HIS B 233 19.17 -9.21 23.10
CA HIS B 233 19.49 -8.22 24.12
C HIS B 233 19.43 -8.90 25.47
N ALA B 234 20.53 -8.85 26.21
CA ALA B 234 20.60 -9.41 27.55
C ALA B 234 20.41 -8.31 28.57
N THR B 235 19.53 -8.55 29.54
CA THR B 235 19.27 -7.58 30.59
C THR B 235 19.30 -8.26 31.94
N PHE B 236 19.86 -7.56 32.93
CA PHE B 236 19.85 -8.00 34.31
C PHE B 236 18.87 -7.20 35.15
N MET B 237 17.87 -6.62 34.49
CA MET B 237 16.79 -5.94 35.20
C MET B 237 16.08 -6.94 36.10
N PRO B 238 15.79 -6.59 37.35
CA PRO B 238 15.19 -7.57 38.28
C PRO B 238 13.85 -8.11 37.81
N LYS B 239 12.90 -7.24 37.48
CA LYS B 239 11.56 -7.63 37.07
C LYS B 239 11.20 -6.91 35.78
N PRO B 240 11.68 -7.39 34.64
CA PRO B 240 11.36 -6.71 33.37
C PRO B 240 9.90 -6.82 32.95
N LEU B 241 9.18 -7.86 33.34
CA LEU B 241 7.79 -8.05 32.94
C LEU B 241 6.94 -8.43 34.14
N PHE B 242 5.68 -8.01 34.09
CA PHE B 242 4.71 -8.34 35.14
C PHE B 242 4.18 -9.75 34.92
N GLY B 243 3.83 -10.41 36.03
CA GLY B 243 3.30 -11.76 35.97
C GLY B 243 4.32 -12.83 35.66
N VAL B 244 5.61 -12.48 35.68
CA VAL B 244 6.68 -13.38 35.29
C VAL B 244 7.74 -13.34 36.38
N ASN B 245 8.34 -14.50 36.66
CA ASN B 245 9.36 -14.60 37.69
C ASN B 245 10.51 -13.64 37.40
N GLY B 246 11.03 -13.02 38.46
CA GLY B 246 12.12 -12.09 38.36
C GLY B 246 13.48 -12.77 38.44
N SER B 247 14.53 -11.94 38.33
CA SER B 247 15.91 -12.40 38.35
C SER B 247 16.54 -12.05 39.70
N GLY B 248 17.25 -13.01 40.30
CA GLY B 248 17.94 -12.81 41.54
C GLY B 248 19.43 -13.08 41.39
N MET B 249 20.19 -12.63 42.41
CA MET B 249 21.63 -12.79 42.44
C MET B 249 22.05 -13.27 43.83
N HIS B 250 21.46 -14.38 44.28
CA HIS B 250 21.76 -14.96 45.58
C HIS B 250 23.25 -14.93 45.88
N PHE B 251 23.59 -14.54 47.10
CA PHE B 251 24.98 -14.44 47.56
C PHE B 251 25.26 -15.58 48.52
N ASN B 252 26.14 -16.49 48.13
CA ASN B 252 26.63 -17.53 49.01
C ASN B 252 27.94 -17.09 49.65
N VAL B 253 27.97 -17.01 50.97
CA VAL B 253 29.10 -16.43 51.69
C VAL B 253 29.56 -17.40 52.76
N SER B 254 30.87 -17.51 52.93
CA SER B 254 31.47 -18.34 53.97
C SER B 254 32.75 -17.68 54.46
N LEU B 255 33.00 -17.77 55.77
CA LEU B 255 34.17 -17.17 56.39
C LEU B 255 35.23 -18.23 56.64
N PHE B 256 36.49 -17.85 56.49
CA PHE B 256 37.61 -18.73 56.71
C PHE B 256 38.64 -18.05 57.59
N LYS B 257 39.23 -18.81 58.52
CA LYS B 257 40.45 -18.38 59.21
C LYS B 257 41.52 -19.43 58.96
N GLY B 258 42.11 -19.38 57.77
CA GLY B 258 43.25 -20.20 57.45
C GLY B 258 42.79 -21.55 56.97
N LYS B 259 42.75 -21.76 55.65
CA LYS B 259 42.50 -23.07 55.00
C LYS B 259 41.48 -23.92 55.76
N GLU B 260 40.50 -23.28 56.41
CA GLU B 260 39.46 -24.01 57.11
C GLU B 260 38.23 -23.12 57.25
N ASN B 261 37.06 -23.69 57.05
CA ASN B 261 35.81 -22.95 57.11
C ASN B 261 35.43 -22.69 58.56
N ALA B 262 35.19 -21.43 58.89
CA ALA B 262 34.82 -21.06 60.25
C ALA B 262 33.36 -21.34 60.56
N PHE B 263 32.56 -21.70 59.56
CA PHE B 263 31.14 -21.98 59.77
C PHE B 263 30.86 -23.45 60.05
N PHE B 264 31.85 -24.33 59.92
CA PHE B 264 31.64 -25.76 59.99
C PHE B 264 32.12 -26.31 61.34
N ASP B 265 31.23 -27.01 62.02
CA ASP B 265 31.54 -27.65 63.31
C ASP B 265 31.35 -29.15 63.18
N PRO B 266 32.43 -29.94 63.10
CA PRO B 266 32.25 -31.39 62.98
C PRO B 266 32.06 -32.07 64.32
N ASN B 267 31.27 -31.44 65.20
CA ASN B 267 30.93 -32.03 66.49
C ASN B 267 29.41 -32.12 66.64
N THR B 268 28.74 -31.01 66.34
CA THR B 268 27.30 -30.93 66.46
C THR B 268 26.63 -31.59 65.26
N GLU B 269 25.47 -32.22 65.50
CA GLU B 269 24.74 -32.87 64.42
C GLU B 269 24.33 -31.88 63.34
N MET B 270 23.90 -30.68 63.74
CA MET B 270 23.59 -29.65 62.76
C MET B 270 24.82 -29.27 61.95
N GLY B 271 25.96 -29.17 62.61
CA GLY B 271 27.22 -28.92 61.93
C GLY B 271 27.59 -27.47 61.74
N LEU B 272 26.99 -26.56 62.49
CA LEU B 272 27.28 -25.14 62.39
C LEU B 272 27.93 -24.64 63.66
N THR B 273 28.99 -23.86 63.52
CA THR B 273 29.67 -23.29 64.67
C THR B 273 28.83 -22.16 65.26
N GLU B 274 29.25 -21.69 66.43
CA GLU B 274 28.63 -20.49 67.00
C GLU B 274 28.87 -19.28 66.10
N THR B 275 30.03 -19.24 65.43
CA THR B 275 30.33 -18.13 64.53
C THR B 275 29.32 -18.05 63.40
N ALA B 276 28.95 -19.21 62.83
CA ALA B 276 27.94 -19.21 61.77
C ALA B 276 26.60 -18.72 62.27
N TYR B 277 26.25 -19.04 63.51
CA TYR B 277 24.99 -18.58 64.07
C TYR B 277 25.00 -17.07 64.32
N GLN B 278 26.10 -16.54 64.87
CA GLN B 278 26.18 -15.11 65.08
C GLN B 278 26.21 -14.33 63.77
N PHE B 279 26.86 -14.86 62.74
CA PHE B 279 26.83 -14.21 61.43
C PHE B 279 25.42 -14.11 60.90
N THR B 280 24.66 -15.21 60.98
CA THR B 280 23.26 -15.18 60.56
C THR B 280 22.44 -14.22 61.39
N ALA B 281 22.69 -14.18 62.71
CA ALA B 281 21.97 -13.24 63.56
C ALA B 281 22.22 -11.80 63.15
N GLY B 282 23.49 -11.47 62.87
CA GLY B 282 23.82 -10.14 62.44
C GLY B 282 23.20 -9.77 61.10
N VAL B 283 23.25 -10.69 60.14
CA VAL B 283 22.66 -10.42 58.83
C VAL B 283 21.15 -10.22 58.95
N LEU B 284 20.49 -11.08 59.74
CA LEU B 284 19.05 -10.93 59.94
C LEU B 284 18.71 -9.63 60.63
N LYS B 285 19.48 -9.26 61.66
CA LYS B 285 19.22 -8.03 62.39
C LYS B 285 19.44 -6.79 61.55
N ASN B 286 20.42 -6.80 60.64
CA ASN B 286 20.71 -5.66 59.80
C ASN B 286 20.14 -5.80 58.39
N ALA B 287 19.32 -6.82 58.13
CA ALA B 287 18.77 -7.03 56.80
C ALA B 287 17.91 -5.88 56.32
N ARG B 288 17.15 -5.26 57.23
CA ARG B 288 16.34 -4.11 56.87
C ARG B 288 17.21 -2.96 56.37
N GLY B 289 18.39 -2.78 56.96
CA GLY B 289 19.27 -1.68 56.65
C GLY B 289 19.92 -1.69 55.27
N PHE B 290 20.36 -2.85 54.79
CA PHE B 290 21.09 -2.92 53.54
C PHE B 290 20.22 -3.34 52.36
N THR B 291 18.90 -3.35 52.53
CA THR B 291 18.03 -3.73 51.42
C THR B 291 18.15 -2.77 50.25
N ALA B 292 18.29 -1.48 50.54
CA ALA B 292 18.42 -0.49 49.46
C ALA B 292 19.67 -0.73 48.63
N VAL B 293 20.79 -1.06 49.27
CA VAL B 293 22.00 -1.34 48.52
C VAL B 293 21.86 -2.62 47.72
N CYS B 294 21.30 -3.67 48.32
CA CYS B 294 21.14 -4.94 47.63
C CYS B 294 20.02 -4.91 46.61
N ASN B 295 19.08 -3.98 46.73
CA ASN B 295 17.96 -3.83 45.79
C ASN B 295 17.87 -2.36 45.40
N PRO B 296 18.76 -1.88 44.54
CA PRO B 296 18.93 -0.44 44.34
C PRO B 296 18.00 0.21 43.34
N LEU B 297 17.14 -0.53 42.64
CA LEU B 297 16.29 0.03 41.62
C LEU B 297 14.86 0.16 42.14
N VAL B 298 14.09 1.01 41.48
CA VAL B 298 12.65 1.04 41.71
C VAL B 298 12.04 -0.29 41.27
N ASN B 299 12.53 -0.84 40.16
CA ASN B 299 12.07 -2.14 39.67
C ASN B 299 12.40 -3.27 40.63
N SER B 300 13.39 -3.11 41.50
CA SER B 300 13.79 -4.18 42.39
C SER B 300 12.67 -4.63 43.32
N TYR B 301 11.76 -3.73 43.68
CA TYR B 301 10.71 -4.02 44.62
C TYR B 301 9.44 -4.49 43.95
N LYS B 302 9.42 -4.52 42.62
CA LYS B 302 8.39 -5.26 41.90
C LYS B 302 8.70 -6.75 41.86
N ARG B 303 9.95 -7.13 42.13
CA ARG B 303 10.30 -8.53 42.29
C ARG B 303 10.02 -9.01 43.71
N LEU B 304 10.23 -8.15 44.69
CA LEU B 304 10.00 -8.52 46.09
C LEU B 304 8.51 -8.47 46.40
N VAL B 305 7.74 -9.31 45.73
CA VAL B 305 6.30 -9.43 45.97
C VAL B 305 5.98 -10.91 46.19
N PRO B 306 4.97 -11.23 46.98
CA PRO B 306 4.69 -12.65 47.28
C PRO B 306 4.23 -13.43 46.06
N GLY B 307 4.58 -14.71 46.06
CA GLY B 307 4.10 -15.63 45.05
C GLY B 307 4.99 -15.85 43.86
N TYR B 308 6.23 -15.38 43.88
CA TYR B 308 7.12 -15.50 42.73
C TYR B 308 8.51 -15.95 43.15
N GLU B 309 8.60 -16.83 44.14
CA GLU B 309 9.85 -17.42 44.59
C GLU B 309 10.88 -16.37 45.01
N ALA B 310 10.43 -15.25 45.57
CA ALA B 310 11.34 -14.21 46.01
C ALA B 310 11.17 -13.96 47.50
N PRO B 311 12.25 -13.65 48.20
CA PRO B 311 12.16 -13.44 49.65
C PRO B 311 11.53 -12.09 49.99
N CYS B 312 10.58 -12.14 50.92
CA CYS B 312 9.99 -10.92 51.46
C CYS B 312 9.93 -10.93 52.98
N TYR B 313 10.45 -11.95 53.64
CA TYR B 313 10.35 -12.11 55.07
C TYR B 313 11.72 -12.34 55.66
N ILE B 314 12.05 -11.58 56.70
CA ILE B 314 13.37 -11.64 57.33
C ILE B 314 13.37 -12.82 58.29
N ALA B 315 13.85 -13.96 57.81
CA ALA B 315 13.96 -15.17 58.62
C ALA B 315 14.98 -16.07 57.96
N TRP B 316 15.44 -17.07 58.72
CA TRP B 316 16.41 -18.02 58.22
C TRP B 316 15.90 -19.44 58.41
N SER B 317 16.38 -20.35 57.57
CA SER B 317 16.01 -21.75 57.68
C SER B 317 17.11 -22.60 57.07
N GLY B 318 17.19 -23.84 57.54
CA GLY B 318 18.11 -24.81 56.98
C GLY B 318 17.43 -25.76 56.02
N LYS B 319 16.15 -26.05 56.28
CA LYS B 319 15.34 -26.92 55.44
C LYS B 319 14.08 -26.17 55.06
N ASN B 320 14.18 -25.34 54.02
CA ASN B 320 13.06 -24.58 53.49
C ASN B 320 13.54 -23.85 52.24
N ARG B 321 12.59 -23.41 51.43
CA ARG B 321 12.94 -22.86 50.12
C ARG B 321 13.06 -21.34 50.14
N SER B 322 12.12 -20.64 50.75
CA SER B 322 12.04 -19.18 50.62
C SER B 322 11.95 -18.47 51.97
N PRO B 323 12.99 -18.59 52.82
CA PRO B 323 13.23 -17.52 53.81
C PRO B 323 14.24 -16.53 53.26
N LEU B 324 14.53 -15.47 54.01
CA LEU B 324 15.52 -14.50 53.54
C LEU B 324 16.91 -15.13 53.49
N ILE B 325 17.27 -15.92 54.49
CA ILE B 325 18.56 -16.59 54.57
C ILE B 325 18.32 -18.09 54.49
N ARG B 326 19.01 -18.75 53.58
CA ARG B 326 18.94 -20.19 53.43
C ARG B 326 20.32 -20.78 53.70
N VAL B 327 20.39 -21.76 54.59
CA VAL B 327 21.63 -22.45 54.90
C VAL B 327 21.60 -23.80 54.16
N PRO B 328 22.40 -24.00 53.13
CA PRO B 328 22.35 -25.25 52.38
C PRO B 328 22.78 -26.44 53.23
N SER B 329 22.27 -27.60 52.86
CA SER B 329 22.49 -28.82 53.63
C SER B 329 23.94 -29.31 53.55
N SER B 330 24.71 -28.85 52.56
CA SER B 330 26.09 -29.30 52.43
C SER B 330 26.92 -28.80 53.60
N ARG B 331 27.89 -29.61 54.02
CA ARG B 331 28.76 -29.25 55.12
C ARG B 331 30.22 -29.41 54.74
N GLY B 332 31.11 -29.33 55.72
CA GLY B 332 32.53 -29.40 55.44
C GLY B 332 33.08 -28.05 55.05
N LEU B 333 33.97 -28.03 54.06
CA LEU B 333 34.54 -26.76 53.59
C LEU B 333 33.54 -25.95 52.77
N SER B 334 32.41 -26.53 52.39
CA SER B 334 31.41 -25.85 51.57
C SER B 334 30.22 -25.37 52.40
N THR B 335 30.41 -25.16 53.69
CA THR B 335 29.35 -24.67 54.56
C THR B 335 29.21 -23.17 54.32
N ARG B 336 28.04 -22.75 53.84
CA ARG B 336 27.82 -21.38 53.45
C ARG B 336 26.47 -20.89 53.95
N ILE B 337 26.27 -19.57 53.83
CA ILE B 337 25.01 -18.91 54.14
C ILE B 337 24.57 -18.16 52.88
N GLU B 338 23.34 -18.39 52.46
CA GLU B 338 22.83 -17.84 51.20
C GLU B 338 21.85 -16.71 51.49
N VAL B 339 22.26 -15.48 51.18
CA VAL B 339 21.36 -14.33 51.24
C VAL B 339 20.66 -14.20 49.90
N ARG B 340 19.33 -14.26 49.91
CA ARG B 340 18.56 -14.46 48.70
C ARG B 340 17.87 -13.21 48.19
N SER B 341 18.06 -12.06 48.84
CA SER B 341 17.38 -10.84 48.43
C SER B 341 18.18 -10.00 47.43
N VAL B 342 19.43 -10.37 47.15
CA VAL B 342 20.25 -9.57 46.24
C VAL B 342 19.81 -9.81 44.81
N ASP B 343 19.63 -8.73 44.06
CA ASP B 343 19.27 -8.83 42.66
C ASP B 343 20.44 -8.45 41.77
N PRO B 344 20.44 -8.89 40.50
CA PRO B 344 21.64 -8.71 39.67
C PRO B 344 21.96 -7.26 39.33
N ALA B 345 21.05 -6.34 39.61
CA ALA B 345 21.28 -4.93 39.36
C ALA B 345 22.09 -4.25 40.47
N ALA B 346 22.34 -4.95 41.57
CA ALA B 346 23.07 -4.36 42.67
C ALA B 346 24.55 -4.22 42.34
N ASN B 347 25.20 -3.29 43.00
CA ASN B 347 26.65 -3.16 42.90
C ASN B 347 27.27 -4.28 43.72
N PRO B 348 28.01 -5.21 43.12
CA PRO B 348 28.53 -6.34 43.89
C PRO B 348 29.41 -5.94 45.05
N TYR B 349 30.27 -4.94 44.86
CA TYR B 349 31.18 -4.53 45.92
C TYR B 349 30.42 -3.96 47.11
N MET B 350 29.49 -3.04 46.87
CA MET B 350 28.76 -2.41 47.96
C MET B 350 27.86 -3.40 48.67
N ALA B 351 27.13 -4.24 47.93
CA ALA B 351 26.28 -5.24 48.56
C ALA B 351 27.07 -6.25 49.36
N LEU B 352 28.19 -6.74 48.82
CA LEU B 352 29.00 -7.69 49.57
C LEU B 352 29.62 -7.05 50.81
N ALA B 353 30.07 -5.80 50.71
CA ALA B 353 30.58 -5.12 51.90
C ALA B 353 29.50 -4.94 52.95
N ALA B 354 28.28 -4.58 52.54
CA ALA B 354 27.20 -4.42 53.49
C ALA B 354 26.87 -5.75 54.19
N ILE B 355 26.81 -6.83 53.43
CA ILE B 355 26.52 -8.14 54.03
C ILE B 355 27.65 -8.56 54.98
N LEU B 356 28.90 -8.36 54.58
CA LEU B 356 30.02 -8.73 55.44
C LEU B 356 29.99 -7.93 56.74
N GLU B 357 29.72 -6.63 56.65
CA GLU B 357 29.67 -5.81 57.86
C GLU B 357 28.50 -6.21 58.74
N ALA B 358 27.35 -6.53 58.14
CA ALA B 358 26.21 -6.97 58.94
C ALA B 358 26.52 -8.26 59.68
N GLY B 359 27.18 -9.21 59.02
CA GLY B 359 27.58 -10.44 59.70
C GLY B 359 28.60 -10.20 60.79
N LEU B 360 29.61 -9.37 60.53
CA LEU B 360 30.61 -9.08 61.55
C LEU B 360 30.02 -8.34 62.74
N ASP B 361 28.94 -7.56 62.53
CA ASP B 361 28.27 -6.93 63.66
C ASP B 361 27.73 -7.97 64.63
N GLY B 362 27.05 -9.00 64.12
CA GLY B 362 26.64 -10.10 64.95
C GLY B 362 27.77 -10.90 65.54
N ILE B 363 28.87 -11.02 64.80
CA ILE B 363 30.04 -11.73 65.34
C ILE B 363 30.59 -11.02 66.56
N LYS B 364 30.76 -9.70 66.47
CA LYS B 364 31.40 -8.96 67.55
C LYS B 364 30.43 -8.54 68.64
N ASN B 365 29.12 -8.63 68.42
CA ASN B 365 28.15 -8.38 69.48
C ASN B 365 27.54 -9.64 70.04
N LYS B 366 27.92 -10.82 69.54
CA LYS B 366 27.46 -12.11 70.07
C LYS B 366 25.94 -12.19 70.14
N LEU B 367 25.29 -11.73 69.07
CA LEU B 367 23.84 -11.73 69.01
C LEU B 367 23.30 -13.17 69.00
N LYS B 368 22.18 -13.35 69.68
CA LYS B 368 21.51 -14.64 69.67
C LYS B 368 20.62 -14.76 68.43
N VAL B 369 20.49 -15.98 67.93
CA VAL B 369 19.82 -16.24 66.67
C VAL B 369 18.35 -16.58 66.93
N PRO B 370 17.42 -15.98 66.21
CA PRO B 370 16.02 -16.41 66.29
C PRO B 370 15.87 -17.83 65.76
N GLU B 371 14.82 -18.49 66.24
CA GLU B 371 14.57 -19.86 65.83
C GLU B 371 14.31 -19.93 64.33
N PRO B 372 14.85 -20.94 63.64
CA PRO B 372 14.61 -21.05 62.20
C PRO B 372 13.13 -21.26 61.91
N VAL B 373 12.67 -20.66 60.82
CA VAL B 373 11.30 -20.82 60.38
C VAL B 373 11.24 -21.92 59.34
N ASN B 374 10.62 -23.04 59.69
CA ASN B 374 10.56 -24.20 58.81
C ASN B 374 9.24 -24.34 58.07
N GLN B 375 8.18 -23.68 58.53
CA GLN B 375 6.88 -23.78 57.89
C GLN B 375 6.80 -22.90 56.65
N ILE B 390 8.94 -12.24 62.93
CA ILE B 390 9.23 -12.22 61.49
C ILE B 390 8.95 -10.84 60.93
N GLN B 391 10.02 -10.10 60.64
CA GLN B 391 9.89 -8.75 60.11
C GLN B 391 9.67 -8.82 58.60
N ASP B 392 9.57 -7.67 57.95
CA ASP B 392 9.33 -7.62 56.51
C ASP B 392 10.39 -6.73 55.87
N LEU B 393 10.82 -7.12 54.67
CA LEU B 393 11.70 -6.27 53.90
C LEU B 393 10.95 -5.01 53.45
N PRO B 394 11.66 -3.91 53.24
CA PRO B 394 10.98 -2.70 52.76
C PRO B 394 10.30 -2.95 51.44
N SER B 395 9.12 -2.36 51.28
CA SER B 395 8.26 -2.62 50.14
C SER B 395 8.57 -1.77 48.93
N THR B 396 9.21 -0.60 49.11
CA THR B 396 9.54 0.27 48.00
C THR B 396 10.96 0.78 48.19
N LEU B 397 11.47 1.44 47.15
CA LEU B 397 12.80 2.06 47.25
C LEU B 397 12.79 3.20 48.26
N TYR B 398 11.68 3.93 48.35
CA TYR B 398 11.58 5.00 49.34
C TYR B 398 11.66 4.47 50.76
N THR B 399 10.92 3.40 51.06
CA THR B 399 10.96 2.80 52.39
C THR B 399 12.33 2.20 52.70
N ALA B 400 12.97 1.58 51.71
CA ALA B 400 14.31 1.07 51.89
C ALA B 400 15.32 2.18 52.17
N LEU B 401 15.19 3.32 51.47
CA LEU B 401 16.05 4.46 51.78
C LEU B 401 15.80 4.98 53.18
N LYS B 402 14.53 5.04 53.60
CA LYS B 402 14.22 5.47 54.96
C LYS B 402 14.86 4.54 55.99
N ALA B 403 14.78 3.23 55.76
CA ALA B 403 15.41 2.27 56.67
C ALA B 403 16.92 2.34 56.61
N MET B 404 17.50 2.73 55.47
CA MET B 404 18.94 2.83 55.34
C MET B 404 19.50 4.01 56.13
N ARG B 405 18.74 5.11 56.23
CA ARG B 405 19.17 6.26 56.99
C ARG B 405 19.15 6.01 58.49
N GLU B 406 18.47 4.96 58.95
CA GLU B 406 18.35 4.67 60.37
C GLU B 406 19.26 3.54 60.83
N ASN B 407 20.13 3.03 59.98
CA ASN B 407 21.03 1.94 60.31
C ASN B 407 22.47 2.45 60.36
N GLU B 408 23.14 2.20 61.48
CA GLU B 408 24.53 2.58 61.63
C GLU B 408 25.49 1.63 60.94
N VAL B 409 25.14 0.34 60.87
CA VAL B 409 26.02 -0.65 60.27
C VAL B 409 26.24 -0.41 58.79
N ILE B 410 25.19 -0.08 58.04
CA ILE B 410 25.35 0.21 56.62
C ILE B 410 26.21 1.46 56.40
N LYS B 411 26.02 2.49 57.23
CA LYS B 411 26.85 3.68 57.11
C LYS B 411 28.31 3.38 57.39
N LYS B 412 28.58 2.54 58.39
CA LYS B 412 29.96 2.16 58.65
C LYS B 412 30.53 1.30 57.53
N ALA B 413 29.70 0.44 56.94
CA ALA B 413 30.16 -0.44 55.86
C ALA B 413 30.51 0.35 54.60
N LEU B 414 29.64 1.26 54.18
CA LEU B 414 29.87 1.99 52.94
C LEU B 414 30.83 3.16 53.07
N GLY B 415 31.09 3.63 54.29
CA GLY B 415 31.79 4.88 54.47
C GLY B 415 30.86 6.05 54.24
N ASN B 416 31.33 7.24 54.61
CA ASN B 416 30.48 8.43 54.52
C ASN B 416 30.18 8.82 53.08
N HIS B 417 31.21 8.84 52.22
CA HIS B 417 31.04 9.36 50.87
C HIS B 417 30.06 8.54 50.06
N ILE B 418 30.28 7.22 50.00
CA ILE B 418 29.40 6.36 49.22
C ILE B 418 27.99 6.38 49.78
N TYR B 419 27.87 6.35 51.11
CA TYR B 419 26.56 6.43 51.76
C TYR B 419 25.79 7.66 51.32
N ASN B 420 26.42 8.84 51.42
CA ASN B 420 25.73 10.07 51.07
C ASN B 420 25.41 10.14 49.58
N GLN B 421 26.35 9.79 48.71
CA GLN B 421 26.07 9.85 47.29
C GLN B 421 24.98 8.88 46.87
N PHE B 422 25.00 7.65 47.41
CA PHE B 422 23.95 6.68 47.10
C PHE B 422 22.60 7.19 47.56
N ILE B 423 22.51 7.71 48.79
CA ILE B 423 21.22 8.19 49.27
C ILE B 423 20.72 9.34 48.41
N ASN B 424 21.58 10.29 48.06
CA ASN B 424 21.13 11.42 47.25
C ASN B 424 20.65 10.97 45.88
N SER B 425 21.44 10.13 45.19
CA SER B 425 21.05 9.70 43.85
C SER B 425 19.77 8.88 43.87
N LYS B 426 19.63 7.96 44.84
CA LYS B 426 18.41 7.16 44.91
C LYS B 426 17.20 8.02 45.28
N SER B 427 17.39 9.05 46.12
CA SER B 427 16.27 9.94 46.42
C SER B 427 15.83 10.69 45.19
N ILE B 428 16.77 11.18 44.39
CA ILE B 428 16.41 11.86 43.14
C ILE B 428 15.69 10.91 42.20
N GLU B 429 16.17 9.67 42.10
CA GLU B 429 15.53 8.68 41.25
C GLU B 429 14.11 8.39 41.70
N TRP B 430 13.91 8.24 43.01
CA TRP B 430 12.56 8.01 43.52
C TRP B 430 11.65 9.21 43.26
N ASP B 431 12.18 10.42 43.41
CA ASP B 431 11.37 11.59 43.10
C ASP B 431 10.97 11.65 41.64
N TYR B 432 11.86 11.25 40.73
CA TYR B 432 11.48 11.17 39.32
C TYR B 432 10.41 10.11 39.10
N TYR B 433 10.54 8.96 39.76
CA TYR B 433 9.57 7.89 39.55
C TYR B 433 8.21 8.24 40.12
N ARG B 434 8.18 8.97 41.23
CA ARG B 434 6.96 9.21 41.98
C ARG B 434 5.94 10.02 41.20
N THR B 435 6.38 10.89 40.30
CA THR B 435 5.49 11.82 39.62
C THR B 435 4.96 11.31 38.28
N GLN B 436 5.40 10.13 37.83
CA GLN B 436 4.97 9.63 36.53
C GLN B 436 3.56 9.07 36.59
N VAL B 437 2.86 9.14 35.47
CA VAL B 437 1.54 8.55 35.32
C VAL B 437 1.68 7.33 34.41
N SER B 438 1.39 6.16 34.95
CA SER B 438 1.58 4.91 34.24
C SER B 438 0.37 4.58 33.37
N GLU B 439 0.56 3.64 32.46
CA GLU B 439 -0.55 3.17 31.63
C GLU B 439 -1.59 2.43 32.45
N TRP B 440 -1.18 1.81 33.55
CA TRP B 440 -2.14 1.15 34.43
C TRP B 440 -3.15 2.14 34.99
N GLU B 441 -2.68 3.32 35.40
CA GLU B 441 -3.59 4.34 35.91
C GLU B 441 -4.58 4.81 34.86
N ARG B 442 -4.12 5.02 33.63
CA ARG B 442 -5.02 5.43 32.56
C ARG B 442 -5.93 4.30 32.10
N ASP B 443 -5.59 3.04 32.38
CA ASP B 443 -6.48 1.94 32.08
C ASP B 443 -7.54 1.72 33.14
N GLN B 444 -7.18 1.87 34.42
CA GLN B 444 -8.16 1.75 35.49
C GLN B 444 -9.09 2.95 35.55
N TYR B 445 -8.53 4.14 35.42
CA TYR B 445 -9.25 5.40 35.42
C TYR B 445 -9.36 5.90 33.99
N MET B 446 -9.76 7.16 33.84
CA MET B 446 -9.83 7.86 32.56
C MET B 446 -11.05 7.42 31.75
N LYS B 447 -11.70 6.35 32.17
CA LYS B 447 -13.00 5.99 31.61
C LYS B 447 -13.98 5.71 32.74
N GLN B 448 -13.46 5.24 33.87
CA GLN B 448 -14.30 5.09 35.05
C GLN B 448 -14.57 6.42 35.73
N TYR B 449 -13.67 7.38 35.62
CA TYR B 449 -13.85 8.70 36.22
C TYR B 449 -13.70 9.78 35.17
N PHE C 9 -22.98 59.07 -16.83
CA PHE C 9 -23.37 58.97 -15.43
C PHE C 9 -22.79 60.11 -14.61
N THR C 10 -23.56 60.59 -13.64
CA THR C 10 -23.14 61.63 -12.73
C THR C 10 -23.05 61.07 -11.31
N LYS C 11 -22.63 61.91 -10.38
CA LYS C 11 -22.56 61.49 -8.99
C LYS C 11 -23.94 61.11 -8.45
N GLU C 12 -24.97 61.87 -8.81
CA GLU C 12 -26.32 61.55 -8.40
C GLU C 12 -26.76 60.20 -8.94
N ASP C 13 -26.41 59.87 -10.18
CA ASP C 13 -26.75 58.56 -10.73
C ASP C 13 -26.10 57.44 -9.94
N ILE C 14 -24.82 57.60 -9.56
CA ILE C 14 -24.13 56.57 -8.79
C ILE C 14 -24.75 56.43 -7.40
N ARG C 15 -25.07 57.55 -6.75
CA ARG C 15 -25.72 57.47 -5.44
C ARG C 15 -27.06 56.76 -5.54
N LYS C 16 -27.86 57.11 -6.57
CA LYS C 16 -29.15 56.45 -6.76
C LYS C 16 -28.99 54.96 -7.01
N PHE C 17 -27.99 54.59 -7.82
CA PHE C 17 -27.73 53.18 -8.08
C PHE C 17 -27.35 52.45 -6.79
N ALA C 18 -26.49 53.06 -5.98
CA ALA C 18 -26.08 52.42 -4.73
C ALA C 18 -27.25 52.23 -3.79
N GLU C 19 -28.14 53.22 -3.68
CA GLU C 19 -29.30 53.07 -2.79
C GLU C 19 -30.28 52.03 -3.33
N GLU C 20 -30.65 52.11 -4.62
CA GLU C 20 -31.70 51.26 -5.13
C GLU C 20 -31.24 49.83 -5.38
N GLU C 21 -29.96 49.60 -5.65
CA GLU C 21 -29.47 48.25 -5.86
C GLU C 21 -28.93 47.61 -4.59
N ASN C 22 -28.90 48.35 -3.49
CA ASN C 22 -28.39 47.87 -2.21
C ASN C 22 -26.96 47.37 -2.34
N VAL C 23 -26.14 48.16 -3.03
CA VAL C 23 -24.73 47.85 -3.18
C VAL C 23 -24.03 48.07 -1.85
N ARG C 24 -23.28 47.07 -1.39
CA ARG C 24 -22.61 47.15 -0.11
C ARG C 24 -21.13 47.51 -0.20
N TYR C 25 -20.46 47.16 -1.30
CA TYR C 25 -19.04 47.41 -1.42
C TYR C 25 -18.70 47.90 -2.82
N LEU C 26 -17.65 48.72 -2.91
CA LEU C 26 -17.16 49.25 -4.16
C LEU C 26 -15.74 48.75 -4.40
N ARG C 27 -15.49 48.26 -5.61
CA ARG C 27 -14.15 47.88 -6.01
C ARG C 27 -13.58 48.93 -6.94
N LEU C 28 -12.54 49.62 -6.48
CA LEU C 28 -11.84 50.61 -7.29
C LEU C 28 -10.67 49.92 -7.96
N GLN C 29 -10.79 49.64 -9.25
CA GLN C 29 -9.79 48.84 -9.93
C GLN C 29 -9.18 49.59 -11.09
N PHE C 30 -7.88 49.34 -11.30
CA PHE C 30 -7.09 49.99 -12.34
C PHE C 30 -6.07 48.97 -12.83
N THR C 31 -5.28 49.39 -13.80
CA THR C 31 -4.35 48.49 -14.49
C THR C 31 -2.93 49.02 -14.38
N ASP C 32 -1.99 48.11 -14.16
CA ASP C 32 -0.58 48.45 -14.09
C ASP C 32 0.02 48.37 -15.49
N ILE C 33 1.36 48.51 -15.57
CA ILE C 33 2.02 48.52 -16.87
C ILE C 33 2.02 47.14 -17.53
N LEU C 34 1.89 46.07 -16.74
CA LEU C 34 1.91 44.72 -17.29
C LEU C 34 0.54 44.22 -17.71
N GLY C 35 -0.49 45.06 -17.61
CA GLY C 35 -1.83 44.65 -17.96
C GLY C 35 -2.59 43.96 -16.84
N THR C 36 -1.96 43.73 -15.69
CA THR C 36 -2.63 43.12 -14.56
C THR C 36 -3.59 44.12 -13.93
N ILE C 37 -4.79 43.67 -13.62
CA ILE C 37 -5.79 44.55 -13.01
C ILE C 37 -5.62 44.52 -11.50
N LYS C 38 -5.51 45.70 -10.90
CA LYS C 38 -5.31 45.86 -9.46
C LYS C 38 -6.54 46.56 -8.89
N ASN C 39 -6.94 46.18 -7.68
CA ASN C 39 -8.12 46.76 -7.06
C ASN C 39 -7.99 46.80 -5.54
N VAL C 40 -8.78 47.69 -4.94
CA VAL C 40 -8.99 47.75 -3.50
C VAL C 40 -10.49 47.83 -3.26
N GLU C 41 -10.98 47.07 -2.29
CA GLU C 41 -12.40 47.02 -1.99
C GLU C 41 -12.71 47.95 -0.83
N VAL C 42 -13.79 48.71 -0.97
CA VAL C 42 -14.12 49.79 -0.05
C VAL C 42 -15.59 49.69 0.33
N PRO C 43 -15.95 49.82 1.60
CA PRO C 43 -17.36 49.81 1.97
C PRO C 43 -18.10 51.01 1.38
N VAL C 44 -19.37 50.80 1.07
CA VAL C 44 -20.17 51.83 0.42
C VAL C 44 -20.33 53.08 1.27
N SER C 45 -20.03 53.01 2.57
CA SER C 45 -20.04 54.19 3.43
C SER C 45 -18.94 55.18 3.07
N GLN C 46 -17.95 54.78 2.27
CA GLN C 46 -16.92 55.67 1.76
C GLN C 46 -17.23 56.15 0.36
N LEU C 47 -18.49 56.09 -0.06
CA LEU C 47 -18.86 56.49 -1.41
C LEU C 47 -18.56 57.95 -1.67
N GLU C 48 -18.85 58.82 -0.70
CA GLU C 48 -18.55 60.24 -0.88
C GLU C 48 -17.06 60.50 -1.01
N LYS C 49 -16.24 59.81 -0.23
CA LYS C 49 -14.79 59.95 -0.38
C LYS C 49 -14.34 59.46 -1.74
N VAL C 50 -14.91 58.35 -2.22
CA VAL C 50 -14.54 57.82 -3.53
C VAL C 50 -14.90 58.81 -4.62
N LEU C 51 -16.11 59.38 -4.55
CA LEU C 51 -16.57 60.31 -5.59
C LEU C 51 -15.83 61.64 -5.56
N ASP C 52 -15.17 61.97 -4.45
CA ASP C 52 -14.38 63.19 -4.37
C ASP C 52 -12.93 62.99 -4.79
N ASN C 53 -12.60 61.83 -5.36
CA ASN C 53 -11.26 61.55 -5.87
C ASN C 53 -10.20 61.66 -4.77
N GLU C 54 -10.56 61.24 -3.57
CA GLU C 54 -9.67 61.34 -2.41
C GLU C 54 -9.10 59.99 -1.99
N MET C 55 -9.39 58.92 -2.72
CA MET C 55 -8.86 57.61 -2.38
C MET C 55 -7.36 57.56 -2.67
N MET C 56 -6.62 56.86 -1.82
CA MET C 56 -5.17 56.82 -1.89
C MET C 56 -4.68 55.38 -1.92
N PHE C 57 -3.56 55.15 -2.60
CA PHE C 57 -2.86 53.87 -2.53
C PHE C 57 -1.36 54.14 -2.58
N ASP C 58 -0.58 53.07 -2.47
CA ASP C 58 0.86 53.23 -2.33
C ASP C 58 1.53 53.63 -3.64
N GLY C 59 1.47 52.76 -4.65
CA GLY C 59 2.10 53.04 -5.91
C GLY C 59 3.49 52.44 -6.04
N SER C 60 4.28 52.51 -4.97
CA SER C 60 5.62 51.93 -5.00
C SER C 60 5.57 50.41 -5.01
N SER C 61 4.45 49.80 -4.63
CA SER C 61 4.30 48.36 -4.62
C SER C 61 3.70 47.82 -5.91
N ILE C 62 3.49 48.68 -6.91
CA ILE C 62 2.86 48.29 -8.16
C ILE C 62 3.79 48.64 -9.30
N GLU C 63 3.96 47.70 -10.23
CA GLU C 63 4.83 47.90 -11.39
C GLU C 63 4.39 49.09 -12.24
N ASP C 72 2.60 57.25 -3.81
CA ASP C 72 1.62 58.12 -3.17
C ASP C 72 0.68 58.73 -4.21
N MET C 73 -0.31 57.95 -4.64
CA MET C 73 -1.16 58.32 -5.76
C MET C 73 -2.62 58.42 -5.34
N TYR C 74 -3.43 58.94 -6.25
CA TYR C 74 -4.85 59.16 -6.04
C TYR C 74 -5.63 58.36 -7.07
N LEU C 75 -6.81 57.88 -6.66
CA LEU C 75 -7.71 57.18 -7.55
C LEU C 75 -8.84 58.12 -7.97
N HIS C 76 -9.02 58.26 -9.28
CA HIS C 76 -10.08 59.10 -9.84
C HIS C 76 -11.04 58.22 -10.62
N PRO C 77 -12.17 57.82 -10.04
CA PRO C 77 -13.06 56.88 -10.73
C PRO C 77 -13.66 57.47 -11.99
N ASP C 78 -13.81 56.62 -13.00
CA ASP C 78 -14.53 56.99 -14.22
C ASP C 78 -15.96 56.48 -14.07
N LEU C 79 -16.91 57.40 -13.91
CA LEU C 79 -18.26 57.05 -13.51
C LEU C 79 -19.02 56.26 -14.56
N ASP C 80 -18.62 56.36 -15.83
CA ASP C 80 -19.31 55.61 -16.88
C ASP C 80 -19.04 54.11 -16.79
N THR C 81 -18.03 53.71 -16.03
CA THR C 81 -17.63 52.31 -15.92
C THR C 81 -18.35 51.58 -14.81
N TRP C 82 -19.34 52.19 -14.17
CA TRP C 82 -20.08 51.56 -13.10
C TRP C 82 -20.75 50.27 -13.59
N VAL C 83 -20.56 49.20 -12.82
CA VAL C 83 -21.19 47.91 -13.11
C VAL C 83 -21.11 47.06 -11.86
N ILE C 84 -22.07 46.15 -11.71
CA ILE C 84 -22.20 45.33 -10.51
C ILE C 84 -21.86 43.88 -10.87
N PHE C 85 -20.98 43.28 -10.07
CA PHE C 85 -20.63 41.88 -10.29
C PHE C 85 -21.77 40.99 -9.81
N PRO C 86 -22.36 40.18 -10.68
CA PRO C 86 -23.49 39.34 -10.25
C PRO C 86 -23.06 38.03 -9.62
N TRP C 87 -22.08 38.08 -8.71
CA TRP C 87 -21.64 36.88 -8.02
C TRP C 87 -21.10 37.21 -6.63
N GLY C 92 -22.41 40.08 0.35
CA GLY C 92 -22.51 41.50 0.08
C GLY C 92 -22.30 41.83 -1.39
N LYS C 93 -23.26 42.55 -1.96
CA LYS C 93 -23.19 42.94 -3.36
C LYS C 93 -22.04 43.91 -3.60
N VAL C 94 -21.32 43.72 -4.69
CA VAL C 94 -20.14 44.50 -5.02
C VAL C 94 -20.32 45.13 -6.39
N ALA C 95 -20.08 46.43 -6.46
CA ALA C 95 -19.97 47.15 -7.72
C ALA C 95 -18.52 47.59 -7.92
N ARG C 96 -18.21 48.02 -9.13
CA ARG C 96 -16.84 48.40 -9.46
C ARG C 96 -16.83 49.72 -10.22
N LEU C 97 -15.71 50.42 -10.09
CA LEU C 97 -15.42 51.60 -10.90
C LEU C 97 -13.97 51.52 -11.35
N ILE C 98 -13.76 51.74 -12.65
CA ILE C 98 -12.42 51.78 -13.22
C ILE C 98 -11.88 53.18 -13.05
N CYS C 99 -10.73 53.30 -12.39
CA CYS C 99 -10.20 54.57 -11.96
C CYS C 99 -8.91 54.90 -12.70
N ASP C 100 -8.72 56.19 -12.98
CA ASP C 100 -7.44 56.69 -13.44
C ASP C 100 -6.57 57.02 -12.23
N VAL C 101 -5.26 57.05 -12.46
CA VAL C 101 -4.29 57.29 -11.41
C VAL C 101 -3.76 58.70 -11.56
N TYR C 102 -3.93 59.51 -10.52
CA TYR C 102 -3.47 60.89 -10.52
C TYR C 102 -2.38 61.07 -9.47
N LYS C 103 -1.61 62.13 -9.63
CA LYS C 103 -0.59 62.50 -8.65
C LYS C 103 -1.21 63.40 -7.59
N THR C 104 -0.38 63.85 -6.65
CA THR C 104 -0.88 64.70 -5.58
C THR C 104 -1.20 66.11 -6.03
N ASP C 105 -0.79 66.51 -7.24
CA ASP C 105 -1.04 67.85 -7.75
C ASP C 105 -2.26 67.90 -8.64
N GLY C 106 -3.04 66.84 -8.71
CA GLY C 106 -4.24 66.82 -9.54
C GLY C 106 -4.03 66.51 -10.99
N THR C 107 -2.81 66.22 -11.40
CA THR C 107 -2.57 65.87 -12.79
C THR C 107 -2.45 64.35 -12.94
N PRO C 108 -2.89 63.80 -14.06
CA PRO C 108 -2.82 62.35 -14.23
C PRO C 108 -1.38 61.86 -14.22
N PHE C 109 -1.19 60.68 -13.64
CA PHE C 109 0.14 60.10 -13.56
C PHE C 109 0.58 59.65 -14.95
N GLU C 110 1.78 60.07 -15.35
CA GLU C 110 2.26 59.78 -16.69
C GLU C 110 2.54 58.30 -16.92
N GLY C 111 2.64 57.50 -15.86
CA GLY C 111 2.84 56.08 -15.98
C GLY C 111 1.58 55.24 -16.00
N ASP C 112 0.40 55.87 -16.03
CA ASP C 112 -0.85 55.13 -16.06
C ASP C 112 -1.22 54.83 -17.51
N PRO C 113 -1.34 53.56 -17.89
CA PRO C 113 -1.63 53.24 -19.30
C PRO C 113 -2.94 53.80 -19.81
N ARG C 114 -3.98 53.86 -18.97
CA ARG C 114 -5.29 54.33 -19.41
C ARG C 114 -5.31 55.83 -19.67
N ALA C 115 -4.72 56.61 -18.76
CA ALA C 115 -4.57 58.04 -19.00
C ALA C 115 -3.66 58.32 -20.18
N ASN C 116 -2.73 57.42 -20.48
CA ASN C 116 -1.91 57.54 -21.69
C ASN C 116 -2.76 57.43 -22.95
N LEU C 117 -3.62 56.41 -23.00
CA LEU C 117 -4.49 56.23 -24.14
C LEU C 117 -5.45 57.40 -24.28
N LYS C 118 -5.95 57.93 -23.15
CA LYS C 118 -6.84 59.09 -23.23
C LYS C 118 -6.16 60.28 -23.88
N ARG C 119 -4.91 60.57 -23.53
CA ARG C 119 -4.24 61.71 -24.13
C ARG C 119 -3.79 61.44 -25.55
N VAL C 120 -3.51 60.19 -25.90
CA VAL C 120 -3.27 59.87 -27.32
C VAL C 120 -4.53 60.11 -28.15
N LEU C 121 -5.69 59.70 -27.62
CA LEU C 121 -6.95 60.01 -28.30
C LEU C 121 -7.20 61.50 -28.38
N LYS C 122 -6.86 62.25 -27.33
CA LYS C 122 -6.99 63.70 -27.36
C LYS C 122 -6.14 64.31 -28.46
N GLU C 123 -4.90 63.84 -28.60
CA GLU C 123 -4.05 64.29 -29.70
C GLU C 123 -4.62 63.90 -31.06
N MET C 124 -5.22 62.71 -31.17
CA MET C 124 -5.85 62.30 -32.41
C MET C 124 -6.98 63.25 -32.79
N GLU C 125 -7.78 63.68 -31.80
CA GLU C 125 -8.91 64.56 -32.07
C GLU C 125 -8.51 65.88 -32.73
N ASP C 126 -7.26 66.32 -32.57
CA ASP C 126 -6.82 67.53 -33.24
C ASP C 126 -6.66 67.34 -34.75
N LEU C 127 -6.59 66.10 -35.22
CA LEU C 127 -6.46 65.83 -36.65
C LEU C 127 -7.82 65.78 -37.35
N GLY C 128 -8.91 65.99 -36.63
CA GLY C 128 -10.24 65.96 -37.19
C GLY C 128 -11.01 64.68 -36.91
N PHE C 129 -10.32 63.63 -36.50
CA PHE C 129 -10.97 62.37 -36.19
C PHE C 129 -11.62 62.45 -34.81
N THR C 130 -12.90 62.12 -34.73
CA THR C 130 -13.66 62.27 -33.50
C THR C 130 -13.83 60.97 -32.73
N ASP C 131 -13.44 59.83 -33.30
CA ASP C 131 -13.66 58.57 -32.61
C ASP C 131 -12.70 57.51 -33.12
N PHE C 132 -12.48 56.49 -32.31
CA PHE C 132 -11.59 55.38 -32.65
C PHE C 132 -12.16 54.12 -32.00
N ASN C 133 -12.73 53.24 -32.82
CA ASN C 133 -13.40 52.04 -32.33
C ASN C 133 -12.46 50.84 -32.38
N LEU C 134 -12.64 49.94 -31.40
CA LEU C 134 -11.82 48.74 -31.34
C LEU C 134 -12.72 47.54 -31.11
N GLY C 135 -12.66 46.57 -32.02
CA GLY C 135 -13.30 45.30 -31.82
C GLY C 135 -12.29 44.21 -31.56
N PRO C 136 -12.15 43.80 -30.30
CA PRO C 136 -11.21 42.74 -29.96
C PRO C 136 -11.88 41.37 -29.94
N GLU C 137 -11.05 40.34 -30.06
CA GLU C 137 -11.49 38.95 -30.00
C GLU C 137 -10.42 38.09 -29.35
N PRO C 138 -10.31 38.11 -28.03
CA PRO C 138 -9.33 37.28 -27.36
C PRO C 138 -9.79 35.84 -27.24
N GLU C 139 -8.80 34.94 -27.17
CA GLU C 139 -9.04 33.51 -27.02
C GLU C 139 -8.32 33.03 -25.77
N PHE C 140 -8.83 31.96 -25.18
CA PHE C 140 -8.28 31.45 -23.94
C PHE C 140 -8.36 29.93 -23.92
N PHE C 141 -7.50 29.33 -23.11
CA PHE C 141 -7.54 27.89 -22.85
C PHE C 141 -8.18 27.63 -21.51
N LEU C 142 -8.73 26.43 -21.37
CA LEU C 142 -9.26 25.95 -20.11
C LEU C 142 -8.49 24.70 -19.70
N PHE C 143 -7.97 24.71 -18.47
CA PHE C 143 -7.23 23.60 -17.92
C PHE C 143 -7.93 23.04 -16.69
N LYS C 144 -7.83 21.73 -16.50
CA LYS C 144 -8.43 21.10 -15.35
C LYS C 144 -7.64 21.41 -14.08
N LEU C 145 -8.37 21.55 -12.98
CA LEU C 145 -7.77 21.73 -11.68
C LEU C 145 -7.60 20.38 -10.98
N ASP C 146 -6.61 20.29 -10.11
CA ASP C 146 -6.41 19.10 -9.31
C ASP C 146 -7.25 19.20 -8.03
N GLU C 147 -7.09 18.24 -7.13
CA GLU C 147 -7.84 18.25 -5.88
C GLU C 147 -7.41 19.39 -4.96
N LYS C 148 -6.16 19.85 -5.07
CA LYS C 148 -5.69 20.94 -4.23
C LYS C 148 -6.07 22.32 -4.76
N GLY C 149 -6.66 22.38 -5.95
CA GLY C 149 -7.03 23.65 -6.54
C GLY C 149 -5.99 24.26 -7.46
N GLU C 150 -4.94 23.54 -7.80
CA GLU C 150 -3.92 24.02 -8.71
C GLU C 150 -4.19 23.55 -10.13
N PRO C 151 -3.91 24.38 -11.12
CA PRO C 151 -4.09 23.95 -12.51
C PRO C 151 -3.14 22.82 -12.87
N THR C 152 -3.61 21.92 -13.72
CA THR C 152 -2.81 20.85 -14.28
C THR C 152 -2.48 21.19 -15.72
N LEU C 153 -1.83 20.26 -16.43
CA LEU C 153 -1.44 20.46 -17.80
C LEU C 153 -2.40 19.81 -18.79
N GLU C 154 -3.50 19.24 -18.32
CA GLU C 154 -4.46 18.57 -19.19
C GLU C 154 -5.62 19.53 -19.49
N LEU C 155 -5.95 19.65 -20.77
CA LEU C 155 -7.01 20.53 -21.21
C LEU C 155 -8.38 19.95 -20.85
N ASN C 156 -9.39 20.81 -20.88
CA ASN C 156 -10.72 20.37 -20.45
C ASN C 156 -11.33 19.38 -21.43
N ASP C 157 -10.96 19.44 -22.70
CA ASP C 157 -11.48 18.51 -23.70
C ASP C 157 -10.45 18.34 -24.81
N ASP C 158 -10.85 17.69 -25.89
CA ASP C 158 -10.02 17.49 -27.06
C ASP C 158 -10.81 17.88 -28.32
N GLY C 159 -11.59 18.95 -28.20
CA GLY C 159 -12.41 19.40 -29.30
C GLY C 159 -11.64 20.21 -30.32
N GLY C 160 -12.33 20.52 -31.42
CA GLY C 160 -11.74 21.30 -32.48
C GLY C 160 -12.55 22.54 -32.80
N TYR C 161 -12.35 23.09 -33.99
CA TYR C 161 -13.03 24.31 -34.39
C TYR C 161 -14.52 24.03 -34.60
N PHE C 162 -15.36 24.85 -33.96
CA PHE C 162 -16.82 24.77 -34.10
C PHE C 162 -17.35 23.41 -33.68
N ASP C 163 -16.63 22.74 -32.80
CA ASP C 163 -17.03 21.43 -32.31
C ASP C 163 -18.13 21.60 -31.26
N LEU C 164 -18.92 20.54 -31.07
CA LEU C 164 -20.02 20.58 -30.12
C LEU C 164 -19.94 19.41 -29.15
N ALA C 165 -20.72 19.50 -28.07
CA ALA C 165 -20.68 18.49 -27.03
C ALA C 165 -21.22 17.16 -27.55
N PRO C 166 -20.75 16.04 -27.00
CA PRO C 166 -19.80 15.91 -25.88
C PRO C 166 -18.34 16.01 -26.27
N THR C 167 -18.05 16.24 -27.55
CA THR C 167 -16.68 16.54 -27.97
C THR C 167 -16.21 17.88 -27.43
N ASP C 168 -17.07 18.89 -27.43
CA ASP C 168 -16.81 20.18 -26.80
C ASP C 168 -17.33 20.11 -25.37
N LEU C 169 -16.43 19.90 -24.42
CA LEU C 169 -16.81 19.83 -23.02
C LEU C 169 -16.78 21.17 -22.32
N GLY C 170 -16.40 22.25 -23.01
CA GLY C 170 -16.40 23.56 -22.42
C GLY C 170 -17.68 24.32 -22.70
N GLU C 171 -18.71 23.60 -23.15
CA GLU C 171 -19.95 24.25 -23.54
C GLU C 171 -20.64 24.90 -22.35
N ASN C 172 -20.70 24.19 -21.21
CA ASN C 172 -21.39 24.73 -20.04
C ASN C 172 -20.63 25.90 -19.42
N CYS C 173 -19.31 25.79 -19.30
CA CYS C 173 -18.54 26.90 -18.76
C CYS C 173 -18.62 28.12 -19.66
N ARG C 174 -18.54 27.92 -20.97
CA ARG C 174 -18.67 29.02 -21.91
C ARG C 174 -20.05 29.64 -21.85
N ARG C 175 -21.10 28.83 -21.71
CA ARG C 175 -22.44 29.36 -21.56
C ARG C 175 -22.59 30.19 -20.29
N ASP C 176 -22.03 29.71 -19.18
CA ASP C 176 -22.06 30.51 -17.95
C ASP C 176 -21.29 31.81 -18.06
N ILE C 177 -20.14 31.80 -18.75
CA ILE C 177 -19.42 33.04 -18.98
C ILE C 177 -20.26 34.01 -19.80
N VAL C 178 -20.91 33.52 -20.86
CA VAL C 178 -21.73 34.39 -21.69
C VAL C 178 -22.90 34.93 -20.88
N LEU C 179 -23.52 34.09 -20.06
CA LEU C 179 -24.61 34.52 -19.20
C LEU C 179 -24.20 35.60 -18.21
N GLU C 180 -23.04 35.44 -17.59
CA GLU C 180 -22.55 36.43 -16.64
C GLU C 180 -22.16 37.73 -17.31
N LEU C 181 -21.55 37.65 -18.49
CA LEU C 181 -21.19 38.85 -19.23
C LEU C 181 -22.40 39.65 -19.70
N GLU C 182 -23.49 38.97 -20.07
CA GLU C 182 -24.69 39.68 -20.49
C GLU C 182 -25.35 40.43 -19.35
N ASP C 183 -25.29 39.90 -18.14
CA ASP C 183 -25.80 40.62 -16.98
C ASP C 183 -24.98 41.88 -16.71
N MET C 184 -23.72 41.91 -17.14
CA MET C 184 -22.84 43.03 -16.92
C MET C 184 -22.89 44.07 -18.04
N GLY C 185 -23.76 43.87 -19.03
CA GLY C 185 -23.91 44.86 -20.08
C GLY C 185 -23.09 44.63 -21.32
N PHE C 186 -22.48 43.46 -21.48
CA PHE C 186 -21.79 43.16 -22.72
C PHE C 186 -22.79 42.85 -23.82
N ASP C 187 -22.39 43.09 -25.06
CA ASP C 187 -23.16 42.68 -26.22
C ASP C 187 -22.39 41.54 -26.88
N ILE C 188 -22.73 40.32 -26.50
CA ILE C 188 -22.04 39.14 -26.99
C ILE C 188 -22.52 38.83 -28.41
N GLU C 189 -21.56 38.52 -29.29
CA GLU C 189 -21.84 38.22 -30.68
C GLU C 189 -21.88 36.72 -30.97
N ALA C 190 -20.89 35.98 -30.51
CA ALA C 190 -20.82 34.55 -30.78
C ALA C 190 -19.92 33.88 -29.76
N SER C 191 -20.11 32.57 -29.61
CA SER C 191 -19.23 31.76 -28.78
C SER C 191 -19.08 30.40 -29.43
N HIS C 192 -17.86 29.88 -29.44
CA HIS C 192 -17.59 28.62 -30.12
C HIS C 192 -16.28 28.04 -29.60
N HIS C 193 -16.11 26.74 -29.83
CA HIS C 193 -14.82 26.10 -29.59
C HIS C 193 -13.82 26.55 -30.63
N GLU C 194 -12.56 26.64 -30.22
CA GLU C 194 -11.49 27.11 -31.08
C GLU C 194 -10.70 25.93 -31.63
N VAL C 195 -9.69 26.24 -32.44
CA VAL C 195 -8.97 25.22 -33.19
C VAL C 195 -8.25 24.26 -32.24
N ALA C 196 -7.51 24.79 -31.28
CA ALA C 196 -6.74 23.95 -30.38
C ALA C 196 -7.66 23.23 -29.40
N PRO C 197 -7.25 22.06 -28.92
CA PRO C 197 -8.00 21.41 -27.85
C PRO C 197 -8.05 22.28 -26.61
N GLY C 198 -9.21 22.35 -25.98
CA GLY C 198 -9.36 23.17 -24.80
C GLY C 198 -9.36 24.66 -25.04
N GLN C 199 -9.40 25.10 -26.29
CA GLN C 199 -9.34 26.52 -26.62
C GLN C 199 -10.73 27.02 -26.99
N HIS C 200 -11.07 28.21 -26.49
CA HIS C 200 -12.41 28.74 -26.61
C HIS C 200 -12.35 30.21 -26.98
N GLU C 201 -13.39 30.69 -27.64
CA GLU C 201 -13.51 32.10 -28.02
C GLU C 201 -14.92 32.58 -27.79
N ILE C 202 -15.05 33.72 -27.11
CA ILE C 202 -16.31 34.42 -26.94
C ILE C 202 -16.14 35.81 -27.53
N ASP C 203 -17.04 36.19 -28.42
CA ASP C 203 -16.93 37.42 -29.18
C ASP C 203 -17.93 38.44 -28.67
N PHE C 204 -17.47 39.68 -28.45
CA PHE C 204 -18.34 40.79 -28.13
C PHE C 204 -18.05 41.92 -29.09
N LYS C 205 -19.10 42.71 -29.33
CA LYS C 205 -19.03 43.78 -30.37
C LYS C 205 -18.03 44.87 -30.01
N TYR C 206 -17.73 45.70 -30.99
CA TYR C 206 -16.79 46.79 -30.80
C TYR C 206 -17.38 47.86 -29.90
N ALA C 207 -16.50 48.73 -29.41
CA ALA C 207 -16.89 49.87 -28.60
C ALA C 207 -15.84 50.95 -28.80
N ASP C 208 -15.99 52.05 -28.07
CA ASP C 208 -15.00 53.10 -28.15
C ASP C 208 -13.69 52.60 -27.55
N ALA C 209 -12.59 53.26 -27.90
CA ALA C 209 -11.26 52.75 -27.60
C ALA C 209 -11.09 52.48 -26.10
N VAL C 210 -11.37 53.48 -25.27
CA VAL C 210 -11.19 53.32 -23.84
C VAL C 210 -12.14 52.27 -23.27
N THR C 211 -13.42 52.31 -23.64
CA THR C 211 -14.34 51.32 -23.11
C THR C 211 -14.09 49.95 -23.72
N ALA C 212 -13.51 49.87 -24.92
CA ALA C 212 -13.12 48.57 -25.45
C ALA C 212 -11.98 47.96 -24.65
N CYS C 213 -10.98 48.76 -24.28
CA CYS C 213 -9.92 48.24 -23.41
C CYS C 213 -10.47 47.84 -22.04
N ASP C 214 -11.39 48.63 -21.50
CA ASP C 214 -12.07 48.25 -20.27
C ASP C 214 -12.84 46.95 -20.44
N ASN C 215 -13.48 46.75 -21.60
CA ASN C 215 -14.18 45.50 -21.87
C ASN C 215 -13.21 44.33 -21.87
N ILE C 216 -12.04 44.49 -22.47
CA ILE C 216 -11.06 43.41 -22.47
C ILE C 216 -10.64 43.07 -21.04
N GLN C 217 -10.34 44.11 -20.25
CA GLN C 217 -9.92 43.87 -18.87
C GLN C 217 -11.00 43.18 -18.06
N THR C 218 -12.25 43.62 -18.20
CA THR C 218 -13.36 43.00 -17.48
C THR C 218 -13.62 41.58 -17.97
N PHE C 219 -13.51 41.37 -19.27
CA PHE C 219 -13.75 40.06 -19.87
C PHE C 219 -12.77 39.03 -19.32
N LYS C 220 -11.50 39.40 -19.22
CA LYS C 220 -10.52 38.44 -18.71
C LYS C 220 -10.85 38.00 -17.28
N LEU C 221 -11.18 38.95 -16.40
CA LEU C 221 -11.46 38.59 -15.02
C LEU C 221 -12.77 37.83 -14.89
N VAL C 222 -13.78 38.17 -15.68
CA VAL C 222 -15.03 37.41 -15.65
C VAL C 222 -14.80 35.98 -16.10
N VAL C 223 -14.03 35.81 -17.18
CA VAL C 223 -13.73 34.47 -17.68
C VAL C 223 -13.00 33.66 -16.62
N LYS C 224 -11.99 34.25 -15.99
CA LYS C 224 -11.24 33.52 -14.97
C LYS C 224 -12.09 33.16 -13.76
N THR C 225 -12.92 34.08 -13.27
CA THR C 225 -13.79 33.78 -12.15
C THR C 225 -14.78 32.67 -12.47
N ILE C 226 -15.49 32.78 -13.60
CA ILE C 226 -16.48 31.76 -13.92
C ILE C 226 -15.81 30.43 -14.20
N ALA C 227 -14.63 30.42 -14.81
CA ALA C 227 -13.91 29.17 -15.02
C ALA C 227 -13.54 28.53 -13.69
N ARG C 228 -13.09 29.33 -12.72
CA ARG C 228 -12.81 28.78 -11.40
C ARG C 228 -14.06 28.18 -10.78
N LYS C 229 -15.22 28.81 -10.98
CA LYS C 229 -16.47 28.25 -10.47
C LYS C 229 -16.79 26.89 -11.08
N HIS C 230 -16.21 26.56 -12.23
CA HIS C 230 -16.44 25.30 -12.91
C HIS C 230 -15.31 24.30 -12.70
N ASN C 231 -14.50 24.50 -11.67
CA ASN C 231 -13.35 23.63 -11.38
C ASN C 231 -12.38 23.59 -12.56
N LEU C 232 -12.25 24.72 -13.24
CA LEU C 232 -11.36 24.86 -14.39
C LEU C 232 -10.47 26.08 -14.19
N HIS C 233 -9.32 26.07 -14.86
CA HIS C 233 -8.40 27.20 -14.85
C HIS C 233 -8.37 27.81 -16.23
N ALA C 234 -8.69 29.11 -16.30
CA ALA C 234 -8.63 29.84 -17.57
C ALA C 234 -7.34 30.63 -17.65
N THR C 235 -6.64 30.49 -18.78
CA THR C 235 -5.41 31.22 -18.98
C THR C 235 -5.46 31.91 -20.34
N PHE C 236 -4.93 33.12 -20.40
CA PHE C 236 -4.75 33.84 -21.65
C PHE C 236 -3.30 33.83 -22.09
N MET C 237 -2.53 32.87 -21.60
CA MET C 237 -1.17 32.67 -22.07
C MET C 237 -1.17 32.37 -23.55
N PRO C 238 -0.33 33.03 -24.35
CA PRO C 238 -0.39 32.88 -25.81
C PRO C 238 -0.18 31.46 -26.29
N LYS C 239 0.91 30.82 -25.86
CA LYS C 239 1.25 29.47 -26.31
C LYS C 239 1.55 28.61 -25.09
N PRO C 240 0.51 28.12 -24.40
CA PRO C 240 0.75 27.28 -23.22
C PRO C 240 1.32 25.91 -23.53
N LEU C 241 1.07 25.35 -24.71
CA LEU C 241 1.54 24.02 -25.05
C LEU C 241 2.18 24.02 -26.42
N PHE C 242 3.26 23.25 -26.56
CA PHE C 242 3.94 23.12 -27.84
C PHE C 242 3.12 22.25 -28.78
N GLY C 243 3.22 22.53 -30.08
CA GLY C 243 2.55 21.74 -31.09
C GLY C 243 1.06 21.97 -31.18
N VAL C 244 0.55 23.01 -30.54
CA VAL C 244 -0.87 23.30 -30.48
C VAL C 244 -1.07 24.77 -30.80
N ASN C 245 -2.19 25.07 -31.44
CA ASN C 245 -2.49 26.45 -31.84
C ASN C 245 -2.46 27.39 -30.64
N GLY C 246 -1.96 28.61 -30.87
CA GLY C 246 -1.89 29.61 -29.85
C GLY C 246 -3.12 30.51 -29.82
N SER C 247 -3.15 31.39 -28.82
CA SER C 247 -4.26 32.30 -28.61
C SER C 247 -3.89 33.70 -29.09
N GLY C 248 -4.79 34.32 -29.83
CA GLY C 248 -4.60 35.66 -30.32
C GLY C 248 -5.68 36.62 -29.81
N MET C 249 -5.41 37.91 -30.00
CA MET C 249 -6.32 38.98 -29.60
C MET C 249 -6.41 40.01 -30.73
N HIS C 250 -6.75 39.53 -31.93
CA HIS C 250 -6.90 40.40 -33.09
C HIS C 250 -7.61 41.70 -32.75
N PHE C 251 -7.06 42.81 -33.24
CA PHE C 251 -7.60 44.13 -33.01
C PHE C 251 -8.24 44.64 -34.29
N ASN C 252 -9.56 44.83 -34.27
CA ASN C 252 -10.30 45.45 -35.36
C ASN C 252 -10.48 46.92 -35.04
N VAL C 253 -9.95 47.79 -35.90
CA VAL C 253 -9.92 49.23 -35.62
C VAL C 253 -10.53 49.99 -36.79
N SER C 254 -11.27 51.05 -36.49
CA SER C 254 -11.85 51.92 -37.50
C SER C 254 -11.91 53.34 -36.96
N LEU C 255 -11.69 54.32 -37.83
CA LEU C 255 -11.72 55.73 -37.48
C LEU C 255 -13.02 56.37 -37.93
N PHE C 256 -13.53 57.30 -37.13
CA PHE C 256 -14.76 58.00 -37.42
C PHE C 256 -14.57 59.50 -37.26
N LYS C 257 -14.86 60.25 -38.32
CA LYS C 257 -14.89 61.72 -38.25
C LYS C 257 -16.31 62.17 -38.00
N GLY C 258 -16.96 61.55 -37.01
CA GLY C 258 -18.27 61.98 -36.59
C GLY C 258 -19.38 61.26 -37.32
N LYS C 259 -20.00 60.28 -36.66
CA LYS C 259 -21.16 59.55 -37.20
C LYS C 259 -20.91 59.03 -38.61
N GLU C 260 -19.64 58.87 -38.99
CA GLU C 260 -19.31 58.41 -40.33
C GLU C 260 -17.92 57.80 -40.32
N ASN C 261 -17.78 56.66 -40.98
CA ASN C 261 -16.52 55.93 -41.00
C ASN C 261 -15.55 56.62 -41.95
N ALA C 262 -14.35 56.93 -41.46
CA ALA C 262 -13.33 57.57 -42.29
C ALA C 262 -12.62 56.60 -43.21
N PHE C 263 -12.87 55.30 -43.07
CA PHE C 263 -12.21 54.30 -43.91
C PHE C 263 -13.05 53.89 -45.11
N PHE C 264 -14.30 54.32 -45.19
CA PHE C 264 -15.22 53.85 -46.22
C PHE C 264 -15.41 54.90 -47.29
N ASP C 265 -15.17 54.51 -48.55
CA ASP C 265 -15.36 55.40 -49.71
C ASP C 265 -16.37 54.74 -50.63
N PRO C 266 -17.60 55.25 -50.71
CA PRO C 266 -18.59 54.61 -51.58
C PRO C 266 -18.48 55.05 -53.03
N ASN C 267 -17.24 55.16 -53.53
CA ASN C 267 -17.02 55.47 -54.94
C ASN C 267 -16.16 54.40 -55.59
N THR C 268 -15.06 54.04 -54.93
CA THR C 268 -14.14 53.05 -55.49
C THR C 268 -14.76 51.65 -55.39
N GLU C 269 -14.33 50.77 -56.29
CA GLU C 269 -14.78 49.38 -56.26
C GLU C 269 -14.38 48.71 -54.96
N MET C 270 -13.13 48.91 -54.52
CA MET C 270 -12.69 48.35 -53.25
C MET C 270 -13.36 49.02 -52.06
N GLY C 271 -13.67 50.31 -52.16
CA GLY C 271 -14.39 51.00 -51.11
C GLY C 271 -13.54 51.35 -49.91
N LEU C 272 -12.32 51.84 -50.14
CA LEU C 272 -11.44 52.28 -49.08
C LEU C 272 -10.97 53.69 -49.39
N THR C 273 -11.02 54.57 -48.40
CA THR C 273 -10.57 55.93 -48.57
C THR C 273 -9.04 55.99 -48.61
N GLU C 274 -8.51 57.14 -49.00
CA GLU C 274 -7.08 57.34 -48.88
C GLU C 274 -6.63 57.31 -47.42
N THR C 275 -7.50 57.75 -46.50
CA THR C 275 -7.18 57.69 -45.09
C THR C 275 -6.96 56.25 -44.63
N ALA C 276 -7.81 55.33 -45.09
CA ALA C 276 -7.64 53.93 -44.73
C ALA C 276 -6.33 53.38 -45.25
N TYR C 277 -5.95 53.74 -46.47
CA TYR C 277 -4.67 53.29 -47.02
C TYR C 277 -3.49 53.86 -46.27
N GLN C 278 -3.52 55.15 -45.92
CA GLN C 278 -2.42 55.72 -45.14
C GLN C 278 -2.33 55.14 -43.74
N PHE C 279 -3.46 54.82 -43.11
CA PHE C 279 -3.44 54.17 -41.81
C PHE C 279 -2.74 52.82 -41.90
N THR C 280 -3.09 52.02 -42.90
CA THR C 280 -2.43 50.74 -43.11
C THR C 280 -0.95 50.92 -43.40
N ALA C 281 -0.60 51.93 -44.19
CA ALA C 281 0.81 52.18 -44.48
C ALA C 281 1.58 52.49 -43.20
N GLY C 282 1.01 53.33 -42.33
CA GLY C 282 1.67 53.65 -41.08
C GLY C 282 1.80 52.46 -40.16
N VAL C 283 0.75 51.64 -40.05
CA VAL C 283 0.82 50.47 -39.18
C VAL C 283 1.85 49.48 -39.71
N LEU C 284 1.90 49.27 -41.02
CA LEU C 284 2.89 48.38 -41.60
C LEU C 284 4.30 48.91 -41.39
N LYS C 285 4.49 50.22 -41.57
CA LYS C 285 5.80 50.82 -41.42
C LYS C 285 6.30 50.76 -39.98
N ASN C 286 5.41 50.88 -39.00
CA ASN C 286 5.80 50.86 -37.61
C ASN C 286 5.52 49.53 -36.91
N ALA C 287 5.19 48.49 -37.65
CA ALA C 287 4.82 47.21 -37.04
C ALA C 287 5.95 46.59 -36.24
N ARG C 288 7.18 46.64 -36.74
CA ARG C 288 8.32 46.12 -36.00
C ARG C 288 8.51 46.86 -34.68
N GLY C 289 8.17 48.14 -34.64
CA GLY C 289 8.39 48.94 -33.46
C GLY C 289 7.53 48.58 -32.27
N PHE C 290 6.25 48.28 -32.49
CA PHE C 290 5.33 48.03 -31.39
C PHE C 290 5.08 46.55 -31.14
N THR C 291 5.87 45.67 -31.74
CA THR C 291 5.68 44.24 -31.53
C THR C 291 5.88 43.86 -30.06
N ALA C 292 6.88 44.47 -29.41
CA ALA C 292 7.14 44.14 -28.01
C ALA C 292 5.95 44.48 -27.13
N VAL C 293 5.31 45.62 -27.36
CA VAL C 293 4.14 45.99 -26.57
C VAL C 293 2.97 45.06 -26.85
N CYS C 294 2.73 44.73 -28.13
CA CYS C 294 1.62 43.86 -28.48
C CYS C 294 1.91 42.39 -28.16
N ASN C 295 3.18 42.02 -28.02
CA ASN C 295 3.58 40.66 -27.67
C ASN C 295 4.58 40.74 -26.52
N PRO C 296 4.11 41.00 -25.30
CA PRO C 296 5.02 41.36 -24.21
C PRO C 296 5.70 40.20 -23.50
N LEU C 297 5.27 38.97 -23.71
CA LEU C 297 5.82 37.84 -22.99
C LEU C 297 6.92 37.17 -23.80
N VAL C 298 7.77 36.42 -23.10
CA VAL C 298 8.70 35.52 -23.79
C VAL C 298 7.92 34.45 -24.53
N ASN C 299 6.84 33.96 -23.92
CA ASN C 299 5.98 32.97 -24.56
C ASN C 299 5.29 33.48 -25.81
N SER C 300 5.15 34.80 -25.95
CA SER C 300 4.44 35.36 -27.09
C SER C 300 5.09 35.01 -28.41
N TYR C 301 6.40 34.81 -28.43
CA TYR C 301 7.13 34.55 -29.65
C TYR C 301 7.27 33.05 -29.94
N LYS C 302 6.79 32.21 -29.04
CA LYS C 302 6.55 30.81 -29.37
C LYS C 302 5.26 30.63 -30.15
N ARG C 303 4.37 31.63 -30.12
CA ARG C 303 3.20 31.63 -30.98
C ARG C 303 3.52 32.16 -32.37
N LEU C 304 4.40 33.15 -32.44
CA LEU C 304 4.77 33.74 -33.72
C LEU C 304 5.75 32.83 -34.46
N VAL C 305 5.31 31.62 -34.79
CA VAL C 305 6.11 30.67 -35.54
C VAL C 305 5.27 30.18 -36.72
N PRO C 306 5.88 29.81 -37.84
CA PRO C 306 5.08 29.43 -39.01
C PRO C 306 4.32 28.13 -38.79
N GLY C 307 3.17 28.05 -39.44
CA GLY C 307 2.39 26.83 -39.47
C GLY C 307 1.28 26.71 -38.44
N TYR C 308 0.93 27.79 -37.74
CA TYR C 308 -0.09 27.72 -36.70
C TYR C 308 -1.03 28.91 -36.77
N GLU C 309 -1.32 29.38 -37.97
CA GLU C 309 -2.29 30.45 -38.23
C GLU C 309 -1.90 31.77 -37.56
N ALA C 310 -0.64 31.94 -37.18
CA ALA C 310 -0.23 33.19 -36.56
C ALA C 310 0.56 34.04 -37.55
N PRO C 311 0.42 35.36 -37.50
CA PRO C 311 1.14 36.22 -38.43
C PRO C 311 2.58 36.42 -38.02
N CYS C 312 3.48 36.31 -39.00
CA CYS C 312 4.88 36.61 -38.77
C CYS C 312 5.52 37.36 -39.92
N TYR C 313 4.76 37.78 -40.93
CA TYR C 313 5.28 38.57 -42.04
C TYR C 313 4.49 39.87 -42.12
N ILE C 314 5.20 40.98 -42.28
CA ILE C 314 4.60 42.30 -42.27
C ILE C 314 4.07 42.58 -43.67
N ALA C 315 2.77 42.35 -43.86
CA ALA C 315 2.11 42.61 -45.12
C ALA C 315 0.63 42.78 -44.86
N TRP C 316 -0.08 43.33 -45.84
CA TRP C 316 -1.52 43.53 -45.74
C TRP C 316 -2.21 42.89 -46.93
N SER C 317 -3.48 42.53 -46.73
CA SER C 317 -4.27 41.95 -47.79
C SER C 317 -5.74 42.14 -47.49
N GLY C 318 -6.54 42.16 -48.55
CA GLY C 318 -7.97 42.23 -48.42
C GLY C 318 -8.62 40.87 -48.66
N LYS C 319 -7.97 40.05 -49.50
CA LYS C 319 -8.45 38.70 -49.83
C LYS C 319 -7.30 37.73 -49.56
N ASN C 320 -7.15 37.35 -48.29
CA ASN C 320 -6.15 36.37 -47.85
C ASN C 320 -6.38 36.11 -46.38
N ARG C 321 -5.82 35.02 -45.89
CA ARG C 321 -6.12 34.58 -44.53
C ARG C 321 -5.12 35.15 -43.53
N SER C 322 -3.82 34.98 -43.76
CA SER C 322 -2.81 35.23 -42.75
C SER C 322 -1.69 36.16 -43.25
N PRO C 323 -2.01 37.43 -43.55
CA PRO C 323 -0.97 38.46 -43.48
C PRO C 323 -1.00 39.15 -42.13
N LEU C 324 -0.11 40.10 -41.88
CA LEU C 324 -0.11 40.80 -40.60
C LEU C 324 -1.37 41.66 -40.45
N ILE C 325 -1.79 42.32 -41.54
CA ILE C 325 -2.99 43.14 -41.54
C ILE C 325 -3.97 42.54 -42.53
N ARG C 326 -5.20 42.32 -42.09
CA ARG C 326 -6.28 41.85 -42.94
C ARG C 326 -7.39 42.88 -42.93
N VAL C 327 -7.84 43.27 -44.12
CA VAL C 327 -8.96 44.18 -44.26
C VAL C 327 -10.20 43.34 -44.60
N PRO C 328 -11.16 43.20 -43.70
CA PRO C 328 -12.33 42.37 -43.98
C PRO C 328 -13.16 42.92 -45.13
N SER C 329 -13.86 42.01 -45.79
CA SER C 329 -14.64 42.34 -46.98
C SER C 329 -15.86 43.21 -46.67
N SER C 330 -16.29 43.28 -45.42
CA SER C 330 -17.45 44.11 -45.09
C SER C 330 -17.14 45.58 -45.30
N ARG C 331 -18.14 46.32 -45.77
CA ARG C 331 -17.97 47.74 -46.03
C ARG C 331 -19.05 48.55 -45.33
N GLY C 332 -19.15 49.84 -45.66
CA GLY C 332 -20.09 50.71 -44.99
C GLY C 332 -19.52 51.21 -43.68
N LEU C 333 -20.36 51.28 -42.65
CA LEU C 333 -19.90 51.70 -41.34
C LEU C 333 -19.05 50.66 -40.64
N SER C 334 -19.01 49.42 -41.15
CA SER C 334 -18.25 48.33 -40.54
C SER C 334 -16.89 48.14 -41.20
N THR C 335 -16.44 49.12 -41.97
CA THR C 335 -15.14 49.05 -42.63
C THR C 335 -14.05 49.17 -41.58
N ARG C 336 -13.25 48.13 -41.43
CA ARG C 336 -12.25 48.08 -40.38
C ARG C 336 -10.95 47.51 -40.91
N ILE C 337 -9.90 47.66 -40.12
CA ILE C 337 -8.58 47.09 -40.38
C ILE C 337 -8.25 46.19 -39.21
N GLU C 338 -7.89 44.93 -39.49
CA GLU C 338 -7.65 43.96 -38.38
C GLU C 338 -6.17 43.64 -38.20
N VAL C 339 -5.57 44.05 -37.08
CA VAL C 339 -4.16 43.65 -36.78
C VAL C 339 -4.25 42.27 -36.12
N ARG C 340 -3.34 41.34 -36.44
CA ARG C 340 -3.52 39.95 -35.92
C ARG C 340 -2.30 39.47 -35.11
N SER C 341 -1.32 40.34 -34.86
CA SER C 341 -0.18 39.93 -34.04
C SER C 341 -0.42 40.14 -32.55
N VAL C 342 -1.45 40.90 -32.19
CA VAL C 342 -1.73 41.16 -30.78
C VAL C 342 -2.19 39.88 -30.10
N ASP C 343 -1.61 39.58 -28.95
CA ASP C 343 -1.97 38.41 -28.17
C ASP C 343 -2.71 38.81 -26.89
N PRO C 344 -3.49 37.90 -26.29
CA PRO C 344 -4.32 38.27 -25.15
C PRO C 344 -3.53 38.71 -23.92
N ALA C 345 -2.24 38.42 -23.84
CA ALA C 345 -1.43 38.83 -22.72
C ALA C 345 -1.00 40.29 -22.79
N ALA C 346 -1.25 40.96 -23.92
CA ALA C 346 -0.85 42.35 -24.07
C ALA C 346 -1.70 43.27 -23.23
N ASN C 347 -1.14 44.39 -22.83
CA ASN C 347 -1.92 45.43 -22.18
C ASN C 347 -2.78 46.11 -23.22
N PRO C 348 -4.11 46.06 -23.11
CA PRO C 348 -4.96 46.63 -24.17
C PRO C 348 -4.74 48.11 -24.37
N TYR C 349 -4.53 48.87 -23.30
CA TYR C 349 -4.35 50.32 -23.42
C TYR C 349 -3.08 50.65 -24.18
N MET C 350 -1.96 50.05 -23.79
CA MET C 350 -0.69 50.35 -24.43
C MET C 350 -0.66 49.87 -25.88
N ALA C 351 -1.16 48.66 -26.12
CA ALA C 351 -1.18 48.14 -27.48
C ALA C 351 -2.07 48.97 -28.39
N LEU C 352 -3.26 49.33 -27.92
CA LEU C 352 -4.16 50.16 -28.72
C LEU C 352 -3.58 51.55 -28.97
N ALA C 353 -2.96 52.15 -27.96
CA ALA C 353 -2.30 53.44 -28.17
C ALA C 353 -1.17 53.35 -29.18
N ALA C 354 -0.36 52.30 -29.11
CA ALA C 354 0.73 52.12 -30.07
C ALA C 354 0.19 51.96 -31.49
N ILE C 355 -0.87 51.16 -31.66
CA ILE C 355 -1.44 50.97 -32.99
C ILE C 355 -2.04 52.27 -33.50
N LEU C 356 -2.76 53.01 -32.66
CA LEU C 356 -3.35 54.27 -33.09
C LEU C 356 -2.28 55.26 -33.50
N GLU C 357 -1.19 55.36 -32.71
CA GLU C 357 -0.12 56.28 -33.08
C GLU C 357 0.58 55.85 -34.36
N ALA C 358 0.78 54.54 -34.56
CA ALA C 358 1.39 54.09 -35.80
C ALA C 358 0.53 54.44 -37.00
N GLY C 359 -0.79 54.26 -36.89
CA GLY C 359 -1.68 54.64 -37.98
C GLY C 359 -1.69 56.14 -38.24
N LEU C 360 -1.79 56.94 -37.18
CA LEU C 360 -1.77 58.39 -37.33
C LEU C 360 -0.44 58.88 -37.88
N ASP C 361 0.66 58.16 -37.65
CA ASP C 361 1.93 58.51 -38.27
C ASP C 361 1.85 58.41 -39.78
N GLY C 362 1.21 57.36 -40.31
CA GLY C 362 0.97 57.29 -41.72
C GLY C 362 -0.07 58.26 -42.24
N ILE C 363 -0.99 58.68 -41.38
CA ILE C 363 -2.00 59.66 -41.81
C ILE C 363 -1.34 61.00 -42.11
N LYS C 364 -0.49 61.49 -41.22
CA LYS C 364 0.06 62.84 -41.36
C LYS C 364 1.32 62.89 -42.21
N ASN C 365 1.89 61.75 -42.58
CA ASN C 365 3.02 61.72 -43.50
C ASN C 365 2.64 61.26 -44.89
N LYS C 366 1.36 60.91 -45.11
CA LYS C 366 0.85 60.54 -46.44
C LYS C 366 1.67 59.42 -47.06
N LEU C 367 1.99 58.42 -46.25
CA LEU C 367 2.78 57.29 -46.72
C LEU C 367 2.00 56.49 -47.77
N LYS C 368 2.73 56.03 -48.78
CA LYS C 368 2.15 55.17 -49.81
C LYS C 368 2.15 53.72 -49.32
N VAL C 369 1.11 52.99 -49.71
CA VAL C 369 0.90 51.63 -49.22
C VAL C 369 1.61 50.65 -50.14
N PRO C 370 2.33 49.67 -49.61
CA PRO C 370 2.87 48.61 -50.44
C PRO C 370 1.74 47.78 -51.04
N GLU C 371 2.04 47.15 -52.17
CA GLU C 371 1.05 46.34 -52.86
C GLU C 371 0.62 45.18 -51.97
N PRO C 372 -0.69 44.92 -51.86
CA PRO C 372 -1.15 43.81 -51.03
C PRO C 372 -0.67 42.48 -51.60
N VAL C 373 -0.31 41.56 -50.70
CA VAL C 373 0.08 40.22 -51.11
C VAL C 373 -1.15 39.33 -51.02
N ASN C 374 -1.31 38.45 -52.02
CA ASN C 374 -2.45 37.56 -52.07
C ASN C 374 -2.07 36.09 -52.06
N GLN C 375 -0.82 35.75 -52.35
CA GLN C 375 -0.38 34.36 -52.36
C GLN C 375 -0.14 33.87 -50.94
N ILE C 390 8.53 42.43 -48.12
CA ILE C 390 7.89 41.73 -47.02
C ILE C 390 8.88 41.50 -45.89
N GLN C 391 8.81 42.35 -44.87
CA GLN C 391 9.70 42.25 -43.73
C GLN C 391 9.19 41.14 -42.80
N ASP C 392 9.87 40.94 -41.67
CA ASP C 392 9.52 39.90 -40.73
C ASP C 392 9.37 40.52 -39.34
N LEU C 393 8.42 40.00 -38.58
CA LEU C 393 8.28 40.41 -37.19
C LEU C 393 9.47 39.92 -36.38
N PRO C 394 9.81 40.61 -35.29
CA PRO C 394 10.90 40.12 -34.44
C PRO C 394 10.61 38.72 -33.92
N SER C 395 11.66 37.90 -33.86
CA SER C 395 11.51 36.49 -33.54
C SER C 395 11.55 36.19 -32.06
N THR C 396 12.12 37.05 -31.23
CA THR C 396 12.19 36.86 -29.79
C THR C 396 11.84 38.16 -29.09
N LEU C 397 11.63 38.07 -27.78
CA LEU C 397 11.38 39.27 -26.99
C LEU C 397 12.58 40.19 -26.99
N TYR C 398 13.79 39.62 -26.99
CA TYR C 398 15.00 40.44 -27.04
C TYR C 398 15.09 41.25 -28.33
N THR C 399 14.82 40.60 -29.46
CA THR C 399 14.87 41.30 -30.75
C THR C 399 13.78 42.36 -30.83
N ALA C 400 12.59 42.06 -30.31
CA ALA C 400 11.52 43.04 -30.28
C ALA C 400 11.86 44.24 -29.41
N LEU C 401 12.50 44.01 -28.26
CA LEU C 401 12.96 45.12 -27.44
C LEU C 401 14.01 45.95 -28.17
N LYS C 402 14.93 45.29 -28.88
CA LYS C 402 15.92 46.02 -29.66
C LYS C 402 15.25 46.89 -30.72
N ALA C 403 14.25 46.34 -31.42
CA ALA C 403 13.52 47.11 -32.42
C ALA C 403 12.68 48.21 -31.80
N MET C 404 12.24 48.05 -30.55
CA MET C 404 11.42 49.07 -29.91
C MET C 404 12.25 50.30 -29.55
N ARG C 405 13.52 50.11 -29.18
CA ARG C 405 14.40 51.23 -28.87
C ARG C 405 14.74 52.06 -30.11
N GLU C 406 14.63 51.50 -31.30
CA GLU C 406 15.01 52.19 -32.53
C GLU C 406 13.82 52.85 -33.22
N ASN C 407 12.64 52.77 -32.62
CA ASN C 407 11.43 53.37 -33.20
C ASN C 407 11.05 54.62 -32.41
N GLU C 408 10.84 55.72 -33.14
CA GLU C 408 10.44 56.97 -32.52
C GLU C 408 8.95 57.09 -32.30
N VAL C 409 8.14 56.37 -33.08
CA VAL C 409 6.69 56.46 -32.95
C VAL C 409 6.19 55.78 -31.67
N ILE C 410 6.74 54.62 -31.31
CA ILE C 410 6.29 53.94 -30.11
C ILE C 410 6.63 54.74 -28.85
N LYS C 411 7.80 55.39 -28.84
CA LYS C 411 8.17 56.23 -27.71
C LYS C 411 7.21 57.38 -27.52
N LYS C 412 6.77 58.01 -28.61
CA LYS C 412 5.77 59.07 -28.51
C LYS C 412 4.41 58.51 -28.12
N ALA C 413 4.08 57.31 -28.60
CA ALA C 413 2.80 56.70 -28.26
C ALA C 413 2.69 56.40 -26.77
N LEU C 414 3.75 55.87 -26.18
CA LEU C 414 3.70 55.44 -24.79
C LEU C 414 4.09 56.53 -23.80
N GLY C 415 4.78 57.57 -24.24
CA GLY C 415 5.36 58.53 -23.32
C GLY C 415 6.66 58.01 -22.75
N ASN C 416 7.42 58.92 -22.13
CA ASN C 416 8.75 58.55 -21.65
C ASN C 416 8.68 57.55 -20.50
N HIS C 417 7.79 57.78 -19.53
CA HIS C 417 7.77 56.95 -18.33
C HIS C 417 7.41 55.51 -18.64
N ILE C 418 6.30 55.29 -19.35
CA ILE C 418 5.86 53.94 -19.66
C ILE C 418 6.89 53.24 -20.54
N TYR C 419 7.41 53.95 -21.54
CA TYR C 419 8.43 53.40 -22.42
C TYR C 419 9.63 52.89 -21.63
N ASN C 420 10.18 53.74 -20.75
CA ASN C 420 11.36 53.34 -19.99
C ASN C 420 11.07 52.19 -19.03
N GLN C 421 9.95 52.26 -18.31
CA GLN C 421 9.64 51.19 -17.35
C GLN C 421 9.40 49.87 -18.07
N PHE C 422 8.68 49.89 -19.20
CA PHE C 422 8.44 48.68 -19.96
C PHE C 422 9.75 48.08 -20.46
N ILE C 423 10.63 48.92 -21.01
CA ILE C 423 11.89 48.40 -21.53
C ILE C 423 12.72 47.80 -20.40
N ASN C 424 12.80 48.47 -19.25
CA ASN C 424 13.60 47.95 -18.15
C ASN C 424 13.05 46.63 -17.62
N SER C 425 11.75 46.55 -17.36
CA SER C 425 11.16 45.33 -16.86
C SER C 425 11.27 44.18 -17.84
N LYS C 426 11.02 44.42 -19.13
CA LYS C 426 11.14 43.35 -20.11
C LYS C 426 12.58 42.91 -20.29
N SER C 427 13.54 43.84 -20.19
CA SER C 427 14.94 43.44 -20.25
C SER C 427 15.32 42.55 -19.07
N ILE C 428 14.84 42.89 -17.87
CA ILE C 428 15.11 42.04 -16.71
C ILE C 428 14.47 40.67 -16.91
N GLU C 429 13.24 40.63 -17.42
CA GLU C 429 12.56 39.36 -17.64
C GLU C 429 13.31 38.50 -18.65
N TRP C 430 13.78 39.12 -19.74
CA TRP C 430 14.55 38.36 -20.73
C TRP C 430 15.87 37.86 -20.16
N ASP C 431 16.53 38.68 -19.33
CA ASP C 431 17.77 38.22 -18.71
C ASP C 431 17.52 37.04 -17.78
N TYR C 432 16.40 37.05 -17.05
CA TYR C 432 16.04 35.89 -16.25
C TYR C 432 15.79 34.67 -17.12
N TYR C 433 15.09 34.84 -18.24
CA TYR C 433 14.77 33.70 -19.10
C TYR C 433 16.00 33.14 -19.80
N ARG C 434 16.96 34.00 -20.15
CA ARG C 434 18.10 33.60 -20.96
C ARG C 434 18.99 32.58 -20.27
N THR C 435 19.04 32.58 -18.94
CA THR C 435 19.98 31.74 -18.20
C THR C 435 19.40 30.41 -17.78
N GLN C 436 18.13 30.13 -18.09
CA GLN C 436 17.51 28.88 -17.67
C GLN C 436 17.97 27.72 -18.54
N VAL C 437 17.99 26.53 -17.95
CA VAL C 437 18.26 25.30 -18.67
C VAL C 437 16.97 24.51 -18.73
N SER C 438 16.46 24.28 -19.94
CA SER C 438 15.17 23.66 -20.12
C SER C 438 15.29 22.14 -20.22
N GLU C 439 14.15 21.48 -20.10
CA GLU C 439 14.13 20.02 -20.22
C GLU C 439 14.48 19.58 -21.64
N TRP C 440 14.20 20.41 -22.63
CA TRP C 440 14.57 20.09 -24.01
C TRP C 440 16.07 19.93 -24.15
N GLU C 441 16.83 20.82 -23.52
CA GLU C 441 18.29 20.74 -23.59
C GLU C 441 18.80 19.47 -22.92
N ARG C 442 18.23 19.11 -21.77
CA ARG C 442 18.66 17.89 -21.10
C ARG C 442 18.19 16.63 -21.81
N ASP C 443 17.16 16.71 -22.65
CA ASP C 443 16.75 15.57 -23.46
C ASP C 443 17.59 15.42 -24.72
N GLN C 444 17.94 16.52 -25.38
CA GLN C 444 18.80 16.43 -26.55
C GLN C 444 20.23 16.09 -26.17
N TYR C 445 20.75 16.73 -25.15
CA TYR C 445 22.09 16.53 -24.65
C TYR C 445 22.03 15.68 -23.38
N MET C 446 23.14 15.60 -22.65
CA MET C 446 23.21 14.96 -21.33
C MET C 446 23.24 13.44 -21.47
N LYS C 447 22.98 12.92 -22.66
CA LYS C 447 23.24 11.52 -22.94
C LYS C 447 23.99 11.41 -24.26
N GLN C 448 23.78 12.37 -25.15
CA GLN C 448 24.56 12.43 -26.38
C GLN C 448 25.96 12.99 -26.13
N TYR C 449 26.10 13.93 -25.20
CA TYR C 449 27.39 14.53 -24.90
C TYR C 449 27.78 14.27 -23.46
N PHE D 9 -60.94 -8.38 -22.76
CA PHE D 9 -60.57 -7.06 -23.22
C PHE D 9 -60.68 -6.94 -24.73
N THR D 10 -61.16 -5.79 -25.19
CA THR D 10 -61.26 -5.48 -26.61
C THR D 10 -60.33 -4.32 -26.95
N LYS D 11 -60.31 -3.96 -28.23
CA LYS D 11 -59.50 -2.82 -28.66
C LYS D 11 -59.94 -1.53 -27.98
N GLU D 12 -61.26 -1.33 -27.85
CA GLU D 12 -61.76 -0.14 -27.17
C GLU D 12 -61.30 -0.10 -25.71
N ASP D 13 -61.29 -1.26 -25.05
CA ASP D 13 -60.81 -1.31 -23.67
C ASP D 13 -59.35 -0.89 -23.57
N ILE D 14 -58.51 -1.37 -24.50
CA ILE D 14 -57.09 -1.03 -24.48
C ILE D 14 -56.90 0.46 -24.75
N ARG D 15 -57.64 1.00 -25.72
CA ARG D 15 -57.55 2.44 -25.99
C ARG D 15 -57.96 3.26 -24.78
N LYS D 16 -59.05 2.87 -24.14
CA LYS D 16 -59.52 3.57 -22.95
C LYS D 16 -58.49 3.50 -21.83
N PHE D 17 -57.88 2.32 -21.64
CA PHE D 17 -56.83 2.19 -20.63
C PHE D 17 -55.65 3.09 -20.95
N ALA D 18 -55.24 3.14 -22.22
CA ALA D 18 -54.11 3.97 -22.60
C ALA D 18 -54.37 5.45 -22.35
N GLU D 19 -55.57 5.94 -22.66
CA GLU D 19 -55.84 7.35 -22.42
C GLU D 19 -56.04 7.64 -20.94
N GLU D 20 -56.73 6.79 -20.19
CA GLU D 20 -57.05 7.11 -18.80
C GLU D 20 -55.89 6.85 -17.85
N GLU D 21 -54.97 5.94 -18.19
CA GLU D 21 -53.82 5.69 -17.35
C GLU D 21 -52.59 6.46 -17.79
N ASN D 22 -52.66 7.20 -18.89
CA ASN D 22 -51.56 7.99 -19.42
C ASN D 22 -50.34 7.10 -19.69
N VAL D 23 -50.60 5.98 -20.35
CA VAL D 23 -49.54 5.07 -20.75
C VAL D 23 -48.77 5.70 -21.91
N ARG D 24 -47.45 5.76 -21.79
CA ARG D 24 -46.61 6.37 -22.82
C ARG D 24 -45.96 5.35 -23.75
N TYR D 25 -45.69 4.14 -23.28
CA TYR D 25 -44.97 3.15 -24.08
C TYR D 25 -45.59 1.78 -23.90
N LEU D 26 -45.45 0.96 -24.95
CA LEU D 26 -45.95 -0.40 -24.97
C LEU D 26 -44.78 -1.36 -25.16
N ARG D 27 -44.75 -2.42 -24.37
CA ARG D 27 -43.77 -3.48 -24.52
C ARG D 27 -44.45 -4.71 -25.08
N LEU D 28 -44.13 -5.06 -26.31
CA LEU D 28 -44.65 -6.25 -26.96
C LEU D 28 -43.66 -7.38 -26.71
N GLN D 29 -44.01 -8.28 -25.80
CA GLN D 29 -43.05 -9.29 -25.36
C GLN D 29 -43.57 -10.68 -25.65
N PHE D 30 -42.63 -11.56 -26.02
CA PHE D 30 -42.91 -12.94 -26.36
C PHE D 30 -41.74 -13.79 -25.90
N THR D 31 -41.86 -15.09 -26.06
CA THR D 31 -40.91 -16.05 -25.53
C THR D 31 -40.31 -16.89 -26.65
N ASP D 32 -39.00 -17.12 -26.57
CA ASP D 32 -38.31 -17.96 -27.54
C ASP D 32 -38.35 -19.42 -27.08
N ILE D 33 -37.61 -20.28 -27.78
CA ILE D 33 -37.62 -21.70 -27.46
C ILE D 33 -36.96 -21.99 -26.12
N LEU D 34 -35.99 -21.18 -25.70
CA LEU D 34 -35.26 -21.41 -24.47
C LEU D 34 -35.97 -20.86 -23.24
N GLY D 35 -37.16 -20.30 -23.40
CA GLY D 35 -37.88 -19.72 -22.30
C GLY D 35 -37.51 -18.29 -21.96
N THR D 36 -36.55 -17.71 -22.68
CA THR D 36 -36.15 -16.33 -22.46
C THR D 36 -37.20 -15.40 -23.03
N ILE D 37 -37.60 -14.41 -22.26
CA ILE D 37 -38.61 -13.46 -22.69
C ILE D 37 -37.96 -12.36 -23.52
N LYS D 38 -38.48 -12.13 -24.72
CA LYS D 38 -37.97 -11.12 -25.63
C LYS D 38 -39.02 -10.05 -25.83
N ASN D 39 -38.59 -8.80 -26.00
CA ASN D 39 -39.55 -7.71 -26.14
C ASN D 39 -38.96 -6.58 -26.98
N VAL D 40 -39.85 -5.74 -27.49
CA VAL D 40 -39.50 -4.49 -28.13
C VAL D 40 -40.44 -3.41 -27.59
N GLU D 41 -39.89 -2.24 -27.29
CA GLU D 41 -40.65 -1.14 -26.72
C GLU D 41 -41.08 -0.19 -27.82
N VAL D 42 -42.34 0.22 -27.79
CA VAL D 42 -42.96 1.00 -28.84
C VAL D 42 -43.71 2.17 -28.23
N PRO D 43 -43.59 3.38 -28.78
CA PRO D 43 -44.35 4.51 -28.24
C PRO D 43 -45.84 4.29 -28.44
N VAL D 44 -46.63 4.85 -27.52
CA VAL D 44 -48.08 4.66 -27.57
C VAL D 44 -48.72 5.25 -28.82
N SER D 45 -48.00 6.09 -29.55
CA SER D 45 -48.51 6.61 -30.82
C SER D 45 -48.62 5.54 -31.89
N GLN D 46 -48.02 4.37 -31.68
CA GLN D 46 -48.16 3.23 -32.58
C GLN D 46 -49.18 2.23 -32.08
N LEU D 47 -50.10 2.66 -31.22
CA LEU D 47 -51.08 1.75 -30.66
C LEU D 47 -51.98 1.15 -31.74
N GLU D 48 -52.40 1.96 -32.71
CA GLU D 48 -53.22 1.44 -33.79
C GLU D 48 -52.49 0.41 -34.62
N LYS D 49 -51.21 0.65 -34.92
CA LYS D 49 -50.42 -0.34 -35.64
C LYS D 49 -50.28 -1.62 -34.82
N VAL D 50 -50.07 -1.50 -33.51
CA VAL D 50 -49.93 -2.68 -32.66
C VAL D 50 -51.23 -3.49 -32.66
N LEU D 51 -52.37 -2.82 -32.50
CA LEU D 51 -53.65 -3.50 -32.44
C LEU D 51 -54.07 -4.09 -33.78
N ASP D 52 -53.47 -3.66 -34.88
CA ASP D 52 -53.77 -4.23 -36.19
C ASP D 52 -52.86 -5.39 -36.55
N ASN D 53 -52.05 -5.88 -35.60
CA ASN D 53 -51.20 -7.04 -35.81
C ASN D 53 -50.20 -6.82 -36.94
N GLU D 54 -49.70 -5.59 -37.04
CA GLU D 54 -48.79 -5.23 -38.13
C GLU D 54 -47.35 -5.01 -37.65
N MET D 55 -47.06 -5.28 -36.39
CA MET D 55 -45.71 -5.13 -35.88
C MET D 55 -44.82 -6.25 -36.42
N MET D 56 -43.56 -5.92 -36.69
CA MET D 56 -42.63 -6.83 -37.33
C MET D 56 -41.34 -6.90 -36.54
N PHE D 57 -40.68 -8.06 -36.60
CA PHE D 57 -39.34 -8.22 -36.07
C PHE D 57 -38.57 -9.20 -36.96
N ASP D 58 -37.31 -9.45 -36.61
CA ASP D 58 -36.44 -10.21 -37.49
C ASP D 58 -36.76 -11.70 -37.47
N GLY D 59 -36.57 -12.34 -36.32
CA GLY D 59 -36.80 -13.76 -36.24
C GLY D 59 -35.54 -14.59 -36.42
N SER D 60 -34.70 -14.19 -37.38
CA SER D 60 -33.45 -14.90 -37.60
C SER D 60 -32.43 -14.64 -36.49
N SER D 61 -32.64 -13.59 -35.69
CA SER D 61 -31.76 -13.27 -34.59
C SER D 61 -32.22 -13.87 -33.27
N ILE D 62 -33.29 -14.68 -33.28
CA ILE D 62 -33.88 -15.22 -32.07
C ILE D 62 -33.88 -16.74 -32.17
N GLU D 63 -33.50 -17.40 -31.08
CA GLU D 63 -33.46 -18.86 -31.03
C GLU D 63 -34.83 -19.48 -31.29
N ASP D 72 -38.62 -12.82 -40.68
CA ASP D 72 -39.63 -11.87 -41.09
C ASP D 72 -40.98 -12.26 -40.50
N MET D 73 -41.22 -11.88 -39.25
CA MET D 73 -42.34 -12.38 -38.48
C MET D 73 -43.25 -11.24 -38.04
N TYR D 74 -44.42 -11.61 -37.51
CA TYR D 74 -45.45 -10.67 -37.10
C TYR D 74 -45.80 -10.90 -35.65
N LEU D 75 -46.10 -9.83 -34.93
CA LEU D 75 -46.50 -9.90 -33.53
C LEU D 75 -48.01 -9.68 -33.44
N HIS D 76 -48.70 -10.62 -32.81
CA HIS D 76 -50.16 -10.54 -32.62
C HIS D 76 -50.44 -10.46 -31.12
N PRO D 77 -50.70 -9.28 -30.57
CA PRO D 77 -50.88 -9.16 -29.13
C PRO D 77 -52.11 -9.90 -28.63
N ASP D 78 -51.99 -10.45 -27.43
CA ASP D 78 -53.11 -11.06 -26.73
C ASP D 78 -53.63 -10.00 -25.75
N LEU D 79 -54.79 -9.44 -26.06
CA LEU D 79 -55.28 -8.27 -25.35
C LEU D 79 -55.63 -8.55 -23.90
N ASP D 80 -55.90 -9.80 -23.53
CA ASP D 80 -56.20 -10.12 -22.15
C ASP D 80 -54.97 -10.02 -21.25
N THR D 81 -53.77 -9.95 -21.83
CA THR D 81 -52.53 -9.90 -21.07
C THR D 81 -52.09 -8.47 -20.77
N TRP D 82 -52.96 -7.49 -20.98
CA TRP D 82 -52.63 -6.10 -20.68
C TRP D 82 -52.34 -5.92 -19.20
N VAL D 83 -51.22 -5.25 -18.90
CA VAL D 83 -50.85 -4.93 -17.53
C VAL D 83 -49.78 -3.85 -17.59
N ILE D 84 -49.77 -3.00 -16.57
CA ILE D 84 -48.88 -1.84 -16.51
C ILE D 84 -47.78 -2.12 -15.49
N PHE D 85 -46.54 -1.90 -15.89
CA PHE D 85 -45.42 -2.08 -14.97
C PHE D 85 -45.37 -0.91 -13.99
N PRO D 86 -45.52 -1.16 -12.69
CA PRO D 86 -45.51 -0.05 -11.72
C PRO D 86 -44.12 0.37 -11.30
N TRP D 87 -43.21 0.52 -12.25
CA TRP D 87 -41.87 1.00 -11.94
C TRP D 87 -41.25 1.72 -13.13
N GLY D 92 -41.60 7.63 -17.97
CA GLY D 92 -42.66 7.22 -18.87
C GLY D 92 -43.28 5.88 -18.49
N LYS D 93 -44.58 5.90 -18.24
CA LYS D 93 -45.29 4.69 -17.85
C LYS D 93 -45.31 3.68 -18.98
N VAL D 94 -45.10 2.42 -18.64
CA VAL D 94 -44.99 1.34 -19.62
C VAL D 94 -46.03 0.29 -19.30
N ALA D 95 -46.80 -0.11 -20.31
CA ALA D 95 -47.65 -1.29 -20.26
C ALA D 95 -47.10 -2.33 -21.21
N ARG D 96 -47.58 -3.57 -21.07
CA ARG D 96 -47.07 -4.65 -21.90
C ARG D 96 -48.23 -5.47 -22.44
N LEU D 97 -47.97 -6.13 -23.56
CA LEU D 97 -48.87 -7.11 -24.15
C LEU D 97 -48.05 -8.31 -24.56
N ILE D 98 -48.50 -9.49 -24.17
CA ILE D 98 -47.86 -10.75 -24.57
C ILE D 98 -48.41 -11.13 -25.94
N CYS D 99 -47.50 -11.32 -26.89
CA CYS D 99 -47.88 -11.48 -28.29
C CYS D 99 -47.56 -12.89 -28.77
N ASP D 100 -48.34 -13.34 -29.76
CA ASP D 100 -48.05 -14.56 -30.49
C ASP D 100 -47.30 -14.21 -31.76
N VAL D 101 -46.47 -15.14 -32.22
CA VAL D 101 -45.65 -14.93 -33.41
C VAL D 101 -46.37 -15.57 -34.60
N TYR D 102 -46.65 -14.77 -35.62
CA TYR D 102 -47.31 -15.23 -36.82
C TYR D 102 -46.39 -15.06 -38.02
N LYS D 103 -46.66 -15.85 -39.05
CA LYS D 103 -45.93 -15.73 -40.30
C LYS D 103 -46.57 -14.65 -41.17
N THR D 104 -46.01 -14.44 -42.36
CA THR D 104 -46.52 -13.41 -43.25
C THR D 104 -47.87 -13.77 -43.86
N ASP D 105 -48.29 -15.03 -43.78
CA ASP D 105 -49.56 -15.47 -44.35
C ASP D 105 -50.69 -15.45 -43.35
N GLY D 106 -50.46 -14.93 -42.14
CA GLY D 106 -51.49 -14.85 -41.14
C GLY D 106 -51.68 -16.09 -40.29
N THR D 107 -50.91 -17.14 -40.53
CA THR D 107 -51.00 -18.32 -39.70
C THR D 107 -49.95 -18.28 -38.61
N PRO D 108 -50.26 -18.83 -37.43
CA PRO D 108 -49.28 -18.80 -36.34
C PRO D 108 -48.02 -19.56 -36.69
N PHE D 109 -46.88 -19.03 -36.22
CA PHE D 109 -45.60 -19.67 -36.48
C PHE D 109 -45.53 -20.98 -35.71
N GLU D 110 -45.12 -22.04 -36.39
CA GLU D 110 -45.10 -23.37 -35.79
C GLU D 110 -44.01 -23.54 -34.74
N GLY D 111 -43.07 -22.60 -34.66
CA GLY D 111 -42.01 -22.70 -33.66
C GLY D 111 -42.23 -21.82 -32.45
N ASP D 112 -43.40 -21.23 -32.34
CA ASP D 112 -43.73 -20.39 -31.18
C ASP D 112 -44.30 -21.25 -30.06
N PRO D 113 -43.64 -21.33 -28.90
CA PRO D 113 -44.14 -22.21 -27.84
C PRO D 113 -45.54 -21.88 -27.35
N ARG D 114 -45.90 -20.60 -27.25
CA ARG D 114 -47.22 -20.21 -26.77
C ARG D 114 -48.33 -20.64 -27.72
N ALA D 115 -48.14 -20.41 -29.03
CA ALA D 115 -49.10 -20.90 -30.01
C ALA D 115 -49.14 -22.43 -30.04
N ASN D 116 -48.02 -23.08 -29.75
CA ASN D 116 -48.00 -24.54 -29.64
C ASN D 116 -48.90 -25.00 -28.49
N LEU D 117 -48.77 -24.37 -27.33
CA LEU D 117 -49.62 -24.71 -26.20
C LEU D 117 -51.08 -24.43 -26.50
N LYS D 118 -51.38 -23.34 -27.20
CA LYS D 118 -52.77 -23.05 -27.55
C LYS D 118 -53.37 -24.15 -28.42
N ARG D 119 -52.63 -24.65 -29.41
CA ARG D 119 -53.19 -25.68 -30.27
C ARG D 119 -53.22 -27.05 -29.59
N VAL D 120 -52.31 -27.31 -28.66
CA VAL D 120 -52.44 -28.53 -27.85
C VAL D 120 -53.71 -28.46 -27.00
N LEU D 121 -53.99 -27.30 -26.41
CA LEU D 121 -55.24 -27.13 -25.66
C LEU D 121 -56.46 -27.27 -26.56
N LYS D 122 -56.37 -26.76 -27.79
CA LYS D 122 -57.47 -26.92 -28.74
C LYS D 122 -57.72 -28.39 -29.06
N GLU D 123 -56.65 -29.16 -29.25
CA GLU D 123 -56.82 -30.60 -29.45
C GLU D 123 -57.39 -31.28 -28.21
N MET D 124 -56.98 -30.82 -27.03
CA MET D 124 -57.55 -31.36 -25.80
C MET D 124 -59.04 -31.13 -25.72
N GLU D 125 -59.50 -29.95 -26.12
CA GLU D 125 -60.93 -29.62 -26.07
C GLU D 125 -61.79 -30.56 -26.90
N ASP D 126 -61.22 -31.24 -27.90
CA ASP D 126 -62.00 -32.19 -28.68
C ASP D 126 -62.33 -33.45 -27.90
N LEU D 127 -61.66 -33.70 -26.79
CA LEU D 127 -61.92 -34.86 -25.95
C LEU D 127 -62.98 -34.60 -24.89
N GLY D 128 -63.59 -33.41 -24.88
CA GLY D 128 -64.59 -33.05 -23.90
C GLY D 128 -64.09 -32.21 -22.75
N PHE D 129 -62.77 -32.15 -22.56
CA PHE D 129 -62.20 -31.35 -21.49
C PHE D 129 -62.18 -29.89 -21.89
N THR D 130 -62.81 -29.04 -21.07
CA THR D 130 -62.95 -27.63 -21.41
C THR D 130 -61.90 -26.73 -20.78
N ASP D 131 -61.07 -27.25 -19.88
CA ASP D 131 -60.12 -26.39 -19.20
C ASP D 131 -58.96 -27.21 -18.68
N PHE D 132 -57.85 -26.53 -18.41
CA PHE D 132 -56.64 -27.16 -17.89
C PHE D 132 -55.90 -26.14 -17.03
N ASN D 133 -55.92 -26.34 -15.73
CA ASN D 133 -55.37 -25.38 -14.78
C ASN D 133 -53.95 -25.77 -14.39
N LEU D 134 -53.13 -24.75 -14.09
CA LEU D 134 -51.76 -24.98 -13.69
C LEU D 134 -51.44 -24.09 -12.50
N GLY D 135 -51.09 -24.71 -11.37
CA GLY D 135 -50.57 -23.99 -10.24
C GLY D 135 -49.09 -24.24 -10.06
N PRO D 136 -48.26 -23.30 -10.49
CA PRO D 136 -46.81 -23.45 -10.35
C PRO D 136 -46.30 -22.82 -9.06
N GLU D 137 -45.11 -23.24 -8.67
CA GLU D 137 -44.44 -22.71 -7.48
C GLU D 137 -42.94 -22.70 -7.70
N PRO D 138 -42.43 -21.73 -8.45
CA PRO D 138 -40.99 -21.64 -8.66
C PRO D 138 -40.26 -21.11 -7.43
N GLU D 139 -38.99 -21.47 -7.35
CA GLU D 139 -38.12 -21.04 -6.28
C GLU D 139 -36.88 -20.38 -6.89
N PHE D 140 -36.29 -19.45 -6.16
CA PHE D 140 -35.17 -18.70 -6.69
C PHE D 140 -34.16 -18.41 -5.58
N PHE D 141 -32.92 -18.20 -5.98
CA PHE D 141 -31.87 -17.77 -5.06
C PHE D 141 -31.63 -16.27 -5.20
N LEU D 142 -31.13 -15.68 -4.13
CA LEU D 142 -30.70 -14.29 -4.13
C LEU D 142 -29.21 -14.24 -3.83
N PHE D 143 -28.46 -13.56 -4.69
CA PHE D 143 -27.02 -13.41 -4.53
C PHE D 143 -26.66 -11.94 -4.39
N LYS D 144 -25.63 -11.66 -3.62
CA LYS D 144 -25.18 -10.28 -3.44
C LYS D 144 -24.44 -9.80 -4.68
N LEU D 145 -24.65 -8.53 -5.02
CA LEU D 145 -23.90 -7.89 -6.08
C LEU D 145 -22.62 -7.27 -5.53
N ASP D 146 -21.67 -7.04 -6.41
CA ASP D 146 -20.43 -6.37 -6.04
C ASP D 146 -20.56 -4.87 -6.35
N GLU D 147 -19.44 -4.15 -6.22
CA GLU D 147 -19.46 -2.71 -6.48
C GLU D 147 -19.73 -2.43 -7.95
N LYS D 148 -19.16 -3.24 -8.85
CA LYS D 148 -19.35 -3.02 -10.28
C LYS D 148 -20.74 -3.41 -10.75
N GLY D 149 -21.52 -4.10 -9.92
CA GLY D 149 -22.85 -4.53 -10.30
C GLY D 149 -22.95 -5.95 -10.79
N GLU D 150 -21.90 -6.74 -10.67
CA GLU D 150 -21.93 -8.13 -11.07
C GLU D 150 -22.30 -9.03 -9.88
N PRO D 151 -23.04 -10.10 -10.12
CA PRO D 151 -23.36 -11.03 -9.04
C PRO D 151 -22.11 -11.72 -8.51
N THR D 152 -22.07 -11.92 -7.20
CA THR D 152 -21.01 -12.68 -6.58
C THR D 152 -21.52 -14.10 -6.31
N LEU D 153 -20.71 -14.89 -5.60
CA LEU D 153 -21.07 -16.25 -5.26
C LEU D 153 -21.60 -16.38 -3.84
N GLU D 154 -21.78 -15.28 -3.13
CA GLU D 154 -22.23 -15.32 -1.76
C GLU D 154 -23.71 -14.99 -1.67
N LEU D 155 -24.43 -15.77 -0.88
CA LEU D 155 -25.88 -15.65 -0.78
C LEU D 155 -26.25 -14.48 0.12
N ASN D 156 -27.50 -14.04 -0.01
CA ASN D 156 -27.94 -12.87 0.75
C ASN D 156 -28.02 -13.14 2.25
N ASP D 157 -28.27 -14.39 2.64
CA ASP D 157 -28.35 -14.73 4.06
C ASP D 157 -27.94 -16.18 4.23
N ASP D 158 -28.14 -16.71 5.43
CA ASP D 158 -27.86 -18.09 5.77
C ASP D 158 -29.04 -18.69 6.51
N GLY D 159 -30.25 -18.32 6.08
CA GLY D 159 -31.47 -18.78 6.72
C GLY D 159 -31.90 -20.16 6.24
N GLY D 160 -32.93 -20.67 6.89
CA GLY D 160 -33.46 -21.97 6.56
C GLY D 160 -34.93 -21.93 6.21
N TYR D 161 -35.60 -23.08 6.31
CA TYR D 161 -37.00 -23.17 5.95
C TYR D 161 -37.86 -22.44 6.97
N PHE D 162 -38.73 -21.55 6.48
CA PHE D 162 -39.66 -20.78 7.31
C PHE D 162 -38.93 -19.92 8.35
N ASP D 163 -37.70 -19.52 8.03
CA ASP D 163 -36.92 -18.68 8.93
C ASP D 163 -37.39 -17.23 8.83
N LEU D 164 -37.10 -16.46 9.86
CA LEU D 164 -37.48 -15.06 9.91
C LEU D 164 -36.27 -14.19 10.22
N ALA D 165 -36.43 -12.89 9.99
CA ALA D 165 -35.38 -11.92 10.20
C ALA D 165 -35.02 -11.83 11.68
N PRO D 166 -33.75 -11.50 12.01
CA PRO D 166 -32.66 -11.17 11.10
C PRO D 166 -31.91 -12.37 10.54
N THR D 167 -32.37 -13.59 10.83
CA THR D 167 -31.84 -14.76 10.16
C THR D 167 -32.23 -14.82 8.70
N ASP D 168 -33.46 -14.42 8.38
CA ASP D 168 -33.94 -14.27 7.01
C ASP D 168 -33.73 -12.82 6.60
N LEU D 169 -32.67 -12.56 5.84
CA LEU D 169 -32.37 -11.21 5.36
C LEU D 169 -33.04 -10.89 4.04
N GLY D 170 -33.78 -11.82 3.45
CA GLY D 170 -34.48 -11.55 2.21
C GLY D 170 -35.91 -11.11 2.43
N GLU D 171 -36.24 -10.79 3.68
CA GLU D 171 -37.61 -10.46 4.02
C GLU D 171 -38.08 -9.20 3.31
N ASN D 172 -37.25 -8.16 3.29
CA ASN D 172 -37.65 -6.90 2.66
C ASN D 172 -37.75 -7.04 1.15
N CYS D 173 -36.77 -7.70 0.53
CA CYS D 173 -36.82 -7.88 -0.92
C CYS D 173 -38.02 -8.72 -1.33
N ARG D 174 -38.29 -9.80 -0.58
CA ARG D 174 -39.44 -10.63 -0.85
C ARG D 174 -40.75 -9.88 -0.66
N ARG D 175 -40.83 -9.04 0.39
CA ARG D 175 -42.02 -8.22 0.59
C ARG D 175 -42.24 -7.24 -0.54
N ASP D 176 -41.18 -6.60 -1.02
CA ASP D 176 -41.32 -5.70 -2.15
C ASP D 176 -41.70 -6.42 -3.43
N ILE D 177 -41.18 -7.63 -3.64
CA ILE D 177 -41.62 -8.41 -4.79
C ILE D 177 -43.11 -8.71 -4.70
N VAL D 178 -43.58 -9.12 -3.52
CA VAL D 178 -45.00 -9.42 -3.36
C VAL D 178 -45.84 -8.17 -3.57
N LEU D 179 -45.39 -7.04 -3.03
CA LEU D 179 -46.09 -5.77 -3.22
C LEU D 179 -46.18 -5.40 -4.69
N GLU D 180 -45.09 -5.55 -5.43
CA GLU D 180 -45.06 -5.24 -6.84
C GLU D 180 -45.96 -6.18 -7.64
N LEU D 181 -45.97 -7.46 -7.29
CA LEU D 181 -46.81 -8.43 -8.00
C LEU D 181 -48.28 -8.18 -7.74
N GLU D 182 -48.65 -7.79 -6.51
CA GLU D 182 -50.06 -7.53 -6.22
C GLU D 182 -50.59 -6.34 -7.01
N ASP D 183 -49.77 -5.32 -7.23
CA ASP D 183 -50.19 -4.20 -8.07
C ASP D 183 -50.43 -4.63 -9.51
N MET D 184 -49.80 -5.73 -9.93
CA MET D 184 -49.92 -6.21 -11.31
C MET D 184 -51.04 -7.23 -11.48
N GLY D 185 -51.83 -7.47 -10.44
CA GLY D 185 -52.97 -8.36 -10.57
C GLY D 185 -52.72 -9.81 -10.20
N PHE D 186 -51.56 -10.12 -9.61
CA PHE D 186 -51.35 -11.47 -9.11
C PHE D 186 -52.17 -11.68 -7.84
N ASP D 187 -52.51 -12.93 -7.58
CA ASP D 187 -53.13 -13.33 -6.32
C ASP D 187 -52.09 -14.14 -5.56
N ILE D 188 -51.35 -13.46 -4.68
CA ILE D 188 -50.26 -14.09 -3.92
C ILE D 188 -50.87 -14.89 -2.78
N GLU D 189 -50.36 -16.10 -2.58
CA GLU D 189 -50.87 -16.99 -1.54
C GLU D 189 -49.97 -17.03 -0.31
N ALA D 190 -48.65 -17.14 -0.51
CA ALA D 190 -47.74 -17.22 0.62
C ALA D 190 -46.34 -16.85 0.14
N SER D 191 -45.50 -16.45 1.09
CA SER D 191 -44.10 -16.18 0.82
C SER D 191 -43.29 -16.56 2.05
N HIS D 192 -42.16 -17.23 1.84
CA HIS D 192 -41.36 -17.71 2.96
C HIS D 192 -39.95 -18.00 2.48
N HIS D 193 -39.04 -18.09 3.44
CA HIS D 193 -37.70 -18.56 3.17
C HIS D 193 -37.73 -20.04 2.88
N GLU D 194 -36.86 -20.47 1.97
CA GLU D 194 -36.82 -21.87 1.54
C GLU D 194 -35.69 -22.60 2.27
N VAL D 195 -35.55 -23.89 1.96
CA VAL D 195 -34.66 -24.76 2.71
C VAL D 195 -33.21 -24.29 2.59
N ALA D 196 -32.75 -24.05 1.37
CA ALA D 196 -31.37 -23.67 1.17
C ALA D 196 -31.12 -22.25 1.67
N PRO D 197 -29.89 -21.95 2.06
CA PRO D 197 -29.55 -20.56 2.38
C PRO D 197 -29.72 -19.67 1.16
N GLY D 198 -30.33 -18.51 1.35
CA GLY D 198 -30.55 -17.60 0.25
C GLY D 198 -31.64 -17.99 -0.72
N GLN D 199 -32.40 -19.04 -0.43
CA GLN D 199 -33.43 -19.53 -1.33
C GLN D 199 -34.79 -19.07 -0.83
N HIS D 200 -35.64 -18.63 -1.75
CA HIS D 200 -36.91 -18.01 -1.42
C HIS D 200 -38.02 -18.55 -2.32
N GLU D 201 -39.24 -18.53 -1.80
CA GLU D 201 -40.41 -18.99 -2.53
C GLU D 201 -41.55 -18.01 -2.33
N ILE D 202 -42.18 -17.61 -3.44
CA ILE D 202 -43.41 -16.83 -3.41
C ILE D 202 -44.47 -17.60 -4.20
N ASP D 203 -45.61 -17.83 -3.57
CA ASP D 203 -46.66 -18.66 -4.12
C ASP D 203 -47.82 -17.81 -4.63
N PHE D 204 -48.30 -18.11 -5.83
CA PHE D 204 -49.50 -17.50 -6.36
C PHE D 204 -50.43 -18.60 -6.86
N LYS D 205 -51.72 -18.31 -6.81
CA LYS D 205 -52.72 -19.35 -7.05
C LYS D 205 -52.78 -19.73 -8.51
N TYR D 206 -53.43 -20.85 -8.79
CA TYR D 206 -53.50 -21.40 -10.13
C TYR D 206 -54.29 -20.50 -11.06
N ALA D 207 -54.12 -20.73 -12.35
CA ALA D 207 -54.87 -20.06 -13.39
C ALA D 207 -54.99 -21.02 -14.57
N ASP D 208 -55.60 -20.54 -15.65
CA ASP D 208 -55.67 -21.35 -16.85
C ASP D 208 -54.26 -21.54 -17.43
N ALA D 209 -54.13 -22.55 -18.29
CA ALA D 209 -52.80 -22.98 -18.73
C ALA D 209 -52.01 -21.84 -19.34
N VAL D 210 -52.60 -21.14 -20.31
CA VAL D 210 -51.87 -20.07 -21.00
C VAL D 210 -51.56 -18.93 -20.04
N THR D 211 -52.54 -18.50 -19.26
CA THR D 211 -52.28 -17.41 -18.34
C THR D 211 -51.40 -17.84 -17.17
N ALA D 212 -51.38 -19.13 -16.83
CA ALA D 212 -50.44 -19.59 -15.82
C ALA D 212 -49.00 -19.53 -16.34
N CYS D 213 -48.78 -19.93 -17.59
CA CYS D 213 -47.45 -19.78 -18.16
C CYS D 213 -47.04 -18.31 -18.30
N ASP D 214 -47.99 -17.45 -18.68
CA ASP D 214 -47.74 -16.02 -18.68
C ASP D 214 -47.40 -15.52 -17.29
N ASN D 215 -48.08 -16.03 -16.26
CA ASN D 215 -47.76 -15.66 -14.89
C ASN D 215 -46.35 -16.07 -14.51
N ILE D 216 -45.91 -17.26 -14.91
CA ILE D 216 -44.54 -17.67 -14.63
C ILE D 216 -43.55 -16.73 -15.29
N GLN D 217 -43.77 -16.43 -16.57
CA GLN D 217 -42.86 -15.55 -17.28
C GLN D 217 -42.82 -14.17 -16.65
N THR D 218 -43.97 -13.61 -16.29
CA THR D 218 -44.01 -12.30 -15.66
C THR D 218 -43.39 -12.32 -14.27
N PHE D 219 -43.62 -13.39 -13.52
CA PHE D 219 -43.09 -13.53 -12.18
C PHE D 219 -41.57 -13.52 -12.19
N LYS D 220 -40.96 -14.24 -13.13
CA LYS D 220 -39.50 -14.27 -13.17
C LYS D 220 -38.92 -12.88 -13.40
N LEU D 221 -39.46 -12.13 -14.37
CA LEU D 221 -38.94 -10.80 -14.64
C LEU D 221 -39.21 -9.82 -13.52
N VAL D 222 -40.37 -9.90 -12.86
CA VAL D 222 -40.63 -9.03 -11.73
C VAL D 222 -39.66 -9.32 -10.60
N VAL D 223 -39.43 -10.61 -10.32
CA VAL D 223 -38.50 -10.98 -9.26
C VAL D 223 -37.11 -10.45 -9.57
N LYS D 224 -36.65 -10.63 -10.81
CA LYS D 224 -35.31 -10.17 -11.17
C LYS D 224 -35.18 -8.65 -11.08
N THR D 225 -36.17 -7.91 -11.58
CA THR D 225 -36.11 -6.45 -11.51
C THR D 225 -36.11 -5.95 -10.07
N ILE D 226 -37.03 -6.46 -9.24
CA ILE D 226 -37.09 -5.97 -7.87
C ILE D 226 -35.86 -6.38 -7.09
N ALA D 227 -35.31 -7.58 -7.33
CA ALA D 227 -34.07 -7.96 -6.68
C ALA D 227 -32.93 -7.04 -7.09
N ARG D 228 -32.85 -6.67 -8.37
CA ARG D 228 -31.85 -5.72 -8.80
C ARG D 228 -32.01 -4.39 -8.08
N LYS D 229 -33.25 -3.97 -7.80
CA LYS D 229 -33.46 -2.73 -7.06
C LYS D 229 -32.92 -2.83 -5.63
N HIS D 230 -32.77 -4.04 -5.09
CA HIS D 230 -32.28 -4.24 -3.74
C HIS D 230 -30.80 -4.60 -3.70
N ASN D 231 -30.05 -4.29 -4.75
CA ASN D 231 -28.64 -4.62 -4.85
C ASN D 231 -28.41 -6.12 -4.70
N LEU D 232 -29.33 -6.91 -5.25
CA LEU D 232 -29.26 -8.36 -5.20
C LEU D 232 -29.45 -8.90 -6.61
N HIS D 233 -28.94 -10.11 -6.84
CA HIS D 233 -29.12 -10.80 -8.11
C HIS D 233 -30.00 -12.01 -7.88
N ALA D 234 -31.13 -12.06 -8.58
CA ALA D 234 -32.04 -13.19 -8.51
C ALA D 234 -31.76 -14.15 -9.64
N THR D 235 -31.67 -15.43 -9.33
CA THR D 235 -31.42 -16.44 -10.35
C THR D 235 -32.39 -17.60 -10.15
N PHE D 236 -32.88 -18.13 -11.27
CA PHE D 236 -33.70 -19.34 -11.27
C PHE D 236 -32.91 -20.54 -11.76
N MET D 237 -31.59 -20.48 -11.66
CA MET D 237 -30.74 -21.63 -11.96
C MET D 237 -31.11 -22.79 -11.04
N PRO D 238 -31.27 -24.01 -11.56
CA PRO D 238 -31.73 -25.11 -10.72
C PRO D 238 -30.82 -25.42 -9.54
N LYS D 239 -29.53 -25.62 -9.80
CA LYS D 239 -28.56 -25.97 -8.75
C LYS D 239 -27.35 -25.04 -8.85
N PRO D 240 -27.44 -23.82 -8.32
CA PRO D 240 -26.30 -22.91 -8.42
C PRO D 240 -25.10 -23.29 -7.57
N LEU D 241 -25.29 -24.00 -6.46
CA LEU D 241 -24.19 -24.35 -5.59
C LEU D 241 -24.27 -25.82 -5.21
N PHE D 242 -23.10 -26.45 -5.07
CA PHE D 242 -23.03 -27.84 -4.64
C PHE D 242 -23.29 -27.96 -3.14
N GLY D 243 -23.85 -29.08 -2.74
CA GLY D 243 -24.12 -29.34 -1.34
C GLY D 243 -25.27 -28.55 -0.76
N VAL D 244 -26.10 -27.96 -1.61
CA VAL D 244 -27.18 -27.07 -1.20
C VAL D 244 -28.41 -27.43 -2.02
N ASN D 245 -29.58 -27.31 -1.39
CA ASN D 245 -30.83 -27.65 -2.06
C ASN D 245 -30.99 -26.85 -3.36
N GLY D 246 -31.54 -27.51 -4.37
CA GLY D 246 -31.84 -26.86 -5.63
C GLY D 246 -33.21 -26.22 -5.64
N SER D 247 -33.52 -25.58 -6.76
CA SER D 247 -34.80 -24.90 -6.95
C SER D 247 -35.68 -25.71 -7.89
N GLY D 248 -36.94 -25.90 -7.50
CA GLY D 248 -37.89 -26.60 -8.32
C GLY D 248 -39.07 -25.70 -8.70
N MET D 249 -39.83 -26.17 -9.68
CA MET D 249 -41.00 -25.46 -10.19
C MET D 249 -42.16 -26.45 -10.36
N HIS D 250 -42.47 -27.15 -9.27
CA HIS D 250 -43.56 -28.13 -9.25
C HIS D 250 -44.78 -27.62 -10.01
N PHE D 251 -45.36 -28.49 -10.84
CA PHE D 251 -46.53 -28.17 -11.64
C PHE D 251 -47.74 -28.88 -11.04
N ASN D 252 -48.71 -28.10 -10.57
CA ASN D 252 -49.99 -28.62 -10.11
C ASN D 252 -51.00 -28.49 -11.25
N VAL D 253 -51.56 -29.61 -11.69
CA VAL D 253 -52.41 -29.63 -12.87
C VAL D 253 -53.72 -30.33 -12.54
N SER D 254 -54.82 -29.79 -13.06
CA SER D 254 -56.13 -30.39 -12.89
C SER D 254 -56.95 -30.13 -14.15
N LEU D 255 -57.74 -31.13 -14.55
CA LEU D 255 -58.59 -31.05 -15.73
C LEU D 255 -60.02 -30.76 -15.33
N PHE D 256 -60.71 -29.98 -16.15
CA PHE D 256 -62.10 -29.62 -15.92
C PHE D 256 -62.93 -29.88 -17.18
N LYS D 257 -64.14 -30.37 -16.99
CA LYS D 257 -65.14 -30.38 -18.07
C LYS D 257 -66.34 -29.58 -17.60
N GLY D 258 -66.20 -28.26 -17.60
CA GLY D 258 -67.32 -27.37 -17.38
C GLY D 258 -67.52 -27.18 -15.89
N LYS D 259 -67.03 -26.07 -15.33
CA LYS D 259 -67.26 -25.69 -13.92
C LYS D 259 -67.18 -26.89 -12.96
N GLU D 260 -66.38 -27.89 -13.31
CA GLU D 260 -66.36 -29.14 -12.54
C GLU D 260 -65.03 -29.84 -12.77
N ASN D 261 -64.37 -30.22 -11.67
CA ASN D 261 -63.09 -30.91 -11.75
C ASN D 261 -63.31 -32.34 -12.22
N ALA D 262 -62.57 -32.74 -13.24
CA ALA D 262 -62.70 -34.10 -13.78
C ALA D 262 -61.88 -35.11 -12.99
N PHE D 263 -61.10 -34.69 -12.00
CA PHE D 263 -60.29 -35.60 -11.22
C PHE D 263 -60.95 -36.02 -9.93
N PHE D 264 -62.02 -35.35 -9.51
CA PHE D 264 -62.63 -35.57 -8.20
C PHE D 264 -63.80 -36.52 -8.31
N ASP D 265 -63.78 -37.58 -7.50
CA ASP D 265 -64.87 -38.56 -7.43
C ASP D 265 -65.58 -38.43 -6.10
N PRO D 266 -66.81 -37.92 -6.07
CA PRO D 266 -67.52 -37.75 -4.79
C PRO D 266 -67.99 -39.04 -4.14
N ASN D 267 -67.76 -40.20 -4.76
CA ASN D 267 -68.26 -41.47 -4.25
C ASN D 267 -67.14 -42.36 -3.71
N THR D 268 -66.06 -42.51 -4.45
CA THR D 268 -64.94 -43.33 -4.01
C THR D 268 -64.31 -42.72 -2.76
N GLU D 269 -63.91 -43.59 -1.83
CA GLU D 269 -63.29 -43.11 -0.59
C GLU D 269 -62.00 -42.35 -0.88
N MET D 270 -61.18 -42.85 -1.81
CA MET D 270 -59.98 -42.12 -2.20
C MET D 270 -60.33 -40.78 -2.84
N GLY D 271 -61.40 -40.74 -3.63
CA GLY D 271 -61.87 -39.52 -4.22
C GLY D 271 -61.27 -39.16 -5.56
N LEU D 272 -60.73 -40.12 -6.29
CA LEU D 272 -60.12 -39.89 -7.60
C LEU D 272 -60.90 -40.67 -8.65
N THR D 273 -61.26 -39.99 -9.74
CA THR D 273 -61.97 -40.64 -10.83
C THR D 273 -61.02 -41.52 -11.63
N GLU D 274 -61.59 -42.31 -12.54
CA GLU D 274 -60.77 -43.06 -13.46
C GLU D 274 -59.95 -42.13 -14.36
N THR D 275 -60.50 -40.97 -14.69
CA THR D 275 -59.76 -40.01 -15.50
C THR D 275 -58.48 -39.56 -14.81
N ALA D 276 -58.54 -39.28 -13.51
CA ALA D 276 -57.34 -38.89 -12.78
C ALA D 276 -56.31 -40.00 -12.77
N TYR D 277 -56.74 -41.25 -12.61
CA TYR D 277 -55.82 -42.37 -12.66
C TYR D 277 -55.17 -42.54 -14.02
N GLN D 278 -55.95 -42.44 -15.10
CA GLN D 278 -55.37 -42.55 -16.43
C GLN D 278 -54.42 -41.40 -16.74
N PHE D 279 -54.72 -40.19 -16.28
CA PHE D 279 -53.79 -39.08 -16.47
C PHE D 279 -52.46 -39.36 -15.79
N THR D 280 -52.50 -39.84 -14.55
CA THR D 280 -51.28 -40.20 -13.85
C THR D 280 -50.54 -41.32 -14.55
N ALA D 281 -51.27 -42.32 -15.06
CA ALA D 281 -50.63 -43.41 -15.77
C ALA D 281 -49.90 -42.90 -17.01
N GLY D 282 -50.55 -42.00 -17.77
CA GLY D 282 -49.90 -41.43 -18.94
C GLY D 282 -48.68 -40.60 -18.62
N VAL D 283 -48.76 -39.76 -17.58
CA VAL D 283 -47.62 -38.95 -17.19
C VAL D 283 -46.46 -39.83 -16.73
N LEU D 284 -46.76 -40.86 -15.94
CA LEU D 284 -45.71 -41.78 -15.51
C LEU D 284 -45.09 -42.52 -16.68
N LYS D 285 -45.92 -42.99 -17.61
CA LYS D 285 -45.42 -43.73 -18.75
C LYS D 285 -44.56 -42.88 -19.67
N ASN D 286 -44.91 -41.61 -19.83
CA ASN D 286 -44.15 -40.72 -20.70
C ASN D 286 -43.20 -39.80 -19.95
N ALA D 287 -43.00 -40.00 -18.65
CA ALA D 287 -42.14 -39.13 -17.86
C ALA D 287 -40.69 -39.18 -18.34
N ARG D 288 -40.22 -40.34 -18.78
CA ARG D 288 -38.86 -40.46 -19.29
C ARG D 288 -38.66 -39.57 -20.52
N GLY D 289 -39.70 -39.38 -21.31
CA GLY D 289 -39.58 -38.70 -22.59
C GLY D 289 -39.61 -37.19 -22.56
N PHE D 290 -40.23 -36.59 -21.55
CA PHE D 290 -40.30 -35.13 -21.48
C PHE D 290 -39.37 -34.56 -20.42
N THR D 291 -38.47 -35.37 -19.87
CA THR D 291 -37.55 -34.87 -18.86
C THR D 291 -36.64 -33.78 -19.43
N ALA D 292 -36.20 -33.94 -20.68
CA ALA D 292 -35.33 -32.94 -21.28
C ALA D 292 -36.01 -31.59 -21.39
N VAL D 293 -37.29 -31.57 -21.77
CA VAL D 293 -38.02 -30.31 -21.85
C VAL D 293 -38.24 -29.71 -20.46
N CYS D 294 -38.61 -30.53 -19.48
CA CYS D 294 -38.84 -30.04 -18.14
C CYS D 294 -37.55 -29.74 -17.39
N ASN D 295 -36.43 -30.32 -17.82
CA ASN D 295 -35.13 -30.08 -17.21
C ASN D 295 -34.13 -29.77 -18.32
N PRO D 296 -34.18 -28.56 -18.87
CA PRO D 296 -33.46 -28.27 -20.12
C PRO D 296 -32.00 -27.90 -19.99
N LEU D 297 -31.47 -27.70 -18.79
CA LEU D 297 -30.10 -27.26 -18.63
C LEU D 297 -29.21 -28.44 -18.27
N VAL D 298 -27.91 -28.27 -18.49
CA VAL D 298 -26.94 -29.21 -17.96
C VAL D 298 -26.97 -29.20 -16.44
N ASN D 299 -27.12 -28.01 -15.85
CA ASN D 299 -27.24 -27.86 -14.41
C ASN D 299 -28.48 -28.51 -13.83
N SER D 300 -29.52 -28.75 -14.65
CA SER D 300 -30.75 -29.32 -14.14
C SER D 300 -30.56 -30.69 -13.54
N TYR D 301 -29.58 -31.46 -14.01
CA TYR D 301 -29.36 -32.81 -13.56
C TYR D 301 -28.37 -32.90 -12.42
N LYS D 302 -27.78 -31.78 -12.02
CA LYS D 302 -27.10 -31.70 -10.73
C LYS D 302 -28.09 -31.54 -9.59
N ARG D 303 -29.32 -31.11 -9.88
CA ARG D 303 -30.38 -31.09 -8.88
C ARG D 303 -31.02 -32.47 -8.73
N LEU D 304 -31.15 -33.20 -9.83
CA LEU D 304 -31.76 -34.53 -9.82
C LEU D 304 -30.75 -35.57 -9.31
N VAL D 305 -30.35 -35.39 -8.06
CA VAL D 305 -29.45 -36.31 -7.38
C VAL D 305 -30.08 -36.69 -6.04
N PRO D 306 -29.84 -37.89 -5.53
CA PRO D 306 -30.51 -38.31 -4.28
C PRO D 306 -30.04 -37.50 -3.08
N GLY D 307 -30.95 -37.32 -2.13
CA GLY D 307 -30.63 -36.71 -0.86
C GLY D 307 -30.91 -35.23 -0.73
N TYR D 308 -31.61 -34.62 -1.68
CA TYR D 308 -31.84 -33.18 -1.65
C TYR D 308 -33.29 -32.86 -2.01
N GLU D 309 -34.22 -33.70 -1.58
CA GLU D 309 -35.65 -33.46 -1.74
C GLU D 309 -36.06 -33.31 -3.20
N ALA D 310 -35.31 -33.90 -4.13
CA ALA D 310 -35.63 -33.82 -5.54
C ALA D 310 -36.04 -35.19 -6.06
N PRO D 311 -36.98 -35.25 -6.99
CA PRO D 311 -37.43 -36.53 -7.51
C PRO D 311 -36.45 -37.13 -8.51
N CYS D 312 -36.16 -38.41 -8.30
CA CYS D 312 -35.33 -39.16 -9.23
C CYS D 312 -35.96 -40.50 -9.63
N TYR D 313 -37.16 -40.81 -9.15
CA TYR D 313 -37.77 -42.11 -9.37
C TYR D 313 -39.17 -41.90 -9.95
N ILE D 314 -39.48 -42.61 -11.02
CA ILE D 314 -40.75 -42.46 -11.71
C ILE D 314 -41.78 -43.30 -10.96
N ALA D 315 -42.51 -42.67 -10.05
CA ALA D 315 -43.56 -43.33 -9.30
C ALA D 315 -44.50 -42.25 -8.77
N TRP D 316 -45.68 -42.68 -8.32
CA TRP D 316 -46.66 -41.77 -7.78
C TRP D 316 -47.09 -42.23 -6.40
N SER D 317 -47.57 -41.29 -5.61
CA SER D 317 -48.07 -41.60 -4.27
C SER D 317 -49.07 -40.54 -3.84
N GLY D 318 -49.98 -40.94 -2.97
CA GLY D 318 -50.93 -40.01 -2.40
C GLY D 318 -50.49 -39.51 -1.04
N LYS D 319 -49.81 -40.37 -0.27
CA LYS D 319 -49.30 -40.02 1.05
C LYS D 319 -47.80 -40.34 1.06
N ASN D 320 -47.00 -39.42 0.54
CA ASN D 320 -45.55 -39.51 0.52
C ASN D 320 -45.02 -38.20 -0.05
N ARG D 321 -43.76 -37.90 0.26
CA ARG D 321 -43.22 -36.60 -0.09
C ARG D 321 -42.43 -36.61 -1.40
N SER D 322 -41.64 -37.65 -1.66
CA SER D 322 -40.69 -37.64 -2.77
C SER D 322 -40.89 -38.80 -3.74
N PRO D 323 -42.09 -38.96 -4.33
CA PRO D 323 -42.17 -39.65 -5.63
C PRO D 323 -42.14 -38.63 -6.76
N LEU D 324 -42.14 -39.09 -8.01
CA LEU D 324 -42.17 -38.16 -9.13
C LEU D 324 -43.49 -37.40 -9.18
N ILE D 325 -44.59 -38.10 -8.94
CA ILE D 325 -45.93 -37.52 -8.95
C ILE D 325 -46.49 -37.60 -7.54
N ARG D 326 -46.97 -36.47 -7.03
CA ARG D 326 -47.60 -36.40 -5.72
C ARG D 326 -49.04 -35.94 -5.91
N VAL D 327 -49.98 -36.68 -5.32
CA VAL D 327 -51.39 -36.31 -5.34
C VAL D 327 -51.73 -35.73 -3.97
N PRO D 328 -51.97 -34.43 -3.85
CA PRO D 328 -52.26 -33.83 -2.55
C PRO D 328 -53.56 -34.37 -1.96
N SER D 329 -53.63 -34.32 -0.63
CA SER D 329 -54.77 -34.87 0.09
C SER D 329 -56.05 -34.07 -0.09
N SER D 330 -55.95 -32.82 -0.56
CA SER D 330 -57.14 -32.00 -0.76
C SER D 330 -58.01 -32.58 -1.86
N ARG D 331 -59.32 -32.39 -1.73
CA ARG D 331 -60.27 -32.89 -2.71
C ARG D 331 -61.26 -31.81 -3.10
N GLY D 332 -62.31 -32.19 -3.83
CA GLY D 332 -63.26 -31.22 -4.32
C GLY D 332 -62.77 -30.59 -5.61
N LEU D 333 -62.99 -29.29 -5.76
CA LEU D 333 -62.51 -28.59 -6.95
C LEU D 333 -60.99 -28.42 -6.96
N SER D 334 -60.32 -28.67 -5.83
CA SER D 334 -58.88 -28.50 -5.72
C SER D 334 -58.12 -29.82 -5.89
N THR D 335 -58.74 -30.83 -6.47
CA THR D 335 -58.07 -32.10 -6.70
C THR D 335 -57.08 -31.94 -7.84
N ARG D 336 -55.80 -32.16 -7.57
CA ARG D 336 -54.76 -31.88 -8.55
C ARG D 336 -53.71 -32.98 -8.50
N ILE D 337 -52.87 -32.99 -9.53
CA ILE D 337 -51.72 -33.88 -9.65
C ILE D 337 -50.48 -33.01 -9.73
N GLU D 338 -49.49 -33.30 -8.89
CA GLU D 338 -48.30 -32.46 -8.79
C GLU D 338 -47.11 -33.19 -9.43
N VAL D 339 -46.63 -32.67 -10.55
CA VAL D 339 -45.40 -33.17 -11.16
C VAL D 339 -44.23 -32.38 -10.60
N ARG D 340 -43.28 -33.07 -9.99
CA ARG D 340 -42.29 -32.43 -9.14
C ARG D 340 -40.90 -32.33 -9.79
N SER D 341 -40.73 -32.78 -11.03
CA SER D 341 -39.43 -32.76 -11.67
C SER D 341 -39.15 -31.48 -12.44
N VAL D 342 -40.14 -30.59 -12.60
CA VAL D 342 -39.95 -29.38 -13.38
C VAL D 342 -39.14 -28.38 -12.57
N ASP D 343 -38.12 -27.79 -13.20
CA ASP D 343 -37.32 -26.76 -12.57
C ASP D 343 -37.61 -25.40 -13.17
N PRO D 344 -37.31 -24.30 -12.46
CA PRO D 344 -37.71 -22.97 -12.94
C PRO D 344 -37.05 -22.55 -14.25
N ALA D 345 -35.97 -23.21 -14.67
CA ALA D 345 -35.31 -22.88 -15.93
C ALA D 345 -36.08 -23.38 -17.15
N ALA D 346 -37.08 -24.23 -16.96
CA ALA D 346 -37.82 -24.79 -18.07
C ALA D 346 -38.70 -23.75 -18.74
N ASN D 347 -38.97 -23.95 -20.02
CA ASN D 347 -39.93 -23.12 -20.71
C ASN D 347 -41.33 -23.53 -20.27
N PRO D 348 -42.11 -22.65 -19.63
CA PRO D 348 -43.40 -23.07 -19.10
C PRO D 348 -44.35 -23.60 -20.15
N TYR D 349 -44.39 -22.97 -21.33
CA TYR D 349 -45.31 -23.40 -22.36
C TYR D 349 -44.99 -24.81 -22.84
N MET D 350 -43.72 -25.07 -23.14
CA MET D 350 -43.32 -26.37 -23.66
C MET D 350 -43.49 -27.47 -22.62
N ALA D 351 -43.07 -27.23 -21.38
CA ALA D 351 -43.23 -28.23 -20.33
C ALA D 351 -44.69 -28.52 -20.06
N LEU D 352 -45.52 -27.48 -19.99
CA LEU D 352 -46.94 -27.70 -19.75
C LEU D 352 -47.59 -28.45 -20.90
N ALA D 353 -47.22 -28.12 -22.15
CA ALA D 353 -47.75 -28.87 -23.29
C ALA D 353 -47.34 -30.32 -23.27
N ALA D 354 -46.07 -30.60 -22.93
CA ALA D 354 -45.61 -31.99 -22.83
C ALA D 354 -46.36 -32.77 -21.76
N ILE D 355 -46.54 -32.17 -20.58
CA ILE D 355 -47.26 -32.86 -19.50
C ILE D 355 -48.71 -33.10 -19.90
N LEU D 356 -49.36 -32.08 -20.49
CA LEU D 356 -50.74 -32.25 -20.92
C LEU D 356 -50.88 -33.35 -21.96
N GLU D 357 -49.95 -33.39 -22.92
CA GLU D 357 -50.01 -34.42 -23.94
C GLU D 357 -49.77 -35.81 -23.37
N ALA D 358 -48.85 -35.94 -22.41
CA ALA D 358 -48.65 -37.25 -21.78
C ALA D 358 -49.90 -37.70 -21.04
N GLY D 359 -50.52 -36.80 -20.28
CA GLY D 359 -51.75 -37.13 -19.60
C GLY D 359 -52.87 -37.50 -20.54
N LEU D 360 -53.02 -36.77 -21.64
CA LEU D 360 -54.05 -37.09 -22.62
C LEU D 360 -53.77 -38.41 -23.32
N ASP D 361 -52.51 -38.72 -23.58
CA ASP D 361 -52.17 -40.03 -24.12
C ASP D 361 -52.59 -41.15 -23.16
N GLY D 362 -52.31 -40.98 -21.87
CA GLY D 362 -52.81 -41.93 -20.90
C GLY D 362 -54.32 -42.03 -20.85
N ILE D 363 -55.02 -40.90 -21.00
CA ILE D 363 -56.48 -40.92 -21.00
C ILE D 363 -57.01 -41.70 -22.19
N LYS D 364 -56.52 -41.38 -23.39
CA LYS D 364 -57.07 -41.98 -24.60
C LYS D 364 -56.61 -43.40 -24.85
N ASN D 365 -55.51 -43.83 -24.23
CA ASN D 365 -55.10 -45.23 -24.31
C ASN D 365 -55.61 -46.07 -23.15
N LYS D 366 -56.34 -45.46 -22.21
CA LYS D 366 -56.94 -46.16 -21.07
C LYS D 366 -55.90 -46.96 -20.30
N LEU D 367 -54.74 -46.36 -20.09
CA LEU D 367 -53.64 -47.04 -19.42
C LEU D 367 -53.99 -47.35 -17.96
N LYS D 368 -53.52 -48.50 -17.50
CA LYS D 368 -53.67 -48.87 -16.11
C LYS D 368 -52.55 -48.28 -15.27
N VAL D 369 -52.86 -47.99 -14.02
CA VAL D 369 -51.95 -47.26 -13.14
C VAL D 369 -51.13 -48.23 -12.31
N PRO D 370 -49.82 -48.07 -12.23
CA PRO D 370 -49.05 -48.86 -11.27
C PRO D 370 -49.43 -48.51 -9.84
N GLU D 371 -49.21 -49.47 -8.94
CA GLU D 371 -49.57 -49.27 -7.55
C GLU D 371 -48.76 -48.12 -6.96
N PRO D 372 -49.37 -47.27 -6.14
CA PRO D 372 -48.62 -46.17 -5.53
C PRO D 372 -47.52 -46.68 -4.63
N VAL D 373 -46.40 -45.97 -4.62
CA VAL D 373 -45.28 -46.30 -3.76
C VAL D 373 -45.35 -45.44 -2.50
N ASN D 374 -45.69 -46.06 -1.38
CA ASN D 374 -45.88 -45.35 -0.13
C ASN D 374 -44.65 -45.35 0.76
N GLN D 375 -43.71 -46.27 0.55
CA GLN D 375 -42.50 -46.33 1.36
C GLN D 375 -41.51 -45.26 0.94
N ILE D 390 -40.24 -49.57 -10.79
CA ILE D 390 -39.83 -48.20 -10.53
C ILE D 390 -38.65 -47.83 -11.43
N GLN D 391 -38.93 -47.04 -12.45
CA GLN D 391 -37.91 -46.63 -13.41
C GLN D 391 -37.14 -45.43 -12.86
N ASP D 392 -36.19 -44.93 -13.63
CA ASP D 392 -35.34 -43.82 -13.20
C ASP D 392 -35.39 -42.72 -14.24
N LEU D 393 -35.39 -41.47 -13.76
CA LEU D 393 -35.27 -40.34 -14.65
C LEU D 393 -33.89 -40.31 -15.27
N PRO D 394 -33.75 -39.74 -16.46
CA PRO D 394 -32.42 -39.63 -17.08
C PRO D 394 -31.47 -38.85 -16.19
N SER D 395 -30.22 -39.30 -16.15
CA SER D 395 -29.23 -38.77 -15.23
C SER D 395 -28.48 -37.57 -15.76
N THR D 396 -28.43 -37.37 -17.07
CA THR D 396 -27.74 -36.23 -17.68
C THR D 396 -28.61 -35.66 -18.78
N LEU D 397 -28.21 -34.49 -19.28
CA LEU D 397 -28.91 -33.90 -20.41
C LEU D 397 -28.74 -34.75 -21.67
N TYR D 398 -27.59 -35.38 -21.84
CA TYR D 398 -27.38 -36.25 -22.99
C TYR D 398 -28.35 -37.44 -22.96
N THR D 399 -28.49 -38.08 -21.79
CA THR D 399 -29.39 -39.22 -21.67
C THR D 399 -30.83 -38.79 -21.85
N ALA D 400 -31.20 -37.62 -21.31
CA ALA D 400 -32.55 -37.11 -21.51
C ALA D 400 -32.83 -36.81 -22.98
N LEU D 401 -31.86 -36.26 -23.70
CA LEU D 401 -32.03 -36.06 -25.13
C LEU D 401 -32.18 -37.38 -25.86
N LYS D 402 -31.40 -38.40 -25.48
CA LYS D 402 -31.55 -39.71 -26.09
C LYS D 402 -32.94 -40.28 -25.86
N ALA D 403 -33.46 -40.15 -24.64
CA ALA D 403 -34.80 -40.61 -24.33
C ALA D 403 -35.88 -39.78 -25.02
N MET D 404 -35.60 -38.52 -25.32
CA MET D 404 -36.55 -37.66 -25.98
C MET D 404 -36.70 -38.01 -27.45
N ARG D 405 -35.62 -38.46 -28.09
CA ARG D 405 -35.68 -38.88 -29.48
C ARG D 405 -36.44 -40.19 -29.66
N GLU D 406 -36.62 -40.97 -28.61
CA GLU D 406 -37.30 -42.25 -28.70
C GLU D 406 -38.76 -42.18 -28.28
N ASN D 407 -39.23 -41.04 -27.81
CA ASN D 407 -40.62 -40.88 -27.40
C ASN D 407 -41.43 -40.24 -28.51
N GLU D 408 -42.58 -40.84 -28.81
CA GLU D 408 -43.48 -40.32 -29.83
C GLU D 408 -44.44 -39.27 -29.30
N VAL D 409 -44.76 -39.31 -28.01
CA VAL D 409 -45.70 -38.35 -27.44
C VAL D 409 -45.11 -36.95 -27.35
N ILE D 410 -43.84 -36.81 -26.96
CA ILE D 410 -43.23 -35.49 -26.87
C ILE D 410 -43.13 -34.83 -28.24
N LYS D 411 -42.85 -35.59 -29.29
CA LYS D 411 -42.81 -35.02 -30.63
C LYS D 411 -44.18 -34.46 -31.02
N LYS D 412 -45.25 -35.20 -30.75
CA LYS D 412 -46.59 -34.72 -31.04
C LYS D 412 -46.93 -33.51 -30.20
N ALA D 413 -46.50 -33.48 -28.93
CA ALA D 413 -46.76 -32.34 -28.07
C ALA D 413 -46.08 -31.09 -28.57
N LEU D 414 -44.83 -31.19 -29.02
CA LEU D 414 -44.06 -30.02 -29.39
C LEU D 414 -44.20 -29.60 -30.85
N GLY D 415 -44.66 -30.49 -31.73
CA GLY D 415 -44.60 -30.19 -33.13
C GLY D 415 -43.21 -30.47 -33.66
N ASN D 416 -43.11 -30.52 -34.99
CA ASN D 416 -41.84 -30.88 -35.60
C ASN D 416 -40.78 -29.80 -35.41
N HIS D 417 -41.15 -28.54 -35.63
CA HIS D 417 -40.18 -27.45 -35.61
C HIS D 417 -39.54 -27.28 -34.25
N ILE D 418 -40.35 -27.15 -33.20
CA ILE D 418 -39.83 -26.96 -31.86
C ILE D 418 -39.02 -28.16 -31.43
N TYR D 419 -39.51 -29.37 -31.71
CA TYR D 419 -38.79 -30.59 -31.39
C TYR D 419 -37.39 -30.59 -31.99
N ASN D 420 -37.29 -30.33 -33.29
CA ASN D 420 -35.99 -30.37 -33.96
C ASN D 420 -35.06 -29.27 -33.46
N GLN D 421 -35.58 -28.05 -33.32
CA GLN D 421 -34.72 -26.96 -32.86
C GLN D 421 -34.23 -27.19 -31.44
N PHE D 422 -35.12 -27.67 -30.55
CA PHE D 422 -34.72 -27.96 -29.18
C PHE D 422 -33.64 -29.03 -29.16
N ILE D 423 -33.84 -30.12 -29.90
CA ILE D 423 -32.84 -31.19 -29.89
C ILE D 423 -31.50 -30.68 -30.41
N ASN D 424 -31.51 -29.91 -31.51
CA ASN D 424 -30.25 -29.43 -32.06
C ASN D 424 -29.53 -28.51 -31.08
N SER D 425 -30.24 -27.54 -30.52
CA SER D 425 -29.60 -26.60 -29.61
C SER D 425 -29.09 -27.30 -28.35
N LYS D 426 -29.87 -28.22 -27.78
CA LYS D 426 -29.40 -28.91 -26.58
C LYS D 426 -28.23 -29.84 -26.89
N SER D 427 -28.20 -30.45 -28.07
CA SER D 427 -27.06 -31.27 -28.44
C SER D 427 -25.80 -30.42 -28.55
N ILE D 428 -25.90 -29.24 -29.17
CA ILE D 428 -24.75 -28.35 -29.25
C ILE D 428 -24.30 -27.92 -27.86
N GLU D 429 -25.25 -27.61 -26.98
CA GLU D 429 -24.92 -27.21 -25.62
C GLU D 429 -24.21 -28.32 -24.87
N TRP D 430 -24.70 -29.56 -25.01
CA TRP D 430 -24.03 -30.69 -24.36
C TRP D 430 -22.63 -30.90 -24.91
N ASP D 431 -22.45 -30.78 -26.23
CA ASP D 431 -21.13 -30.90 -26.81
C ASP D 431 -20.17 -29.84 -26.28
N TYR D 432 -20.65 -28.62 -26.08
CA TYR D 432 -19.82 -27.60 -25.45
C TYR D 432 -19.46 -27.98 -24.03
N TYR D 433 -20.44 -28.49 -23.27
CA TYR D 433 -20.16 -28.85 -21.88
C TYR D 433 -19.26 -30.06 -21.77
N ARG D 434 -19.36 -30.99 -22.71
CA ARG D 434 -18.67 -32.27 -22.60
C ARG D 434 -17.16 -32.11 -22.61
N THR D 435 -16.64 -31.10 -23.28
CA THR D 435 -15.21 -30.97 -23.52
C THR D 435 -14.50 -30.10 -22.49
N GLN D 436 -15.22 -29.56 -21.51
CA GLN D 436 -14.61 -28.67 -20.55
C GLN D 436 -13.88 -29.44 -19.45
N VAL D 437 -12.84 -28.81 -18.91
CA VAL D 437 -12.09 -29.36 -17.79
C VAL D 437 -12.41 -28.52 -16.56
N SER D 438 -13.03 -29.14 -15.57
CA SER D 438 -13.50 -28.45 -14.39
C SER D 438 -12.40 -28.34 -13.35
N GLU D 439 -12.64 -27.46 -12.36
CA GLU D 439 -11.70 -27.33 -11.26
C GLU D 439 -11.65 -28.58 -10.40
N TRP D 440 -12.75 -29.33 -10.36
CA TRP D 440 -12.75 -30.59 -9.62
C TRP D 440 -11.73 -31.57 -10.18
N GLU D 441 -11.64 -31.66 -11.52
CA GLU D 441 -10.68 -32.55 -12.14
C GLU D 441 -9.25 -32.15 -11.79
N ARG D 442 -8.95 -30.86 -11.85
CA ARG D 442 -7.61 -30.40 -11.50
C ARG D 442 -7.32 -30.51 -10.01
N ASP D 443 -8.35 -30.54 -9.16
CA ASP D 443 -8.14 -30.76 -7.74
C ASP D 443 -7.89 -32.23 -7.41
N GLN D 444 -8.60 -33.15 -8.06
CA GLN D 444 -8.37 -34.57 -7.82
C GLN D 444 -7.09 -35.05 -8.48
N TYR D 445 -6.85 -34.62 -9.71
CA TYR D 445 -5.67 -35.00 -10.48
C TYR D 445 -4.67 -33.84 -10.49
N MET D 446 -3.64 -33.94 -11.32
CA MET D 446 -2.64 -32.90 -11.55
C MET D 446 -1.65 -32.80 -10.39
N LYS D 447 -1.95 -33.46 -9.28
CA LYS D 447 -0.97 -33.58 -8.21
C LYS D 447 -0.84 -35.05 -7.81
N GLN D 448 -1.90 -35.82 -8.03
CA GLN D 448 -1.84 -37.25 -7.81
C GLN D 448 -1.32 -38.00 -9.03
N TYR D 449 -1.61 -37.51 -10.22
CA TYR D 449 -1.06 -38.09 -11.45
C TYR D 449 -0.16 -37.10 -12.15
N PHE E 9 33.04 -34.57 -44.92
CA PHE E 9 32.94 -35.45 -43.76
C PHE E 9 32.27 -36.76 -44.14
N THR E 10 32.78 -37.86 -43.58
CA THR E 10 32.24 -39.19 -43.78
C THR E 10 31.71 -39.73 -42.45
N LYS E 11 31.14 -40.93 -42.49
CA LYS E 11 30.65 -41.55 -41.27
C LYS E 11 31.78 -41.77 -40.28
N GLU E 12 32.94 -42.22 -40.76
CA GLU E 12 34.09 -42.41 -39.89
C GLU E 12 34.52 -41.11 -39.24
N ASP E 13 34.49 -40.00 -39.97
CA ASP E 13 34.82 -38.70 -39.37
C ASP E 13 33.86 -38.34 -38.25
N ILE E 14 32.56 -38.57 -38.45
CA ILE E 14 31.58 -38.25 -37.42
C ILE E 14 31.78 -39.14 -36.19
N ARG E 15 32.03 -40.44 -36.40
CA ARG E 15 32.28 -41.33 -35.28
C ARG E 15 33.52 -40.88 -34.50
N LYS E 16 34.59 -40.55 -35.22
CA LYS E 16 35.81 -40.08 -34.57
C LYS E 16 35.54 -38.81 -33.78
N PHE E 17 34.78 -37.87 -34.36
CA PHE E 17 34.44 -36.64 -33.66
C PHE E 17 33.65 -36.92 -32.39
N ALA E 18 32.68 -37.84 -32.46
CA ALA E 18 31.87 -38.16 -31.30
C ALA E 18 32.70 -38.78 -30.18
N GLU E 19 33.62 -39.68 -30.52
CA GLU E 19 34.46 -40.27 -29.47
C GLU E 19 35.45 -39.26 -28.90
N GLU E 20 36.14 -38.51 -29.76
CA GLU E 20 37.22 -37.65 -29.30
C GLU E 20 36.73 -36.38 -28.63
N GLU E 21 35.56 -35.88 -29.00
CA GLU E 21 35.00 -34.69 -28.37
C GLU E 21 34.07 -35.00 -27.21
N ASN E 22 33.80 -36.28 -26.96
CA ASN E 22 32.92 -36.72 -25.88
C ASN E 22 31.52 -36.11 -26.03
N VAL E 23 31.00 -36.18 -27.24
CA VAL E 23 29.65 -35.71 -27.53
C VAL E 23 28.65 -36.68 -26.93
N ARG E 24 27.70 -36.17 -26.16
CA ARG E 24 26.71 -37.01 -25.50
C ARG E 24 25.37 -37.05 -26.23
N TYR E 25 25.00 -36.00 -26.94
CA TYR E 25 23.69 -35.93 -27.57
C TYR E 25 23.80 -35.33 -28.96
N LEU E 26 22.88 -35.74 -29.83
CA LEU E 26 22.80 -35.28 -31.21
C LEU E 26 21.48 -34.56 -31.41
N ARG E 27 21.53 -33.39 -32.04
CA ARG E 27 20.34 -32.62 -32.38
C ARG E 27 20.14 -32.68 -33.89
N LEU E 28 19.16 -33.45 -34.33
CA LEU E 28 18.83 -33.54 -35.75
C LEU E 28 17.81 -32.47 -36.07
N GLN E 29 18.23 -31.42 -36.78
CA GLN E 29 17.37 -30.26 -36.97
C GLN E 29 17.16 -29.98 -38.44
N PHE E 30 15.94 -29.54 -38.74
CA PHE E 30 15.51 -29.24 -40.11
C PHE E 30 14.56 -28.05 -40.04
N THR E 31 14.12 -27.60 -41.22
CA THR E 31 13.34 -26.38 -41.34
C THR E 31 12.00 -26.68 -42.01
N ASP E 32 10.94 -26.05 -41.49
CA ASP E 32 9.61 -26.20 -42.06
C ASP E 32 9.41 -25.14 -43.14
N ILE E 33 8.17 -25.04 -43.64
CA ILE E 33 7.88 -24.08 -44.71
C ILE E 33 7.97 -22.64 -44.23
N LEU E 34 7.70 -22.38 -42.96
CA LEU E 34 7.68 -21.03 -42.43
C LEU E 34 9.06 -20.54 -42.02
N GLY E 35 10.10 -21.34 -42.23
CA GLY E 35 11.44 -20.96 -41.82
C GLY E 35 11.79 -21.28 -40.39
N THR E 36 10.84 -21.80 -39.61
CA THR E 36 11.12 -22.17 -38.23
C THR E 36 11.95 -23.44 -38.20
N ILE E 37 13.00 -23.43 -37.38
CA ILE E 37 13.89 -24.58 -37.28
C ILE E 37 13.31 -25.57 -36.28
N LYS E 38 13.15 -26.81 -36.69
CA LYS E 38 12.62 -27.88 -35.87
C LYS E 38 13.71 -28.90 -35.59
N ASN E 39 13.67 -29.53 -34.41
CA ASN E 39 14.71 -30.49 -34.06
C ASN E 39 14.19 -31.51 -33.07
N VAL E 40 14.91 -32.63 -33.00
CA VAL E 40 14.72 -33.65 -31.98
C VAL E 40 16.10 -34.05 -31.46
N GLU E 41 16.22 -34.20 -30.14
CA GLU E 41 17.48 -34.54 -29.51
C GLU E 41 17.55 -36.03 -29.27
N VAL E 42 18.70 -36.62 -29.58
CA VAL E 42 18.88 -38.07 -29.56
C VAL E 42 20.18 -38.39 -28.83
N PRO E 43 20.20 -39.38 -27.93
CA PRO E 43 21.45 -39.75 -27.30
C PRO E 43 22.45 -40.30 -28.30
N VAL E 44 23.72 -40.10 -28.02
CA VAL E 44 24.78 -40.51 -28.94
C VAL E 44 24.82 -42.01 -29.13
N SER E 45 24.16 -42.79 -28.28
CA SER E 45 24.08 -44.23 -28.47
C SER E 45 23.25 -44.62 -29.69
N GLN E 46 22.50 -43.68 -30.28
CA GLN E 46 21.77 -43.92 -31.51
C GLN E 46 22.50 -43.34 -32.72
N LEU E 47 23.82 -43.16 -32.62
CA LEU E 47 24.57 -42.58 -33.73
C LEU E 47 24.50 -43.44 -34.97
N GLU E 48 24.61 -44.77 -34.81
CA GLU E 48 24.52 -45.65 -35.96
C GLU E 48 23.15 -45.59 -36.62
N LYS E 49 22.08 -45.51 -35.83
CA LYS E 49 20.75 -45.36 -36.42
C LYS E 49 20.61 -44.04 -37.14
N VAL E 50 21.18 -42.97 -36.57
CA VAL E 50 21.12 -41.66 -37.22
C VAL E 50 21.86 -41.68 -38.56
N LEU E 51 23.06 -42.26 -38.57
CA LEU E 51 23.87 -42.29 -39.78
C LEU E 51 23.30 -43.21 -40.84
N ASP E 52 22.42 -44.13 -40.47
CA ASP E 52 21.78 -45.02 -41.43
C ASP E 52 20.49 -44.44 -41.98
N ASN E 53 20.21 -43.16 -41.73
CA ASN E 53 19.05 -42.47 -42.29
C ASN E 53 17.74 -43.15 -41.87
N GLU E 54 17.71 -43.66 -40.64
CA GLU E 54 16.55 -44.39 -40.15
C GLU E 54 15.76 -43.63 -39.10
N MET E 55 16.11 -42.37 -38.83
CA MET E 55 15.36 -41.58 -37.87
C MET E 55 14.00 -41.22 -38.45
N MET E 56 12.99 -41.24 -37.58
CA MET E 56 11.59 -41.03 -38.07
C MET E 56 10.85 -40.04 -37.19
N PHE E 57 10.01 -39.19 -37.80
CA PHE E 57 9.19 -38.24 -37.08
C PHE E 57 7.81 -38.22 -37.73
N ASP E 58 6.92 -37.38 -37.18
CA ASP E 58 5.52 -37.43 -37.58
C ASP E 58 5.29 -36.76 -38.93
N GLY E 59 5.52 -35.46 -39.00
CA GLY E 59 5.29 -34.74 -40.24
C GLY E 59 3.93 -34.08 -40.30
N SER E 60 2.90 -34.77 -39.80
CA SER E 60 1.56 -34.17 -39.78
C SER E 60 1.44 -33.07 -38.73
N SER E 61 2.36 -33.00 -37.79
CA SER E 61 2.36 -31.98 -36.76
C SER E 61 3.21 -30.77 -37.13
N ILE E 62 3.78 -30.74 -38.33
CA ILE E 62 4.68 -29.68 -38.76
C ILE E 62 4.13 -29.06 -40.04
N GLU E 63 4.15 -27.73 -40.10
CA GLU E 63 3.67 -27.00 -41.27
C GLU E 63 4.42 -27.39 -42.55
N ASP E 72 4.58 -39.54 -41.91
CA ASP E 72 5.54 -40.61 -41.69
C ASP E 72 6.80 -40.33 -42.50
N MET E 73 7.76 -39.65 -41.89
CA MET E 73 8.89 -39.08 -42.62
C MET E 73 10.21 -39.53 -42.03
N TYR E 74 11.25 -39.45 -42.85
CA TYR E 74 12.59 -39.90 -42.50
C TYR E 74 13.56 -38.72 -42.52
N LEU E 75 14.51 -38.74 -41.61
CA LEU E 75 15.55 -37.72 -41.53
C LEU E 75 16.86 -38.25 -42.11
N HIS E 76 17.43 -37.51 -43.05
CA HIS E 76 18.69 -37.87 -43.68
C HIS E 76 19.72 -36.79 -43.36
N PRO E 77 20.60 -37.02 -42.39
CA PRO E 77 21.54 -35.96 -41.99
C PRO E 77 22.52 -35.62 -43.10
N ASP E 78 22.88 -34.34 -43.16
CA ASP E 78 23.94 -33.86 -44.04
C ASP E 78 25.20 -33.75 -43.20
N LEU E 79 26.14 -34.66 -43.43
CA LEU E 79 27.29 -34.83 -42.56
C LEU E 79 28.22 -33.63 -42.56
N ASP E 80 28.20 -32.81 -43.62
CA ASP E 80 29.06 -31.64 -43.66
C ASP E 80 28.61 -30.56 -42.69
N THR E 81 27.39 -30.65 -42.16
CA THR E 81 26.83 -29.67 -41.26
C THR E 81 27.12 -29.97 -39.80
N TRP E 82 28.05 -30.89 -39.52
CA TRP E 82 28.40 -31.22 -38.15
C TRP E 82 28.99 -30.01 -37.43
N VAL E 83 28.49 -29.73 -36.23
CA VAL E 83 29.02 -28.65 -35.40
C VAL E 83 28.51 -28.88 -34.00
N ILE E 84 29.30 -28.46 -33.01
CA ILE E 84 29.00 -28.69 -31.60
C ILE E 84 28.59 -27.35 -30.99
N PHE E 85 27.48 -27.35 -30.27
CA PHE E 85 27.07 -26.14 -29.57
C PHE E 85 27.94 -25.93 -28.33
N PRO E 86 28.69 -24.84 -28.25
CA PRO E 86 29.53 -24.61 -27.07
C PRO E 86 28.78 -23.97 -25.91
N TRP E 87 27.62 -24.51 -25.56
CA TRP E 87 26.89 -24.04 -24.40
C TRP E 87 26.03 -25.15 -23.81
N GLY E 92 25.74 -32.12 -20.52
CA GLY E 92 25.91 -32.97 -21.68
C GLY E 92 26.16 -32.20 -22.96
N LYS E 93 27.31 -32.44 -23.57
CA LYS E 93 27.70 -31.74 -24.79
C LYS E 93 26.80 -32.18 -25.95
N VAL E 94 26.37 -31.22 -26.75
CA VAL E 94 25.42 -31.46 -27.83
C VAL E 94 26.06 -31.02 -29.14
N ALA E 95 25.99 -31.89 -30.13
CA ALA E 95 26.30 -31.56 -31.52
C ALA E 95 25.01 -31.59 -32.33
N ARG E 96 25.08 -31.11 -33.56
CA ARG E 96 23.88 -31.09 -34.39
C ARG E 96 24.23 -31.50 -35.81
N LEU E 97 23.21 -31.99 -36.50
CA LEU E 97 23.28 -32.28 -37.92
C LEU E 97 22.01 -31.74 -38.58
N ILE E 98 22.19 -31.02 -39.68
CA ILE E 98 21.06 -30.51 -40.46
C ILE E 98 20.63 -31.60 -41.44
N CYS E 99 19.36 -31.99 -41.36
CA CYS E 99 18.87 -33.15 -42.07
C CYS E 99 17.88 -32.75 -43.16
N ASP E 100 17.88 -33.52 -44.24
CA ASP E 100 16.85 -33.44 -45.26
C ASP E 100 15.73 -34.42 -44.91
N VAL E 101 14.52 -34.08 -45.36
CA VAL E 101 13.33 -34.87 -45.07
C VAL E 101 13.05 -35.75 -46.29
N TYR E 102 13.00 -37.06 -46.05
CA TYR E 102 12.72 -38.02 -47.10
C TYR E 102 11.42 -38.77 -46.80
N LYS E 103 10.82 -39.32 -47.86
CA LYS E 103 9.64 -40.14 -47.71
C LYS E 103 10.05 -41.57 -47.42
N THR E 104 9.06 -42.46 -47.29
CA THR E 104 9.34 -43.85 -46.98
C THR E 104 9.95 -44.61 -48.15
N ASP E 105 9.91 -44.05 -49.35
CA ASP E 105 10.46 -44.71 -50.53
C ASP E 105 11.88 -44.28 -50.84
N GLY E 106 12.51 -43.50 -49.96
CA GLY E 106 13.87 -43.07 -50.17
C GLY E 106 14.04 -41.84 -51.04
N THR E 107 12.96 -41.26 -51.52
CA THR E 107 13.07 -40.05 -52.31
C THR E 107 12.84 -38.82 -51.44
N PRO E 108 13.51 -37.71 -51.73
CA PRO E 108 13.33 -36.51 -50.90
C PRO E 108 11.89 -36.01 -50.95
N PHE E 109 11.43 -35.53 -49.81
CA PHE E 109 10.07 -35.01 -49.71
C PHE E 109 9.96 -33.72 -50.52
N GLU E 110 8.93 -33.64 -51.36
CA GLU E 110 8.79 -32.50 -52.26
C GLU E 110 8.48 -31.20 -51.54
N GLY E 111 8.02 -31.27 -50.29
CA GLY E 111 7.72 -30.08 -49.52
C GLY E 111 8.83 -29.62 -48.60
N ASP E 112 10.02 -30.17 -48.72
CA ASP E 112 11.14 -29.76 -47.87
C ASP E 112 11.90 -28.62 -48.55
N PRO E 113 11.98 -27.44 -47.95
CA PRO E 113 12.63 -26.31 -48.63
C PRO E 113 14.09 -26.56 -48.96
N ARG E 114 14.83 -27.24 -48.10
CA ARG E 114 16.25 -27.48 -48.34
C ARG E 114 16.47 -28.40 -49.53
N ALA E 115 15.74 -29.50 -49.60
CA ALA E 115 15.81 -30.36 -50.78
C ALA E 115 15.31 -29.66 -52.03
N ASN E 116 14.37 -28.72 -51.89
CA ASN E 116 13.94 -27.91 -53.02
C ASN E 116 15.10 -27.06 -53.55
N LEU E 117 15.82 -26.40 -52.65
CA LEU E 117 16.96 -25.60 -53.07
C LEU E 117 18.04 -26.46 -53.70
N LYS E 118 18.27 -27.67 -53.16
CA LYS E 118 19.27 -28.55 -53.76
C LYS E 118 18.91 -28.91 -55.19
N ARG E 119 17.65 -29.22 -55.47
CA ARG E 119 17.28 -29.59 -56.83
C ARG E 119 17.22 -28.38 -57.77
N VAL E 120 16.89 -27.20 -57.26
CA VAL E 120 17.02 -26.00 -58.09
C VAL E 120 18.47 -25.76 -58.46
N LEU E 121 19.40 -25.95 -57.52
CA LEU E 121 20.82 -25.84 -57.83
C LEU E 121 21.25 -26.91 -58.84
N LYS E 122 20.72 -28.12 -58.70
CA LYS E 122 21.03 -29.17 -59.67
C LYS E 122 20.56 -28.79 -61.07
N GLU E 123 19.37 -28.21 -61.18
CA GLU E 123 18.91 -27.72 -62.47
C GLU E 123 19.76 -26.58 -63.00
N MET E 124 20.23 -25.71 -62.10
CA MET E 124 21.15 -24.64 -62.50
C MET E 124 22.43 -25.21 -63.09
N GLU E 125 22.97 -26.27 -62.49
CA GLU E 125 24.22 -26.85 -62.95
C GLU E 125 24.14 -27.36 -64.39
N ASP E 126 22.95 -27.63 -64.90
CA ASP E 126 22.82 -28.05 -66.29
C ASP E 126 23.08 -26.92 -67.27
N LEU E 127 23.05 -25.68 -66.81
CA LEU E 127 23.31 -24.52 -67.66
C LEU E 127 24.79 -24.15 -67.72
N GLY E 128 25.66 -24.92 -67.08
CA GLY E 128 27.07 -24.66 -67.07
C GLY E 128 27.57 -23.98 -65.81
N PHE E 129 26.68 -23.41 -65.02
CA PHE E 129 27.08 -22.75 -63.78
C PHE E 129 27.32 -23.79 -62.69
N THR E 130 28.51 -23.74 -62.09
CA THR E 130 28.90 -24.75 -61.12
C THR E 130 28.73 -24.32 -59.66
N ASP E 131 28.40 -23.06 -59.41
CA ASP E 131 28.29 -22.61 -58.03
C ASP E 131 27.37 -21.40 -57.95
N PHE E 132 26.87 -21.15 -56.74
CA PHE E 132 25.97 -20.03 -56.48
C PHE E 132 26.20 -19.60 -55.03
N ASN E 133 26.83 -18.45 -54.84
CA ASN E 133 27.21 -17.97 -53.53
C ASN E 133 26.18 -16.97 -52.99
N LEU E 134 25.99 -17.00 -51.68
CA LEU E 134 25.05 -16.09 -51.03
C LEU E 134 25.74 -15.45 -49.84
N GLY E 135 25.83 -14.13 -49.85
CA GLY E 135 26.25 -13.39 -48.69
C GLY E 135 25.11 -12.63 -48.06
N PRO E 136 24.58 -13.17 -46.96
CA PRO E 136 23.47 -12.50 -46.27
C PRO E 136 23.95 -11.59 -45.16
N GLU E 137 23.08 -10.66 -44.77
CA GLU E 137 23.36 -9.74 -43.68
C GLU E 137 22.07 -9.42 -42.94
N PRO E 138 21.62 -10.32 -42.09
CA PRO E 138 20.40 -10.06 -41.31
C PRO E 138 20.65 -9.08 -40.17
N GLU E 139 19.58 -8.43 -39.77
CA GLU E 139 19.59 -7.48 -38.65
C GLU E 139 18.52 -7.88 -37.66
N PHE E 140 18.74 -7.56 -36.40
CA PHE E 140 17.83 -7.97 -35.34
C PHE E 140 17.73 -6.88 -34.30
N PHE E 141 16.62 -6.89 -33.57
CA PHE E 141 16.42 -6.01 -32.43
C PHE E 141 16.64 -6.77 -31.13
N LEU E 142 17.00 -6.03 -30.09
CA LEU E 142 17.13 -6.57 -28.75
C LEU E 142 16.15 -5.85 -27.85
N PHE E 143 15.32 -6.63 -27.14
CA PHE E 143 14.34 -6.09 -26.22
C PHE E 143 14.62 -6.59 -24.81
N LYS E 144 14.33 -5.74 -23.83
CA LYS E 144 14.51 -6.12 -22.44
C LYS E 144 13.45 -7.11 -22.00
N LEU E 145 13.85 -8.05 -21.15
CA LEU E 145 12.93 -9.00 -20.54
C LEU E 145 12.44 -8.46 -19.20
N ASP E 146 11.26 -8.90 -18.79
CA ASP E 146 10.73 -8.52 -17.50
C ASP E 146 11.17 -9.55 -16.45
N GLU E 147 10.62 -9.46 -15.24
CA GLU E 147 10.99 -10.39 -14.19
C GLU E 147 10.50 -11.80 -14.48
N LYS E 148 9.32 -11.93 -15.11
CA LYS E 148 8.79 -13.25 -15.40
C LYS E 148 9.50 -13.91 -16.57
N GLY E 149 10.31 -13.16 -17.31
CA GLY E 149 11.01 -13.68 -18.46
C GLY E 149 10.36 -13.41 -19.79
N GLU E 150 9.32 -12.60 -19.83
CA GLU E 150 8.67 -12.25 -21.08
C GLU E 150 9.28 -10.99 -21.67
N PRO E 151 9.35 -10.89 -23.00
CA PRO E 151 9.87 -9.68 -23.62
C PRO E 151 8.94 -8.49 -23.40
N THR E 152 9.54 -7.33 -23.16
CA THR E 152 8.80 -6.09 -23.07
C THR E 152 8.91 -5.34 -24.39
N LEU E 153 8.43 -4.09 -24.40
CA LEU E 153 8.48 -3.26 -25.60
C LEU E 153 9.59 -2.23 -25.56
N GLU E 154 10.43 -2.25 -24.53
CA GLU E 154 11.51 -1.27 -24.43
C GLU E 154 12.81 -1.87 -24.96
N LEU E 155 13.46 -1.13 -25.85
CA LEU E 155 14.68 -1.59 -26.48
C LEU E 155 15.84 -1.56 -25.48
N ASN E 156 16.89 -2.30 -25.79
CA ASN E 156 18.01 -2.42 -24.86
C ASN E 156 18.77 -1.10 -24.71
N ASP E 157 18.76 -0.25 -25.74
CA ASP E 157 19.44 1.03 -25.66
C ASP E 157 18.73 2.01 -26.58
N ASP E 158 19.34 3.17 -26.77
CA ASP E 158 18.83 4.22 -27.64
C ASP E 158 19.94 4.71 -28.56
N GLY E 159 20.80 3.79 -28.97
CA GLY E 159 21.93 4.13 -29.82
C GLY E 159 21.56 4.25 -31.29
N GLY E 160 22.54 4.71 -32.06
CA GLY E 160 22.34 4.87 -33.49
C GLY E 160 23.33 4.09 -34.32
N TYR E 161 23.54 4.51 -35.57
CA TYR E 161 24.43 3.82 -36.47
C TYR E 161 25.88 3.99 -36.03
N PHE E 162 26.59 2.88 -35.92
CA PHE E 162 28.01 2.86 -35.56
C PHE E 162 28.26 3.53 -34.21
N ASP E 163 27.29 3.45 -33.33
CA ASP E 163 27.41 4.02 -32.00
C ASP E 163 28.20 3.09 -31.10
N LEU E 164 28.80 3.64 -30.06
CA LEU E 164 29.58 2.86 -29.11
C LEU E 164 29.08 3.09 -27.69
N ALA E 165 29.52 2.23 -26.78
CA ALA E 165 29.13 2.29 -25.39
C ALA E 165 29.64 3.56 -24.72
N PRO E 166 28.92 4.09 -23.72
CA PRO E 166 27.69 3.55 -23.12
C PRO E 166 26.41 3.92 -23.86
N THR E 167 26.53 4.62 -24.99
CA THR E 167 25.37 4.83 -25.85
C THR E 167 24.90 3.53 -26.50
N ASP E 168 25.82 2.68 -26.91
CA ASP E 168 25.52 1.34 -27.41
C ASP E 168 25.64 0.36 -26.24
N LEU E 169 24.49 -0.02 -25.68
CA LEU E 169 24.46 -0.96 -24.56
C LEU E 169 24.39 -2.41 -25.00
N GLY E 170 24.36 -2.68 -26.30
CA GLY E 170 24.36 -4.04 -26.79
C GLY E 170 25.74 -4.55 -27.13
N GLU E 171 26.76 -3.81 -26.70
CA GLU E 171 28.13 -4.17 -27.05
C GLU E 171 28.53 -5.51 -26.47
N ASN E 172 28.22 -5.76 -25.20
CA ASN E 172 28.61 -7.02 -24.58
C ASN E 172 27.84 -8.20 -25.16
N CYS E 173 26.53 -8.06 -25.35
CA CYS E 173 25.74 -9.14 -25.93
C CYS E 173 26.21 -9.44 -27.35
N ARG E 174 26.45 -8.40 -28.15
CA ARG E 174 26.93 -8.60 -29.51
C ARG E 174 28.30 -9.26 -29.52
N ARG E 175 29.19 -8.85 -28.61
CA ARG E 175 30.51 -9.46 -28.52
C ARG E 175 30.42 -10.94 -28.14
N ASP E 176 29.54 -11.28 -27.18
CA ASP E 176 29.37 -12.68 -26.84
C ASP E 176 28.76 -13.49 -27.97
N ILE E 177 27.84 -12.90 -28.74
CA ILE E 177 27.32 -13.61 -29.90
C ILE E 177 28.44 -13.88 -30.91
N VAL E 178 29.28 -12.88 -31.16
CA VAL E 178 30.37 -13.07 -32.11
C VAL E 178 31.35 -14.12 -31.60
N LEU E 179 31.68 -14.08 -30.31
CA LEU E 179 32.57 -15.08 -29.73
C LEU E 179 32.00 -16.48 -29.84
N GLU E 180 30.69 -16.62 -29.59
CA GLU E 180 30.04 -17.91 -29.66
C GLU E 180 29.96 -18.44 -31.09
N LEU E 181 29.71 -17.55 -32.06
CA LEU E 181 29.68 -17.94 -33.46
C LEU E 181 31.05 -18.33 -33.99
N GLU E 182 32.12 -17.65 -33.54
CA GLU E 182 33.45 -18.01 -34.01
C GLU E 182 33.87 -19.41 -33.55
N ASP E 183 33.43 -19.82 -32.36
CA ASP E 183 33.71 -21.19 -31.92
C ASP E 183 33.00 -22.21 -32.81
N MET E 184 31.89 -21.82 -33.44
CA MET E 184 31.13 -22.73 -34.29
C MET E 184 31.58 -22.73 -35.73
N GLY E 185 32.65 -22.00 -36.07
CA GLY E 185 33.19 -22.04 -37.40
C GLY E 185 32.70 -20.98 -38.34
N PHE E 186 32.03 -19.95 -37.84
CA PHE E 186 31.67 -18.82 -38.67
C PHE E 186 32.89 -17.95 -38.93
N ASP E 187 32.88 -17.25 -40.05
CA ASP E 187 33.89 -16.25 -40.35
C ASP E 187 33.21 -14.89 -40.23
N ILE E 188 33.29 -14.30 -39.06
CA ILE E 188 32.66 -13.01 -38.79
C ILE E 188 33.47 -11.91 -39.44
N GLU E 189 32.79 -10.96 -40.06
CA GLU E 189 33.44 -9.84 -40.75
C GLU E 189 33.34 -8.52 -40.01
N ALA E 190 32.18 -8.21 -39.45
CA ALA E 190 31.99 -6.95 -38.75
C ALA E 190 30.78 -7.06 -37.83
N SER E 191 30.75 -6.22 -36.81
CA SER E 191 29.60 -6.11 -35.93
C SER E 191 29.51 -4.67 -35.46
N HIS E 192 28.29 -4.13 -35.49
CA HIS E 192 28.10 -2.72 -35.17
C HIS E 192 26.63 -2.49 -34.79
N HIS E 193 26.39 -1.37 -34.13
CA HIS E 193 25.03 -0.92 -33.88
C HIS E 193 24.40 -0.44 -35.17
N GLU E 194 23.11 -0.72 -35.33
CA GLU E 194 22.39 -0.37 -36.54
C GLU E 194 21.66 0.96 -36.35
N VAL E 195 20.96 1.39 -37.40
CA VAL E 195 20.37 2.72 -37.43
C VAL E 195 19.33 2.89 -36.32
N ALA E 196 18.41 1.94 -36.21
CA ALA E 196 17.35 2.06 -35.24
C ALA E 196 17.88 1.84 -33.82
N PRO E 197 17.21 2.42 -32.82
CA PRO E 197 17.58 2.12 -31.44
C PRO E 197 17.36 0.64 -31.14
N GLY E 198 18.34 0.04 -30.47
CA GLY E 198 18.24 -1.37 -30.13
C GLY E 198 18.41 -2.32 -31.29
N GLN E 199 18.86 -1.83 -32.44
CA GLN E 199 19.03 -2.65 -33.63
C GLN E 199 20.51 -2.93 -33.85
N HIS E 200 20.84 -4.18 -34.16
CA HIS E 200 22.21 -4.62 -34.25
C HIS E 200 22.41 -5.47 -35.50
N GLU E 201 23.64 -5.48 -36.01
CA GLU E 201 23.99 -6.26 -37.18
C GLU E 201 25.34 -6.93 -36.97
N ILE E 202 25.39 -8.23 -37.24
CA ILE E 202 26.64 -8.99 -37.26
C ILE E 202 26.79 -9.60 -38.64
N ASP E 203 27.93 -9.34 -39.27
CA ASP E 203 28.18 -9.74 -40.65
C ASP E 203 29.11 -10.94 -40.70
N PHE E 204 28.76 -11.92 -41.53
CA PHE E 204 29.64 -13.05 -41.80
C PHE E 204 29.74 -13.23 -43.31
N LYS E 205 30.89 -13.77 -43.74
CA LYS E 205 31.21 -13.78 -45.15
C LYS E 205 30.35 -14.79 -45.90
N TYR E 206 30.35 -14.67 -47.22
CA TYR E 206 29.51 -15.50 -48.07
C TYR E 206 29.93 -16.96 -48.00
N ALA E 207 29.04 -17.82 -48.48
CA ALA E 207 29.31 -19.24 -48.60
C ALA E 207 28.47 -19.77 -49.75
N ASP E 208 28.54 -21.08 -49.97
CA ASP E 208 27.71 -21.69 -50.99
C ASP E 208 26.24 -21.60 -50.57
N ALA E 209 25.35 -21.76 -51.56
CA ALA E 209 23.94 -21.47 -51.34
C ALA E 209 23.36 -22.26 -50.17
N VAL E 210 23.53 -23.58 -50.18
CA VAL E 210 22.96 -24.41 -49.13
C VAL E 210 23.59 -24.10 -47.78
N THR E 211 24.92 -24.01 -47.72
CA THR E 211 25.57 -23.70 -46.45
C THR E 211 25.34 -22.25 -46.04
N ALA E 212 25.09 -21.34 -46.97
CA ALA E 212 24.72 -19.98 -46.57
C ALA E 212 23.35 -19.96 -45.91
N CYS E 213 22.39 -20.70 -46.46
CA CYS E 213 21.09 -20.79 -45.80
C CYS E 213 21.19 -21.47 -44.44
N ASP E 214 22.01 -22.51 -44.35
CA ASP E 214 22.29 -23.13 -43.05
C ASP E 214 22.92 -22.14 -42.09
N ASN E 215 23.83 -21.29 -42.58
CA ASN E 215 24.42 -20.25 -41.75
C ASN E 215 23.37 -19.29 -41.24
N ILE E 216 22.43 -18.88 -42.09
CA ILE E 216 21.37 -17.99 -41.61
C ILE E 216 20.55 -18.66 -40.52
N GLN E 217 20.17 -19.91 -40.75
CA GLN E 217 19.37 -20.63 -39.75
C GLN E 217 20.11 -20.77 -38.44
N THR E 218 21.40 -21.14 -38.48
CA THR E 218 22.19 -21.28 -37.27
C THR E 218 22.44 -19.94 -36.60
N PHE E 219 22.66 -18.88 -37.39
CA PHE E 219 22.90 -17.55 -36.84
C PHE E 219 21.70 -17.07 -36.05
N LYS E 220 20.49 -17.28 -36.57
CA LYS E 220 19.31 -16.81 -35.85
C LYS E 220 19.19 -17.49 -34.50
N LEU E 221 19.39 -18.81 -34.45
CA LEU E 221 19.24 -19.52 -33.18
C LEU E 221 20.37 -19.19 -32.21
N VAL E 222 21.59 -18.99 -32.72
CA VAL E 222 22.67 -18.58 -31.83
C VAL E 222 22.41 -17.20 -31.24
N VAL E 223 21.94 -16.26 -32.06
CA VAL E 223 21.62 -14.93 -31.55
C VAL E 223 20.53 -15.01 -30.50
N LYS E 224 19.48 -15.77 -30.78
CA LYS E 224 18.38 -15.87 -29.82
C LYS E 224 18.77 -16.58 -28.53
N THR E 225 19.67 -17.56 -28.61
CA THR E 225 20.13 -18.24 -27.40
C THR E 225 21.04 -17.35 -26.57
N ILE E 226 21.99 -16.67 -27.20
CA ILE E 226 22.91 -15.84 -26.45
C ILE E 226 22.23 -14.60 -25.88
N ALA E 227 21.23 -14.05 -26.58
CA ALA E 227 20.52 -12.89 -26.05
C ALA E 227 19.81 -13.22 -24.75
N ARG E 228 19.23 -14.42 -24.64
CA ARG E 228 18.55 -14.79 -23.42
C ARG E 228 19.49 -14.85 -22.22
N LYS E 229 20.73 -15.28 -22.44
CA LYS E 229 21.72 -15.28 -21.36
C LYS E 229 22.01 -13.88 -20.84
N HIS E 230 21.75 -12.86 -21.64
CA HIS E 230 21.95 -11.47 -21.24
C HIS E 230 20.67 -10.80 -20.79
N ASN E 231 19.65 -11.58 -20.45
CA ASN E 231 18.34 -11.06 -20.03
C ASN E 231 17.74 -10.17 -21.11
N LEU E 232 17.94 -10.56 -22.37
CA LEU E 232 17.44 -9.81 -23.51
C LEU E 232 16.67 -10.75 -24.43
N HIS E 233 15.74 -10.19 -25.19
CA HIS E 233 14.98 -10.94 -26.18
C HIS E 233 15.40 -10.47 -27.57
N ALA E 234 15.88 -11.39 -28.39
CA ALA E 234 16.26 -11.09 -29.75
C ALA E 234 15.14 -11.45 -30.69
N THR E 235 14.79 -10.52 -31.59
CA THR E 235 13.73 -10.77 -32.55
C THR E 235 14.21 -10.37 -33.94
N PHE E 236 13.82 -11.17 -34.93
CA PHE E 236 14.06 -10.86 -36.34
C PHE E 236 12.78 -10.41 -37.03
N MET E 237 11.83 -9.89 -36.26
CA MET E 237 10.64 -9.30 -36.82
C MET E 237 11.02 -8.13 -37.71
N PRO E 238 10.47 -8.00 -38.91
CA PRO E 238 10.90 -6.95 -39.83
C PRO E 238 10.71 -5.54 -39.27
N LYS E 239 9.49 -5.21 -38.81
CA LYS E 239 9.16 -3.89 -38.30
C LYS E 239 8.48 -4.03 -36.95
N PRO E 240 9.24 -4.24 -35.88
CA PRO E 240 8.61 -4.39 -34.56
C PRO E 240 7.98 -3.12 -34.01
N LEU E 241 8.45 -1.95 -34.40
CA LEU E 241 7.94 -0.68 -33.88
C LEU E 241 7.69 0.29 -35.01
N PHE E 242 6.68 1.14 -34.83
CA PHE E 242 6.36 2.19 -35.79
C PHE E 242 7.29 3.38 -35.60
N GLY E 243 7.57 4.08 -36.70
CA GLY E 243 8.43 5.24 -36.67
C GLY E 243 9.90 4.92 -36.51
N VAL E 244 10.28 3.65 -36.63
CA VAL E 244 11.63 3.20 -36.38
C VAL E 244 12.05 2.33 -37.56
N ASN E 245 13.32 2.46 -37.95
CA ASN E 245 13.84 1.69 -39.07
C ASN E 245 13.66 0.19 -38.83
N GLY E 246 13.32 -0.52 -39.91
CA GLY E 246 13.11 -1.95 -39.86
C GLY E 246 14.39 -2.74 -40.10
N SER E 247 14.25 -4.07 -40.04
CA SER E 247 15.36 -4.98 -40.21
C SER E 247 15.27 -5.64 -41.59
N GLY E 248 16.41 -5.69 -42.29
CA GLY E 248 16.48 -6.33 -43.58
C GLY E 248 17.51 -7.45 -43.60
N MET E 249 17.44 -8.27 -44.64
CA MET E 249 18.33 -9.42 -44.82
C MET E 249 18.82 -9.44 -46.27
N HIS E 250 19.41 -8.33 -46.71
CA HIS E 250 19.95 -8.21 -48.06
C HIS E 250 20.67 -9.48 -48.49
N PHE E 251 20.40 -9.92 -49.72
CA PHE E 251 21.01 -11.12 -50.29
C PHE E 251 22.03 -10.70 -51.34
N ASN E 252 23.29 -11.00 -51.08
CA ASN E 252 24.36 -10.82 -52.05
C ASN E 252 24.59 -12.14 -52.77
N VAL E 253 24.43 -12.12 -54.10
CA VAL E 253 24.46 -13.35 -54.88
C VAL E 253 25.43 -13.18 -56.05
N SER E 254 26.21 -14.22 -56.33
CA SER E 254 27.13 -14.24 -57.46
C SER E 254 27.19 -15.65 -58.02
N LEU E 255 27.26 -15.75 -59.34
CA LEU E 255 27.33 -17.03 -60.04
C LEU E 255 28.76 -17.35 -60.43
N PHE E 256 29.11 -18.63 -60.39
CA PHE E 256 30.43 -19.10 -60.75
C PHE E 256 30.32 -20.29 -61.70
N LYS E 257 31.21 -20.34 -62.69
CA LYS E 257 31.41 -21.55 -63.47
C LYS E 257 32.89 -21.91 -63.38
N GLY E 258 33.28 -22.51 -62.25
CA GLY E 258 34.61 -23.04 -62.09
C GLY E 258 35.55 -21.96 -61.62
N LYS E 259 35.90 -21.98 -60.32
CA LYS E 259 36.89 -21.03 -59.71
C LYS E 259 36.96 -19.68 -60.45
N GLU E 260 35.84 -19.15 -60.92
CA GLU E 260 35.85 -17.82 -61.54
C GLU E 260 34.43 -17.28 -61.54
N ASN E 261 34.31 -15.98 -61.28
CA ASN E 261 33.02 -15.32 -61.19
C ASN E 261 32.47 -15.08 -62.59
N ALA E 262 31.24 -15.51 -62.83
CA ALA E 262 30.62 -15.32 -64.14
C ALA E 262 30.04 -13.93 -64.32
N PHE E 263 30.04 -13.11 -63.28
CA PHE E 263 29.51 -11.75 -63.38
C PHE E 263 30.58 -10.72 -63.71
N PHE E 264 31.86 -11.10 -63.72
CA PHE E 264 32.96 -10.16 -63.84
C PHE E 264 33.56 -10.23 -65.24
N ASP E 265 33.65 -9.08 -65.90
CA ASP E 265 34.25 -8.96 -67.22
C ASP E 265 35.42 -8.00 -67.16
N PRO E 266 36.66 -8.47 -67.20
CA PRO E 266 37.80 -7.56 -67.14
C PRO E 266 38.15 -6.97 -68.50
N ASN E 267 37.13 -6.60 -69.27
CA ASN E 267 37.33 -5.93 -70.54
C ASN E 267 36.58 -4.60 -70.56
N THR E 268 35.31 -4.65 -70.17
CA THR E 268 34.48 -3.46 -70.13
C THR E 268 34.89 -2.56 -68.96
N GLU E 269 34.69 -1.26 -69.16
CA GLU E 269 34.99 -0.30 -68.09
C GLU E 269 34.12 -0.54 -66.87
N MET E 270 32.82 -0.79 -67.08
CA MET E 270 31.92 -1.10 -65.97
C MET E 270 32.32 -2.41 -65.29
N GLY E 271 32.70 -3.41 -66.07
CA GLY E 271 33.18 -4.66 -65.53
C GLY E 271 32.12 -5.70 -65.25
N LEU E 272 31.02 -5.69 -65.99
CA LEU E 272 29.96 -6.67 -65.83
C LEU E 272 29.75 -7.44 -67.12
N THR E 273 29.63 -8.76 -67.00
CA THR E 273 29.39 -9.59 -68.18
C THR E 273 27.93 -9.44 -68.63
N GLU E 274 27.64 -9.97 -69.81
CA GLU E 274 26.26 -10.04 -70.25
C GLU E 274 25.45 -10.96 -69.36
N THR E 275 26.08 -11.99 -68.78
CA THR E 275 25.39 -12.87 -67.85
C THR E 275 24.91 -12.10 -66.63
N ALA E 276 25.74 -11.21 -66.09
CA ALA E 276 25.33 -10.41 -64.95
C ALA E 276 24.15 -9.51 -65.29
N TYR E 277 24.15 -8.92 -66.48
CA TYR E 277 23.03 -8.09 -66.90
C TYR E 277 21.75 -8.91 -67.06
N GLN E 278 21.84 -10.07 -67.68
CA GLN E 278 20.66 -10.92 -67.84
C GLN E 278 20.11 -11.41 -66.50
N PHE E 279 20.99 -11.74 -65.55
CA PHE E 279 20.53 -12.13 -64.22
C PHE E 279 19.74 -11.00 -63.56
N THR E 280 20.27 -9.77 -63.64
CA THR E 280 19.56 -8.62 -63.09
C THR E 280 18.24 -8.40 -63.80
N ALA E 281 18.21 -8.57 -65.12
CA ALA E 281 16.97 -8.40 -65.87
C ALA E 281 15.93 -9.41 -65.42
N GLY E 282 16.34 -10.66 -65.24
CA GLY E 282 15.41 -11.68 -64.77
C GLY E 282 14.90 -11.41 -63.37
N VAL E 283 15.78 -11.01 -62.46
CA VAL E 283 15.35 -10.73 -61.09
C VAL E 283 14.39 -9.54 -61.06
N LEU E 284 14.70 -8.49 -61.83
CA LEU E 284 13.81 -7.34 -61.90
C LEU E 284 12.46 -7.71 -62.48
N LYS E 285 12.46 -8.50 -63.56
CA LYS E 285 11.22 -8.89 -64.20
C LYS E 285 10.36 -9.78 -63.32
N ASN E 286 10.98 -10.64 -62.51
CA ASN E 286 10.23 -11.55 -61.64
C ASN E 286 10.18 -11.06 -60.19
N ALA E 287 10.64 -9.84 -59.90
CA ALA E 287 10.65 -9.34 -58.53
C ALA E 287 9.26 -9.23 -57.94
N ARG E 288 8.26 -8.89 -58.75
CA ARG E 288 6.89 -8.83 -58.26
C ARG E 288 6.41 -10.19 -57.78
N GLY E 289 6.80 -11.25 -58.48
CA GLY E 289 6.34 -12.59 -58.18
C GLY E 289 6.83 -13.21 -56.88
N PHE E 290 8.08 -12.98 -56.51
CA PHE E 290 8.65 -13.63 -55.35
C PHE E 290 8.66 -12.75 -54.11
N THR E 291 7.97 -11.61 -54.15
CA THR E 291 7.96 -10.72 -52.99
C THR E 291 7.31 -11.39 -51.78
N ALA E 292 6.25 -12.17 -52.01
CA ALA E 292 5.58 -12.85 -50.90
C ALA E 292 6.52 -13.82 -50.20
N VAL E 293 7.33 -14.57 -50.95
CA VAL E 293 8.26 -15.49 -50.32
C VAL E 293 9.36 -14.73 -49.57
N CYS E 294 9.88 -13.67 -50.17
CA CYS E 294 10.94 -12.90 -49.54
C CYS E 294 10.42 -12.01 -48.42
N ASN E 295 9.13 -11.70 -48.41
CA ASN E 295 8.50 -10.88 -47.36
C ASN E 295 7.25 -11.60 -46.90
N PRO E 296 7.39 -12.65 -46.09
CA PRO E 296 6.27 -13.57 -45.83
C PRO E 296 5.32 -13.17 -44.72
N LEU E 297 5.57 -12.09 -44.00
CA LEU E 297 4.72 -11.72 -42.88
C LEU E 297 3.83 -10.55 -43.25
N VAL E 298 2.75 -10.39 -42.48
CA VAL E 298 1.96 -9.16 -42.57
C VAL E 298 2.81 -7.98 -42.14
N ASN E 299 3.65 -8.15 -41.11
CA ASN E 299 4.53 -7.09 -40.66
C ASN E 299 5.59 -6.72 -41.69
N SER E 300 5.88 -7.61 -42.64
CA SER E 300 6.93 -7.34 -43.62
C SER E 300 6.63 -6.11 -44.46
N TYR E 301 5.37 -5.81 -44.69
CA TYR E 301 4.98 -4.70 -45.56
C TYR E 301 4.77 -3.41 -44.80
N LYS E 302 4.90 -3.43 -43.47
CA LYS E 302 5.05 -2.22 -42.70
C LYS E 302 6.48 -1.69 -42.77
N ARG E 303 7.43 -2.54 -43.16
CA ARG E 303 8.79 -2.08 -43.42
C ARG E 303 8.92 -1.52 -44.82
N LEU E 304 8.22 -2.11 -45.79
CA LEU E 304 8.28 -1.64 -47.16
C LEU E 304 7.43 -0.38 -47.34
N VAL E 305 7.82 0.69 -46.65
CA VAL E 305 7.15 1.98 -46.76
C VAL E 305 8.22 3.03 -47.03
N PRO E 306 7.89 4.12 -47.74
CA PRO E 306 8.92 5.10 -48.08
C PRO E 306 9.46 5.84 -46.87
N GLY E 307 10.72 6.23 -46.96
CA GLY E 307 11.34 7.07 -45.95
C GLY E 307 12.10 6.37 -44.86
N TYR E 308 12.37 5.07 -44.99
CA TYR E 308 13.03 4.31 -43.92
C TYR E 308 14.09 3.39 -44.49
N GLU E 309 14.78 3.84 -45.54
CA GLU E 309 15.90 3.11 -46.14
C GLU E 309 15.51 1.71 -46.59
N ALA E 310 14.27 1.52 -47.04
CA ALA E 310 13.83 0.22 -47.50
C ALA E 310 13.39 0.30 -48.96
N PRO E 311 13.63 -0.74 -49.74
CA PRO E 311 13.25 -0.70 -51.15
C PRO E 311 11.76 -0.83 -51.36
N CYS E 312 11.23 0.03 -52.23
CA CYS E 312 9.84 -0.04 -52.63
C CYS E 312 9.65 0.06 -54.12
N TYR E 313 10.72 0.18 -54.91
CA TYR E 313 10.64 0.40 -56.34
C TYR E 313 11.51 -0.62 -57.04
N ILE E 314 10.97 -1.23 -58.10
CA ILE E 314 11.66 -2.28 -58.84
C ILE E 314 12.58 -1.61 -59.85
N ALA E 315 13.84 -1.43 -59.47
CA ALA E 315 14.84 -0.85 -60.35
C ALA E 315 16.22 -1.28 -59.84
N TRP E 316 17.23 -1.08 -60.67
CA TRP E 316 18.60 -1.42 -60.31
C TRP E 316 19.51 -0.23 -60.53
N SER E 317 20.60 -0.21 -59.78
CA SER E 317 21.59 0.84 -59.93
C SER E 317 22.94 0.33 -59.48
N GLY E 318 24.00 0.96 -60.00
CA GLY E 318 25.35 0.65 -59.59
C GLY E 318 25.89 1.66 -58.61
N LYS E 319 25.47 2.92 -58.76
CA LYS E 319 25.87 4.01 -57.87
C LYS E 319 24.61 4.67 -57.35
N ASN E 320 24.04 4.08 -56.30
CA ASN E 320 22.86 4.62 -55.63
C ASN E 320 22.60 3.75 -54.41
N ARG E 321 21.81 4.27 -53.47
CA ARG E 321 21.65 3.59 -52.20
C ARG E 321 20.41 2.70 -52.15
N SER E 322 19.27 3.19 -52.63
CA SER E 322 17.99 2.50 -52.41
C SER E 322 17.21 2.27 -53.72
N PRO E 323 17.77 1.49 -54.66
CA PRO E 323 16.90 0.78 -55.60
C PRO E 323 16.64 -0.62 -55.10
N LEU E 324 15.83 -1.40 -55.81
CA LEU E 324 15.57 -2.78 -55.38
C LEU E 324 16.83 -3.63 -55.49
N ILE E 325 17.59 -3.45 -56.56
CA ILE E 325 18.83 -4.18 -56.80
C ILE E 325 19.97 -3.18 -56.80
N ARG E 326 21.00 -3.45 -56.00
CA ARG E 326 22.21 -2.65 -55.97
C ARG E 326 23.39 -3.51 -56.37
N VAL E 327 24.19 -3.03 -57.31
CA VAL E 327 25.41 -3.70 -57.72
C VAL E 327 26.58 -2.99 -57.05
N PRO E 328 27.26 -3.61 -56.10
CA PRO E 328 28.37 -2.94 -55.40
C PRO E 328 29.51 -2.64 -56.35
N SER E 329 30.27 -1.60 -55.99
CA SER E 329 31.36 -1.12 -56.83
C SER E 329 32.53 -2.08 -56.91
N SER E 330 32.63 -3.02 -55.96
CA SER E 330 33.74 -3.97 -55.98
C SER E 330 33.64 -4.88 -57.20
N ARG E 331 34.80 -5.26 -57.73
CA ARG E 331 34.85 -6.13 -58.91
C ARG E 331 35.78 -7.30 -58.66
N GLY E 332 36.10 -8.04 -59.72
CA GLY E 332 36.92 -9.22 -59.58
C GLY E 332 36.10 -10.42 -59.17
N LEU E 333 36.64 -11.24 -58.27
CA LEU E 333 35.91 -12.41 -57.79
C LEU E 333 34.78 -12.04 -56.84
N SER E 334 34.70 -10.79 -56.39
CA SER E 334 33.67 -10.35 -55.45
C SER E 334 32.58 -9.55 -56.14
N THR E 335 32.40 -9.75 -57.44
CA THR E 335 31.33 -9.07 -58.18
C THR E 335 30.02 -9.75 -57.84
N ARG E 336 29.08 -8.99 -57.27
CA ARG E 336 27.84 -9.56 -56.78
C ARG E 336 26.68 -8.64 -57.10
N ILE E 337 25.48 -9.19 -56.93
CA ILE E 337 24.22 -8.46 -57.08
C ILE E 337 23.48 -8.54 -55.75
N GLU E 338 23.06 -7.40 -55.24
CA GLU E 338 22.45 -7.31 -53.90
C GLU E 338 20.96 -7.07 -54.04
N VAL E 339 20.16 -8.07 -53.69
CA VAL E 339 18.71 -7.92 -53.63
C VAL E 339 18.33 -7.48 -52.21
N ARG E 340 17.69 -6.32 -52.11
CA ARG E 340 17.56 -5.62 -50.84
C ARG E 340 16.18 -5.73 -50.21
N SER E 341 15.25 -6.45 -50.82
CA SER E 341 13.91 -6.56 -50.29
C SER E 341 13.70 -7.72 -49.33
N VAL E 342 14.69 -8.60 -49.18
CA VAL E 342 14.53 -9.77 -48.31
C VAL E 342 14.64 -9.34 -46.86
N ASP E 343 13.69 -9.79 -46.04
CA ASP E 343 13.70 -9.51 -44.62
C ASP E 343 14.08 -10.74 -43.82
N PRO E 344 14.57 -10.58 -42.58
CA PRO E 344 15.12 -11.73 -41.85
C PRO E 344 14.09 -12.79 -41.48
N ALA E 345 12.81 -12.49 -41.62
CA ALA E 345 11.75 -13.44 -41.32
C ALA E 345 11.50 -14.42 -42.46
N ALA E 346 12.12 -14.21 -43.62
CA ALA E 346 11.91 -15.09 -44.75
C ALA E 346 12.61 -16.43 -44.54
N ASN E 347 12.08 -17.44 -45.21
CA ASN E 347 12.75 -18.74 -45.24
C ASN E 347 13.95 -18.63 -46.17
N PRO E 348 15.18 -18.81 -45.69
CA PRO E 348 16.33 -18.60 -46.56
C PRO E 348 16.36 -19.51 -47.77
N TYR E 349 15.98 -20.77 -47.61
CA TYR E 349 16.01 -21.71 -48.73
C TYR E 349 15.03 -21.31 -49.81
N MET E 350 13.79 -21.00 -49.43
CA MET E 350 12.76 -20.66 -50.41
C MET E 350 13.08 -19.34 -51.11
N ALA E 351 13.47 -18.32 -50.35
CA ALA E 351 13.82 -17.03 -50.95
C ALA E 351 15.02 -17.14 -51.87
N LEU E 352 16.07 -17.86 -51.46
CA LEU E 352 17.22 -18.02 -52.33
C LEU E 352 16.89 -18.81 -53.59
N ALA E 353 16.06 -19.86 -53.46
CA ALA E 353 15.64 -20.59 -54.65
C ALA E 353 14.82 -19.71 -55.59
N ALA E 354 13.92 -18.90 -55.05
CA ALA E 354 13.14 -18.00 -55.88
C ALA E 354 14.02 -17.00 -56.62
N ILE E 355 14.99 -16.40 -55.92
CA ILE E 355 15.88 -15.44 -56.56
C ILE E 355 16.74 -16.12 -57.62
N LEU E 356 17.27 -17.31 -57.32
CA LEU E 356 18.09 -18.02 -58.31
C LEU E 356 17.28 -18.35 -59.55
N GLU E 357 16.05 -18.82 -59.37
CA GLU E 357 15.22 -19.15 -60.52
C GLU E 357 14.86 -17.90 -61.33
N ALA E 358 14.59 -16.80 -60.64
CA ALA E 358 14.29 -15.56 -61.34
C ALA E 358 15.48 -15.10 -62.19
N GLY E 359 16.69 -15.19 -61.63
CA GLY E 359 17.87 -14.84 -62.39
C GLY E 359 18.12 -15.78 -63.57
N LEU E 360 17.97 -17.08 -63.36
CA LEU E 360 18.15 -18.03 -64.45
C LEU E 360 17.11 -17.86 -65.53
N ASP E 361 15.92 -17.38 -65.19
CA ASP E 361 14.92 -17.08 -66.22
C ASP E 361 15.43 -16.03 -67.19
N GLY E 362 15.98 -14.92 -66.67
CA GLY E 362 16.62 -13.95 -67.52
C GLY E 362 17.84 -14.46 -68.24
N ILE E 363 18.60 -15.37 -67.62
CA ILE E 363 19.76 -15.94 -68.28
C ILE E 363 19.33 -16.71 -69.52
N LYS E 364 18.32 -17.57 -69.39
CA LYS E 364 17.93 -18.45 -70.49
C LYS E 364 16.95 -17.79 -71.45
N ASN E 365 16.37 -16.65 -71.11
CA ASN E 365 15.55 -15.91 -72.06
C ASN E 365 16.26 -14.71 -72.66
N LYS E 366 17.52 -14.46 -72.28
CA LYS E 366 18.32 -13.37 -72.85
C LYS E 366 17.59 -12.03 -72.75
N LEU E 367 16.98 -11.79 -71.59
CA LEU E 367 16.23 -10.57 -71.38
C LEU E 367 17.15 -9.34 -71.40
N LYS E 368 16.63 -8.25 -71.94
CA LYS E 368 17.36 -7.00 -71.96
C LYS E 368 17.11 -6.23 -70.67
N VAL E 369 18.12 -5.48 -70.24
CA VAL E 369 18.10 -4.81 -68.95
C VAL E 369 17.59 -3.39 -69.09
N PRO E 370 16.65 -2.95 -68.25
CA PRO E 370 16.28 -1.54 -68.22
C PRO E 370 17.45 -0.68 -67.76
N GLU E 371 17.42 0.58 -68.17
CA GLU E 371 18.49 1.50 -67.81
C GLU E 371 18.55 1.67 -66.29
N PRO E 372 19.75 1.70 -65.71
CA PRO E 372 19.86 1.89 -64.26
C PRO E 372 19.30 3.25 -63.84
N VAL E 373 18.66 3.27 -62.67
CA VAL E 373 18.12 4.51 -62.12
C VAL E 373 19.12 5.07 -61.12
N ASN E 374 19.76 6.18 -61.50
CA ASN E 374 20.80 6.77 -60.68
C ASN E 374 20.32 7.94 -59.83
N GLN E 375 19.10 8.42 -60.04
CA GLN E 375 18.58 9.55 -59.28
C GLN E 375 17.82 9.08 -58.04
N ILE E 390 9.38 2.14 -64.00
CA ILE E 390 9.64 1.78 -62.61
C ILE E 390 8.37 1.25 -61.96
N GLN E 391 8.34 -0.06 -61.74
CA GLN E 391 7.18 -0.71 -61.16
C GLN E 391 7.24 -0.58 -59.64
N ASP E 392 6.27 -1.15 -58.93
CA ASP E 392 6.21 -1.03 -57.48
C ASP E 392 6.07 -2.42 -56.88
N LEU E 393 6.74 -2.64 -55.75
CA LEU E 393 6.56 -3.88 -55.02
C LEU E 393 5.15 -3.92 -54.43
N PRO E 394 4.60 -5.11 -54.23
CA PRO E 394 3.28 -5.23 -53.61
C PRO E 394 3.25 -4.57 -52.25
N SER E 395 2.14 -3.90 -51.95
CA SER E 395 2.02 -3.09 -50.75
C SER E 395 1.56 -3.87 -49.53
N THR E 396 0.89 -5.01 -49.71
CA THR E 396 0.42 -5.81 -48.60
C THR E 396 0.71 -7.28 -48.88
N LEU E 397 0.51 -8.11 -47.86
CA LEU E 397 0.68 -9.55 -48.05
C LEU E 397 -0.38 -10.10 -49.00
N TYR E 398 -1.59 -9.54 -48.95
CA TYR E 398 -2.64 -9.96 -49.88
C TYR E 398 -2.28 -9.67 -51.33
N THR E 399 -1.78 -8.47 -51.60
CA THR E 399 -1.37 -8.12 -52.96
C THR E 399 -0.19 -8.95 -53.42
N ALA E 400 0.77 -9.22 -52.53
CA ALA E 400 1.89 -10.08 -52.86
C ALA E 400 1.44 -11.50 -53.16
N LEU E 401 0.48 -12.03 -52.41
CA LEU E 401 -0.07 -13.34 -52.73
C LEU E 401 -0.77 -13.34 -54.07
N LYS E 402 -1.51 -12.27 -54.38
CA LYS E 402 -2.17 -12.18 -55.69
C LYS E 402 -1.14 -12.17 -56.80
N ALA E 403 -0.05 -11.42 -56.64
CA ALA E 403 1.01 -11.39 -57.64
C ALA E 403 1.76 -12.71 -57.72
N MET E 404 1.80 -13.47 -56.62
CA MET E 404 2.50 -14.75 -56.63
C MET E 404 1.73 -15.81 -57.39
N ARG E 405 0.39 -15.72 -57.39
CA ARG E 405 -0.43 -16.66 -58.15
C ARG E 405 -0.33 -16.45 -59.65
N GLU E 406 0.12 -15.27 -60.10
CA GLU E 406 0.19 -14.96 -61.51
C GLU E 406 1.58 -15.11 -62.09
N ASN E 407 2.55 -15.61 -61.32
CA ASN E 407 3.91 -15.78 -61.76
C ASN E 407 4.21 -17.27 -61.92
N GLU E 408 4.75 -17.65 -63.08
CA GLU E 408 5.11 -19.03 -63.33
C GLU E 408 6.50 -19.38 -62.82
N VAL E 409 7.41 -18.41 -62.78
CA VAL E 409 8.77 -18.66 -62.31
C VAL E 409 8.80 -19.04 -60.84
N ILE E 410 8.03 -18.35 -59.98
CA ILE E 410 8.00 -18.72 -58.57
C ILE E 410 7.40 -20.11 -58.37
N LYS E 411 6.35 -20.45 -59.13
CA LYS E 411 5.78 -21.79 -59.02
C LYS E 411 6.76 -22.86 -59.45
N LYS E 412 7.53 -22.60 -60.50
CA LYS E 412 8.55 -23.57 -60.92
C LYS E 412 9.68 -23.64 -59.90
N ALA E 413 10.04 -22.53 -59.28
CA ALA E 413 11.11 -22.51 -58.29
C ALA E 413 10.75 -23.28 -57.03
N LEU E 414 9.55 -23.06 -56.50
CA LEU E 414 9.16 -23.69 -55.24
C LEU E 414 8.66 -25.11 -55.40
N GLY E 415 8.29 -25.52 -56.61
CA GLY E 415 7.59 -26.77 -56.79
C GLY E 415 6.12 -26.62 -56.43
N ASN E 416 5.33 -27.63 -56.77
CA ASN E 416 3.90 -27.53 -56.55
C ASN E 416 3.53 -27.58 -55.08
N HIS E 417 4.12 -28.49 -54.32
CA HIS E 417 3.71 -28.69 -52.93
C HIS E 417 3.97 -27.47 -52.07
N ILE E 418 5.20 -26.94 -52.11
CA ILE E 418 5.55 -25.79 -51.30
C ILE E 418 4.74 -24.58 -51.73
N TYR E 419 4.58 -24.40 -53.04
CA TYR E 419 3.77 -23.30 -53.57
C TYR E 419 2.36 -23.32 -53.01
N ASN E 420 1.69 -24.46 -53.10
CA ASN E 420 0.31 -24.54 -52.62
C ASN E 420 0.22 -24.39 -51.11
N GLN E 421 1.10 -25.05 -50.36
CA GLN E 421 1.06 -24.92 -48.90
C GLN E 421 1.32 -23.50 -48.44
N PHE E 422 2.32 -22.84 -49.04
CA PHE E 422 2.61 -21.45 -48.70
C PHE E 422 1.44 -20.55 -49.00
N ILE E 423 0.84 -20.69 -50.18
CA ILE E 423 -0.29 -19.82 -50.52
C ILE E 423 -1.45 -20.05 -49.56
N ASN E 424 -1.77 -21.31 -49.24
CA ASN E 424 -2.89 -21.56 -48.34
C ASN E 424 -2.63 -20.99 -46.95
N SER E 425 -1.44 -21.24 -46.39
CA SER E 425 -1.16 -20.75 -45.04
C SER E 425 -1.13 -19.23 -44.99
N LYS E 426 -0.53 -18.58 -45.98
CA LYS E 426 -0.50 -17.13 -45.98
C LYS E 426 -1.88 -16.53 -46.19
N SER E 427 -2.73 -17.19 -46.99
CA SER E 427 -4.10 -16.71 -47.16
C SER E 427 -4.87 -16.79 -45.84
N ILE E 428 -4.70 -17.89 -45.11
CA ILE E 428 -5.35 -18.01 -43.80
C ILE E 428 -4.84 -16.93 -42.85
N GLU E 429 -3.53 -16.70 -42.85
CA GLU E 429 -2.95 -15.68 -41.99
C GLU E 429 -3.48 -14.29 -42.33
N TRP E 430 -3.58 -13.97 -43.63
CA TRP E 430 -4.13 -12.68 -44.02
C TRP E 430 -5.61 -12.57 -43.62
N ASP E 431 -6.36 -13.64 -43.76
CA ASP E 431 -7.76 -13.61 -43.33
C ASP E 431 -7.89 -13.35 -41.83
N TYR E 432 -7.01 -13.95 -41.02
CA TYR E 432 -7.02 -13.66 -39.59
C TYR E 432 -6.66 -12.21 -39.33
N TYR E 433 -5.67 -11.67 -40.04
CA TYR E 433 -5.26 -10.29 -39.80
C TYR E 433 -6.32 -9.29 -40.24
N ARG E 434 -7.04 -9.61 -41.31
CA ARG E 434 -7.96 -8.66 -41.93
C ARG E 434 -9.12 -8.26 -41.02
N THR E 435 -9.54 -9.13 -40.11
CA THR E 435 -10.73 -8.91 -39.31
C THR E 435 -10.44 -8.26 -37.96
N GLN E 436 -9.18 -8.03 -37.62
CA GLN E 436 -8.86 -7.47 -36.32
C GLN E 436 -9.13 -5.97 -36.27
N VAL E 437 -9.45 -5.48 -35.08
CA VAL E 437 -9.63 -4.06 -34.83
C VAL E 437 -8.45 -3.57 -34.01
N SER E 438 -7.66 -2.67 -34.58
CA SER E 438 -6.43 -2.22 -33.96
C SER E 438 -6.70 -1.07 -33.00
N GLU E 439 -5.71 -0.78 -32.16
CA GLU E 439 -5.82 0.36 -31.25
C GLU E 439 -5.81 1.68 -32.00
N TRP E 440 -5.18 1.72 -33.18
CA TRP E 440 -5.21 2.92 -33.99
C TRP E 440 -6.63 3.28 -34.40
N GLU E 441 -7.43 2.29 -34.79
CA GLU E 441 -8.81 2.55 -35.17
C GLU E 441 -9.63 3.09 -34.00
N ARG E 442 -9.47 2.52 -32.82
CA ARG E 442 -10.18 3.01 -31.65
C ARG E 442 -9.65 4.36 -31.16
N ASP E 443 -8.42 4.73 -31.52
CA ASP E 443 -7.92 6.06 -31.19
C ASP E 443 -8.39 7.13 -32.16
N GLN E 444 -8.47 6.81 -33.46
CA GLN E 444 -8.99 7.75 -34.43
C GLN E 444 -10.50 7.91 -34.33
N TYR E 445 -11.22 6.81 -34.19
CA TYR E 445 -12.66 6.77 -34.07
C TYR E 445 -13.05 6.50 -32.62
N MET E 446 -14.33 6.23 -32.40
CA MET E 446 -14.91 5.88 -31.10
C MET E 446 -15.07 7.10 -30.21
N LYS E 447 -14.46 8.22 -30.59
CA LYS E 447 -14.75 9.49 -29.94
C LYS E 447 -15.10 10.52 -30.98
N GLN E 448 -14.53 10.38 -32.18
CA GLN E 448 -14.93 11.22 -33.29
C GLN E 448 -16.26 10.78 -33.90
N TYR E 449 -16.60 9.51 -33.76
CA TYR E 449 -17.82 8.98 -34.35
C TYR E 449 -18.66 8.27 -33.29
N PHE F 9 -42.17 27.41 -42.17
CA PHE F 9 -41.87 28.46 -41.20
C PHE F 9 -41.32 29.70 -41.90
N THR F 10 -41.71 30.87 -41.41
CA THR F 10 -41.24 32.15 -41.92
C THR F 10 -40.46 32.88 -40.84
N LYS F 11 -39.94 34.06 -41.18
CA LYS F 11 -39.22 34.86 -40.21
C LYS F 11 -40.13 35.26 -39.05
N GLU F 12 -41.38 35.62 -39.35
CA GLU F 12 -42.32 35.96 -38.31
C GLU F 12 -42.58 34.79 -37.37
N ASP F 13 -42.68 33.57 -37.91
CA ASP F 13 -42.85 32.40 -37.06
C ASP F 13 -41.67 32.21 -36.11
N ILE F 14 -40.45 32.38 -36.60
CA ILE F 14 -39.27 32.23 -35.76
C ILE F 14 -39.23 33.30 -34.68
N ARG F 15 -39.54 34.55 -35.04
CA ARG F 15 -39.58 35.61 -34.04
C ARG F 15 -40.63 35.32 -32.97
N LYS F 16 -41.81 34.88 -33.41
CA LYS F 16 -42.86 34.55 -32.45
C LYS F 16 -42.43 33.41 -31.52
N PHE F 17 -41.79 32.38 -32.08
CA PHE F 17 -41.30 31.28 -31.27
C PHE F 17 -40.26 31.75 -30.25
N ALA F 18 -39.33 32.60 -30.68
CA ALA F 18 -38.32 33.11 -29.76
C ALA F 18 -38.94 33.91 -28.63
N GLU F 19 -39.96 34.73 -28.92
CA GLU F 19 -40.59 35.49 -27.86
C GLU F 19 -41.39 34.60 -26.91
N GLU F 20 -42.21 33.70 -27.45
CA GLU F 20 -43.10 32.94 -26.58
C GLU F 20 -42.40 31.83 -25.81
N GLU F 21 -41.36 31.23 -26.37
CA GLU F 21 -40.64 30.18 -25.69
C GLU F 21 -39.49 30.70 -24.83
N ASN F 22 -39.24 32.01 -24.86
CA ASN F 22 -38.16 32.64 -24.11
C ASN F 22 -36.81 31.98 -24.44
N VAL F 23 -36.57 31.82 -25.73
CA VAL F 23 -35.32 31.25 -26.21
C VAL F 23 -34.22 32.29 -26.03
N ARG F 24 -33.13 31.91 -25.38
CA ARG F 24 -32.03 32.82 -25.11
C ARG F 24 -30.88 32.71 -26.09
N TYR F 25 -30.63 31.54 -26.67
CA TYR F 25 -29.48 31.34 -27.52
C TYR F 25 -29.86 30.49 -28.73
N LEU F 26 -29.14 30.70 -29.83
CA LEU F 26 -29.34 29.97 -31.07
C LEU F 26 -28.05 29.28 -31.47
N ARG F 27 -28.15 28.01 -31.83
CA ARG F 27 -27.04 27.27 -32.41
C ARG F 27 -27.24 27.19 -33.92
N LEU F 28 -26.32 27.78 -34.66
CA LEU F 28 -26.31 27.65 -36.11
C LEU F 28 -25.38 26.51 -36.48
N GLN F 29 -25.93 25.37 -36.84
CA GLN F 29 -25.13 24.16 -36.99
C GLN F 29 -25.23 23.62 -38.41
N PHE F 30 -24.11 23.11 -38.89
CA PHE F 30 -23.98 22.58 -40.24
C PHE F 30 -23.02 21.40 -40.19
N THR F 31 -22.84 20.76 -41.34
CA THR F 31 -22.06 19.52 -41.42
C THR F 31 -20.88 19.70 -42.38
N ASP F 32 -19.74 19.17 -41.99
CA ASP F 32 -18.55 19.21 -42.84
C ASP F 32 -18.54 17.99 -43.75
N ILE F 33 -17.42 17.79 -44.47
CA ILE F 33 -17.35 16.68 -45.42
C ILE F 33 -17.33 15.33 -44.72
N LEU F 34 -16.81 15.26 -43.49
CA LEU F 34 -16.68 14.00 -42.78
C LEU F 34 -17.94 13.60 -42.03
N GLY F 35 -19.01 14.40 -42.12
CA GLY F 35 -20.22 14.12 -41.39
C GLY F 35 -20.27 14.67 -39.99
N THR F 36 -19.19 15.31 -39.52
CA THR F 36 -19.17 15.88 -38.18
C THR F 36 -19.98 17.17 -38.17
N ILE F 37 -20.86 17.30 -37.18
CA ILE F 37 -21.71 18.48 -37.07
C ILE F 37 -20.94 19.60 -36.38
N LYS F 38 -20.90 20.76 -37.01
CA LYS F 38 -20.23 21.94 -36.48
C LYS F 38 -21.24 23.03 -36.19
N ASN F 39 -21.01 23.78 -35.12
CA ASN F 39 -21.98 24.81 -34.72
C ASN F 39 -21.29 25.97 -34.04
N VAL F 40 -21.99 27.11 -34.03
CA VAL F 40 -21.61 28.28 -33.24
C VAL F 40 -22.86 28.76 -32.52
N GLU F 41 -22.70 29.13 -31.26
CA GLU F 41 -23.82 29.56 -30.43
C GLU F 41 -23.86 31.08 -30.40
N VAL F 42 -25.05 31.63 -30.58
CA VAL F 42 -25.24 33.07 -30.77
C VAL F 42 -26.36 33.54 -29.85
N PRO F 43 -26.21 34.66 -29.14
CA PRO F 43 -27.31 35.17 -28.32
C PRO F 43 -28.49 35.59 -29.18
N VAL F 44 -29.68 35.44 -28.62
CA VAL F 44 -30.91 35.73 -29.37
C VAL F 44 -31.01 37.19 -29.78
N SER F 45 -30.20 38.07 -29.21
CA SER F 45 -30.18 39.47 -29.64
C SER F 45 -29.62 39.63 -31.04
N GLN F 46 -28.99 38.59 -31.59
CA GLN F 46 -28.50 38.60 -32.97
C GLN F 46 -29.45 37.87 -33.91
N LEU F 47 -30.72 37.72 -33.51
CA LEU F 47 -31.67 36.97 -34.32
C LEU F 47 -31.89 37.62 -35.67
N GLU F 48 -31.99 38.94 -35.72
CA GLU F 48 -32.19 39.61 -36.99
C GLU F 48 -31.00 39.43 -37.92
N LYS F 49 -29.78 39.48 -37.38
CA LYS F 49 -28.61 39.22 -38.20
C LYS F 49 -28.59 37.79 -38.69
N VAL F 50 -29.00 36.84 -37.85
CA VAL F 50 -29.05 35.44 -38.26
C VAL F 50 -30.06 35.26 -39.40
N LEU F 51 -31.24 35.86 -39.26
CA LEU F 51 -32.28 35.70 -40.27
C LEU F 51 -31.96 36.42 -41.57
N ASP F 52 -31.06 37.40 -41.55
CA ASP F 52 -30.65 38.08 -42.77
C ASP F 52 -29.47 37.40 -43.46
N ASN F 53 -29.13 36.19 -43.04
CA ASN F 53 -28.08 35.40 -43.69
C ASN F 53 -26.74 36.11 -43.66
N GLU F 54 -26.47 36.82 -42.57
CA GLU F 54 -25.25 37.61 -42.45
C GLU F 54 -24.24 37.00 -41.49
N MET F 55 -24.52 35.80 -40.99
CA MET F 55 -23.57 35.10 -40.10
C MET F 55 -22.35 34.68 -40.92
N MET F 56 -21.15 34.80 -40.33
CA MET F 56 -19.91 34.50 -41.02
C MET F 56 -19.05 33.59 -40.16
N PHE F 57 -18.28 32.71 -40.81
CA PHE F 57 -17.31 31.89 -40.11
C PHE F 57 -16.09 31.73 -41.01
N ASP F 58 -15.08 31.01 -40.51
CA ASP F 58 -13.79 30.95 -41.19
C ASP F 58 -13.84 30.06 -42.42
N GLY F 59 -14.07 28.76 -42.23
CA GLY F 59 -14.08 27.85 -43.35
C GLY F 59 -12.75 27.16 -43.57
N SER F 60 -11.66 27.92 -43.45
CA SER F 60 -10.33 27.31 -43.60
C SER F 60 -9.98 26.40 -42.44
N SER F 61 -10.69 26.50 -41.32
CA SER F 61 -10.47 25.65 -40.17
C SER F 61 -11.36 24.42 -40.17
N ILE F 62 -12.15 24.20 -41.21
CA ILE F 62 -13.11 23.11 -41.27
C ILE F 62 -12.81 22.28 -42.51
N GLU F 63 -12.83 20.96 -42.35
CA GLU F 63 -12.58 20.04 -43.46
C GLU F 63 -13.58 20.24 -44.60
N ASP F 72 -13.83 32.18 -45.72
CA ASP F 72 -14.74 33.32 -45.55
C ASP F 72 -16.12 32.97 -46.09
N MET F 73 -16.96 32.37 -45.25
CA MET F 73 -18.23 31.80 -45.67
C MET F 73 -19.37 32.42 -44.89
N TYR F 74 -20.58 32.17 -45.39
CA TYR F 74 -21.80 32.69 -44.79
C TYR F 74 -22.73 31.56 -44.43
N LEU F 75 -23.48 31.73 -43.34
CA LEU F 75 -24.45 30.75 -42.90
C LEU F 75 -25.86 31.22 -43.28
N HIS F 76 -26.59 30.35 -43.97
CA HIS F 76 -27.96 30.64 -44.39
C HIS F 76 -28.89 29.64 -43.70
N PRO F 77 -29.56 30.03 -42.62
CA PRO F 77 -30.38 29.07 -41.87
C PRO F 77 -31.56 28.56 -42.70
N ASP F 78 -31.89 27.30 -42.48
CA ASP F 78 -33.09 26.70 -43.05
C ASP F 78 -34.16 26.75 -41.97
N LEU F 79 -35.14 27.62 -42.15
CA LEU F 79 -36.09 27.95 -41.09
C LEU F 79 -36.98 26.78 -40.70
N ASP F 80 -37.17 25.80 -41.59
CA ASP F 80 -38.00 24.65 -41.26
C ASP F 80 -37.35 23.74 -40.24
N THR F 81 -36.05 23.90 -39.99
CA THR F 81 -35.31 23.06 -39.07
C THR F 81 -35.28 23.60 -37.65
N TRP F 82 -36.13 24.57 -37.34
CA TRP F 82 -36.18 25.13 -35.99
C TRP F 82 -36.60 24.07 -34.98
N VAL F 83 -35.85 23.97 -33.89
CA VAL F 83 -36.19 23.05 -32.81
C VAL F 83 -35.40 23.49 -31.58
N ILE F 84 -35.96 23.22 -30.40
CA ILE F 84 -35.39 23.64 -29.13
C ILE F 84 -34.85 22.42 -28.41
N PHE F 85 -33.61 22.50 -27.95
CA PHE F 85 -33.05 21.40 -27.17
C PHE F 85 -33.65 21.41 -25.77
N PRO F 86 -34.32 20.36 -25.35
CA PRO F 86 -34.92 20.34 -24.01
C PRO F 86 -33.94 19.92 -22.92
N TRP F 87 -32.74 20.49 -22.93
CA TRP F 87 -31.77 20.20 -21.87
C TRP F 87 -30.84 21.39 -21.66
N GLY F 92 -29.94 28.83 -19.65
CA GLY F 92 -30.51 29.49 -20.82
C GLY F 92 -30.99 28.52 -21.87
N LYS F 93 -32.25 28.66 -22.28
CA LYS F 93 -32.85 27.79 -23.27
C LYS F 93 -32.19 28.01 -24.62
N VAL F 94 -31.94 26.91 -25.34
CA VAL F 94 -31.21 26.94 -26.60
C VAL F 94 -32.08 26.32 -27.69
N ALA F 95 -32.18 27.02 -28.80
CA ALA F 95 -32.77 26.50 -30.04
C ALA F 95 -31.67 26.40 -31.09
N ARG F 96 -31.99 25.72 -32.20
CA ARG F 96 -30.99 25.55 -33.25
C ARG F 96 -31.63 25.73 -34.61
N LEU F 97 -30.80 26.06 -35.58
CA LEU F 97 -31.17 26.10 -36.98
C LEU F 97 -30.06 25.44 -37.79
N ILE F 98 -30.44 24.57 -38.71
CA ILE F 98 -29.49 23.94 -39.62
C ILE F 98 -29.29 24.84 -40.83
N CYS F 99 -28.05 25.23 -41.07
CA CYS F 99 -27.72 26.25 -42.06
C CYS F 99 -27.00 25.64 -43.25
N ASP F 100 -27.25 26.22 -44.42
CA ASP F 100 -26.45 25.97 -45.60
C ASP F 100 -25.27 26.93 -45.63
N VAL F 101 -24.22 26.53 -46.34
CA VAL F 101 -22.99 27.32 -46.43
C VAL F 101 -22.97 28.00 -47.80
N TYR F 102 -22.90 29.32 -47.80
CA TYR F 102 -22.85 30.11 -49.02
C TYR F 102 -21.52 30.86 -49.10
N LYS F 103 -21.16 31.23 -50.33
CA LYS F 103 -19.98 32.04 -50.55
C LYS F 103 -20.35 33.52 -50.41
N THR F 104 -19.36 34.39 -50.63
CA THR F 104 -19.60 35.82 -50.50
C THR F 104 -20.44 36.39 -51.63
N ASP F 105 -20.64 35.64 -52.72
CA ASP F 105 -21.42 36.12 -53.85
C ASP F 105 -22.89 35.68 -53.78
N GLY F 106 -23.31 35.07 -52.68
CA GLY F 106 -24.68 34.65 -52.55
C GLY F 106 -25.00 33.30 -53.14
N THR F 107 -24.04 32.62 -53.72
CA THR F 107 -24.29 31.29 -54.25
C THR F 107 -23.85 30.23 -53.26
N PRO F 108 -24.53 29.09 -53.21
CA PRO F 108 -24.16 28.04 -52.25
C PRO F 108 -22.75 27.52 -52.52
N PHE F 109 -22.05 27.22 -51.44
CA PHE F 109 -20.69 26.69 -51.57
C PHE F 109 -20.75 25.28 -52.13
N GLU F 110 -19.93 25.03 -53.15
CA GLU F 110 -19.97 23.75 -53.85
C GLU F 110 -19.48 22.59 -53.00
N GLY F 111 -18.78 22.85 -51.90
CA GLY F 111 -18.30 21.82 -51.01
C GLY F 111 -19.19 21.53 -49.82
N ASP F 112 -20.42 22.04 -49.81
CA ASP F 112 -21.34 21.79 -48.71
C ASP F 112 -22.19 20.57 -49.02
N PRO F 113 -22.12 19.50 -48.22
CA PRO F 113 -22.89 18.29 -48.55
C PRO F 113 -24.38 18.50 -48.61
N ARG F 114 -24.95 19.34 -47.74
CA ARG F 114 -26.38 19.56 -47.74
C ARG F 114 -26.85 20.29 -48.99
N ALA F 115 -26.16 21.35 -49.39
CA ALA F 115 -26.47 22.02 -50.65
C ALA F 115 -26.22 21.11 -51.84
N ASN F 116 -25.26 20.19 -51.75
CA ASN F 116 -25.07 19.20 -52.79
C ASN F 116 -26.29 18.30 -52.94
N LEU F 117 -26.80 17.80 -51.81
CA LEU F 117 -27.98 16.95 -51.86
C LEU F 117 -29.18 17.72 -52.39
N LYS F 118 -29.31 18.99 -52.02
CA LYS F 118 -30.43 19.79 -52.51
C LYS F 118 -30.40 19.91 -54.03
N ARG F 119 -29.22 20.15 -54.62
CA ARG F 119 -29.17 20.28 -56.07
C ARG F 119 -29.27 18.94 -56.78
N VAL F 120 -28.82 17.85 -56.16
CA VAL F 120 -29.11 16.53 -56.73
C VAL F 120 -30.60 16.27 -56.76
N LEU F 121 -31.31 16.61 -55.68
CA LEU F 121 -32.77 16.48 -55.67
C LEU F 121 -33.42 17.38 -56.73
N LYS F 122 -32.89 18.60 -56.90
CA LYS F 122 -33.41 19.48 -57.94
C LYS F 122 -33.25 18.87 -59.32
N GLU F 123 -32.09 18.27 -59.60
CA GLU F 123 -31.91 17.55 -60.86
C GLU F 123 -32.84 16.36 -60.98
N MET F 124 -33.09 15.65 -59.89
CA MET F 124 -34.04 14.54 -59.92
C MET F 124 -35.44 15.02 -60.29
N GLU F 125 -35.84 16.18 -59.77
CA GLU F 125 -37.17 16.72 -60.05
C GLU F 125 -37.40 16.98 -61.54
N ASP F 126 -36.34 17.12 -62.33
CA ASP F 126 -36.51 17.32 -63.77
C ASP F 126 -36.97 16.05 -64.48
N LEU F 127 -36.84 14.90 -63.84
CA LEU F 127 -37.28 13.63 -64.42
C LEU F 127 -38.73 13.30 -64.09
N GLY F 128 -39.44 14.19 -63.41
CA GLY F 128 -40.82 13.98 -63.03
C GLY F 128 -41.02 13.52 -61.61
N PHE F 129 -39.97 13.05 -60.96
CA PHE F 129 -40.08 12.62 -59.57
C PHE F 129 -40.12 13.82 -58.65
N THR F 130 -41.13 13.85 -57.77
CA THR F 130 -41.35 15.01 -56.92
C THR F 130 -40.89 14.81 -55.48
N ASP F 131 -40.52 13.60 -55.09
CA ASP F 131 -40.16 13.36 -53.70
C ASP F 131 -39.17 12.21 -53.63
N PHE F 132 -38.43 12.16 -52.54
CA PHE F 132 -37.45 11.10 -52.31
C PHE F 132 -37.34 10.89 -50.81
N ASN F 133 -37.93 9.81 -50.32
CA ASN F 133 -38.01 9.55 -48.89
C ASN F 133 -36.89 8.62 -48.45
N LEU F 134 -36.42 8.83 -47.22
CA LEU F 134 -35.36 8.00 -46.65
C LEU F 134 -35.77 7.56 -45.26
N GLY F 135 -35.81 6.25 -45.04
CA GLY F 135 -35.97 5.72 -43.71
C GLY F 135 -34.68 5.09 -43.22
N PRO F 136 -33.96 5.81 -42.35
CA PRO F 136 -32.72 5.28 -41.80
C PRO F 136 -32.95 4.56 -40.48
N GLU F 137 -31.97 3.73 -40.11
CA GLU F 137 -32.00 3.00 -38.85
C GLU F 137 -30.58 2.78 -38.35
N PRO F 138 -29.96 3.80 -37.79
CA PRO F 138 -28.61 3.64 -37.24
C PRO F 138 -28.62 2.87 -35.93
N GLU F 139 -27.49 2.24 -35.65
CA GLU F 139 -27.27 1.49 -34.42
C GLU F 139 -26.03 2.02 -33.74
N PHE F 140 -26.00 1.92 -32.41
CA PHE F 140 -24.90 2.46 -31.64
C PHE F 140 -24.56 1.52 -30.50
N PHE F 141 -23.33 1.62 -30.02
CA PHE F 141 -22.88 0.94 -28.82
C PHE F 141 -22.85 1.91 -27.65
N LEU F 142 -22.95 1.35 -26.46
CA LEU F 142 -22.80 2.12 -25.23
C LEU F 142 -21.64 1.54 -24.43
N PHE F 143 -20.70 2.41 -24.06
CA PHE F 143 -19.53 2.00 -23.30
C PHE F 143 -19.51 2.72 -21.96
N LYS F 144 -19.03 2.01 -20.94
CA LYS F 144 -18.91 2.60 -19.61
C LYS F 144 -17.83 3.68 -19.58
N LEU F 145 -18.05 4.68 -18.75
CA LEU F 145 -17.05 5.72 -18.52
C LEU F 145 -16.28 5.42 -17.23
N ASP F 146 -15.06 5.93 -17.18
CA ASP F 146 -14.24 5.80 -15.98
C ASP F 146 -14.49 6.99 -15.06
N GLU F 147 -13.74 7.08 -13.96
CA GLU F 147 -13.90 8.19 -13.04
C GLU F 147 -13.47 9.51 -13.65
N LYS F 148 -12.47 9.47 -14.55
CA LYS F 148 -12.00 10.70 -15.17
C LYS F 148 -12.94 11.18 -16.27
N GLY F 149 -13.90 10.36 -16.67
CA GLY F 149 -14.82 10.70 -17.72
C GLY F 149 -14.46 10.19 -19.10
N GLU F 150 -13.44 9.37 -19.21
CA GLU F 150 -13.06 8.82 -20.50
C GLU F 150 -13.77 7.48 -20.74
N PRO F 151 -14.11 7.19 -22.00
CA PRO F 151 -14.71 5.88 -22.30
C PRO F 151 -13.74 4.75 -22.06
N THR F 152 -14.26 3.65 -21.55
CA THR F 152 -13.49 2.42 -21.40
C THR F 152 -13.83 1.46 -22.54
N LEU F 153 -13.34 0.24 -22.44
CA LEU F 153 -13.57 -0.78 -23.46
C LEU F 153 -14.64 -1.78 -23.06
N GLU F 154 -15.31 -1.58 -21.93
CA GLU F 154 -16.32 -2.52 -21.47
C GLU F 154 -17.72 -1.99 -21.79
N LEU F 155 -18.54 -2.85 -22.37
CA LEU F 155 -19.89 -2.48 -22.79
C LEU F 155 -20.79 -2.33 -21.58
N ASN F 156 -21.90 -1.62 -21.77
CA ASN F 156 -22.79 -1.34 -20.65
C ASN F 156 -23.46 -2.60 -20.13
N ASP F 157 -23.65 -3.61 -20.96
CA ASP F 157 -24.29 -4.85 -20.53
C ASP F 157 -23.78 -5.98 -21.41
N ASP F 158 -24.40 -7.15 -21.27
CA ASP F 158 -24.08 -8.33 -22.07
C ASP F 158 -25.35 -8.93 -22.64
N GLY F 159 -26.27 -8.05 -23.04
CA GLY F 159 -27.55 -8.50 -23.55
C GLY F 159 -27.49 -8.88 -25.02
N GLY F 160 -28.60 -9.46 -25.49
CA GLY F 160 -28.70 -9.86 -26.86
C GLY F 160 -29.86 -9.21 -27.59
N TYR F 161 -30.33 -9.84 -28.66
CA TYR F 161 -31.39 -9.27 -29.47
C TYR F 161 -32.73 -9.34 -28.72
N PHE F 162 -33.40 -8.19 -28.63
CA PHE F 162 -34.73 -8.09 -28.00
C PHE F 162 -34.71 -8.52 -26.54
N ASP F 163 -33.56 -8.34 -25.89
CA ASP F 163 -33.43 -8.70 -24.49
C ASP F 163 -34.01 -7.61 -23.61
N LEU F 164 -34.39 -7.98 -22.40
CA LEU F 164 -34.93 -7.03 -21.43
C LEU F 164 -34.11 -7.03 -20.15
N ALA F 165 -34.38 -6.05 -19.29
CA ALA F 165 -33.68 -5.87 -18.04
C ALA F 165 -33.98 -7.03 -17.08
N PRO F 166 -33.03 -7.38 -16.20
CA PRO F 166 -31.73 -6.74 -16.01
C PRO F 166 -30.64 -7.24 -16.95
N THR F 167 -30.99 -8.13 -17.88
CA THR F 167 -30.06 -8.51 -18.94
C THR F 167 -29.77 -7.35 -19.88
N ASP F 168 -30.79 -6.57 -20.23
CA ASP F 168 -30.63 -5.34 -20.99
C ASP F 168 -30.53 -4.20 -19.99
N LEU F 169 -29.31 -3.75 -19.72
CA LEU F 169 -29.08 -2.65 -18.80
C LEU F 169 -29.12 -1.29 -19.47
N GLY F 170 -29.35 -1.23 -20.77
CA GLY F 170 -29.45 0.03 -21.47
C GLY F 170 -30.87 0.51 -21.59
N GLU F 171 -31.78 -0.12 -20.86
CA GLU F 171 -33.20 0.21 -20.97
C GLU F 171 -33.49 1.64 -20.54
N ASN F 172 -32.90 2.09 -19.44
CA ASN F 172 -33.17 3.44 -18.95
C ASN F 172 -32.56 4.51 -19.85
N CYS F 173 -31.32 4.32 -20.29
CA CYS F 173 -30.70 5.28 -21.19
C CYS F 173 -31.46 5.36 -22.51
N ARG F 174 -31.85 4.22 -23.05
CA ARG F 174 -32.61 4.18 -24.29
C ARG F 174 -33.96 4.86 -24.12
N ARG F 175 -34.63 4.63 -22.98
CA ARG F 175 -35.90 5.29 -22.71
C ARG F 175 -35.74 6.80 -22.62
N ASP F 176 -34.69 7.27 -21.95
CA ASP F 176 -34.47 8.72 -21.88
C ASP F 176 -34.13 9.31 -23.23
N ILE F 177 -33.39 8.59 -24.07
CA ILE F 177 -33.15 9.06 -25.43
C ILE F 177 -34.45 9.19 -26.20
N VAL F 178 -35.33 8.19 -26.08
CA VAL F 178 -36.60 8.23 -26.78
C VAL F 178 -37.45 9.39 -26.27
N LEU F 179 -37.48 9.58 -24.95
CA LEU F 179 -38.22 10.68 -24.36
C LEU F 179 -37.72 12.03 -24.86
N GLU F 180 -36.40 12.20 -24.92
CA GLU F 180 -35.83 13.45 -25.38
C GLU F 180 -36.07 13.69 -26.86
N LEU F 181 -36.00 12.64 -27.67
CA LEU F 181 -36.28 12.76 -29.10
C LEU F 181 -37.75 13.06 -29.38
N GLU F 182 -38.67 12.51 -28.60
CA GLU F 182 -40.09 12.81 -28.82
C GLU F 182 -40.42 14.26 -28.51
N ASP F 183 -39.76 14.85 -27.52
CA ASP F 183 -39.96 16.28 -27.25
C ASP F 183 -39.43 17.14 -28.39
N MET F 184 -38.51 16.61 -29.19
CA MET F 184 -37.93 17.37 -30.28
C MET F 184 -38.65 17.17 -31.60
N GLY F 185 -39.76 16.43 -31.62
CA GLY F 185 -40.54 16.29 -32.82
C GLY F 185 -40.26 15.05 -33.64
N PHE F 186 -39.50 14.10 -33.11
CA PHE F 186 -39.30 12.84 -33.81
C PHE F 186 -40.55 11.97 -33.70
N ASP F 187 -40.72 11.10 -34.68
CA ASP F 187 -41.77 10.09 -34.66
C ASP F 187 -41.07 8.74 -34.47
N ILE F 188 -40.91 8.34 -33.21
CA ILE F 188 -40.21 7.11 -32.88
C ILE F 188 -41.10 5.91 -33.16
N GLU F 189 -40.53 4.90 -33.80
CA GLU F 189 -41.25 3.67 -34.13
C GLU F 189 -41.00 2.54 -33.14
N ALA F 190 -39.75 2.29 -32.77
CA ALA F 190 -39.42 1.18 -31.90
C ALA F 190 -38.05 1.42 -31.28
N SER F 191 -37.80 0.76 -30.15
CA SER F 191 -36.50 0.76 -29.52
C SER F 191 -36.28 -0.59 -28.87
N HIS F 192 -35.09 -1.16 -29.04
CA HIS F 192 -34.81 -2.50 -28.57
C HIS F 192 -33.30 -2.70 -28.47
N HIS F 193 -32.90 -3.71 -27.72
CA HIS F 193 -31.51 -4.13 -27.69
C HIS F 193 -31.15 -4.82 -28.99
N GLU F 194 -29.92 -4.63 -29.43
CA GLU F 194 -29.45 -5.18 -30.69
C GLU F 194 -28.67 -6.47 -30.44
N VAL F 195 -28.19 -7.08 -31.52
CA VAL F 195 -27.60 -8.41 -31.45
C VAL F 195 -26.35 -8.40 -30.57
N ALA F 196 -25.45 -7.47 -30.82
CA ALA F 196 -24.20 -7.42 -30.08
C ALA F 196 -24.44 -6.97 -28.65
N PRO F 197 -23.59 -7.40 -27.71
CA PRO F 197 -23.69 -6.88 -26.34
C PRO F 197 -23.43 -5.39 -26.32
N GLY F 198 -24.27 -4.66 -25.58
CA GLY F 198 -24.12 -3.23 -25.50
C GLY F 198 -24.55 -2.46 -26.74
N GLN F 199 -25.19 -3.13 -27.70
CA GLN F 199 -25.62 -2.51 -28.94
C GLN F 199 -27.11 -2.25 -28.90
N HIS F 200 -27.52 -1.07 -29.36
CA HIS F 200 -28.90 -0.62 -29.22
C HIS F 200 -29.38 0.00 -30.53
N GLU F 201 -30.69 -0.06 -30.73
CA GLU F 201 -31.32 0.49 -31.93
C GLU F 201 -32.58 1.24 -31.53
N ILE F 202 -32.70 2.48 -32.01
CA ILE F 202 -33.92 3.26 -31.89
C ILE F 202 -34.36 3.65 -33.29
N ASP F 203 -35.61 3.37 -33.62
CA ASP F 203 -36.11 3.56 -34.97
C ASP F 203 -37.06 4.75 -35.02
N PHE F 204 -36.95 5.54 -36.08
CA PHE F 204 -37.86 6.65 -36.33
C PHE F 204 -38.31 6.60 -37.77
N LYS F 205 -39.50 7.14 -38.01
CA LYS F 205 -40.16 7.00 -39.29
C LYS F 205 -39.46 7.83 -40.36
N TYR F 206 -39.66 7.45 -41.62
CA TYR F 206 -39.02 8.09 -42.75
C TYR F 206 -39.47 9.55 -42.88
N ALA F 207 -38.70 10.32 -43.62
CA ALA F 207 -39.05 11.68 -43.97
C ALA F 207 -38.47 11.98 -45.34
N ASP F 208 -38.62 13.23 -45.78
CA ASP F 208 -38.01 13.64 -47.02
C ASP F 208 -36.49 13.58 -46.88
N ALA F 209 -35.80 13.55 -48.03
CA ALA F 209 -34.36 13.27 -48.05
C ALA F 209 -33.59 14.24 -47.17
N VAL F 210 -33.79 15.55 -47.36
CA VAL F 210 -33.04 16.53 -46.60
C VAL F 210 -33.37 16.44 -45.12
N THR F 211 -34.66 16.40 -44.78
CA THR F 211 -35.02 16.30 -43.37
C THR F 211 -34.69 14.94 -42.77
N ALA F 212 -34.62 13.88 -43.58
CA ALA F 212 -34.15 12.61 -43.04
C ALA F 212 -32.67 12.66 -42.70
N CYS F 213 -31.85 13.29 -43.54
CA CYS F 213 -30.45 13.47 -43.19
C CYS F 213 -30.28 14.36 -41.97
N ASP F 214 -31.09 15.42 -41.87
CA ASP F 214 -31.11 16.24 -40.66
C ASP F 214 -31.52 15.43 -39.44
N ASN F 215 -32.48 14.51 -39.61
CA ASN F 215 -32.87 13.64 -38.52
C ASN F 215 -31.73 12.74 -38.08
N ILE F 216 -30.96 12.20 -39.02
CA ILE F 216 -29.82 11.38 -38.64
C ILE F 216 -28.80 12.21 -37.87
N GLN F 217 -28.49 13.40 -38.36
CA GLN F 217 -27.51 14.25 -37.68
C GLN F 217 -27.98 14.63 -36.28
N THR F 218 -29.24 15.00 -36.14
CA THR F 218 -29.78 15.33 -34.82
C THR F 218 -29.86 14.12 -33.91
N PHE F 219 -30.21 12.96 -34.45
CA PHE F 219 -30.30 11.74 -33.67
C PHE F 219 -28.95 11.39 -33.06
N LYS F 220 -27.89 11.49 -33.85
CA LYS F 220 -26.58 11.14 -33.32
C LYS F 220 -26.19 12.03 -32.15
N LEU F 221 -26.39 13.34 -32.28
CA LEU F 221 -26.00 14.25 -31.21
C LEU F 221 -26.90 14.10 -30.00
N VAL F 222 -28.19 13.84 -30.18
CA VAL F 222 -29.07 13.61 -29.04
C VAL F 222 -28.67 12.34 -28.30
N VAL F 223 -28.38 11.26 -29.03
CA VAL F 223 -27.96 10.02 -28.39
C VAL F 223 -26.66 10.24 -27.61
N LYS F 224 -25.69 10.91 -28.22
CA LYS F 224 -24.42 11.14 -27.55
C LYS F 224 -24.56 12.06 -26.33
N THR F 225 -25.44 13.05 -26.39
CA THR F 225 -25.66 13.93 -25.24
C THR F 225 -26.35 13.21 -24.10
N ILE F 226 -27.40 12.44 -24.41
CA ILE F 226 -28.14 11.75 -23.36
C ILE F 226 -27.31 10.62 -22.75
N ALA F 227 -26.44 9.98 -23.54
CA ALA F 227 -25.62 8.91 -22.98
C ALA F 227 -24.70 9.42 -21.89
N ARG F 228 -24.12 10.61 -22.04
CA ARG F 228 -23.23 11.15 -21.02
C ARG F 228 -23.95 11.37 -19.70
N LYS F 229 -25.23 11.76 -19.74
CA LYS F 229 -25.99 11.93 -18.51
C LYS F 229 -26.14 10.63 -17.73
N HIS F 230 -26.00 9.48 -18.40
CA HIS F 230 -26.08 8.18 -17.75
C HIS F 230 -24.70 7.58 -17.51
N ASN F 231 -23.65 8.40 -17.52
CA ASN F 231 -22.28 7.94 -17.32
C ASN F 231 -21.91 6.89 -18.35
N LEU F 232 -22.36 7.10 -19.59
CA LEU F 232 -22.10 6.17 -20.68
C LEU F 232 -21.55 6.95 -21.87
N HIS F 233 -20.80 6.25 -22.72
CA HIS F 233 -20.27 6.82 -23.94
C HIS F 233 -20.95 6.15 -25.12
N ALA F 234 -21.61 6.94 -25.96
CA ALA F 234 -22.25 6.45 -27.17
C ALA F 234 -21.33 6.63 -28.36
N THR F 235 -21.16 5.57 -29.13
CA THR F 235 -20.34 5.63 -30.33
C THR F 235 -21.08 5.01 -31.49
N PHE F 236 -20.93 5.63 -32.66
CA PHE F 236 -21.46 5.10 -33.91
C PHE F 236 -20.35 4.50 -34.77
N MET F 237 -19.25 4.12 -34.14
CA MET F 237 -18.18 3.42 -34.82
C MET F 237 -18.72 2.12 -35.40
N PRO F 238 -18.42 1.80 -36.66
CA PRO F 238 -19.01 0.60 -37.28
C PRO F 238 -18.68 -0.70 -36.56
N LYS F 239 -17.40 -0.95 -36.30
CA LYS F 239 -16.94 -2.18 -35.67
C LYS F 239 -16.01 -1.84 -34.51
N PRO F 240 -16.56 -1.41 -33.37
CA PRO F 240 -15.71 -1.07 -32.23
C PRO F 240 -14.92 -2.24 -31.67
N LEU F 241 -15.43 -3.46 -31.73
CA LEU F 241 -14.78 -4.62 -31.14
C LEU F 241 -14.78 -5.79 -32.11
N PHE F 242 -13.72 -6.59 -32.03
CA PHE F 242 -13.58 -7.78 -32.86
C PHE F 242 -14.43 -8.91 -32.31
N GLY F 243 -14.91 -9.77 -33.21
CA GLY F 243 -15.71 -10.91 -32.83
C GLY F 243 -17.12 -10.59 -32.41
N VAL F 244 -17.56 -9.35 -32.62
CA VAL F 244 -18.86 -8.87 -32.19
C VAL F 244 -19.52 -8.17 -33.37
N ASN F 245 -20.83 -8.31 -33.48
CA ASN F 245 -21.58 -7.71 -34.57
C ASN F 245 -21.35 -6.20 -34.63
N GLY F 246 -21.29 -5.68 -35.85
CA GLY F 246 -21.09 -4.26 -36.06
C GLY F 246 -22.41 -3.51 -36.19
N SER F 247 -22.29 -2.20 -36.36
CA SER F 247 -23.43 -1.30 -36.46
C SER F 247 -23.67 -0.90 -37.91
N GLY F 248 -24.93 -0.96 -38.35
CA GLY F 248 -25.29 -0.55 -39.68
C GLY F 248 -26.29 0.60 -39.65
N MET F 249 -26.46 1.23 -40.81
CA MET F 249 -27.36 2.36 -40.98
C MET F 249 -28.14 2.14 -42.28
N HIS F 250 -28.81 0.99 -42.36
CA HIS F 250 -29.63 0.66 -43.53
C HIS F 250 -30.44 1.85 -44.02
N PHE F 251 -30.44 2.07 -45.33
CA PHE F 251 -31.15 3.17 -45.95
C PHE F 251 -32.37 2.63 -46.68
N ASN F 252 -33.56 2.94 -46.18
CA ASN F 252 -34.81 2.60 -46.85
C ASN F 252 -35.19 3.74 -47.78
N VAL F 253 -35.39 3.42 -49.06
CA VAL F 253 -35.49 4.41 -50.12
C VAL F 253 -36.74 4.17 -50.94
N SER F 254 -37.50 5.24 -51.23
CA SER F 254 -38.67 5.16 -52.09
C SER F 254 -38.84 6.47 -52.85
N LEU F 255 -39.22 6.36 -54.11
CA LEU F 255 -39.47 7.51 -54.97
C LEU F 255 -40.96 7.76 -55.11
N PHE F 256 -41.33 9.02 -55.29
CA PHE F 256 -42.71 9.44 -55.42
C PHE F 256 -42.87 10.41 -56.58
N LYS F 257 -43.99 10.32 -57.28
CA LYS F 257 -44.42 11.35 -58.21
C LYS F 257 -45.83 11.79 -57.81
N GLY F 258 -45.92 12.56 -56.73
CA GLY F 258 -47.15 13.23 -56.38
C GLY F 258 -48.06 12.32 -55.59
N LYS F 259 -48.05 12.42 -54.27
CA LYS F 259 -48.97 11.66 -53.41
C LYS F 259 -49.06 10.18 -53.78
N GLU F 260 -48.05 9.64 -54.45
CA GLU F 260 -48.11 8.25 -54.90
C GLU F 260 -46.71 7.71 -55.09
N ASN F 261 -46.51 6.46 -54.66
CA ASN F 261 -45.20 5.80 -54.73
C ASN F 261 -44.95 5.34 -56.16
N ALA F 262 -43.78 5.71 -56.70
CA ALA F 262 -43.43 5.30 -58.05
C ALA F 262 -42.90 3.89 -58.11
N PHE F 263 -42.69 3.23 -56.98
CA PHE F 263 -42.17 1.87 -56.97
C PHE F 263 -43.26 0.81 -56.90
N PHE F 264 -44.51 1.20 -56.66
CA PHE F 264 -45.58 0.25 -56.40
C PHE F 264 -46.44 0.04 -57.64
N ASP F 265 -46.58 -1.21 -58.05
CA ASP F 265 -47.41 -1.59 -59.19
C ASP F 265 -48.60 -2.39 -58.69
N PRO F 266 -49.82 -1.86 -58.76
CA PRO F 266 -50.99 -2.58 -58.23
C PRO F 266 -51.50 -3.69 -59.13
N ASN F 267 -50.88 -3.94 -60.28
CA ASN F 267 -51.32 -4.98 -61.19
C ASN F 267 -50.40 -6.18 -61.23
N THR F 268 -49.09 -5.96 -61.20
CA THR F 268 -48.14 -7.06 -61.22
C THR F 268 -48.23 -7.86 -59.93
N GLU F 269 -48.06 -9.19 -60.05
CA GLU F 269 -48.15 -10.07 -58.90
C GLU F 269 -47.11 -9.70 -57.84
N MET F 270 -45.87 -9.46 -58.26
CA MET F 270 -44.84 -9.04 -57.31
C MET F 270 -45.14 -7.67 -56.72
N GLY F 271 -45.64 -6.75 -57.54
CA GLY F 271 -46.01 -5.44 -57.07
C GLY F 271 -44.97 -4.37 -57.22
N LEU F 272 -44.04 -4.50 -58.17
CA LEU F 272 -42.98 -3.54 -58.39
C LEU F 272 -43.09 -2.99 -59.80
N THR F 273 -42.96 -1.68 -59.95
CA THR F 273 -43.00 -1.06 -61.27
C THR F 273 -41.67 -1.29 -61.98
N GLU F 274 -41.65 -0.94 -63.28
CA GLU F 274 -40.40 -0.97 -64.01
C GLU F 274 -39.41 0.04 -63.46
N THR F 275 -39.90 1.18 -62.96
CA THR F 275 -39.03 2.17 -62.36
C THR F 275 -38.30 1.62 -61.15
N ALA F 276 -39.01 0.85 -60.31
CA ALA F 276 -38.37 0.24 -59.16
C ALA F 276 -37.27 -0.73 -59.58
N TYR F 277 -37.51 -1.51 -60.63
CA TYR F 277 -36.50 -2.43 -61.12
C TYR F 277 -35.28 -1.70 -61.68
N GLN F 278 -35.51 -0.64 -62.45
CA GLN F 278 -34.39 0.15 -62.98
C GLN F 278 -33.59 0.83 -61.87
N PHE F 279 -34.27 1.32 -60.82
CA PHE F 279 -33.55 1.91 -59.70
C PHE F 279 -32.64 0.88 -59.03
N THR F 280 -33.14 -0.32 -58.80
CA THR F 280 -32.33 -1.39 -58.23
C THR F 280 -31.17 -1.75 -59.16
N ALA F 281 -31.43 -1.80 -60.46
CA ALA F 281 -30.36 -2.11 -61.41
C ALA F 281 -29.26 -1.07 -61.35
N GLY F 282 -29.64 0.21 -61.29
CA GLY F 282 -28.65 1.27 -61.19
C GLY F 282 -27.85 1.22 -59.90
N VAL F 283 -28.52 0.99 -58.77
CA VAL F 283 -27.82 0.92 -57.49
C VAL F 283 -26.86 -0.27 -57.48
N LEU F 284 -27.30 -1.41 -58.00
CA LEU F 284 -26.43 -2.58 -58.06
C LEU F 284 -25.24 -2.32 -58.97
N LYS F 285 -25.47 -1.69 -60.12
CA LYS F 285 -24.41 -1.43 -61.07
C LYS F 285 -23.38 -0.44 -60.55
N ASN F 286 -23.81 0.54 -59.75
CA ASN F 286 -22.91 1.55 -59.22
C ASN F 286 -22.53 1.31 -57.76
N ALA F 287 -22.84 0.14 -57.21
CA ALA F 287 -22.60 -0.12 -55.79
C ALA F 287 -21.12 -0.07 -55.43
N ARG F 288 -20.24 -0.61 -56.27
CA ARG F 288 -18.81 -0.54 -55.99
C ARG F 288 -18.32 0.89 -55.96
N GLY F 289 -18.93 1.78 -56.75
CA GLY F 289 -18.51 3.15 -56.84
C GLY F 289 -18.70 3.98 -55.59
N PHE F 290 -19.84 3.83 -54.92
CA PHE F 290 -20.16 4.68 -53.77
C PHE F 290 -19.88 4.00 -52.44
N THR F 291 -19.19 2.86 -52.45
CA THR F 291 -18.91 2.17 -51.20
C THR F 291 -18.04 3.01 -50.27
N ALA F 292 -17.06 3.72 -50.84
CA ALA F 292 -16.19 4.56 -50.02
C ALA F 292 -16.97 5.66 -49.31
N VAL F 293 -17.94 6.27 -49.99
CA VAL F 293 -18.75 7.31 -49.35
C VAL F 293 -19.64 6.70 -48.27
N CYS F 294 -20.27 5.56 -48.57
CA CYS F 294 -21.15 4.92 -47.60
C CYS F 294 -20.39 4.23 -46.48
N ASN F 295 -19.12 3.90 -46.69
CA ASN F 295 -18.28 3.25 -45.69
C ASN F 295 -16.96 4.02 -45.63
N PRO F 296 -16.96 5.19 -44.99
CA PRO F 296 -15.83 6.12 -45.12
C PRO F 296 -14.66 5.88 -44.17
N LEU F 297 -14.74 4.93 -43.26
CA LEU F 297 -13.68 4.72 -42.29
C LEU F 297 -12.86 3.50 -42.65
N VAL F 298 -11.64 3.45 -42.11
CA VAL F 298 -10.87 2.21 -42.16
C VAL F 298 -11.58 1.12 -41.39
N ASN F 299 -12.19 1.47 -40.25
CA ASN F 299 -12.94 0.50 -39.46
C ASN F 299 -14.17 -0.01 -40.17
N SER F 300 -14.68 0.73 -41.17
CA SER F 300 -15.91 0.33 -41.84
C SER F 300 -15.78 -1.02 -42.53
N TYR F 301 -14.58 -1.40 -42.95
CA TYR F 301 -14.36 -2.63 -43.68
C TYR F 301 -13.97 -3.79 -42.79
N LYS F 302 -13.84 -3.54 -41.48
CA LYS F 302 -13.82 -4.63 -40.51
C LYS F 302 -15.21 -5.11 -40.18
N ARG F 303 -16.24 -4.33 -40.53
CA ARG F 303 -17.62 -4.80 -40.43
C ARG F 303 -18.03 -5.59 -41.65
N LEU F 304 -17.54 -5.19 -42.83
CA LEU F 304 -17.88 -5.87 -44.06
C LEU F 304 -17.08 -7.16 -44.20
N VAL F 305 -17.31 -8.10 -43.29
CA VAL F 305 -16.65 -9.40 -43.31
C VAL F 305 -17.72 -10.47 -43.20
N PRO F 306 -17.52 -11.66 -43.78
CA PRO F 306 -18.57 -12.67 -43.74
C PRO F 306 -18.83 -13.20 -42.34
N GLY F 307 -20.08 -13.56 -42.09
CA GLY F 307 -20.47 -14.21 -40.85
C GLY F 307 -20.99 -13.32 -39.75
N TYR F 308 -21.29 -12.05 -40.05
CA TYR F 308 -21.73 -11.13 -39.00
C TYR F 308 -22.91 -10.30 -39.49
N GLU F 309 -23.80 -10.90 -40.27
CA GLU F 309 -25.04 -10.26 -40.72
C GLU F 309 -24.78 -8.97 -41.49
N ALA F 310 -23.65 -8.86 -42.16
CA ALA F 310 -23.33 -7.67 -42.93
C ALA F 310 -23.18 -8.01 -44.40
N PRO F 311 -23.61 -7.12 -45.29
CA PRO F 311 -23.54 -7.42 -46.72
C PRO F 311 -22.14 -7.29 -47.27
N CYS F 312 -21.76 -8.27 -48.07
CA CYS F 312 -20.48 -8.23 -48.78
C CYS F 312 -20.61 -8.61 -50.25
N TYR F 313 -21.82 -8.92 -50.73
CA TYR F 313 -22.03 -9.36 -52.10
C TYR F 313 -23.07 -8.47 -52.75
N ILE F 314 -22.79 -8.03 -53.98
CA ILE F 314 -23.64 -7.10 -54.70
C ILE F 314 -24.74 -7.91 -55.38
N ALA F 315 -25.89 -7.99 -54.73
CA ALA F 315 -27.05 -8.68 -55.28
C ALA F 315 -28.29 -8.15 -54.57
N TRP F 316 -29.45 -8.47 -55.14
CA TRP F 316 -30.72 -8.03 -54.57
C TRP F 316 -31.64 -9.22 -54.39
N SER F 317 -32.57 -9.08 -53.44
CA SER F 317 -33.54 -10.13 -53.19
C SER F 317 -34.78 -9.52 -52.56
N GLY F 318 -35.90 -10.23 -52.74
CA GLY F 318 -37.14 -9.84 -52.09
C GLY F 318 -37.43 -10.71 -50.89
N LYS F 319 -37.00 -11.97 -50.96
CA LYS F 319 -37.19 -12.94 -49.88
C LYS F 319 -35.82 -13.53 -49.54
N ASN F 320 -35.06 -12.80 -48.73
CA ASN F 320 -33.76 -13.23 -48.23
C ASN F 320 -33.28 -12.20 -47.23
N ARG F 321 -32.30 -12.60 -46.42
CA ARG F 321 -31.89 -11.74 -45.31
C ARG F 321 -30.71 -10.84 -45.67
N SER F 322 -29.66 -11.38 -46.28
CA SER F 322 -28.40 -10.65 -46.44
C SER F 322 -27.91 -10.63 -47.89
N PRO F 323 -28.66 -10.00 -48.80
CA PRO F 323 -28.03 -9.47 -50.01
C PRO F 323 -27.68 -8.01 -49.82
N LEU F 324 -27.06 -7.37 -50.80
CA LEU F 324 -26.72 -5.96 -50.67
C LEU F 324 -27.99 -5.10 -50.66
N ILE F 325 -28.96 -5.45 -51.49
CA ILE F 325 -30.23 -4.74 -51.57
C ILE F 325 -31.35 -5.70 -51.15
N ARG F 326 -32.18 -5.27 -50.22
CA ARG F 326 -33.34 -6.03 -49.80
C ARG F 326 -34.59 -5.23 -50.13
N VAL F 327 -35.55 -5.86 -50.78
CA VAL F 327 -36.85 -5.26 -51.06
C VAL F 327 -37.85 -5.82 -50.05
N PRO F 328 -38.31 -5.04 -49.09
CA PRO F 328 -39.23 -5.58 -48.08
C PRO F 328 -40.56 -6.00 -48.69
N SER F 329 -41.20 -6.96 -48.03
CA SER F 329 -42.43 -7.55 -48.54
C SER F 329 -43.61 -6.58 -48.53
N SER F 330 -43.53 -5.51 -47.73
CA SER F 330 -44.63 -4.56 -47.66
C SER F 330 -44.82 -3.86 -49.00
N ARG F 331 -46.06 -3.57 -49.34
CA ARG F 331 -46.38 -2.90 -50.60
C ARG F 331 -47.27 -1.70 -50.37
N GLY F 332 -47.79 -1.12 -51.44
CA GLY F 332 -48.60 0.07 -51.32
C GLY F 332 -47.75 1.32 -51.31
N LEU F 333 -48.07 2.27 -50.44
CA LEU F 333 -47.26 3.48 -50.34
C LEU F 333 -45.96 3.26 -49.58
N SER F 334 -45.78 2.11 -48.95
CA SER F 334 -44.58 1.80 -48.17
C SER F 334 -43.62 0.91 -48.95
N THR F 335 -43.76 0.84 -50.26
CA THR F 335 -42.86 0.06 -51.10
C THR F 335 -41.51 0.77 -51.15
N ARG F 336 -40.46 0.09 -50.69
CA ARG F 336 -39.16 0.71 -50.56
C ARG F 336 -38.07 -0.27 -50.98
N ILE F 337 -36.88 0.29 -51.17
CA ILE F 337 -35.67 -0.47 -51.46
C ILE F 337 -34.66 -0.18 -50.35
N GLU F 338 -34.12 -1.23 -49.75
CA GLU F 338 -33.24 -1.10 -48.59
C GLU F 338 -31.81 -1.38 -49.00
N VAL F 339 -30.96 -0.38 -48.92
CA VAL F 339 -29.52 -0.55 -49.13
C VAL F 339 -28.87 -0.78 -47.77
N ARG F 340 -28.17 -1.90 -47.62
CA ARG F 340 -27.76 -2.40 -46.32
C ARG F 340 -26.28 -2.21 -46.02
N SER F 341 -25.52 -1.59 -46.93
CA SER F 341 -24.09 -1.42 -46.73
C SER F 341 -23.71 -0.13 -46.02
N VAL F 342 -24.66 0.78 -45.78
CA VAL F 342 -24.33 2.06 -45.16
C VAL F 342 -24.12 1.86 -43.66
N ASP F 343 -23.03 2.40 -43.14
CA ASP F 343 -22.78 2.36 -41.71
C ASP F 343 -23.06 3.72 -41.08
N PRO F 344 -23.26 3.78 -39.76
CA PRO F 344 -23.67 5.06 -39.15
C PRO F 344 -22.59 6.13 -39.16
N ALA F 345 -21.39 5.79 -39.59
CA ALA F 345 -20.30 6.76 -39.67
C ALA F 345 -20.29 7.53 -40.97
N ALA F 346 -21.14 7.18 -41.92
CA ALA F 346 -21.17 7.86 -43.21
C ALA F 346 -21.84 9.22 -43.07
N ASN F 347 -21.47 10.13 -43.96
CA ASN F 347 -22.15 11.40 -44.06
C ASN F 347 -23.52 11.16 -44.70
N PRO F 348 -24.62 11.43 -44.00
CA PRO F 348 -25.94 11.10 -44.57
C PRO F 348 -26.22 11.81 -45.88
N TYR F 349 -25.83 13.08 -46.00
CA TYR F 349 -26.09 13.82 -47.24
C TYR F 349 -25.33 13.22 -48.42
N MET F 350 -24.03 12.96 -48.25
CA MET F 350 -23.23 12.41 -49.34
C MET F 350 -23.68 11.02 -49.73
N ALA F 351 -23.90 10.15 -48.75
CA ALA F 351 -24.36 8.79 -49.06
C ALA F 351 -25.72 8.77 -49.71
N LEU F 352 -26.67 9.58 -49.22
CA LEU F 352 -27.97 9.65 -49.84
C LEU F 352 -27.91 10.20 -51.25
N ALA F 353 -27.10 11.23 -51.50
CA ALA F 353 -26.94 11.74 -52.85
C ALA F 353 -26.33 10.70 -53.77
N ALA F 354 -25.32 9.96 -53.29
CA ALA F 354 -24.71 8.92 -54.12
C ALA F 354 -25.72 7.84 -54.48
N ILE F 355 -26.51 7.38 -53.50
CA ILE F 355 -27.51 6.35 -53.79
C ILE F 355 -28.57 6.87 -54.74
N LEU F 356 -29.03 8.10 -54.56
CA LEU F 356 -30.05 8.66 -55.45
C LEU F 356 -29.52 8.78 -56.88
N GLU F 357 -28.28 9.24 -57.03
CA GLU F 357 -27.71 9.35 -58.37
C GLU F 357 -27.51 7.98 -59.01
N ALA F 358 -27.08 6.99 -58.21
CA ALA F 358 -26.93 5.65 -58.74
C ALA F 358 -28.26 5.09 -59.23
N GLY F 359 -29.33 5.30 -58.47
CA GLY F 359 -30.64 4.85 -58.91
C GLY F 359 -31.14 5.59 -60.14
N LEU F 360 -30.96 6.91 -60.19
CA LEU F 360 -31.38 7.67 -61.35
C LEU F 360 -30.59 7.31 -62.60
N ASP F 361 -29.33 6.91 -62.44
CA ASP F 361 -28.57 6.45 -63.59
C ASP F 361 -29.22 5.24 -64.25
N GLY F 362 -29.62 4.25 -63.46
CA GLY F 362 -30.37 3.13 -63.99
C GLY F 362 -31.74 3.49 -64.51
N ILE F 363 -32.41 4.44 -63.87
CA ILE F 363 -33.73 4.86 -64.34
C ILE F 363 -33.63 5.48 -65.73
N LYS F 364 -32.66 6.38 -65.93
CA LYS F 364 -32.54 7.06 -67.21
C LYS F 364 -31.75 6.27 -68.25
N ASN F 365 -31.09 5.18 -67.85
CA ASN F 365 -30.45 4.29 -68.81
C ASN F 365 -31.24 3.02 -69.08
N LYS F 366 -32.36 2.81 -68.39
CA LYS F 366 -33.24 1.66 -68.60
C LYS F 366 -32.48 0.35 -68.48
N LEU F 367 -31.62 0.25 -67.47
CA LEU F 367 -30.83 -0.94 -67.25
C LEU F 367 -31.71 -2.11 -66.85
N LYS F 368 -31.33 -3.30 -67.31
CA LYS F 368 -32.01 -4.52 -66.92
C LYS F 368 -31.47 -5.03 -65.59
N VAL F 369 -32.36 -5.66 -64.82
CA VAL F 369 -32.03 -6.10 -63.47
C VAL F 369 -31.52 -7.53 -63.52
N PRO F 370 -30.43 -7.85 -62.83
CA PRO F 370 -30.03 -9.26 -62.70
C PRO F 370 -31.04 -10.03 -61.88
N GLU F 371 -31.05 -11.34 -62.08
CA GLU F 371 -31.98 -12.20 -61.38
C GLU F 371 -31.74 -12.13 -59.87
N PRO F 372 -32.79 -12.00 -59.06
CA PRO F 372 -32.61 -11.97 -57.61
C PRO F 372 -32.08 -13.31 -57.09
N VAL F 373 -31.12 -13.25 -56.18
CA VAL F 373 -30.60 -14.45 -55.55
C VAL F 373 -31.42 -14.72 -54.30
N ASN F 374 -31.71 -16.00 -54.05
CA ASN F 374 -32.48 -16.39 -52.87
C ASN F 374 -31.76 -17.39 -51.99
N GLN F 375 -30.69 -18.01 -52.48
CA GLN F 375 -29.95 -18.99 -51.69
C GLN F 375 -28.97 -18.29 -50.75
N ILE F 390 -22.47 -12.30 -59.45
CA ILE F 390 -22.43 -11.73 -58.11
C ILE F 390 -21.06 -11.14 -57.85
N GLN F 391 -20.98 -9.81 -57.87
CA GLN F 391 -19.73 -9.10 -57.66
C GLN F 391 -19.48 -8.97 -56.15
N ASP F 392 -18.38 -8.31 -55.77
CA ASP F 392 -18.03 -8.19 -54.36
C ASP F 392 -17.78 -6.72 -54.04
N LEU F 393 -18.18 -6.31 -52.84
CA LEU F 393 -17.86 -4.98 -52.38
C LEU F 393 -16.36 -4.87 -52.11
N PRO F 394 -15.80 -3.67 -52.21
CA PRO F 394 -14.37 -3.49 -51.90
C PRO F 394 -14.07 -3.92 -50.47
N SER F 395 -12.92 -4.54 -50.31
CA SER F 395 -12.54 -5.16 -49.04
C SER F 395 -11.84 -4.20 -48.08
N THR F 396 -11.25 -3.11 -48.58
CA THR F 396 -10.57 -2.14 -47.74
C THR F 396 -10.93 -0.74 -48.20
N LEU F 397 -10.56 0.25 -47.38
CA LEU F 397 -10.78 1.63 -47.77
C LEU F 397 -9.95 1.99 -49.00
N TYR F 398 -8.75 1.43 -49.12
CA TYR F 398 -7.91 1.70 -50.28
C TYR F 398 -8.56 1.19 -51.56
N THR F 399 -9.08 -0.03 -51.55
CA THR F 399 -9.76 -0.58 -52.72
C THR F 399 -11.03 0.19 -53.03
N ALA F 400 -11.77 0.62 -52.01
CA ALA F 400 -12.95 1.43 -52.22
C ALA F 400 -12.62 2.78 -52.84
N LEU F 401 -11.51 3.40 -52.41
CA LEU F 401 -11.07 4.64 -53.06
C LEU F 401 -10.66 4.40 -54.50
N LYS F 402 -9.99 3.28 -54.77
CA LYS F 402 -9.63 2.96 -56.15
C LYS F 402 -10.87 2.79 -57.01
N ALA F 403 -11.90 2.10 -56.51
CA ALA F 403 -13.14 1.96 -57.25
C ALA F 403 -13.90 3.27 -57.38
N MET F 404 -13.74 4.18 -56.40
CA MET F 404 -14.36 5.49 -56.49
C MET F 404 -13.78 6.31 -57.63
N ARG F 405 -12.48 6.21 -57.87
CA ARG F 405 -11.82 6.98 -58.92
C ARG F 405 -12.21 6.51 -60.32
N GLU F 406 -12.81 5.34 -60.46
CA GLU F 406 -13.16 4.79 -61.75
C GLU F 406 -14.65 4.88 -62.06
N ASN F 407 -15.43 5.54 -61.21
CA ASN F 407 -16.86 5.66 -61.40
C ASN F 407 -17.22 7.11 -61.69
N GLU F 408 -17.92 7.34 -62.80
CA GLU F 408 -18.38 8.67 -63.17
C GLU F 408 -19.62 9.10 -62.42
N VAL F 409 -20.49 8.15 -62.05
CA VAL F 409 -21.74 8.48 -61.38
C VAL F 409 -21.50 9.06 -59.99
N ILE F 410 -20.57 8.51 -59.21
CA ILE F 410 -20.29 9.07 -57.89
C ILE F 410 -19.71 10.47 -58.01
N LYS F 411 -18.83 10.70 -58.99
CA LYS F 411 -18.30 12.03 -59.20
C LYS F 411 -19.40 13.03 -59.57
N LYS F 412 -20.32 12.61 -60.44
CA LYS F 412 -21.44 13.48 -60.79
C LYS F 412 -22.32 13.76 -59.57
N ALA F 413 -22.55 12.75 -58.73
CA ALA F 413 -23.36 12.91 -57.54
C ALA F 413 -22.73 13.88 -56.55
N LEU F 414 -21.42 13.77 -56.34
CA LEU F 414 -20.77 14.57 -55.30
C LEU F 414 -20.33 15.95 -55.77
N GLY F 415 -20.11 16.15 -57.06
CA GLY F 415 -19.49 17.37 -57.51
C GLY F 415 -17.99 17.32 -57.34
N ASN F 416 -17.31 18.12 -58.16
CA ASN F 416 -15.84 18.04 -58.23
C ASN F 416 -15.19 18.37 -56.89
N HIS F 417 -15.64 19.42 -56.22
CA HIS F 417 -15.00 19.84 -54.98
C HIS F 417 -15.09 18.77 -53.90
N ILE F 418 -16.31 18.28 -53.63
CA ILE F 418 -16.49 17.27 -52.61
C ILE F 418 -15.76 15.99 -52.99
N TYR F 419 -15.85 15.59 -54.27
CA TYR F 419 -15.17 14.39 -54.73
C TYR F 419 -13.66 14.46 -54.46
N ASN F 420 -13.03 15.56 -54.87
CA ASN F 420 -11.59 15.68 -54.69
C ASN F 420 -11.19 15.77 -53.23
N GLN F 421 -11.92 16.57 -52.42
CA GLN F 421 -11.55 16.68 -51.02
C GLN F 421 -11.73 15.36 -50.28
N PHE F 422 -12.82 14.64 -50.55
CA PHE F 422 -13.02 13.34 -49.93
C PHE F 422 -11.90 12.38 -50.31
N ILE F 423 -11.56 12.32 -51.61
CA ILE F 423 -10.50 11.40 -52.02
C ILE F 423 -9.18 11.75 -51.36
N ASN F 424 -8.82 13.03 -51.32
CA ASN F 424 -7.55 13.41 -50.73
C ASN F 424 -7.50 13.08 -49.24
N SER F 425 -8.55 13.45 -48.50
CA SER F 425 -8.55 13.19 -47.06
C SER F 425 -8.53 11.70 -46.75
N LYS F 426 -9.31 10.90 -47.49
CA LYS F 426 -9.31 9.47 -47.24
C LYS F 426 -8.00 8.82 -47.64
N SER F 427 -7.35 9.32 -48.69
CA SER F 427 -6.03 8.80 -49.06
C SER F 427 -5.02 9.09 -47.96
N ILE F 428 -5.05 10.29 -47.40
CA ILE F 428 -4.13 10.60 -46.29
C ILE F 428 -4.42 9.71 -45.10
N GLU F 429 -5.71 9.51 -44.78
CA GLU F 429 -6.07 8.65 -43.66
C GLU F 429 -5.59 7.21 -43.88
N TRP F 430 -5.76 6.69 -45.09
CA TRP F 430 -5.28 5.34 -45.38
C TRP F 430 -3.77 5.26 -45.29
N ASP F 431 -3.05 6.28 -45.76
CA ASP F 431 -1.61 6.28 -45.65
C ASP F 431 -1.14 6.30 -44.20
N TYR F 432 -1.84 7.04 -43.35
CA TYR F 432 -1.54 7.01 -41.92
C TYR F 432 -1.80 5.62 -41.34
N TYR F 433 -2.91 4.98 -41.73
CA TYR F 433 -3.24 3.67 -41.17
C TYR F 433 -2.27 2.60 -41.65
N ARG F 434 -1.80 2.71 -42.90
CA ARG F 434 -1.02 1.66 -43.53
C ARG F 434 0.30 1.39 -42.84
N THR F 435 0.89 2.38 -42.18
CA THR F 435 2.22 2.26 -41.61
C THR F 435 2.20 1.87 -40.14
N GLN F 436 1.03 1.68 -39.54
CA GLN F 436 0.98 1.36 -38.12
C GLN F 436 1.31 -0.11 -37.89
N VAL F 437 1.89 -0.39 -36.72
CA VAL F 437 2.16 -1.75 -36.30
C VAL F 437 1.20 -2.07 -35.16
N SER F 438 0.33 -3.05 -35.38
CA SER F 438 -0.73 -3.37 -34.44
C SER F 438 -0.26 -4.39 -33.40
N GLU F 439 -1.05 -4.52 -32.34
CA GLU F 439 -0.74 -5.51 -31.31
C GLU F 439 -0.88 -6.93 -31.83
N TRP F 440 -1.74 -7.14 -32.82
CA TRP F 440 -1.87 -8.46 -33.42
C TRP F 440 -0.57 -8.92 -34.05
N GLU F 441 0.13 -8.02 -34.74
CA GLU F 441 1.41 -8.36 -35.34
C GLU F 441 2.45 -8.72 -34.30
N ARG F 442 2.53 -7.97 -33.20
CA ARG F 442 3.48 -8.27 -32.15
C ARG F 442 3.09 -9.51 -31.35
N ASP F 443 1.83 -9.92 -31.40
CA ASP F 443 1.42 -11.18 -30.77
C ASP F 443 1.70 -12.39 -31.65
N GLN F 444 1.47 -12.29 -32.96
CA GLN F 444 1.79 -13.37 -33.87
C GLN F 444 3.28 -13.55 -34.08
N TYR F 445 3.99 -12.45 -34.26
CA TYR F 445 5.43 -12.41 -34.45
C TYR F 445 6.07 -11.92 -33.15
N MET F 446 7.36 -11.59 -33.21
CA MET F 446 8.12 -11.01 -32.12
C MET F 446 8.51 -12.05 -31.08
N LYS F 447 7.92 -13.25 -31.18
CA LYS F 447 8.39 -14.38 -30.40
C LYS F 447 8.57 -15.58 -31.32
N GLN F 448 7.78 -15.64 -32.38
CA GLN F 448 7.95 -16.68 -33.39
C GLN F 448 9.13 -16.36 -34.31
N TYR F 449 9.42 -15.10 -34.57
CA TYR F 449 10.53 -14.72 -35.42
C TYR F 449 11.49 -13.81 -34.66
N PHE G 9 -22.74 54.92 27.74
CA PHE G 9 -23.63 53.87 28.23
C PHE G 9 -23.65 53.83 29.74
N THR G 10 -24.83 53.60 30.30
CA THR G 10 -25.02 53.46 31.74
C THR G 10 -25.48 52.04 32.05
N LYS G 11 -25.66 51.76 33.34
CA LYS G 11 -26.16 50.45 33.75
C LYS G 11 -27.55 50.18 33.18
N GLU G 12 -28.42 51.20 33.18
CA GLU G 12 -29.75 51.03 32.61
C GLU G 12 -29.68 50.70 31.13
N ASP G 13 -28.75 51.33 30.40
CA ASP G 13 -28.58 51.02 28.99
C ASP G 13 -28.18 49.57 28.77
N ILE G 14 -27.25 49.06 29.60
CA ILE G 14 -26.81 47.68 29.47
C ILE G 14 -27.95 46.72 29.81
N ARG G 15 -28.71 47.00 30.86
CA ARG G 15 -29.85 46.16 31.20
C ARG G 15 -30.87 46.14 30.06
N LYS G 16 -31.16 47.31 29.49
CA LYS G 16 -32.10 47.38 28.38
C LYS G 16 -31.59 46.59 27.19
N PHE G 17 -30.29 46.70 26.89
CA PHE G 17 -29.72 45.94 25.79
C PHE G 17 -29.83 44.45 26.03
N ALA G 18 -29.56 44.01 27.26
CA ALA G 18 -29.63 42.58 27.58
C ALA G 18 -31.05 42.05 27.43
N GLU G 19 -32.06 42.80 27.88
CA GLU G 19 -33.42 42.30 27.72
C GLU G 19 -33.90 42.37 26.27
N GLU G 20 -33.63 43.48 25.57
CA GLU G 20 -34.19 43.66 24.24
C GLU G 20 -33.45 42.89 23.15
N GLU G 21 -32.20 42.50 23.40
CA GLU G 21 -31.45 41.72 22.44
C GLU G 21 -31.41 40.23 22.78
N ASN G 22 -31.99 39.85 23.92
CA ASN G 22 -32.01 38.46 24.38
C ASN G 22 -30.59 37.90 24.49
N VAL G 23 -29.73 38.68 25.11
CA VAL G 23 -28.36 38.25 25.38
C VAL G 23 -28.39 37.21 26.50
N ARG G 24 -27.75 36.06 26.25
CA ARG G 24 -27.72 34.99 27.24
C ARG G 24 -26.44 34.92 28.05
N TYR G 25 -25.32 35.35 27.50
CA TYR G 25 -24.03 35.22 28.18
C TYR G 25 -23.21 36.48 28.01
N LEU G 26 -22.37 36.74 29.00
CA LEU G 26 -21.47 37.89 29.00
C LEU G 26 -20.03 37.40 29.01
N ARG G 27 -19.21 37.98 28.15
CA ARG G 27 -17.78 37.67 28.11
C ARG G 27 -17.01 38.87 28.66
N LEU G 28 -16.46 38.72 29.86
CA LEU G 28 -15.66 39.75 30.49
C LEU G 28 -14.21 39.52 30.10
N GLN G 29 -13.69 40.34 29.18
CA GLN G 29 -12.38 40.09 28.63
C GLN G 29 -11.44 41.25 28.89
N PHE G 30 -10.18 40.90 29.16
CA PHE G 30 -9.13 41.86 29.46
C PHE G 30 -7.84 41.34 28.84
N THR G 31 -6.79 42.14 28.94
CA THR G 31 -5.52 41.86 28.28
C THR G 31 -4.40 41.74 29.30
N ASP G 32 -3.52 40.76 29.08
CA ASP G 32 -2.37 40.57 29.95
C ASP G 32 -1.19 41.39 29.42
N ILE G 33 0.00 41.19 30.01
CA ILE G 33 1.16 41.97 29.61
C ILE G 33 1.63 41.63 28.20
N LEU G 34 1.39 40.41 27.74
CA LEU G 34 1.86 39.98 26.43
C LEU G 34 0.90 40.33 25.30
N GLY G 35 -0.20 41.03 25.60
CA GLY G 35 -1.16 41.39 24.59
C GLY G 35 -2.20 40.35 24.28
N THR G 36 -2.18 39.21 24.98
CA THR G 36 -3.16 38.15 24.76
C THR G 36 -4.46 38.50 25.46
N ILE G 37 -5.57 38.27 24.77
CA ILE G 37 -6.93 38.58 25.33
C ILE G 37 -7.37 37.43 26.24
N LYS G 38 -7.64 37.73 27.51
CA LYS G 38 -8.12 36.75 28.46
C LYS G 38 -9.58 37.06 28.81
N ASN G 39 -10.40 36.02 28.97
CA ASN G 39 -11.81 36.24 29.24
C ASN G 39 -12.39 35.10 30.07
N VAL G 40 -13.52 35.40 30.71
CA VAL G 40 -14.34 34.41 31.37
C VAL G 40 -15.79 34.66 30.95
N GLU G 41 -16.52 33.59 30.66
CA GLU G 41 -17.89 33.70 30.21
C GLU G 41 -18.84 33.51 31.40
N VAL G 42 -19.85 34.36 31.49
CA VAL G 42 -20.73 34.42 32.64
C VAL G 42 -22.17 34.46 32.14
N PRO G 43 -23.08 33.68 32.74
CA PRO G 43 -24.49 33.77 32.33
C PRO G 43 -25.07 35.13 32.65
N VAL G 44 -26.03 35.56 31.84
CA VAL G 44 -26.63 36.88 31.99
C VAL G 44 -27.35 37.05 33.32
N SER G 45 -27.63 35.96 34.04
CA SER G 45 -28.23 36.06 35.36
C SER G 45 -27.28 36.65 36.38
N GLN G 46 -25.99 36.79 36.07
CA GLN G 46 -25.03 37.46 36.93
C GLN G 46 -24.74 38.87 36.46
N LEU G 47 -25.67 39.47 35.71
CA LEU G 47 -25.44 40.82 35.19
C LEU G 47 -25.31 41.83 36.32
N GLU G 48 -26.13 41.72 37.36
CA GLU G 48 -26.02 42.64 38.49
C GLU G 48 -24.69 42.50 39.20
N LYS G 49 -24.19 41.27 39.38
CA LYS G 49 -22.88 41.09 39.97
C LYS G 49 -21.79 41.69 39.09
N VAL G 50 -21.90 41.53 37.77
CA VAL G 50 -20.91 42.08 36.86
C VAL G 50 -20.89 43.60 36.94
N LEU G 51 -22.08 44.21 36.93
CA LEU G 51 -22.18 45.67 36.95
C LEU G 51 -21.76 46.28 38.29
N ASP G 52 -21.73 45.50 39.36
CA ASP G 52 -21.28 45.99 40.65
C ASP G 52 -19.79 45.78 40.87
N ASN G 53 -19.05 45.41 39.84
CA ASN G 53 -17.59 45.29 39.90
C ASN G 53 -17.15 44.27 40.95
N GLU G 54 -17.91 43.18 41.06
CA GLU G 54 -17.65 42.17 42.07
C GLU G 54 -17.11 40.86 41.47
N MET G 55 -16.88 40.82 40.16
CA MET G 55 -16.36 39.61 39.53
C MET G 55 -14.90 39.42 39.93
N MET G 56 -14.52 38.17 40.15
CA MET G 56 -13.17 37.87 40.68
C MET G 56 -12.48 36.76 39.88
N PHE G 57 -11.16 36.88 39.69
CA PHE G 57 -10.36 35.85 39.03
C PHE G 57 -9.05 35.69 39.80
N ASP G 58 -8.22 34.77 39.32
CA ASP G 58 -7.03 34.39 40.08
C ASP G 58 -5.95 35.45 40.00
N GLY G 59 -5.40 35.68 38.81
CA GLY G 59 -4.32 36.64 38.67
C GLY G 59 -2.96 36.00 38.70
N SER G 60 -2.75 35.04 39.60
CA SER G 60 -1.47 34.34 39.66
C SER G 60 -1.27 33.39 38.49
N SER G 61 -2.34 33.05 37.77
CA SER G 61 -2.24 32.19 36.60
C SER G 61 -2.10 32.97 35.30
N ILE G 62 -1.98 34.29 35.38
CA ILE G 62 -1.94 35.14 34.19
C ILE G 62 -0.64 35.94 34.22
N GLU G 63 0.02 36.03 33.06
CA GLU G 63 1.27 36.76 32.94
C GLU G 63 1.11 38.24 33.29
N ASP G 72 -5.68 37.45 43.32
CA ASP G 72 -6.99 37.78 43.87
C ASP G 72 -7.41 39.17 43.37
N MET G 73 -7.97 39.23 42.18
CA MET G 73 -8.20 40.49 41.49
C MET G 73 -9.69 40.67 41.19
N TYR G 74 -10.03 41.87 40.76
CA TYR G 74 -11.41 42.27 40.48
C TYR G 74 -11.51 42.77 39.05
N LEU G 75 -12.64 42.49 38.42
CA LEU G 75 -12.93 42.95 37.07
C LEU G 75 -13.90 44.12 37.13
N HIS G 76 -13.53 45.24 36.52
CA HIS G 76 -14.38 46.42 36.45
C HIS G 76 -14.72 46.70 35.00
N PRO G 77 -15.91 46.33 34.54
CA PRO G 77 -16.23 46.48 33.12
C PRO G 77 -16.30 47.95 32.70
N ASP G 78 -15.88 48.20 31.47
CA ASP G 78 -16.01 49.50 30.84
C ASP G 78 -17.27 49.43 29.97
N LEU G 79 -18.33 50.10 30.41
CA LEU G 79 -19.64 49.93 29.80
C LEU G 79 -19.72 50.44 28.37
N ASP G 80 -18.83 51.36 27.97
CA ASP G 80 -18.84 51.84 26.60
C ASP G 80 -18.37 50.79 25.60
N THR G 81 -17.75 49.72 26.08
CA THR G 81 -17.21 48.68 25.22
C THR G 81 -18.21 47.56 24.94
N TRP G 82 -19.48 47.77 25.27
CA TRP G 82 -20.51 46.78 25.03
C TRP G 82 -20.65 46.50 23.54
N VAL G 83 -20.65 45.22 23.18
CA VAL G 83 -20.86 44.80 21.79
C VAL G 83 -21.21 43.33 21.81
N ILE G 84 -22.02 42.91 20.83
CA ILE G 84 -22.53 41.54 20.75
C ILE G 84 -21.81 40.82 19.62
N PHE G 85 -21.32 39.62 19.92
CA PHE G 85 -20.65 38.83 18.89
C PHE G 85 -21.70 38.22 17.96
N PRO G 86 -21.68 38.54 16.67
CA PRO G 86 -22.69 37.99 15.76
C PRO G 86 -22.35 36.61 15.24
N TRP G 87 -21.94 35.70 16.12
CA TRP G 87 -21.66 34.33 15.71
C TRP G 87 -21.86 33.37 16.88
N GLY G 92 -26.61 30.31 22.03
CA GLY G 92 -26.74 31.37 23.00
C GLY G 92 -25.98 32.62 22.60
N LYS G 93 -26.69 33.73 22.48
CA LYS G 93 -26.07 34.99 22.08
C LYS G 93 -25.13 35.49 23.17
N VAL G 94 -23.97 35.99 22.75
CA VAL G 94 -22.91 36.42 23.66
C VAL G 94 -22.59 37.87 23.38
N ALA G 95 -22.57 38.68 24.43
CA ALA G 95 -22.03 40.03 24.40
C ALA G 95 -20.77 40.07 25.25
N ARG G 96 -19.99 41.14 25.09
CA ARG G 96 -18.73 41.24 25.81
C ARG G 96 -18.59 42.63 26.41
N LEU G 97 -17.79 42.69 27.47
CA LEU G 97 -17.38 43.95 28.07
C LEU G 97 -15.88 43.86 28.35
N ILE G 98 -15.15 44.90 27.97
CA ILE G 98 -13.73 45.00 28.25
C ILE G 98 -13.56 45.60 29.64
N CYS G 99 -12.83 44.89 30.49
CA CYS G 99 -12.76 45.23 31.90
C CYS G 99 -11.35 45.68 32.28
N ASP G 100 -11.29 46.53 33.29
CA ASP G 100 -10.04 46.91 33.93
C ASP G 100 -9.84 46.04 35.16
N VAL G 101 -8.58 45.76 35.49
CA VAL G 101 -8.24 44.90 36.60
C VAL G 101 -7.96 45.78 37.81
N TYR G 102 -8.70 45.54 38.90
CA TYR G 102 -8.54 46.29 40.14
C TYR G 102 -8.09 45.36 41.24
N LYS G 103 -7.46 45.94 42.26
CA LYS G 103 -7.07 45.20 43.45
C LYS G 103 -8.25 45.12 44.42
N THR G 104 -8.02 44.48 45.56
CA THR G 104 -9.07 44.33 46.55
C THR G 104 -9.42 45.63 47.26
N ASP G 105 -8.57 46.65 47.14
CA ASP G 105 -8.81 47.92 47.81
C ASP G 105 -9.51 48.94 46.92
N GLY G 106 -9.95 48.53 45.73
CA GLY G 106 -10.65 49.41 44.83
C GLY G 106 -9.77 50.26 43.94
N THR G 107 -8.46 50.15 44.06
CA THR G 107 -7.58 50.90 43.19
C THR G 107 -7.16 50.05 42.00
N PRO G 108 -6.96 50.65 40.83
CA PRO G 108 -6.58 49.87 39.65
C PRO G 108 -5.24 49.18 39.85
N PHE G 109 -5.14 47.97 39.32
CA PHE G 109 -3.90 47.20 39.43
C PHE G 109 -2.83 47.87 38.58
N GLU G 110 -1.65 48.05 39.17
CA GLU G 110 -0.57 48.76 38.50
C GLU G 110 0.05 47.98 37.36
N GLY G 111 -0.25 46.69 37.23
CA GLY G 111 0.30 45.90 36.15
C GLY G 111 -0.67 45.67 35.00
N ASP G 112 -1.80 46.38 35.03
CA ASP G 112 -2.78 46.25 33.96
C ASP G 112 -2.46 47.26 32.85
N PRO G 113 -2.17 46.80 31.63
CA PRO G 113 -1.78 47.74 30.57
C PRO G 113 -2.84 48.78 30.25
N ARG G 114 -4.12 48.42 30.28
CA ARG G 114 -5.18 49.36 29.92
C ARG G 114 -5.32 50.49 30.93
N ALA G 115 -5.29 50.18 32.23
CA ALA G 115 -5.26 51.22 33.24
C ALA G 115 -3.99 52.05 33.16
N ASN G 116 -2.87 51.43 32.78
CA ASN G 116 -1.63 52.18 32.57
C ASN G 116 -1.80 53.23 31.48
N LEU G 117 -2.39 52.83 30.35
CA LEU G 117 -2.66 53.78 29.29
C LEU G 117 -3.64 54.86 29.73
N LYS G 118 -4.66 54.49 30.50
CA LYS G 118 -5.60 55.49 31.00
C LYS G 118 -4.91 56.53 31.88
N ARG G 119 -4.02 56.10 32.78
CA ARG G 119 -3.36 57.07 33.63
C ARG G 119 -2.29 57.87 32.91
N VAL G 120 -1.66 57.30 31.88
CA VAL G 120 -0.77 58.11 31.04
C VAL G 120 -1.57 59.18 30.30
N LEU G 121 -2.75 58.84 29.79
CA LEU G 121 -3.61 59.85 29.16
C LEU G 121 -4.05 60.90 30.17
N LYS G 122 -4.35 60.49 31.40
CA LYS G 122 -4.70 61.46 32.44
C LYS G 122 -3.55 62.43 32.71
N GLU G 123 -2.32 61.93 32.77
CA GLU G 123 -1.17 62.81 32.93
C GLU G 123 -1.00 63.72 31.71
N MET G 124 -1.27 63.21 30.52
CA MET G 124 -1.21 64.03 29.32
C MET G 124 -2.20 65.19 29.37
N GLU G 125 -3.40 64.92 29.88
CA GLU G 125 -4.43 65.96 29.96
C GLU G 125 -4.03 67.14 30.83
N ASP G 126 -3.05 66.98 31.72
CA ASP G 126 -2.58 68.10 32.52
C ASP G 126 -1.76 69.09 31.71
N LEU G 127 -1.30 68.72 30.52
CA LEU G 127 -0.53 69.59 29.66
C LEU G 127 -1.39 70.41 28.72
N GLY G 128 -2.72 70.30 28.82
CA GLY G 128 -3.64 71.01 27.97
C GLY G 128 -4.19 70.21 26.82
N PHE G 129 -3.58 69.08 26.51
CA PHE G 129 -4.06 68.22 25.43
C PHE G 129 -5.27 67.42 25.91
N THR G 130 -6.36 67.50 25.17
CA THR G 130 -7.61 66.87 25.59
C THR G 130 -7.87 65.54 24.92
N ASP G 131 -7.09 65.15 23.91
CA ASP G 131 -7.39 63.91 23.20
C ASP G 131 -6.12 63.39 22.55
N PHE G 132 -6.15 62.11 22.20
CA PHE G 132 -5.02 61.45 21.55
C PHE G 132 -5.58 60.32 20.69
N ASN G 133 -5.55 60.52 19.38
CA ASN G 133 -6.16 59.59 18.44
C ASN G 133 -5.12 58.61 17.89
N LEU G 134 -5.58 57.40 17.58
CA LEU G 134 -4.70 56.37 17.05
C LEU G 134 -5.40 55.69 15.87
N GLY G 135 -4.78 55.79 14.69
CA GLY G 135 -5.23 55.02 13.56
C GLY G 135 -4.25 53.91 13.23
N PRO G 136 -4.57 52.69 13.62
CA PRO G 136 -3.70 51.55 13.35
C PRO G 136 -4.09 50.85 12.05
N GLU G 137 -3.14 50.07 11.53
CA GLU G 137 -3.35 49.28 10.32
C GLU G 137 -2.55 48.00 10.40
N PRO G 138 -3.04 47.02 11.15
CA PRO G 138 -2.34 45.74 11.23
C PRO G 138 -2.52 44.91 9.97
N GLU G 139 -1.55 44.01 9.76
CA GLU G 139 -1.57 43.10 8.64
C GLU G 139 -1.42 41.67 9.17
N PHE G 140 -1.97 40.72 8.44
CA PHE G 140 -1.97 39.34 8.89
C PHE G 140 -1.78 38.40 7.72
N PHE G 141 -1.27 37.21 8.00
CA PHE G 141 -1.17 36.15 7.02
C PHE G 141 -2.29 35.14 7.22
N LEU G 142 -2.63 34.45 6.14
CA LEU G 142 -3.58 33.36 6.17
C LEU G 142 -2.88 32.08 5.73
N PHE G 143 -2.98 31.04 6.55
CA PHE G 143 -2.37 29.76 6.28
C PHE G 143 -3.44 28.69 6.19
N LYS G 144 -3.21 27.70 5.33
CA LYS G 144 -4.16 26.60 5.19
C LYS G 144 -4.07 25.65 6.37
N LEU G 145 -5.22 25.14 6.78
CA LEU G 145 -5.29 24.11 7.81
C LEU G 145 -5.19 22.73 7.18
N ASP G 146 -4.80 21.76 7.99
CA ASP G 146 -4.76 20.37 7.55
C ASP G 146 -6.06 19.67 7.94
N GLU G 147 -6.11 18.36 7.73
CA GLU G 147 -7.30 17.60 8.08
C GLU G 147 -7.56 17.61 9.58
N LYS G 148 -6.49 17.51 10.38
CA LYS G 148 -6.64 17.49 11.83
C LYS G 148 -7.00 18.85 12.41
N GLY G 149 -6.91 19.92 11.61
CA GLY G 149 -7.20 21.25 12.07
C GLY G 149 -6.00 22.06 12.50
N GLU G 150 -4.80 21.59 12.25
CA GLU G 150 -3.59 22.33 12.58
C GLU G 150 -3.13 23.16 11.40
N PRO G 151 -2.57 24.35 11.67
CA PRO G 151 -2.06 25.17 10.57
C PRO G 151 -0.84 24.52 9.92
N THR G 152 -0.77 24.65 8.60
CA THR G 152 0.40 24.21 7.85
C THR G 152 1.27 25.42 7.53
N LEU G 153 2.30 25.19 6.71
CA LEU G 153 3.17 26.27 6.25
C LEU G 153 2.80 26.77 4.86
N GLU G 154 1.67 26.32 4.32
CA GLU G 154 1.26 26.68 2.98
C GLU G 154 0.28 27.85 3.03
N LEU G 155 0.63 28.94 2.35
CA LEU G 155 -0.19 30.13 2.34
C LEU G 155 -1.46 29.89 1.53
N ASN G 156 -2.48 30.70 1.79
CA ASN G 156 -3.77 30.50 1.15
C ASN G 156 -3.72 30.79 -0.35
N ASP G 157 -2.84 31.68 -0.79
CA ASP G 157 -2.72 32.01 -2.19
C ASP G 157 -1.29 32.44 -2.48
N ASP G 158 -1.07 32.95 -3.69
CA ASP G 158 0.23 33.46 -4.12
C ASP G 158 0.05 34.82 -4.78
N GLY G 159 -0.86 35.62 -4.23
CA GLY G 159 -1.17 36.92 -4.77
C GLY G 159 -0.19 37.99 -4.32
N GLY G 160 -0.36 39.18 -4.91
CA GLY G 160 0.50 40.30 -4.60
C GLY G 160 -0.27 41.50 -4.11
N TYR G 161 0.34 42.68 -4.22
CA TYR G 161 -0.28 43.90 -3.74
C TYR G 161 -1.45 44.30 -4.64
N PHE G 162 -2.61 44.53 -4.02
CA PHE G 162 -3.83 44.95 -4.74
C PHE G 162 -4.25 43.93 -5.78
N ASP G 163 -3.93 42.67 -5.56
CA ASP G 163 -4.31 41.60 -6.47
C ASP G 163 -5.78 41.24 -6.27
N LEU G 164 -6.37 40.63 -7.28
CA LEU G 164 -7.77 40.21 -7.21
C LEU G 164 -7.90 38.74 -7.59
N ALA G 165 -9.06 38.18 -7.29
CA ALA G 165 -9.35 36.79 -7.54
C ALA G 165 -9.37 36.51 -9.04
N PRO G 166 -9.01 35.29 -9.47
CA PRO G 166 -8.63 34.13 -8.64
C PRO G 166 -7.17 34.10 -8.21
N THR G 167 -6.42 35.16 -8.53
CA THR G 167 -5.08 35.30 -7.97
C THR G 167 -5.10 35.59 -6.47
N ASP G 168 -6.07 36.40 -6.02
CA ASP G 168 -6.31 36.66 -4.61
C ASP G 168 -7.40 35.69 -4.16
N LEU G 169 -7.00 34.61 -3.49
CA LEU G 169 -7.93 33.63 -2.98
C LEU G 169 -8.44 33.95 -1.58
N GLY G 170 -7.98 35.03 -0.98
CA GLY G 170 -8.46 35.42 0.34
C GLY G 170 -9.59 36.42 0.26
N GLU G 171 -10.16 36.60 -0.93
CA GLU G 171 -11.20 37.60 -1.13
C GLU G 171 -12.44 37.29 -0.31
N ASN G 172 -12.88 36.04 -0.30
CA ASN G 172 -14.10 35.68 0.42
C ASN G 172 -13.90 35.75 1.93
N CYS G 173 -12.77 35.23 2.42
CA CYS G 173 -12.50 35.31 3.86
C CYS G 173 -12.39 36.75 4.32
N ARG G 174 -11.67 37.59 3.56
CA ARG G 174 -11.55 38.99 3.89
C ARG G 174 -12.89 39.70 3.84
N ARG G 175 -13.72 39.39 2.85
CA ARG G 175 -15.06 39.96 2.78
C ARG G 175 -15.90 39.59 4.00
N ASP G 176 -15.85 38.32 4.40
CA ASP G 176 -16.61 37.93 5.59
C ASP G 176 -16.06 38.56 6.86
N ILE G 177 -14.75 38.75 6.97
CA ILE G 177 -14.20 39.47 8.11
C ILE G 177 -14.72 40.90 8.15
N VAL G 178 -14.71 41.58 7.00
CA VAL G 178 -15.20 42.96 6.95
C VAL G 178 -16.68 43.01 7.29
N LEU G 179 -17.45 42.07 6.74
CA LEU G 179 -18.89 42.02 7.00
C LEU G 179 -19.18 41.79 8.47
N GLU G 180 -18.42 40.92 9.12
CA GLU G 180 -18.60 40.65 10.53
C GLU G 180 -18.18 41.83 11.40
N LEU G 181 -17.10 42.51 11.02
CA LEU G 181 -16.66 43.68 11.76
C LEU G 181 -17.66 44.83 11.65
N GLU G 182 -18.28 45.01 10.48
CA GLU G 182 -19.25 46.08 10.34
C GLU G 182 -20.47 45.87 11.22
N ASP G 183 -20.89 44.62 11.43
CA ASP G 183 -21.98 44.35 12.35
C ASP G 183 -21.61 44.71 13.78
N MET G 184 -20.32 44.72 14.10
CA MET G 184 -19.85 45.00 15.45
C MET G 184 -19.56 46.48 15.68
N GLY G 185 -19.85 47.34 14.70
CA GLY G 185 -19.67 48.76 14.89
C GLY G 185 -18.36 49.34 14.43
N PHE G 186 -17.54 48.56 13.72
CA PHE G 186 -16.34 49.12 13.13
C PHE G 186 -16.71 49.98 11.93
N ASP G 187 -15.84 50.96 11.64
CA ASP G 187 -15.94 51.75 10.42
C ASP G 187 -14.79 51.32 9.53
N ILE G 188 -15.05 50.39 8.63
CA ILE G 188 -14.04 49.84 7.75
C ILE G 188 -13.77 50.83 6.62
N GLU G 189 -12.50 51.07 6.33
CA GLU G 189 -12.09 52.01 5.29
C GLU G 189 -11.71 51.33 3.98
N ALA G 190 -10.91 50.28 4.05
CA ALA G 190 -10.47 49.59 2.83
C ALA G 190 -9.99 48.20 3.21
N SER G 191 -9.98 47.32 2.21
CA SER G 191 -9.45 45.97 2.37
C SER G 191 -8.82 45.55 1.06
N HIS G 192 -7.65 44.93 1.12
CA HIS G 192 -6.93 44.56 -0.09
C HIS G 192 -5.90 43.49 0.24
N HIS G 193 -5.43 42.82 -0.80
CA HIS G 193 -4.30 41.91 -0.68
C HIS G 193 -3.03 42.71 -0.45
N GLU G 194 -2.13 42.16 0.35
CA GLU G 194 -0.90 42.84 0.70
C GLU G 194 0.25 42.30 -0.16
N VAL G 195 1.45 42.86 0.07
CA VAL G 195 2.59 42.59 -0.81
C VAL G 195 2.96 41.12 -0.80
N ALA G 196 3.09 40.53 0.38
CA ALA G 196 3.51 39.16 0.48
C ALA G 196 2.40 38.21 0.04
N PRO G 197 2.74 37.03 -0.45
CA PRO G 197 1.71 36.02 -0.73
C PRO G 197 0.99 35.62 0.55
N GLY G 198 -0.34 35.57 0.47
CA GLY G 198 -1.12 35.21 1.63
C GLY G 198 -1.25 36.28 2.68
N GLN G 199 -0.79 37.50 2.40
CA GLN G 199 -0.83 38.59 3.36
C GLN G 199 -1.98 39.53 3.01
N HIS G 200 -2.71 39.96 4.03
CA HIS G 200 -3.94 40.73 3.85
C HIS G 200 -3.98 41.90 4.81
N GLU G 201 -4.68 42.95 4.41
CA GLU G 201 -4.84 44.15 5.22
C GLU G 201 -6.29 44.61 5.17
N ILE G 202 -6.85 44.88 6.35
CA ILE G 202 -8.16 45.50 6.49
C ILE G 202 -7.99 46.77 7.31
N ASP G 203 -8.45 47.89 6.78
CA ASP G 203 -8.25 49.18 7.39
C ASP G 203 -9.53 49.70 8.03
N PHE G 204 -9.41 50.21 9.26
CA PHE G 204 -10.51 50.87 9.93
C PHE G 204 -10.02 52.21 10.45
N LYS G 205 -10.95 53.16 10.54
CA LYS G 205 -10.57 54.54 10.81
C LYS G 205 -10.15 54.72 12.27
N TYR G 206 -9.52 55.85 12.53
CA TYR G 206 -8.96 56.13 13.84
C TYR G 206 -10.06 56.29 14.88
N ALA G 207 -9.65 56.18 16.15
CA ALA G 207 -10.52 56.42 17.28
C ALA G 207 -9.66 56.97 18.41
N ASP G 208 -10.28 57.18 19.56
CA ASP G 208 -9.53 57.60 20.73
C ASP G 208 -8.59 56.49 21.17
N ALA G 209 -7.58 56.87 21.95
CA ALA G 209 -6.48 55.96 22.26
C ALA G 209 -6.98 54.64 22.85
N VAL G 210 -7.78 54.73 23.91
CA VAL G 210 -8.25 53.50 24.58
C VAL G 210 -9.13 52.69 23.65
N THR G 211 -10.09 53.33 22.98
CA THR G 211 -10.96 52.58 22.10
C THR G 211 -10.24 52.12 20.84
N ALA G 212 -9.17 52.80 20.43
CA ALA G 212 -8.37 52.30 19.31
C ALA G 212 -7.64 51.02 19.71
N CYS G 213 -7.07 50.99 20.91
CA CYS G 213 -6.44 49.75 21.36
C CYS G 213 -7.46 48.63 21.53
N ASP G 214 -8.65 48.96 22.04
CA ASP G 214 -9.73 47.98 22.09
C ASP G 214 -10.10 47.50 20.70
N ASN G 215 -10.12 48.40 19.71
CA ASN G 215 -10.38 48.01 18.34
C ASN G 215 -9.33 47.04 17.81
N ILE G 216 -8.05 47.29 18.11
CA ILE G 216 -7.02 46.36 17.67
C ILE G 216 -7.24 44.99 18.29
N GLN G 217 -7.49 44.97 19.60
CA GLN G 217 -7.69 43.69 20.32
C GLN G 217 -8.89 42.94 19.70
N THR G 218 -10.00 43.64 19.49
CA THR G 218 -11.20 42.99 18.94
C THR G 218 -10.98 42.55 17.50
N PHE G 219 -10.26 43.36 16.73
CA PHE G 219 -10.00 43.05 15.33
C PHE G 219 -9.21 41.76 15.21
N LYS G 220 -8.19 41.57 16.05
CA LYS G 220 -7.40 40.35 15.96
C LYS G 220 -8.24 39.12 16.21
N LEU G 221 -9.08 39.13 17.25
CA LEU G 221 -9.90 37.96 17.54
C LEU G 221 -10.98 37.73 16.50
N VAL G 222 -11.58 38.79 15.96
CA VAL G 222 -12.56 38.60 14.90
C VAL G 222 -11.90 38.00 13.66
N VAL G 223 -10.72 38.50 13.30
CA VAL G 223 -10.01 37.96 12.15
C VAL G 223 -9.71 36.48 12.36
N LYS G 224 -9.21 36.13 13.54
CA LYS G 224 -8.86 34.73 13.79
C LYS G 224 -10.08 33.82 13.77
N THR G 225 -11.19 34.25 14.40
CA THR G 225 -12.40 33.43 14.40
C THR G 225 -12.94 33.24 12.99
N ILE G 226 -13.08 34.32 12.22
CA ILE G 226 -13.65 34.19 10.88
C ILE G 226 -12.72 33.40 9.97
N ALA G 227 -11.40 33.56 10.11
CA ALA G 227 -10.48 32.74 9.33
C ALA G 227 -10.63 31.26 9.68
N ARG G 228 -10.79 30.94 10.96
CA ARG G 228 -11.04 29.57 11.35
C ARG G 228 -12.32 29.04 10.72
N LYS G 229 -13.33 29.89 10.56
CA LYS G 229 -14.55 29.45 9.90
C LYS G 229 -14.32 29.11 8.43
N HIS G 230 -13.27 29.65 7.81
CA HIS G 230 -12.96 29.40 6.42
C HIS G 230 -11.89 28.34 6.23
N ASN G 231 -11.68 27.49 7.24
CA ASN G 231 -10.64 26.46 7.19
C ASN G 231 -9.26 27.07 6.93
N LEU G 232 -9.03 28.23 7.53
CA LEU G 232 -7.77 28.94 7.41
C LEU G 232 -7.28 29.33 8.79
N HIS G 233 -5.97 29.52 8.91
CA HIS G 233 -5.36 29.97 10.16
C HIS G 233 -4.82 31.37 9.95
N ALA G 234 -5.30 32.32 10.75
CA ALA G 234 -4.83 33.69 10.70
C ALA G 234 -3.77 33.90 11.76
N THR G 235 -2.66 34.52 11.37
CA THR G 235 -1.59 34.80 12.31
C THR G 235 -1.13 36.24 12.15
N PHE G 236 -0.83 36.88 13.27
CA PHE G 236 -0.23 38.20 13.29
C PHE G 236 1.25 38.15 13.64
N MET G 237 1.87 37.01 13.43
CA MET G 237 3.32 36.88 13.58
C MET G 237 4.02 37.85 12.64
N PRO G 238 5.01 38.60 13.12
CA PRO G 238 5.64 39.63 12.26
C PRO G 238 6.26 39.08 10.99
N LYS G 239 7.13 38.07 11.11
CA LYS G 239 7.84 37.49 9.98
C LYS G 239 7.69 35.98 10.02
N PRO G 240 6.56 35.43 9.55
CA PRO G 240 6.39 33.98 9.60
C PRO G 240 7.25 33.20 8.63
N LEU G 241 7.69 33.80 7.53
CA LEU G 241 8.50 33.09 6.54
C LEU G 241 9.67 33.96 6.09
N PHE G 242 10.80 33.31 5.82
CA PHE G 242 11.97 34.01 5.32
C PHE G 242 11.80 34.35 3.84
N GLY G 243 12.42 35.45 3.42
CA GLY G 243 12.37 35.86 2.04
C GLY G 243 11.05 36.45 1.61
N VAL G 244 10.18 36.77 2.55
CA VAL G 244 8.83 37.25 2.29
C VAL G 244 8.58 38.45 3.18
N ASN G 245 7.87 39.44 2.63
CA ASN G 245 7.57 40.66 3.38
C ASN G 245 6.83 40.33 4.68
N GLY G 246 7.18 41.07 5.73
CA GLY G 246 6.57 40.88 7.03
C GLY G 246 5.34 41.74 7.23
N SER G 247 4.73 41.59 8.40
CA SER G 247 3.52 42.30 8.77
C SER G 247 3.83 43.42 9.75
N GLY G 248 3.29 44.60 9.50
CA GLY G 248 3.45 45.74 10.38
C GLY G 248 2.12 46.24 10.89
N MET G 249 2.20 47.10 11.92
CA MET G 249 1.03 47.68 12.56
C MET G 249 1.27 49.18 12.78
N HIS G 250 1.61 49.88 11.69
CA HIS G 250 1.86 51.32 11.73
C HIS G 250 0.86 52.04 12.62
N PHE G 251 1.37 52.94 13.45
CA PHE G 251 0.55 53.73 14.36
C PHE G 251 0.47 55.17 13.85
N ASN G 252 -0.74 55.59 13.51
CA ASN G 252 -1.01 56.98 13.15
C ASN G 252 -1.55 57.71 14.37
N VAL G 253 -0.85 58.75 14.80
CA VAL G 253 -1.16 59.43 16.06
C VAL G 253 -1.29 60.92 15.81
N SER G 254 -2.28 61.54 16.45
CA SER G 254 -2.48 62.99 16.38
C SER G 254 -3.00 63.48 17.72
N LEU G 255 -2.54 64.65 18.14
CA LEU G 255 -2.94 65.27 19.39
C LEU G 255 -3.97 66.35 19.13
N PHE G 256 -4.91 66.51 20.07
CA PHE G 256 -5.96 67.50 19.98
C PHE G 256 -6.07 68.28 21.27
N LYS G 257 -6.34 69.58 21.15
CA LYS G 257 -6.77 70.38 22.29
C LYS G 257 -8.13 70.96 21.97
N GLY G 258 -9.17 70.14 22.03
CA GLY G 258 -10.53 70.59 21.97
C GLY G 258 -10.97 70.75 20.53
N LYS G 259 -11.65 69.76 19.96
CA LYS G 259 -12.21 69.84 18.61
C LYS G 259 -11.23 70.42 17.59
N GLU G 260 -9.93 70.30 17.86
CA GLU G 260 -8.93 70.99 17.05
C GLU G 260 -7.62 70.23 17.10
N ASN G 261 -7.04 69.95 15.93
CA ASN G 261 -5.79 69.22 15.84
C ASN G 261 -4.64 70.14 16.25
N ALA G 262 -3.81 69.67 17.19
CA ALA G 262 -2.69 70.46 17.66
C ALA G 262 -1.47 70.35 16.75
N PHE G 263 -1.52 69.51 15.73
CA PHE G 263 -0.38 69.35 14.82
C PHE G 263 -0.49 70.19 13.56
N PHE G 264 -1.66 70.78 13.29
CA PHE G 264 -1.91 71.46 12.03
C PHE G 264 -1.72 72.96 12.18
N ASP G 265 -0.88 73.54 11.33
CA ASP G 265 -0.63 74.97 11.30
C ASP G 265 -1.24 75.56 10.05
N PRO G 266 -2.30 76.37 10.16
CA PRO G 266 -2.96 76.90 8.96
C PRO G 266 -2.19 78.02 8.29
N ASN G 267 -1.04 78.39 8.85
CA ASN G 267 -0.26 79.51 8.36
C ASN G 267 1.00 79.09 7.63
N THR G 268 1.80 78.20 8.22
CA THR G 268 3.02 77.76 7.58
C THR G 268 2.70 76.94 6.33
N GLU G 269 3.55 77.08 5.30
CA GLU G 269 3.35 76.32 4.08
C GLU G 269 3.47 74.83 4.31
N MET G 270 4.41 74.42 5.15
CA MET G 270 4.53 73.00 5.50
C MET G 270 3.28 72.53 6.22
N GLY G 271 2.71 73.35 7.08
CA GLY G 271 1.47 73.05 7.75
C GLY G 271 1.59 72.33 9.07
N LEU G 272 2.77 72.32 9.68
CA LEU G 272 2.99 71.65 10.96
C LEU G 272 3.32 72.68 12.02
N THR G 273 2.66 72.56 13.17
CA THR G 273 2.92 73.46 14.28
C THR G 273 4.26 73.09 14.94
N GLU G 274 4.69 73.94 15.86
CA GLU G 274 5.86 73.61 16.67
C GLU G 274 5.61 72.36 17.50
N THR G 275 4.38 72.20 18.01
CA THR G 275 4.04 71.03 18.81
C THR G 275 4.27 69.74 18.05
N ALA G 276 3.86 69.70 16.77
CA ALA G 276 4.08 68.52 15.96
C ALA G 276 5.57 68.23 15.80
N TYR G 277 6.38 69.27 15.66
CA TYR G 277 7.82 69.07 15.54
C TYR G 277 8.45 68.55 16.83
N GLN G 278 8.06 69.10 17.98
CA GLN G 278 8.61 68.58 19.24
C GLN G 278 8.13 67.16 19.52
N PHE G 279 6.90 66.80 19.14
CA PHE G 279 6.44 65.43 19.30
C PHE G 279 7.31 64.48 18.49
N THR G 280 7.59 64.83 17.24
CA THR G 280 8.46 64.01 16.40
C THR G 280 9.87 63.95 16.98
N ALA G 281 10.39 65.06 17.50
CA ALA G 281 11.70 65.06 18.10
C ALA G 281 11.76 64.11 19.29
N GLY G 282 10.74 64.13 20.15
CA GLY G 282 10.71 63.22 21.27
C GLY G 282 10.60 61.77 20.88
N VAL G 283 9.75 61.46 19.90
CA VAL G 283 9.62 60.07 19.45
C VAL G 283 10.93 59.58 18.85
N LEU G 284 11.58 60.42 18.03
CA LEU G 284 12.87 60.03 17.45
C LEU G 284 13.93 59.84 18.52
N LYS G 285 13.98 60.75 19.51
CA LYS G 285 14.97 60.66 20.56
C LYS G 285 14.78 59.44 21.44
N ASN G 286 13.53 59.04 21.69
CA ASN G 286 13.26 57.89 22.54
C ASN G 286 12.92 56.63 21.74
N ALA G 287 13.05 56.65 20.42
CA ALA G 287 12.72 55.49 19.60
C ALA G 287 13.55 54.27 19.95
N ARG G 288 14.82 54.46 20.28
CA ARG G 288 15.67 53.34 20.66
C ARG G 288 15.15 52.64 21.91
N GLY G 289 14.51 53.39 22.81
CA GLY G 289 14.11 52.87 24.10
C GLY G 289 12.82 52.09 24.15
N PHE G 290 11.88 52.35 23.23
CA PHE G 290 10.61 51.64 23.24
C PHE G 290 10.51 50.60 22.13
N THR G 291 11.62 50.30 21.47
CA THR G 291 11.59 49.30 20.40
C THR G 291 11.19 47.93 20.94
N ALA G 292 11.67 47.58 22.13
CA ALA G 292 11.34 46.28 22.71
C ALA G 292 9.85 46.14 22.94
N VAL G 293 9.19 47.20 23.44
CA VAL G 293 7.75 47.14 23.65
C VAL G 293 7.01 47.08 22.32
N CYS G 294 7.42 47.88 21.34
CA CYS G 294 6.76 47.88 20.04
C CYS G 294 7.11 46.67 19.20
N ASN G 295 8.22 46.01 19.50
CA ASN G 295 8.65 44.81 18.78
C ASN G 295 9.01 43.74 19.81
N PRO G 296 8.01 43.11 20.42
CA PRO G 296 8.26 42.29 21.62
C PRO G 296 8.69 40.86 21.38
N LEU G 297 8.69 40.37 20.15
CA LEU G 297 9.03 38.99 19.87
C LEU G 297 10.46 38.87 19.38
N VAL G 298 11.01 37.66 19.49
CA VAL G 298 12.27 37.37 18.83
C VAL G 298 12.10 37.47 17.32
N ASN G 299 10.97 36.99 16.81
CA ASN G 299 10.64 37.09 15.39
C ASN G 299 10.50 38.51 14.90
N SER G 300 10.23 39.47 15.80
CA SER G 300 10.02 40.85 15.37
C SER G 300 11.23 41.44 14.69
N TYR G 301 12.43 40.98 15.03
CA TYR G 301 13.65 41.55 14.49
C TYR G 301 14.15 40.81 13.27
N LYS G 302 13.47 39.74 12.87
CA LYS G 302 13.64 39.19 11.53
C LYS G 302 12.88 40.00 10.49
N ARG G 303 11.91 40.79 10.92
CA ARG G 303 11.25 41.74 10.01
C ARG G 303 12.06 43.01 9.86
N LEU G 304 12.72 43.46 10.94
CA LEU G 304 13.52 44.68 10.91
C LEU G 304 14.88 44.39 10.25
N VAL G 305 14.83 44.02 8.98
CA VAL G 305 16.02 43.78 8.18
C VAL G 305 15.89 44.59 6.89
N PRO G 306 16.99 45.04 6.30
CA PRO G 306 16.88 45.89 5.11
C PRO G 306 16.34 45.12 3.91
N GLY G 307 15.63 45.85 3.05
CA GLY G 307 15.18 45.32 1.78
C GLY G 307 13.76 44.78 1.74
N TYR G 308 12.96 45.00 2.78
CA TYR G 308 11.61 44.43 2.85
C TYR G 308 10.61 45.46 3.34
N GLU G 309 10.79 46.72 2.95
CA GLU G 309 9.85 47.80 3.26
C GLU G 309 9.64 47.99 4.75
N ALA G 310 10.64 47.65 5.58
CA ALA G 310 10.51 47.80 7.01
C ALA G 310 11.50 48.85 7.51
N PRO G 311 11.13 49.62 8.52
CA PRO G 311 12.03 50.66 9.02
C PRO G 311 13.14 50.09 9.89
N CYS G 312 14.36 50.54 9.59
CA CYS G 312 15.52 50.18 10.41
C CYS G 312 16.35 51.40 10.79
N TYR G 313 15.96 52.60 10.41
CA TYR G 313 16.75 53.80 10.62
C TYR G 313 15.89 54.84 11.34
N ILE G 314 16.43 55.43 12.39
CA ILE G 314 15.70 56.40 13.21
C ILE G 314 15.81 57.75 12.52
N ALA G 315 14.80 58.07 11.70
CA ALA G 315 14.74 59.35 11.01
C ALA G 315 13.29 59.61 10.62
N TRP G 316 13.00 60.85 10.27
CA TRP G 316 11.66 61.23 9.86
C TRP G 316 11.71 61.91 8.51
N SER G 317 10.59 61.85 7.80
CA SER G 317 10.48 62.51 6.51
C SER G 317 9.01 62.81 6.22
N GLY G 318 8.79 63.84 5.41
CA GLY G 318 7.45 64.18 4.98
C GLY G 318 7.14 63.60 3.61
N LYS G 319 8.16 63.52 2.74
CA LYS G 319 8.02 62.97 1.41
C LYS G 319 9.08 61.88 1.24
N ASN G 320 8.76 60.69 1.74
CA ASN G 320 9.59 59.50 1.61
C ASN G 320 8.81 58.33 2.20
N ARG G 321 9.20 57.13 1.80
CA ARG G 321 8.41 55.96 2.16
C ARG G 321 8.94 55.23 3.39
N SER G 322 10.26 55.09 3.53
CA SER G 322 10.84 54.23 4.56
C SER G 322 11.81 54.97 5.49
N PRO G 323 11.37 56.04 6.16
CA PRO G 323 12.03 56.41 7.42
C PRO G 323 11.28 55.80 8.59
N LEU G 324 11.78 55.97 9.82
CA LEU G 324 11.08 55.44 10.98
C LEU G 324 9.76 56.16 11.19
N ILE G 325 9.75 57.48 11.01
CA ILE G 325 8.55 58.30 11.17
C ILE G 325 8.19 58.89 9.82
N ARG G 326 6.94 58.73 9.41
CA ARG G 326 6.44 59.29 8.17
C ARG G 326 5.32 60.25 8.51
N VAL G 327 5.39 61.47 7.97
CA VAL G 327 4.34 62.47 8.13
C VAL G 327 3.55 62.52 6.84
N PRO G 328 2.31 62.04 6.81
CA PRO G 328 1.53 62.04 5.56
C PRO G 328 1.26 63.45 5.07
N SER G 329 1.05 63.56 3.76
CA SER G 329 0.86 64.85 3.12
C SER G 329 -0.48 65.50 3.45
N SER G 330 -1.43 64.73 3.97
CA SER G 330 -2.72 65.30 4.31
C SER G 330 -2.60 66.28 5.47
N ARG G 331 -3.45 67.31 5.45
CA ARG G 331 -3.43 68.33 6.49
C ARG G 331 -4.83 68.57 7.03
N GLY G 332 -5.00 69.61 7.83
CA GLY G 332 -6.28 69.89 8.45
C GLY G 332 -6.43 69.08 9.72
N LEU G 333 -7.63 68.56 9.95
CA LEU G 333 -7.86 67.73 11.12
C LEU G 333 -7.23 66.35 11.00
N SER G 334 -6.77 65.97 9.81
CA SER G 334 -6.16 64.66 9.59
C SER G 334 -4.64 64.70 9.62
N THR G 335 -4.05 65.74 10.20
CA THR G 335 -2.60 65.82 10.31
C THR G 335 -2.12 64.84 11.36
N ARG G 336 -1.29 63.89 10.96
CA ARG G 336 -0.88 62.81 11.86
C ARG G 336 0.60 62.51 11.67
N ILE G 337 1.14 61.76 12.62
CA ILE G 337 2.51 61.25 12.58
C ILE G 337 2.43 59.74 12.60
N GLU G 338 3.11 59.09 11.65
CA GLU G 338 3.01 57.64 11.49
C GLU G 338 4.31 57.00 11.97
N VAL G 339 4.23 56.26 13.07
CA VAL G 339 5.34 55.45 13.54
C VAL G 339 5.23 54.06 12.92
N ARG G 340 6.27 53.65 12.20
CA ARG G 340 6.17 52.52 11.29
C ARG G 340 6.86 51.26 11.81
N SER G 341 7.44 51.29 13.01
CA SER G 341 8.17 50.14 13.52
C SER G 341 7.30 49.19 14.34
N VAL G 342 6.04 49.55 14.63
CA VAL G 342 5.20 48.71 15.45
C VAL G 342 4.69 47.53 14.62
N ASP G 343 4.78 46.34 15.18
CA ASP G 343 4.28 45.13 14.52
C ASP G 343 3.02 44.63 15.22
N PRO G 344 2.18 43.83 14.54
CA PRO G 344 0.90 43.44 15.12
C PRO G 344 1.00 42.59 16.38
N ALA G 345 2.16 42.02 16.69
CA ALA G 345 2.33 41.22 17.89
C ALA G 345 2.48 42.07 19.15
N ALA G 346 2.66 43.38 19.01
CA ALA G 346 2.85 44.24 20.16
C ALA G 346 1.55 44.40 20.95
N ASN G 347 1.71 44.68 22.24
CA ASN G 347 0.56 45.02 23.06
C ASN G 347 0.13 46.44 22.72
N PRO G 348 -1.08 46.67 22.20
CA PRO G 348 -1.44 48.02 21.76
C PRO G 348 -1.40 49.05 22.88
N TYR G 349 -1.86 48.69 24.07
CA TYR G 349 -1.88 49.65 25.18
C TYR G 349 -0.47 50.09 25.55
N MET G 350 0.45 49.13 25.71
CA MET G 350 1.81 49.46 26.13
C MET G 350 2.56 50.24 25.06
N ALA G 351 2.46 49.81 23.80
CA ALA G 351 3.13 50.53 22.72
C ALA G 351 2.58 51.94 22.56
N LEU G 352 1.27 52.10 22.62
CA LEU G 352 0.68 53.42 22.50
C LEU G 352 1.09 54.32 23.68
N ALA G 353 1.11 53.77 24.89
CA ALA G 353 1.56 54.55 26.04
C ALA G 353 3.01 54.97 25.90
N ALA G 354 3.88 54.07 25.44
CA ALA G 354 5.29 54.41 25.23
C ALA G 354 5.46 55.51 24.19
N ILE G 355 4.76 55.42 23.06
CA ILE G 355 4.86 56.44 22.03
C ILE G 355 4.34 57.77 22.54
N LEU G 356 3.20 57.75 23.23
CA LEU G 356 2.66 59.00 23.77
C LEU G 356 3.60 59.63 24.77
N GLU G 357 4.21 58.82 25.64
CA GLU G 357 5.16 59.36 26.61
C GLU G 357 6.40 59.94 25.95
N ALA G 358 6.91 59.26 24.91
CA ALA G 358 8.06 59.82 24.19
C ALA G 358 7.72 61.16 23.55
N GLY G 359 6.56 61.24 22.90
CA GLY G 359 6.14 62.50 22.31
C GLY G 359 5.95 63.60 23.33
N LEU G 360 5.35 63.28 24.47
CA LEU G 360 5.18 64.27 25.53
C LEU G 360 6.50 64.70 26.14
N ASP G 361 7.47 63.78 26.25
CA ASP G 361 8.80 64.15 26.70
C ASP G 361 9.44 65.15 25.74
N GLY G 362 9.32 64.90 24.43
CA GLY G 362 9.77 65.87 23.45
C GLY G 362 9.06 67.20 23.54
N ILE G 363 7.76 67.18 23.82
CA ILE G 363 7.00 68.43 23.96
C ILE G 363 7.50 69.23 25.15
N LYS G 364 7.60 68.59 26.31
CA LYS G 364 7.91 69.31 27.54
C LYS G 364 9.38 69.67 27.67
N ASN G 365 10.28 68.99 26.94
CA ASN G 365 11.68 69.39 26.92
C ASN G 365 12.01 70.30 25.75
N LYS G 366 11.04 70.62 24.89
CA LYS G 366 11.22 71.54 23.78
C LYS G 366 12.40 71.14 22.90
N LEU G 367 12.49 69.84 22.62
CA LEU G 367 13.59 69.33 21.82
C LEU G 367 13.51 69.86 20.38
N LYS G 368 14.68 70.12 19.81
CA LYS G 368 14.76 70.52 18.42
C LYS G 368 14.77 69.29 17.51
N VAL G 369 14.25 69.47 16.31
CA VAL G 369 14.04 68.35 15.39
C VAL G 369 15.20 68.22 14.44
N PRO G 370 15.75 67.02 14.25
CA PRO G 370 16.73 66.82 13.18
C PRO G 370 16.11 67.04 11.82
N GLU G 371 16.95 67.41 10.86
CA GLU G 371 16.48 67.67 9.52
C GLU G 371 15.88 66.40 8.91
N PRO G 372 14.76 66.51 8.19
CA PRO G 372 14.16 65.33 7.57
C PRO G 372 15.10 64.71 6.55
N VAL G 373 15.07 63.39 6.49
CA VAL G 373 15.87 62.65 5.52
C VAL G 373 15.01 62.32 4.32
N ASN G 374 15.28 62.98 3.20
CA ASN G 374 14.48 62.81 2.00
C ASN G 374 15.08 61.84 0.99
N GLN G 375 16.37 61.55 1.09
CA GLN G 375 17.02 60.63 0.16
C GLN G 375 16.71 59.19 0.52
N ILE G 390 21.92 59.75 11.88
CA ILE G 390 20.93 58.69 11.67
C ILE G 390 21.31 57.46 12.46
N GLN G 391 20.60 57.23 13.56
CA GLN G 391 20.87 56.11 14.43
C GLN G 391 20.21 54.85 13.88
N ASP G 392 20.35 53.73 14.58
CA ASP G 392 19.81 52.45 14.12
C ASP G 392 18.94 51.86 15.20
N LEU G 393 17.85 51.22 14.79
CA LEU G 393 17.03 50.48 15.73
C LEU G 393 17.79 49.25 16.22
N PRO G 394 17.49 48.78 17.43
CA PRO G 394 18.15 47.56 17.92
C PRO G 394 17.91 46.39 16.99
N SER G 395 18.94 45.58 16.82
CA SER G 395 18.93 44.50 15.84
C SER G 395 18.35 43.20 16.36
N THR G 396 18.33 42.99 17.67
CA THR G 396 17.77 41.78 18.27
C THR G 396 16.93 42.16 19.48
N LEU G 397 16.19 41.17 19.99
CA LEU G 397 15.43 41.39 21.21
C LEU G 397 16.34 41.64 22.40
N TYR G 398 17.50 40.98 22.43
CA TYR G 398 18.45 41.22 23.52
C TYR G 398 18.96 42.66 23.52
N THR G 399 19.33 43.17 22.34
CA THR G 399 19.81 44.54 22.25
C THR G 399 18.71 45.53 22.58
N ALA G 400 17.49 45.26 22.14
CA ALA G 400 16.36 46.12 22.47
C ALA G 400 16.08 46.13 23.97
N LEU G 401 16.18 44.97 24.63
CA LEU G 401 16.04 44.93 26.07
C LEU G 401 17.14 45.73 26.76
N LYS G 402 18.38 45.61 26.27
CA LYS G 402 19.47 46.38 26.86
C LYS G 402 19.23 47.88 26.71
N ALA G 403 18.76 48.31 25.54
CA ALA G 403 18.41 49.71 25.34
C ALA G 403 17.22 50.15 26.15
N MET G 404 16.30 49.23 26.47
CA MET G 404 15.12 49.57 27.26
C MET G 404 15.49 49.81 28.72
N ARG G 405 16.50 49.10 29.23
CA ARG G 405 16.94 49.31 30.60
C ARG G 405 17.66 50.64 30.79
N GLU G 406 18.14 51.25 29.71
CA GLU G 406 18.88 52.50 29.80
C GLU G 406 18.02 53.73 29.52
N ASN G 407 16.76 53.54 29.15
CA ASN G 407 15.86 54.65 28.88
C ASN G 407 14.99 54.94 30.09
N GLU G 408 14.91 56.22 30.45
CA GLU G 408 14.09 56.65 31.58
C GLU G 408 12.66 56.95 31.19
N VAL G 409 12.41 57.30 29.93
CA VAL G 409 11.06 57.62 29.50
C VAL G 409 10.16 56.39 29.43
N ILE G 410 10.68 55.26 28.93
CA ILE G 410 9.87 54.04 28.86
C ILE G 410 9.48 53.54 30.23
N LYS G 411 10.38 53.65 31.22
CA LYS G 411 10.03 53.26 32.58
C LYS G 411 8.88 54.09 33.12
N LYS G 412 8.93 55.40 32.91
CA LYS G 412 7.83 56.27 33.34
C LYS G 412 6.55 55.96 32.60
N ALA G 413 6.65 55.65 31.30
CA ALA G 413 5.46 55.31 30.52
C ALA G 413 4.80 54.05 31.02
N LEU G 414 5.59 53.01 31.35
CA LEU G 414 5.03 51.72 31.71
C LEU G 414 4.73 51.55 33.19
N GLY G 415 5.32 52.37 34.07
CA GLY G 415 5.22 52.09 35.47
C GLY G 415 6.24 51.03 35.86
N ASN G 416 6.45 50.90 37.17
CA ASN G 416 7.48 49.98 37.65
C ASN G 416 7.10 48.52 37.41
N HIS G 417 5.85 48.17 37.73
CA HIS G 417 5.45 46.77 37.69
C HIS G 417 5.52 46.21 36.28
N ILE G 418 4.88 46.89 35.32
CA ILE G 418 4.87 46.40 33.94
C ILE G 418 6.28 46.38 33.37
N TYR G 419 7.06 47.41 33.64
CA TYR G 419 8.44 47.46 33.18
C TYR G 419 9.24 46.25 33.66
N ASN G 420 9.18 45.97 34.97
CA ASN G 420 9.96 44.85 35.50
C ASN G 420 9.46 43.51 34.98
N GLN G 421 8.15 43.31 34.95
CA GLN G 421 7.64 42.03 34.47
C GLN G 421 7.95 41.80 33.00
N PHE G 422 7.82 42.85 32.18
CA PHE G 422 8.15 42.73 30.76
C PHE G 422 9.62 42.39 30.58
N ILE G 423 10.50 43.10 31.29
CA ILE G 423 11.93 42.82 31.13
C ILE G 423 12.25 41.39 31.56
N ASN G 424 11.70 40.93 32.68
CA ASN G 424 12.00 39.59 33.15
C ASN G 424 11.50 38.53 32.17
N SER G 425 10.26 38.66 31.71
CA SER G 425 9.71 37.66 30.79
C SER G 425 10.45 37.65 29.46
N LYS G 426 10.77 38.82 28.91
CA LYS G 426 11.51 38.86 27.65
C LYS G 426 12.93 38.36 27.80
N SER G 427 13.58 38.59 28.96
CA SER G 427 14.90 38.04 29.18
C SER G 427 14.86 36.51 29.22
N ILE G 428 13.85 35.96 29.90
CA ILE G 428 13.71 34.50 29.93
C ILE G 428 13.46 33.97 28.52
N GLU G 429 12.61 34.66 27.75
CA GLU G 429 12.33 34.23 26.39
C GLU G 429 13.58 34.25 25.52
N TRP G 430 14.38 35.31 25.64
CA TRP G 430 15.63 35.38 24.87
C TRP G 430 16.59 34.27 25.29
N ASP G 431 16.71 34.02 26.59
CA ASP G 431 17.58 32.93 27.04
C ASP G 431 17.13 31.58 26.51
N TYR G 432 15.82 31.35 26.43
CA TYR G 432 15.31 30.13 25.82
C TYR G 432 15.66 30.08 24.34
N TYR G 433 15.54 31.21 23.63
CA TYR G 433 15.84 31.22 22.20
C TYR G 433 17.33 31.11 21.93
N ARG G 434 18.16 31.64 22.84
CA ARG G 434 19.60 31.74 22.58
C ARG G 434 20.27 30.38 22.44
N THR G 435 19.74 29.36 23.11
CA THR G 435 20.40 28.07 23.21
C THR G 435 19.94 27.06 22.16
N GLN G 436 19.02 27.45 21.28
CA GLN G 436 18.50 26.51 20.30
C GLN G 436 19.44 26.35 19.12
N VAL G 437 19.41 25.17 18.51
CA VAL G 437 20.17 24.88 17.31
C VAL G 437 19.17 24.78 16.15
N SER G 438 19.28 25.68 15.20
CA SER G 438 18.33 25.78 14.10
C SER G 438 18.71 24.83 12.97
N GLU G 439 17.76 24.62 12.06
CA GLU G 439 18.04 23.80 10.89
C GLU G 439 19.04 24.47 9.96
N TRP G 440 19.12 25.80 9.98
CA TRP G 440 20.11 26.50 9.18
C TRP G 440 21.52 26.12 9.60
N GLU G 441 21.77 26.03 10.92
CA GLU G 441 23.09 25.66 11.39
C GLU G 441 23.47 24.26 10.95
N ARG G 442 22.53 23.30 11.05
CA ARG G 442 22.82 21.96 10.61
C ARG G 442 22.92 21.84 9.10
N ASP G 443 22.32 22.75 8.34
CA ASP G 443 22.50 22.77 6.90
C ASP G 443 23.84 23.35 6.48
N GLN G 444 24.31 24.41 7.13
CA GLN G 444 25.60 24.98 6.79
C GLN G 444 26.75 24.12 7.32
N TYR G 445 26.63 23.63 8.54
CA TYR G 445 27.63 22.80 9.18
C TYR G 445 27.17 21.35 9.15
N MET G 446 27.87 20.49 9.88
CA MET G 446 27.54 19.06 10.06
C MET G 446 27.90 18.25 8.82
N LYS G 447 28.20 18.93 7.72
CA LYS G 447 28.76 18.23 6.56
C LYS G 447 30.01 18.96 6.10
N GLN G 448 30.09 20.26 6.39
CA GLN G 448 31.30 21.02 6.14
C GLN G 448 32.32 20.88 7.26
N TYR G 449 31.87 20.58 8.47
CA TYR G 449 32.76 20.40 9.60
C TYR G 449 32.48 19.07 10.29
N PHE H 9 63.56 14.94 6.46
CA PHE H 9 63.50 14.27 5.17
C PHE H 9 64.03 15.16 4.06
N THR H 10 64.73 14.55 3.11
CA THR H 10 65.26 15.24 1.95
C THR H 10 64.56 14.74 0.69
N LYS H 11 64.93 15.33 -0.46
CA LYS H 11 64.38 14.88 -1.72
C LYS H 11 64.74 13.43 -1.99
N GLU H 12 65.98 13.04 -1.69
CA GLU H 12 66.40 11.66 -1.87
C GLU H 12 65.60 10.71 -1.00
N ASP H 13 65.28 11.11 0.24
CA ASP H 13 64.44 10.27 1.09
C ASP H 13 63.06 10.06 0.47
N ILE H 14 62.46 11.12 -0.07
CA ILE H 14 61.14 11.00 -0.68
C ILE H 14 61.19 10.11 -1.92
N ARG H 15 62.23 10.27 -2.75
CA ARG H 15 62.37 9.41 -3.92
C ARG H 15 62.53 7.95 -3.51
N LYS H 16 63.36 7.70 -2.50
CA LYS H 16 63.54 6.34 -2.00
C LYS H 16 62.23 5.76 -1.48
N PHE H 17 61.46 6.56 -0.73
CA PHE H 17 60.18 6.10 -0.23
C PHE H 17 59.22 5.77 -1.37
N ALA H 18 59.17 6.62 -2.38
CA ALA H 18 58.27 6.37 -3.51
C ALA H 18 58.64 5.10 -4.25
N GLU H 19 59.94 4.84 -4.45
CA GLU H 19 60.34 3.62 -5.14
C GLU H 19 60.09 2.39 -4.28
N GLU H 20 60.48 2.43 -3.00
CA GLU H 20 60.44 1.23 -2.17
C GLU H 20 59.06 0.93 -1.62
N GLU H 21 58.14 1.89 -1.64
CA GLU H 21 56.77 1.63 -1.20
C GLU H 21 55.79 1.50 -2.36
N ASN H 22 56.26 1.66 -3.59
CA ASN H 22 55.43 1.58 -4.79
C ASN H 22 54.25 2.55 -4.71
N VAL H 23 54.56 3.77 -4.29
CA VAL H 23 53.57 4.84 -4.25
C VAL H 23 53.23 5.24 -5.67
N ARG H 24 51.93 5.27 -5.99
CA ARG H 24 51.48 5.61 -7.33
C ARG H 24 50.98 7.04 -7.46
N TYR H 25 50.44 7.63 -6.41
CA TYR H 25 49.85 8.96 -6.51
C TYR H 25 50.24 9.79 -5.29
N LEU H 26 50.34 11.09 -5.52
CA LEU H 26 50.70 12.06 -4.49
C LEU H 26 49.54 13.03 -4.29
N ARG H 27 49.18 13.25 -3.03
CA ARG H 27 48.19 14.25 -2.69
C ARG H 27 48.86 15.46 -2.06
N LEU H 28 48.78 16.59 -2.75
CA LEU H 28 49.33 17.84 -2.26
C LEU H 28 48.19 18.62 -1.61
N GLN H 29 48.16 18.63 -0.29
CA GLN H 29 47.03 19.19 0.44
C GLN H 29 47.46 20.35 1.32
N PHE H 30 46.58 21.33 1.42
CA PHE H 30 46.81 22.54 2.19
C PHE H 30 45.47 22.98 2.76
N THR H 31 45.51 24.02 3.59
CA THR H 31 44.35 24.48 4.33
C THR H 31 43.99 25.91 3.93
N ASP H 32 42.70 26.17 3.78
CA ASP H 32 42.21 27.50 3.47
C ASP H 32 41.94 28.25 4.77
N ILE H 33 41.32 29.44 4.65
CA ILE H 33 41.10 30.27 5.83
C ILE H 33 40.08 29.66 6.78
N LEU H 34 39.15 28.86 6.28
CA LEU H 34 38.10 28.29 7.11
C LEU H 34 38.51 26.98 7.77
N GLY H 35 39.74 26.52 7.56
CA GLY H 35 40.19 25.28 8.14
C GLY H 35 39.90 24.05 7.30
N THR H 36 39.30 24.20 6.13
CA THR H 36 38.98 23.06 5.29
C THR H 36 40.22 22.61 4.53
N ILE H 37 40.43 21.29 4.47
CA ILE H 37 41.56 20.72 3.74
C ILE H 37 41.24 20.75 2.25
N LYS H 38 42.18 21.27 1.47
CA LYS H 38 42.09 21.29 0.01
C LYS H 38 43.27 20.53 -0.55
N ASN H 39 43.02 19.70 -1.57
CA ASN H 39 44.09 18.88 -2.14
C ASN H 39 43.88 18.67 -3.63
N VAL H 40 44.98 18.32 -4.30
CA VAL H 40 44.97 17.87 -5.68
C VAL H 40 45.82 16.61 -5.77
N GLU H 41 45.33 15.61 -6.48
CA GLU H 41 46.03 14.33 -6.60
C GLU H 41 46.83 14.31 -7.89
N VAL H 42 48.08 13.87 -7.78
CA VAL H 42 49.04 13.95 -8.87
C VAL H 42 49.72 12.60 -9.04
N PRO H 43 49.87 12.09 -10.26
CA PRO H 43 50.59 10.83 -10.45
C PRO H 43 52.05 10.96 -10.05
N VAL H 44 52.62 9.85 -9.57
CA VAL H 44 53.98 9.88 -9.07
C VAL H 44 54.99 10.20 -10.17
N SER H 45 54.59 10.13 -11.43
CA SER H 45 55.46 10.55 -12.53
C SER H 45 55.75 12.04 -12.51
N GLN H 46 55.00 12.82 -11.74
CA GLN H 46 55.25 14.25 -11.58
C GLN H 46 55.98 14.54 -10.27
N LEU H 47 56.67 13.55 -9.71
CA LEU H 47 57.34 13.74 -8.43
C LEU H 47 58.43 14.79 -8.52
N GLU H 48 59.20 14.79 -9.60
CA GLU H 48 60.25 15.80 -9.76
C GLU H 48 59.66 17.20 -9.85
N LYS H 49 58.56 17.37 -10.57
CA LYS H 49 57.91 18.68 -10.63
C LYS H 49 57.38 19.09 -9.26
N VAL H 50 56.83 18.15 -8.51
CA VAL H 50 56.33 18.45 -7.18
C VAL H 50 57.47 18.90 -6.26
N LEU H 51 58.59 18.19 -6.31
CA LEU H 51 59.73 18.51 -5.45
C LEU H 51 60.43 19.79 -5.85
N ASP H 52 60.20 20.28 -7.07
CA ASP H 52 60.77 21.54 -7.51
C ASP H 52 59.87 22.74 -7.23
N ASN H 53 58.80 22.53 -6.47
CA ASN H 53 57.90 23.61 -6.06
C ASN H 53 57.27 24.30 -7.28
N GLU H 54 57.00 23.53 -8.32
CA GLU H 54 56.44 24.07 -9.55
C GLU H 54 54.96 23.74 -9.72
N MET H 55 54.36 23.15 -8.69
CA MET H 55 52.90 22.86 -8.75
C MET H 55 52.12 24.18 -8.69
N MET H 56 51.06 24.30 -9.47
CA MET H 56 50.28 25.52 -9.57
C MET H 56 48.80 25.20 -9.39
N PHE H 57 48.06 26.16 -8.82
CA PHE H 57 46.61 26.04 -8.73
C PHE H 57 46.01 27.44 -8.85
N ASP H 58 44.68 27.50 -8.83
CA ASP H 58 43.99 28.74 -9.15
C ASP H 58 44.10 29.75 -8.01
N GLY H 59 43.53 29.44 -6.86
CA GLY H 59 43.55 30.37 -5.75
C GLY H 59 42.32 31.23 -5.66
N SER H 60 41.83 31.72 -6.81
CA SER H 60 40.62 32.52 -6.82
C SER H 60 39.38 31.69 -6.51
N SER H 61 39.47 30.38 -6.62
CA SER H 61 38.35 29.49 -6.31
C SER H 61 38.39 29.00 -4.86
N ILE H 62 39.32 29.49 -4.05
CA ILE H 62 39.50 29.03 -2.69
C ILE H 62 39.38 30.22 -1.75
N GLU H 63 38.65 30.05 -0.67
CA GLU H 63 38.46 31.10 0.34
C GLU H 63 39.79 31.58 0.92
N ASP H 72 46.58 32.67 -8.78
CA ASP H 72 47.74 32.06 -9.41
C ASP H 72 48.84 31.80 -8.40
N MET H 73 48.75 30.67 -7.69
CA MET H 73 49.63 30.36 -6.58
C MET H 73 50.46 29.13 -6.88
N TYR H 74 51.43 28.87 -6.00
CA TYR H 74 52.34 27.76 -6.13
C TYR H 74 52.32 26.92 -4.85
N LEU H 75 52.49 25.61 -5.01
CA LEU H 75 52.51 24.70 -3.89
C LEU H 75 53.95 24.32 -3.56
N HIS H 76 54.34 24.52 -2.31
CA HIS H 76 55.69 24.19 -1.84
C HIS H 76 55.57 23.09 -0.78
N PRO H 77 55.80 21.83 -1.13
CA PRO H 77 55.59 20.76 -0.14
C PRO H 77 56.55 20.84 1.02
N ASP H 78 56.05 20.48 2.20
CA ASP H 78 56.88 20.33 3.39
C ASP H 78 57.23 18.86 3.52
N LEU H 79 58.48 18.51 3.24
CA LEU H 79 58.88 17.13 3.08
C LEU H 79 58.77 16.32 4.38
N ASP H 80 58.80 16.97 5.53
CA ASP H 80 58.69 16.25 6.79
C ASP H 80 57.29 15.69 7.01
N THR H 81 56.31 16.16 6.25
CA THR H 81 54.93 15.74 6.40
C THR H 81 54.57 14.53 5.54
N TRP H 82 55.56 13.86 4.95
CA TRP H 82 55.30 12.69 4.12
C TRP H 82 54.64 11.59 4.95
N VAL H 83 53.57 11.02 4.39
CA VAL H 83 52.88 9.90 5.03
C VAL H 83 52.00 9.24 3.97
N ILE H 84 51.77 7.94 4.11
CA ILE H 84 51.03 7.14 3.16
C ILE H 84 49.68 6.77 3.76
N PHE H 85 48.62 7.00 3.01
CA PHE H 85 47.29 6.64 3.47
C PHE H 85 47.09 5.13 3.35
N PRO H 86 46.85 4.43 4.45
CA PRO H 86 46.70 2.97 4.37
C PRO H 86 45.28 2.54 4.00
N TRP H 87 44.70 3.15 2.98
CA TRP H 87 43.37 2.76 2.52
C TRP H 87 43.20 3.09 1.04
N GLY H 92 45.46 1.95 -6.22
CA GLY H 92 46.73 2.67 -6.25
C GLY H 92 47.06 3.33 -4.92
N LYS H 93 48.25 3.03 -4.40
CA LYS H 93 48.67 3.57 -3.13
C LYS H 93 48.88 5.08 -3.23
N VAL H 94 48.45 5.80 -2.21
CA VAL H 94 48.47 7.26 -2.19
C VAL H 94 49.28 7.73 -0.99
N ALA H 95 50.22 8.62 -1.22
CA ALA H 95 50.91 9.36 -0.18
C ALA H 95 50.58 10.83 -0.30
N ARG H 96 50.83 11.59 0.76
CA ARG H 96 50.48 13.00 0.78
C ARG H 96 51.63 13.83 1.28
N LEU H 97 51.63 15.10 0.86
CA LEU H 97 52.51 16.12 1.39
C LEU H 97 51.70 17.36 1.69
N ILE H 98 51.95 17.96 2.85
CA ILE H 98 51.31 19.21 3.24
C ILE H 98 52.15 20.35 2.72
N CYS H 99 51.54 21.21 1.91
CA CYS H 99 52.25 22.23 1.16
C CYS H 99 51.91 23.62 1.68
N ASP H 100 52.91 24.50 1.64
CA ASP H 100 52.68 25.91 1.83
C ASP H 100 52.30 26.56 0.50
N VAL H 101 51.68 27.72 0.58
CA VAL H 101 51.21 28.45 -0.60
C VAL H 101 52.13 29.65 -0.81
N TYR H 102 52.77 29.70 -1.97
CA TYR H 102 53.66 30.79 -2.33
C TYR H 102 53.11 31.55 -3.52
N LYS H 103 53.57 32.79 -3.66
CA LYS H 103 53.21 33.61 -4.80
C LYS H 103 54.17 33.34 -5.95
N THR H 104 53.98 34.04 -7.07
CA THR H 104 54.82 33.83 -8.24
C THR H 104 56.23 34.36 -8.04
N ASP H 105 56.48 35.16 -7.01
CA ASP H 105 57.79 35.74 -6.76
C ASP H 105 58.61 34.95 -5.76
N GLY H 106 58.14 33.77 -5.37
CA GLY H 106 58.87 32.93 -4.44
C GLY H 106 58.67 33.27 -2.98
N THR H 107 57.86 34.24 -2.67
CA THR H 107 57.60 34.55 -1.26
C THR H 107 56.29 33.90 -0.83
N PRO H 108 56.19 33.49 0.44
CA PRO H 108 54.96 32.84 0.91
C PRO H 108 53.77 33.79 0.82
N PHE H 109 52.62 33.22 0.47
CA PHE H 109 51.40 34.01 0.37
C PHE H 109 50.97 34.44 1.77
N GLU H 110 50.67 35.73 1.92
CA GLU H 110 50.34 36.26 3.24
C GLU H 110 48.99 35.78 3.75
N GLY H 111 48.15 35.22 2.90
CA GLY H 111 46.87 34.68 3.30
C GLY H 111 46.86 33.20 3.63
N ASP H 112 48.02 32.56 3.70
CA ASP H 112 48.09 31.14 4.02
C ASP H 112 48.20 30.96 5.52
N PRO H 113 47.26 30.28 6.17
CA PRO H 113 47.30 30.16 7.64
C PRO H 113 48.55 29.46 8.15
N ARG H 114 49.06 28.46 7.45
CA ARG H 114 50.23 27.71 7.91
C ARG H 114 51.50 28.54 7.86
N ALA H 115 51.74 29.24 6.74
CA ALA H 115 52.86 30.15 6.67
C ALA H 115 52.74 31.30 7.66
N ASN H 116 51.52 31.68 8.02
CA ASN H 116 51.33 32.69 9.06
C ASN H 116 51.83 32.18 10.41
N LEU H 117 51.46 30.96 10.76
CA LEU H 117 51.94 30.39 12.02
C LEU H 117 53.44 30.21 12.01
N LYS H 118 54.02 29.85 10.86
CA LYS H 118 55.47 29.70 10.79
C LYS H 118 56.17 31.02 11.10
N ARG H 119 55.68 32.13 10.54
CA ARG H 119 56.34 33.41 10.80
C ARG H 119 56.03 33.95 12.19
N VAL H 120 54.88 33.62 12.78
CA VAL H 120 54.65 33.95 14.18
C VAL H 120 55.64 33.20 15.07
N LEU H 121 55.88 31.92 14.79
CA LEU H 121 56.89 31.17 15.52
C LEU H 121 58.29 31.75 15.32
N LYS H 122 58.59 32.18 14.10
CA LYS H 122 59.88 32.82 13.83
C LYS H 122 60.05 34.08 14.66
N GLU H 123 59.00 34.90 14.75
CA GLU H 123 59.06 36.07 15.62
C GLU H 123 59.18 35.70 17.09
N MET H 124 58.54 34.62 17.52
CA MET H 124 58.69 34.18 18.90
C MET H 124 60.12 33.77 19.20
N GLU H 125 60.79 33.12 18.24
CA GLU H 125 62.17 32.69 18.44
C GLU H 125 63.12 33.83 18.72
N ASP H 126 62.77 35.06 18.34
CA ASP H 126 63.62 36.20 18.66
C ASP H 126 63.59 36.55 20.14
N LEU H 127 62.59 36.06 20.88
CA LEU H 127 62.50 36.31 22.31
C LEU H 127 63.27 35.29 23.14
N GLY H 128 63.93 34.33 22.50
CA GLY H 128 64.69 33.32 23.19
C GLY H 128 64.02 31.97 23.29
N PHE H 129 62.72 31.91 23.01
CA PHE H 129 62.00 30.65 23.06
C PHE H 129 62.24 29.86 21.78
N THR H 130 62.59 28.58 21.94
CA THR H 130 62.95 27.75 20.81
C THR H 130 61.89 26.74 20.41
N ASP H 131 60.81 26.62 21.16
CA ASP H 131 59.81 25.61 20.87
C ASP H 131 58.47 26.04 21.43
N PHE H 132 57.40 25.55 20.82
CA PHE H 132 56.04 25.81 21.28
C PHE H 132 55.22 24.56 20.99
N ASN H 133 54.92 23.79 22.03
CA ASN H 133 54.23 22.52 21.89
C ASN H 133 52.73 22.71 22.05
N LEU H 134 51.98 21.88 21.35
CA LEU H 134 50.52 21.96 21.35
C LEU H 134 49.95 20.57 21.48
N GLY H 135 49.25 20.30 22.58
CA GLY H 135 48.53 19.07 22.75
C GLY H 135 47.04 19.28 22.62
N PRO H 136 46.47 18.92 21.48
CA PRO H 136 45.03 19.08 21.27
C PRO H 136 44.26 17.82 21.62
N GLU H 137 42.96 18.00 21.82
CA GLU H 137 42.05 16.89 22.10
C GLU H 137 40.68 17.20 21.54
N PRO H 138 40.51 17.05 20.23
CA PRO H 138 39.19 17.28 19.63
C PRO H 138 38.23 16.14 19.92
N GLU H 139 36.94 16.47 19.89
CA GLU H 139 35.87 15.51 20.10
C GLU H 139 34.93 15.57 18.91
N PHE H 140 34.27 14.44 18.63
CA PHE H 140 33.40 14.36 17.48
C PHE H 140 32.18 13.53 17.81
N PHE H 141 31.10 13.76 17.06
CA PHE H 141 29.90 12.94 17.13
C PHE H 141 29.87 11.99 15.94
N LEU H 142 29.14 10.89 16.11
CA LEU H 142 28.90 9.93 15.05
C LEU H 142 27.40 9.84 14.82
N PHE H 143 26.98 10.04 13.58
CA PHE H 143 25.58 9.97 13.19
C PHE H 143 25.37 8.85 12.19
N LYS H 144 24.22 8.18 12.30
CA LYS H 144 23.89 7.11 11.38
C LYS H 144 23.58 7.65 9.99
N LEU H 145 23.94 6.88 8.97
CA LEU H 145 23.62 7.21 7.60
C LEU H 145 22.33 6.51 7.18
N ASP H 146 21.63 7.11 6.22
CA ASP H 146 20.44 6.49 5.66
C ASP H 146 20.84 5.59 4.49
N GLU H 147 19.84 5.02 3.81
CA GLU H 147 20.11 4.15 2.67
C GLU H 147 20.73 4.91 1.49
N LYS H 148 20.46 6.21 1.37
CA LYS H 148 21.01 7.00 0.28
C LYS H 148 22.41 7.51 0.58
N GLY H 149 22.92 7.28 1.78
CA GLY H 149 24.24 7.76 2.15
C GLY H 149 24.27 9.13 2.80
N GLU H 150 23.14 9.69 3.16
CA GLU H 150 23.11 10.98 3.81
C GLU H 150 23.03 10.83 5.32
N PRO H 151 23.68 11.72 6.07
CA PRO H 151 23.58 11.64 7.53
C PRO H 151 22.16 11.93 8.00
N THR H 152 21.77 11.24 9.06
CA THR H 152 20.51 11.46 9.73
C THR H 152 20.75 12.24 11.02
N LEU H 153 19.71 12.40 11.83
CA LEU H 153 19.82 13.12 13.09
C LEU H 153 19.92 12.20 14.30
N GLU H 154 20.01 10.89 14.08
CA GLU H 154 20.09 9.94 15.18
C GLU H 154 21.53 9.53 15.41
N LEU H 155 21.96 9.58 16.67
CA LEU H 155 23.31 9.26 17.06
C LEU H 155 23.55 7.75 16.99
N ASN H 156 24.82 7.36 16.92
CA ASN H 156 25.13 5.95 16.76
C ASN H 156 24.74 5.13 17.98
N ASP H 157 24.75 5.74 19.17
CA ASP H 157 24.39 5.03 20.39
C ASP H 157 23.80 6.02 21.38
N ASP H 158 23.59 5.57 22.61
CA ASP H 158 23.07 6.38 23.70
C ASP H 158 23.97 6.24 24.92
N GLY H 159 25.27 6.07 24.68
CA GLY H 159 26.21 5.86 25.76
C GLY H 159 26.61 7.14 26.46
N GLY H 160 27.34 6.95 27.57
CA GLY H 160 27.81 8.08 28.35
C GLY H 160 29.31 8.11 28.49
N TYR H 161 29.80 8.79 29.53
CA TYR H 161 31.23 8.95 29.72
C TYR H 161 31.86 7.63 30.16
N PHE H 162 32.91 7.23 29.45
CA PHE H 162 33.68 6.01 29.77
C PHE H 162 32.81 4.76 29.71
N ASP H 163 31.78 4.79 28.88
CA ASP H 163 30.85 3.68 28.74
C ASP H 163 31.45 2.63 27.81
N LEU H 164 31.01 1.39 27.96
CA LEU H 164 31.50 0.29 27.15
C LEU H 164 30.34 -0.40 26.43
N ALA H 165 30.70 -1.25 25.47
CA ALA H 165 29.72 -1.94 24.66
C ALA H 165 28.94 -2.95 25.51
N PRO H 166 27.67 -3.24 25.16
CA PRO H 166 26.95 -2.73 23.98
C PRO H 166 26.28 -1.37 24.19
N THR H 167 26.50 -0.74 25.35
CA THR H 167 26.07 0.64 25.53
C THR H 167 26.86 1.60 24.68
N ASP H 168 28.17 1.38 24.54
CA ASP H 168 29.03 2.13 23.64
C ASP H 168 29.11 1.36 22.32
N LEU H 169 28.30 1.75 21.36
CA LEU H 169 28.30 1.10 20.05
C LEU H 169 29.32 1.69 19.09
N GLY H 170 30.08 2.71 19.51
CA GLY H 170 31.11 3.27 18.67
C GLY H 170 32.47 2.66 18.93
N GLU H 171 32.49 1.54 19.65
CA GLU H 171 33.74 0.91 20.03
C GLU H 171 34.51 0.43 18.81
N ASN H 172 33.83 -0.21 17.85
CA ASN H 172 34.52 -0.74 16.69
C ASN H 172 35.00 0.36 15.75
N CYS H 173 34.18 1.37 15.50
CA CYS H 173 34.61 2.47 14.66
C CYS H 173 35.79 3.22 15.28
N ARG H 174 35.71 3.46 16.59
CA ARG H 174 36.82 4.11 17.29
C ARG H 174 38.08 3.28 17.26
N ARG H 175 37.96 1.96 17.42
CA ARG H 175 39.12 1.08 17.31
C ARG H 175 39.73 1.11 15.92
N ASP H 176 38.90 1.11 14.88
CA ASP H 176 39.43 1.21 13.52
C ASP H 176 40.12 2.55 13.27
N ILE H 177 39.56 3.64 13.80
CA ILE H 177 40.23 4.93 13.67
C ILE H 177 41.58 4.90 14.36
N VAL H 178 41.65 4.33 15.57
CA VAL H 178 42.91 4.26 16.28
C VAL H 178 43.92 3.41 15.53
N LEU H 179 43.47 2.28 15.00
CA LEU H 179 44.33 1.41 14.20
C LEU H 179 44.87 2.12 12.97
N GLU H 180 44.02 2.87 12.26
CA GLU H 180 44.44 3.57 11.05
C GLU H 180 45.39 4.72 11.38
N LEU H 181 45.15 5.43 12.48
CA LEU H 181 46.04 6.51 12.86
C LEU H 181 47.42 6.01 13.29
N GLU H 182 47.49 4.85 13.95
CA GLU H 182 48.79 4.32 14.37
C GLU H 182 49.63 3.89 13.17
N ASP H 183 49.00 3.38 12.11
CA ASP H 183 49.75 3.08 10.90
C ASP H 183 50.29 4.34 10.24
N MET H 184 49.70 5.49 10.54
CA MET H 184 50.11 6.75 9.95
C MET H 184 51.12 7.51 10.80
N GLY H 185 51.58 6.91 11.89
CA GLY H 185 52.61 7.55 12.70
C GLY H 185 52.11 8.37 13.86
N PHE H 186 50.82 8.30 14.19
CA PHE H 186 50.33 8.98 15.38
C PHE H 186 50.75 8.22 16.64
N ASP H 187 50.86 8.96 17.73
CA ASP H 187 51.11 8.39 19.04
C ASP H 187 49.82 8.54 19.84
N ILE H 188 48.94 7.55 19.73
CA ILE H 188 47.65 7.58 20.39
C ILE H 188 47.83 7.32 21.88
N GLU H 189 47.12 8.09 22.70
CA GLU H 189 47.21 7.98 24.14
C GLU H 189 46.00 7.32 24.77
N ALA H 190 44.80 7.68 24.34
CA ALA H 190 43.59 7.10 24.93
C ALA H 190 42.43 7.29 23.97
N SER H 191 41.42 6.43 24.11
CA SER H 191 40.17 6.56 23.37
C SER H 191 39.04 6.09 24.27
N HIS H 192 37.94 6.84 24.26
CA HIS H 192 36.83 6.54 25.15
C HIS H 192 35.57 7.23 24.64
N HIS H 193 34.43 6.76 25.12
CA HIS H 193 33.18 7.45 24.89
C HIS H 193 33.14 8.74 25.68
N GLU H 194 32.48 9.74 25.13
CA GLU H 194 32.41 11.06 25.75
C GLU H 194 31.06 11.24 26.43
N VAL H 195 30.86 12.41 27.05
CA VAL H 195 29.70 12.64 27.90
C VAL H 195 28.40 12.53 27.11
N ALA H 196 28.33 13.22 25.98
CA ALA H 196 27.11 13.22 25.19
C ALA H 196 26.90 11.87 24.52
N PRO H 197 25.64 11.51 24.26
CA PRO H 197 25.39 10.29 23.47
C PRO H 197 25.97 10.43 22.07
N GLY H 198 26.63 9.39 21.61
CA GLY H 198 27.24 9.42 20.30
C GLY H 198 28.50 10.25 20.20
N GLN H 199 29.03 10.75 21.30
CA GLN H 199 30.21 11.59 21.30
C GLN H 199 31.44 10.78 21.71
N HIS H 200 32.54 11.00 21.00
CA HIS H 200 33.73 10.19 21.16
C HIS H 200 34.97 11.07 21.20
N GLU H 201 36.00 10.57 21.87
CA GLU H 201 37.27 11.28 21.96
C GLU H 201 38.42 10.31 21.78
N ILE H 202 39.37 10.66 20.92
CA ILE H 202 40.62 9.95 20.76
C ILE H 202 41.75 10.94 21.01
N ASP H 203 42.65 10.57 21.90
CA ASP H 203 43.71 11.48 22.35
C ASP H 203 45.04 11.05 21.76
N PHE H 204 45.80 12.02 21.26
CA PHE H 204 47.16 11.78 20.78
C PHE H 204 48.09 12.78 21.43
N LYS H 205 49.36 12.39 21.56
CA LYS H 205 50.34 13.14 22.32
C LYS H 205 50.72 14.43 21.59
N TYR H 206 51.22 15.40 22.35
CA TYR H 206 51.56 16.71 21.81
C TYR H 206 52.70 16.60 20.81
N ALA H 207 52.87 17.68 20.04
CA ALA H 207 53.98 17.81 19.12
C ALA H 207 54.30 19.30 18.99
N ASP H 208 55.23 19.62 18.10
CA ASP H 208 55.51 21.01 17.82
C ASP H 208 54.30 21.66 17.18
N ALA H 209 54.28 23.01 17.20
CA ALA H 209 53.09 23.74 16.82
C ALA H 209 52.63 23.39 15.41
N VAL H 210 53.52 23.48 14.44
CA VAL H 210 53.13 23.20 13.06
C VAL H 210 52.71 21.75 12.89
N THR H 211 53.48 20.80 13.40
CA THR H 211 53.11 19.41 13.24
C THR H 211 51.89 19.04 14.09
N ALA H 212 51.64 19.76 15.19
CA ALA H 212 50.41 19.53 15.92
C ALA H 212 49.19 20.00 15.14
N CYS H 213 49.28 21.16 14.49
CA CYS H 213 48.18 21.59 13.63
C CYS H 213 47.98 20.63 12.45
N ASP H 214 49.08 20.16 11.86
CA ASP H 214 48.98 19.12 10.84
C ASP H 214 48.34 17.85 11.38
N ASN H 215 48.65 17.49 12.63
CA ASN H 215 48.03 16.33 13.25
C ASN H 215 46.53 16.52 13.38
N ILE H 216 46.09 17.72 13.77
CA ILE H 216 44.65 17.97 13.86
C ILE H 216 43.99 17.84 12.50
N GLN H 217 44.60 18.44 11.48
CA GLN H 217 44.03 18.39 10.14
C GLN H 217 43.94 16.97 9.63
N THR H 218 45.00 16.17 9.84
CA THR H 218 45.00 14.78 9.40
C THR H 218 44.02 13.94 10.21
N PHE H 219 43.93 14.21 11.52
CA PHE H 219 43.04 13.47 12.40
C PHE H 219 41.60 13.63 11.95
N LYS H 220 41.19 14.86 11.60
CA LYS H 220 39.81 15.07 11.19
C LYS H 220 39.47 14.26 9.94
N LEU H 221 40.34 14.29 8.94
CA LEU H 221 40.04 13.57 7.70
C LEU H 221 40.09 12.06 7.89
N VAL H 222 41.03 11.57 8.70
CA VAL H 222 41.08 10.13 8.98
C VAL H 222 39.82 9.69 9.70
N VAL H 223 39.38 10.46 10.69
CA VAL H 223 38.17 10.12 11.44
C VAL H 223 36.97 10.09 10.50
N LYS H 224 36.84 11.10 9.64
CA LYS H 224 35.70 11.14 8.74
C LYS H 224 35.72 9.99 7.73
N THR H 225 36.88 9.67 7.15
CA THR H 225 36.97 8.56 6.22
C THR H 225 36.63 7.22 6.88
N ILE H 226 37.23 6.94 8.04
CA ILE H 226 36.97 5.66 8.69
C ILE H 226 35.53 5.58 9.18
N ALA H 227 34.95 6.69 9.64
CA ALA H 227 33.54 6.67 10.01
C ALA H 227 32.67 6.38 8.82
N ARG H 228 32.97 6.97 7.66
CA ARG H 228 32.22 6.63 6.45
C ARG H 228 32.35 5.15 6.12
N LYS H 229 33.51 4.55 6.37
CA LYS H 229 33.66 3.12 6.14
C LYS H 229 32.77 2.28 7.03
N HIS H 230 32.30 2.83 8.16
CA HIS H 230 31.45 2.11 9.10
C HIS H 230 29.98 2.50 8.98
N ASN H 231 29.58 3.06 7.84
CA ASN H 231 28.21 3.52 7.61
C ASN H 231 27.80 4.55 8.65
N LEU H 232 28.74 5.41 9.03
CA LEU H 232 28.51 6.47 10.00
C LEU H 232 29.02 7.79 9.43
N HIS H 233 28.48 8.88 9.96
CA HIS H 233 28.91 10.23 9.58
C HIS H 233 29.57 10.88 10.79
N ALA H 234 30.84 11.24 10.63
CA ALA H 234 31.57 11.95 11.67
C ALA H 234 31.48 13.44 11.43
N THR H 235 31.17 14.18 12.49
CA THR H 235 31.10 15.63 12.40
C THR H 235 31.85 16.24 13.57
N PHE H 236 32.56 17.33 13.31
CA PHE H 236 33.21 18.12 14.35
C PHE H 236 32.45 19.41 14.61
N MET H 237 31.17 19.43 14.27
CA MET H 237 30.31 20.56 14.60
C MET H 237 30.28 20.75 16.11
N PRO H 238 30.46 21.97 16.61
CA PRO H 238 30.55 22.18 18.06
C PRO H 238 29.31 21.73 18.83
N LYS H 239 28.13 22.17 18.41
CA LYS H 239 26.88 21.84 19.10
C LYS H 239 25.87 21.34 18.08
N PRO H 240 25.97 20.08 17.66
CA PRO H 240 25.03 19.55 16.68
C PRO H 240 23.60 19.42 17.19
N LEU H 241 23.38 19.22 18.48
CA LEU H 241 22.05 19.01 19.01
C LEU H 241 21.84 19.81 20.29
N PHE H 242 20.65 20.36 20.44
CA PHE H 242 20.30 21.12 21.65
C PHE H 242 20.13 20.19 22.83
N GLY H 243 20.46 20.69 24.02
CA GLY H 243 20.27 19.94 25.25
C GLY H 243 21.28 18.84 25.47
N VAL H 244 22.35 18.81 24.69
CA VAL H 244 23.36 17.76 24.74
C VAL H 244 24.73 18.42 24.74
N ASN H 245 25.67 17.79 25.44
CA ASN H 245 27.03 18.32 25.56
C ASN H 245 27.64 18.57 24.19
N GLY H 246 28.38 19.67 24.07
CA GLY H 246 29.06 20.01 22.85
C GLY H 246 30.47 19.43 22.79
N SER H 247 31.13 19.69 21.66
CA SER H 247 32.48 19.19 21.40
C SER H 247 33.49 20.32 21.54
N GLY H 248 34.56 20.05 22.29
CA GLY H 248 35.63 21.01 22.47
C GLY H 248 36.95 20.49 21.89
N MET H 249 37.90 21.41 21.74
CA MET H 249 39.22 21.10 21.22
C MET H 249 40.25 21.81 22.10
N HIS H 250 40.20 21.52 23.40
CA HIS H 250 41.14 22.11 24.35
C HIS H 250 42.57 22.12 23.82
N PHE H 251 43.24 23.25 23.99
CA PHE H 251 44.61 23.45 23.53
C PHE H 251 45.54 23.46 24.73
N ASN H 252 46.38 22.43 24.83
CA ASN H 252 47.43 22.38 25.83
C ASN H 252 48.71 22.93 25.22
N VAL H 253 49.26 23.98 25.82
CA VAL H 253 50.40 24.70 25.25
C VAL H 253 51.48 24.85 26.30
N SER H 254 52.73 24.69 25.88
CA SER H 254 53.88 24.88 26.76
C SER H 254 55.04 25.45 25.94
N LEU H 255 55.80 26.36 26.55
CA LEU H 255 56.92 26.99 25.91
C LEU H 255 58.22 26.35 26.36
N PHE H 256 59.19 26.27 25.44
CA PHE H 256 60.50 25.69 25.71
C PHE H 256 61.59 26.61 25.18
N LYS H 257 62.63 26.82 25.98
CA LYS H 257 63.85 27.42 25.48
C LYS H 257 64.99 26.42 25.64
N GLY H 258 65.02 25.46 24.73
CA GLY H 258 66.11 24.50 24.65
C GLY H 258 65.85 23.35 25.59
N LYS H 259 65.46 22.19 25.03
CA LYS H 259 65.21 20.93 25.81
C LYS H 259 64.91 21.20 27.29
N GLU H 260 64.02 22.15 27.58
CA GLU H 260 63.64 22.43 28.97
C GLU H 260 62.43 23.34 28.97
N ASN H 261 61.45 23.03 29.82
CA ASN H 261 60.18 23.74 29.84
C ASN H 261 60.36 25.09 30.53
N ALA H 262 59.92 26.15 29.85
CA ALA H 262 60.04 27.49 30.40
C ALA H 262 58.93 27.82 31.39
N PHE H 263 57.95 26.93 31.55
CA PHE H 263 56.86 27.18 32.49
C PHE H 263 57.09 26.54 33.85
N PHE H 264 58.11 25.70 34.00
CA PHE H 264 58.30 24.91 35.20
C PHE H 264 59.36 25.53 36.09
N ASP H 265 59.00 25.78 37.34
CA ASP H 265 59.91 26.32 38.34
C ASP H 265 60.21 25.25 39.39
N PRO H 266 61.43 24.72 39.45
CA PRO H 266 61.71 23.63 40.39
C PRO H 266 61.88 24.06 41.84
N ASN H 267 61.77 25.36 42.14
CA ASN H 267 61.95 25.85 43.49
C ASN H 267 60.65 26.19 44.18
N THR H 268 59.76 26.93 43.51
CA THR H 268 58.49 27.30 44.12
C THR H 268 57.61 26.07 44.30
N GLU H 269 56.83 26.06 45.38
CA GLU H 269 55.92 24.95 45.63
C GLU H 269 54.85 24.84 44.54
N MET H 270 54.33 25.96 44.07
CA MET H 270 53.40 25.93 42.96
C MET H 270 54.05 25.37 41.70
N GLY H 271 55.32 25.71 41.47
CA GLY H 271 56.06 25.16 40.37
C GLY H 271 55.88 25.86 39.04
N LEU H 272 55.45 27.13 39.06
CA LEU H 272 55.26 27.90 37.84
C LEU H 272 56.23 29.07 37.83
N THR H 273 56.90 29.27 36.70
CA THR H 273 57.82 30.38 36.55
C THR H 273 57.05 31.68 36.37
N GLU H 274 57.78 32.80 36.42
CA GLU H 274 57.17 34.07 36.08
C GLU H 274 56.72 34.13 34.63
N THR H 275 57.46 33.44 33.74
CA THR H 275 57.06 33.38 32.35
C THR H 275 55.70 32.71 32.18
N ALA H 276 55.46 31.62 32.93
CA ALA H 276 54.17 30.95 32.86
C ALA H 276 53.04 31.87 33.32
N TYR H 277 53.26 32.63 34.39
CA TYR H 277 52.26 33.57 34.87
C TYR H 277 51.99 34.69 33.87
N GLN H 278 53.05 35.24 33.27
CA GLN H 278 52.85 36.28 32.26
C GLN H 278 52.14 35.76 31.02
N PHE H 279 52.43 34.53 30.60
CA PHE H 279 51.71 33.94 29.47
C PHE H 279 50.22 33.82 29.77
N THR H 280 49.88 33.34 30.97
CA THR H 280 48.47 33.26 31.36
C THR H 280 47.83 34.63 31.43
N ALA H 281 48.56 35.62 31.95
CA ALA H 281 48.02 36.98 32.01
C ALA H 281 47.73 37.52 30.62
N GLY H 282 48.64 37.29 29.67
CA GLY H 282 48.41 37.73 28.31
C GLY H 282 47.24 37.04 27.65
N VAL H 283 47.12 35.72 27.82
CA VAL H 283 46.01 35.00 27.22
C VAL H 283 44.68 35.46 27.82
N LEU H 284 44.64 35.65 29.14
CA LEU H 284 43.41 36.14 29.77
C LEU H 284 43.07 37.54 29.30
N LYS H 285 44.07 38.41 29.18
CA LYS H 285 43.83 39.77 28.75
C LYS H 285 43.35 39.86 27.31
N ASN H 286 43.83 38.97 26.45
CA ASN H 286 43.45 38.99 25.04
C ASN H 286 42.43 37.91 24.68
N ALA H 287 41.86 37.21 25.66
CA ALA H 287 40.90 36.15 25.37
C ALA H 287 39.67 36.65 24.66
N ARG H 288 39.19 37.85 25.00
CA ARG H 288 38.04 38.42 24.32
C ARG H 288 38.32 38.63 22.83
N GLY H 289 39.57 38.91 22.47
CA GLY H 289 39.88 39.27 21.11
C GLY H 289 39.95 38.11 20.13
N PHE H 290 40.43 36.95 20.57
CA PHE H 290 40.61 35.83 19.66
C PHE H 290 39.49 34.81 19.76
N THR H 291 38.39 35.14 20.43
CA THR H 291 37.29 34.20 20.54
C THR H 291 36.69 33.88 19.18
N ALA H 292 36.58 34.87 18.30
CA ALA H 292 36.02 34.63 16.98
C ALA H 292 36.85 33.64 16.18
N VAL H 293 38.18 33.73 16.26
CA VAL H 293 39.03 32.78 15.56
C VAL H 293 38.92 31.39 16.17
N CYS H 294 38.92 31.30 17.50
CA CYS H 294 38.83 30.01 18.16
C CYS H 294 37.42 29.42 18.11
N ASN H 295 36.40 30.25 17.92
CA ASN H 295 35.01 29.81 17.81
C ASN H 295 34.43 30.45 16.56
N PRO H 296 34.74 29.93 15.38
CA PRO H 296 34.42 30.64 14.13
C PRO H 296 33.01 30.46 13.62
N LEU H 297 32.24 29.51 14.11
CA LEU H 297 30.92 29.23 13.59
C LEU H 297 29.86 29.97 14.38
N VAL H 298 28.69 30.15 13.75
CA VAL H 298 27.52 30.60 14.48
C VAL H 298 27.13 29.56 15.53
N ASN H 299 27.24 28.28 15.18
CA ASN H 299 26.94 27.21 16.11
C ASN H 299 27.90 27.16 17.29
N SER H 300 29.08 27.74 17.16
CA SER H 300 30.08 27.67 18.22
C SER H 300 29.60 28.33 19.51
N TYR H 301 28.71 29.30 19.42
CA TYR H 301 28.25 30.02 20.59
C TYR H 301 26.98 29.44 21.18
N LYS H 302 26.41 28.41 20.54
CA LYS H 302 25.43 27.58 21.20
C LYS H 302 26.07 26.59 22.16
N ARG H 303 27.35 26.28 21.96
CA ARG H 303 28.10 25.49 22.93
C ARG H 303 28.51 26.33 24.13
N LEU H 304 28.86 27.59 23.90
CA LEU H 304 29.30 28.46 24.99
C LEU H 304 28.10 28.97 25.79
N VAL H 305 27.38 28.06 26.44
CA VAL H 305 26.25 28.40 27.29
C VAL H 305 26.46 27.73 28.63
N PRO H 306 25.95 28.29 29.73
CA PRO H 306 26.20 27.69 31.04
C PRO H 306 25.52 26.35 31.21
N GLY H 307 26.16 25.48 31.98
CA GLY H 307 25.59 24.21 32.36
C GLY H 307 25.97 23.02 31.51
N TYR H 308 26.97 23.14 30.63
CA TYR H 308 27.33 22.03 29.74
C TYR H 308 28.84 21.87 29.66
N GLU H 309 29.53 22.11 30.77
CA GLU H 309 30.97 21.90 30.89
C GLU H 309 31.78 22.77 29.92
N ALA H 310 31.19 23.82 29.37
CA ALA H 310 31.91 24.68 28.46
C ALA H 310 32.30 25.98 29.14
N PRO H 311 33.47 26.53 28.83
CA PRO H 311 33.90 27.77 29.48
C PRO H 311 33.23 28.98 28.87
N CYS H 312 32.77 29.87 29.75
CA CYS H 312 32.22 31.14 29.31
C CYS H 312 32.65 32.32 30.18
N TYR H 313 33.54 32.10 31.15
CA TYR H 313 34.05 33.15 32.02
C TYR H 313 35.56 33.20 31.89
N ILE H 314 36.10 34.41 31.72
CA ILE H 314 37.52 34.59 31.49
C ILE H 314 38.21 34.61 32.85
N ALA H 315 38.75 33.46 33.25
CA ALA H 315 39.49 33.33 34.50
C ALA H 315 40.38 32.10 34.39
N TRP H 316 41.32 31.99 35.31
CA TRP H 316 42.24 30.86 35.34
C TRP H 316 42.23 30.23 36.72
N SER H 317 42.57 28.94 36.76
CA SER H 317 42.66 28.22 38.02
C SER H 317 43.59 27.04 37.86
N GLY H 318 44.19 26.63 38.97
CA GLY H 318 45.03 25.46 38.99
C GLY H 318 44.29 24.25 39.52
N LYS H 319 43.36 24.49 40.44
CA LYS H 319 42.53 23.42 41.03
C LYS H 319 41.07 23.82 40.85
N ASN H 320 40.54 23.54 39.67
CA ASN H 320 39.13 23.76 39.34
C ASN H 320 38.88 23.20 37.96
N ARG H 321 37.62 22.92 37.67
CA ARG H 321 37.30 22.19 36.44
C ARG H 321 37.07 23.13 35.26
N SER H 322 36.25 24.17 35.45
CA SER H 322 35.75 24.96 34.33
C SER H 322 35.99 26.46 34.51
N PRO H 323 37.26 26.90 34.55
CA PRO H 323 37.55 28.28 34.15
C PRO H 323 37.97 28.31 32.70
N LEU H 324 38.23 29.51 32.16
CA LEU H 324 38.66 29.58 30.75
C LEU H 324 40.04 28.95 30.56
N ILE H 325 40.94 29.16 31.51
CA ILE H 325 42.28 28.59 31.47
C ILE H 325 42.43 27.65 32.66
N ARG H 326 42.87 26.43 32.39
CA ARG H 326 43.17 25.45 33.43
C ARG H 326 44.64 25.12 33.38
N VAL H 327 45.30 25.15 34.53
CA VAL H 327 46.70 24.73 34.65
C VAL H 327 46.70 23.35 35.29
N PRO H 328 47.04 22.29 34.56
CA PRO H 328 47.01 20.95 35.14
C PRO H 328 48.05 20.79 36.25
N SER H 329 47.76 19.86 37.15
CA SER H 329 48.60 19.64 38.32
C SER H 329 49.96 19.03 37.98
N SER H 330 50.11 18.43 36.81
CA SER H 330 51.38 17.82 36.45
C SER H 330 52.46 18.89 36.30
N ARG H 331 53.68 18.53 36.69
CA ARG H 331 54.80 19.46 36.60
C ARG H 331 55.98 18.81 35.88
N GLY H 332 57.13 19.47 35.90
CA GLY H 332 58.29 18.97 35.17
C GLY H 332 58.26 19.45 33.74
N LEU H 333 58.62 18.57 32.82
CA LEU H 333 58.58 18.91 31.40
C LEU H 333 57.16 18.94 30.84
N SER H 334 56.17 18.46 31.59
CA SER H 334 54.79 18.41 31.14
C SER H 334 53.95 19.54 31.71
N THR H 335 54.60 20.60 32.18
CA THR H 335 53.90 21.77 32.70
C THR H 335 53.29 22.53 31.53
N ARG H 336 51.96 22.62 31.50
CA ARG H 336 51.26 23.19 30.36
C ARG H 336 50.14 24.09 30.85
N ILE H 337 49.59 24.86 29.92
CA ILE H 337 48.43 25.72 30.14
C ILE H 337 47.35 25.29 29.17
N GLU H 338 46.14 25.05 29.67
CA GLU H 338 45.05 24.51 28.86
C GLU H 338 44.04 25.61 28.60
N VAL H 339 43.92 26.00 27.32
CA VAL H 339 42.87 26.92 26.90
C VAL H 339 41.68 26.10 26.43
N ARG H 340 40.53 26.31 27.05
CA ARG H 340 39.39 25.40 26.92
C ARG H 340 38.29 25.92 26.02
N SER H 341 38.42 27.10 25.44
CA SER H 341 37.35 27.66 24.62
C SER H 341 37.43 27.25 23.16
N VAL H 342 38.51 26.63 22.72
CA VAL H 342 38.66 26.26 21.32
C VAL H 342 37.76 25.07 21.01
N ASP H 343 37.02 25.16 19.91
CA ASP H 343 36.18 24.07 19.44
C ASP H 343 36.78 23.43 18.19
N PRO H 344 36.42 22.18 17.87
CA PRO H 344 37.07 21.48 16.76
C PRO H 344 36.84 22.08 15.40
N ALA H 345 35.93 23.04 15.25
CA ALA H 345 35.68 23.68 13.97
C ALA H 345 36.66 24.80 13.68
N ALA H 346 37.49 25.19 14.63
CA ALA H 346 38.43 26.28 14.43
C ALA H 346 39.57 25.85 13.52
N ASN H 347 40.15 26.82 12.82
CA ASN H 347 41.35 26.57 12.05
C ASN H 347 42.52 26.42 13.02
N PRO H 348 43.17 25.26 13.09
CA PRO H 348 44.22 25.08 14.10
C PRO H 348 45.37 26.06 13.97
N TYR H 349 45.77 26.39 12.74
CA TYR H 349 46.88 27.32 12.56
C TYR H 349 46.54 28.71 13.07
N MET H 350 45.37 29.22 12.70
CA MET H 350 45.00 30.56 13.12
C MET H 350 44.76 30.64 14.63
N ALA H 351 44.06 29.65 15.19
CA ALA H 351 43.82 29.64 16.62
C ALA H 351 45.12 29.52 17.42
N LEU H 352 46.01 28.63 16.99
CA LEU H 352 47.29 28.49 17.68
C LEU H 352 48.13 29.76 17.57
N ALA H 353 48.17 30.39 16.40
CA ALA H 353 48.89 31.65 16.27
C ALA H 353 48.30 32.74 17.15
N ALA H 354 46.97 32.83 17.22
CA ALA H 354 46.33 33.82 18.08
C ALA H 354 46.67 33.59 19.55
N ILE H 355 46.60 32.35 20.01
CA ILE H 355 46.94 32.06 21.40
C ILE H 355 48.40 32.35 21.68
N LEU H 356 49.30 31.97 20.78
CA LEU H 356 50.72 32.23 20.99
C LEU H 356 51.01 33.72 21.05
N GLU H 357 50.41 34.49 20.15
CA GLU H 357 50.62 35.94 20.19
C GLU H 357 50.03 36.56 21.44
N ALA H 358 48.86 36.08 21.88
CA ALA H 358 48.29 36.60 23.12
C ALA H 358 49.19 36.33 24.31
N GLY H 359 49.75 35.13 24.39
CA GLY H 359 50.69 34.84 25.47
C GLY H 359 51.96 35.67 25.40
N LEU H 360 52.56 35.78 24.21
CA LEU H 360 53.75 36.59 24.06
C LEU H 360 53.51 38.06 24.33
N ASP H 361 52.28 38.55 24.11
CA ASP H 361 51.96 39.92 24.48
C ASP H 361 52.10 40.14 25.98
N GLY H 362 51.65 39.18 26.78
CA GLY H 362 51.90 39.25 28.21
C GLY H 362 53.34 38.99 28.60
N ILE H 363 54.08 38.21 27.81
CA ILE H 363 55.47 37.97 28.11
C ILE H 363 56.29 39.26 28.00
N LYS H 364 56.11 40.00 26.91
CA LYS H 364 56.93 41.18 26.65
C LYS H 364 56.40 42.45 27.30
N ASN H 365 55.23 42.41 27.92
CA ASN H 365 54.72 43.54 28.68
C ASN H 365 54.70 43.29 30.18
N LYS H 366 55.13 42.10 30.63
CA LYS H 366 55.24 41.77 32.05
C LYS H 366 53.92 42.02 32.77
N LEU H 367 52.83 41.53 32.16
CA LEU H 367 51.52 41.69 32.74
C LEU H 367 51.40 40.91 34.05
N LYS H 368 50.67 41.50 35.00
CA LYS H 368 50.41 40.85 36.27
C LYS H 368 49.14 40.01 36.19
N VAL H 369 49.18 38.84 36.81
CA VAL H 369 48.11 37.85 36.68
C VAL H 369 47.02 38.13 37.70
N PRO H 370 45.76 38.11 37.31
CA PRO H 370 44.68 38.14 38.30
C PRO H 370 44.70 36.88 39.17
N GLU H 371 44.15 37.02 40.36
CA GLU H 371 44.14 35.90 41.30
C GLU H 371 43.32 34.74 40.73
N PRO H 372 43.79 33.51 40.91
CA PRO H 372 43.04 32.35 40.38
C PRO H 372 41.68 32.24 41.05
N VAL H 373 40.69 31.82 40.28
CA VAL H 373 39.35 31.62 40.80
C VAL H 373 39.15 30.13 41.09
N ASN H 374 39.09 29.77 42.37
CA ASN H 374 38.98 28.38 42.77
C ASN H 374 37.56 27.94 43.08
N GLN H 375 36.62 28.87 43.17
CA GLN H 375 35.24 28.52 43.47
C GLN H 375 34.47 28.14 42.21
N ILE H 390 36.08 39.27 36.71
CA ILE H 390 35.76 38.14 35.85
C ILE H 390 34.92 38.59 34.66
N GLN H 391 35.57 38.71 33.51
CA GLN H 391 34.89 39.15 32.29
C GLN H 391 34.14 37.98 31.68
N ASP H 392 33.47 38.22 30.56
CA ASP H 392 32.67 37.20 29.91
C ASP H 392 33.10 37.07 28.45
N LEU H 393 33.10 35.84 27.96
CA LEU H 393 33.37 35.62 26.54
C LEU H 393 32.20 36.16 25.72
N PRO H 394 32.45 36.56 24.47
CA PRO H 394 31.36 37.03 23.62
C PRO H 394 30.28 35.96 23.46
N SER H 395 29.03 36.41 23.44
CA SER H 395 27.89 35.50 23.45
C SER H 395 27.45 35.05 22.06
N THR H 396 27.78 35.80 21.02
CA THR H 396 27.41 35.45 19.65
C THR H 396 28.60 35.68 18.74
N LEU H 397 28.49 35.18 17.51
CA LEU H 397 29.53 35.44 16.52
C LEU H 397 29.65 36.91 16.20
N TYR H 398 28.52 37.63 16.18
CA TYR H 398 28.54 39.07 15.93
C TYR H 398 29.32 39.82 17.00
N THR H 399 29.07 39.51 18.27
CA THR H 399 29.79 40.17 19.35
C THR H 399 31.27 39.81 19.32
N ALA H 400 31.57 38.56 18.99
CA ALA H 400 32.96 38.14 18.86
C ALA H 400 33.68 38.87 17.73
N LEU H 401 33.00 39.08 16.60
CA LEU H 401 33.59 39.88 15.53
C LEU H 401 33.79 41.32 15.96
N LYS H 402 32.84 41.88 16.70
CA LYS H 402 32.99 43.24 17.20
C LYS H 402 34.21 43.35 18.12
N ALA H 403 34.39 42.37 19.01
CA ALA H 403 35.57 42.35 19.88
C ALA H 403 36.86 42.09 19.11
N MET H 404 36.78 41.36 18.00
CA MET H 404 37.95 41.14 17.16
C MET H 404 38.45 42.44 16.54
N ARG H 405 37.54 43.29 16.08
CA ARG H 405 37.91 44.54 15.45
C ARG H 405 38.52 45.55 16.41
N GLU H 406 38.39 45.34 17.72
CA GLU H 406 38.91 46.26 18.71
C GLU H 406 40.18 45.76 19.37
N ASN H 407 40.71 44.61 18.93
CA ASN H 407 41.92 44.04 19.49
C ASN H 407 43.07 44.21 18.51
N GLU H 408 44.18 44.74 19.02
CA GLU H 408 45.38 44.92 18.20
C GLU H 408 46.25 43.68 18.14
N VAL H 409 46.19 42.83 19.15
CA VAL H 409 47.02 41.62 19.18
C VAL H 409 46.57 40.60 18.15
N ILE H 410 45.26 40.41 17.98
CA ILE H 410 44.76 39.45 16.98
C ILE H 410 45.15 39.87 15.57
N LYS H 411 45.12 41.17 15.27
CA LYS H 411 45.52 41.65 13.95
C LYS H 411 46.98 41.37 13.67
N LYS H 412 47.85 41.57 14.67
CA LYS H 412 49.25 41.24 14.50
C LYS H 412 49.48 39.74 14.38
N ALA H 413 48.69 38.95 15.12
CA ALA H 413 48.82 37.50 15.06
C ALA H 413 48.45 36.96 13.68
N LEU H 414 47.37 37.48 13.10
CA LEU H 414 46.88 36.94 11.83
C LEU H 414 47.47 37.62 10.61
N GLY H 415 48.03 38.82 10.76
CA GLY H 415 48.40 39.63 9.61
C GLY H 415 47.18 40.31 9.02
N ASN H 416 47.44 41.24 8.10
CA ASN H 416 46.35 42.05 7.56
C ASN H 416 45.42 41.22 6.67
N HIS H 417 45.99 40.41 5.78
CA HIS H 417 45.18 39.71 4.78
C HIS H 417 44.20 38.73 5.43
N ILE H 418 44.71 37.85 6.28
CA ILE H 418 43.86 36.85 6.92
C ILE H 418 42.83 37.52 7.81
N TYR H 419 43.25 38.54 8.57
CA TYR H 419 42.34 39.28 9.43
C TYR H 419 41.17 39.85 8.63
N ASN H 420 41.46 40.55 7.54
CA ASN H 420 40.40 41.17 6.76
C ASN H 420 39.50 40.13 6.10
N GLN H 421 40.08 39.08 5.51
CA GLN H 421 39.25 38.07 4.86
C GLN H 421 38.37 37.34 5.85
N PHE H 422 38.92 37.00 7.02
CA PHE H 422 38.12 36.34 8.05
C PHE H 422 36.98 37.23 8.50
N ILE H 423 37.25 38.50 8.76
CA ILE H 423 36.19 39.39 9.21
C ILE H 423 35.10 39.51 8.15
N ASN H 424 35.49 39.69 6.88
CA ASN H 424 34.49 39.84 5.84
C ASN H 424 33.64 38.59 5.68
N SER H 425 34.27 37.41 5.60
CA SER H 425 33.50 36.18 5.44
C SER H 425 32.60 35.90 6.63
N LYS H 426 33.09 36.10 7.86
CA LYS H 426 32.24 35.86 9.02
C LYS H 426 31.11 36.87 9.12
N SER H 427 31.35 38.12 8.71
CA SER H 427 30.26 39.10 8.68
C SER H 427 29.19 38.69 7.68
N ILE H 428 29.59 38.21 6.51
CA ILE H 428 28.61 37.75 5.54
C ILE H 428 27.83 36.56 6.09
N GLU H 429 28.53 35.63 6.74
CA GLU H 429 27.87 34.47 7.31
C GLU H 429 26.87 34.86 8.39
N TRP H 430 27.26 35.81 9.26
CA TRP H 430 26.34 36.27 10.28
C TRP H 430 25.14 36.98 9.68
N ASP H 431 25.35 37.77 8.62
CA ASP H 431 24.22 38.43 7.97
C ASP H 431 23.26 37.41 7.37
N TYR H 432 23.80 36.34 6.78
CA TYR H 432 22.94 35.27 6.28
C TYR H 432 22.16 34.62 7.42
N TYR H 433 22.81 34.37 8.54
CA TYR H 433 22.14 33.70 9.67
C TYR H 433 21.09 34.60 10.31
N ARG H 434 21.33 35.90 10.35
CA ARG H 434 20.49 36.83 11.10
C ARG H 434 19.06 36.91 10.56
N THR H 435 18.87 36.67 9.27
CA THR H 435 17.57 36.86 8.63
C THR H 435 16.73 35.59 8.57
N GLN H 436 17.24 34.46 9.07
CA GLN H 436 16.51 33.21 8.99
C GLN H 436 15.41 33.15 10.04
N VAL H 437 14.33 32.47 9.70
CA VAL H 437 13.23 32.21 10.63
C VAL H 437 13.28 30.73 11.00
N SER H 438 13.52 30.46 12.28
CA SER H 438 13.73 29.10 12.75
C SER H 438 12.41 28.44 13.13
N GLU H 439 12.46 27.11 13.27
CA GLU H 439 11.27 26.37 13.71
C GLU H 439 10.88 26.73 15.12
N TRP H 440 11.84 27.13 15.96
CA TRP H 440 11.51 27.55 17.31
C TRP H 440 10.59 28.75 17.31
N GLU H 441 10.84 29.72 16.44
CA GLU H 441 9.99 30.89 16.36
C GLU H 441 8.58 30.53 15.93
N ARG H 442 8.45 29.65 14.94
CA ARG H 442 7.12 29.23 14.49
C ARG H 442 6.42 28.33 15.50
N ASP H 443 7.16 27.71 16.41
CA ASP H 443 6.54 26.95 17.49
C ASP H 443 6.08 27.82 18.64
N GLN H 444 6.86 28.82 19.03
CA GLN H 444 6.43 29.73 20.09
C GLN H 444 5.35 30.69 19.62
N TYR H 445 5.50 31.23 18.41
CA TYR H 445 4.55 32.12 17.79
C TYR H 445 3.74 31.35 16.76
N MET H 446 2.99 32.07 15.93
CA MET H 446 2.24 31.52 14.79
C MET H 446 0.97 30.82 15.26
N LYS H 447 0.84 30.59 16.56
CA LYS H 447 -0.43 30.14 17.12
C LYS H 447 -0.78 30.98 18.33
N GLN H 448 0.25 31.51 19.00
CA GLN H 448 0.01 32.45 20.08
C GLN H 448 -0.30 33.85 19.58
N TYR H 449 0.25 34.23 18.43
CA TYR H 449 0.00 35.55 17.87
C TYR H 449 -0.57 35.43 16.47
N PHE I 9 -60.56 -12.61 21.79
CA PHE I 9 -60.78 -12.16 20.43
C PHE I 9 -61.52 -13.21 19.62
N THR I 10 -62.43 -12.77 18.75
CA THR I 10 -63.17 -13.63 17.86
C THR I 10 -62.78 -13.34 16.41
N LYS I 11 -63.36 -14.10 15.49
CA LYS I 11 -63.09 -13.86 14.08
C LYS I 11 -63.54 -12.47 13.65
N GLU I 12 -64.69 -12.02 14.14
CA GLU I 12 -65.15 -10.67 13.84
C GLU I 12 -64.19 -9.60 14.35
N ASP I 13 -63.62 -9.80 15.53
CA ASP I 13 -62.63 -8.85 16.04
C ASP I 13 -61.41 -8.77 15.13
N ILE I 14 -60.92 -9.92 14.67
CA ILE I 14 -59.76 -9.92 13.78
C ILE I 14 -60.09 -9.25 12.45
N ARG I 15 -61.27 -9.54 11.89
CA ARG I 15 -61.66 -8.88 10.65
C ARG I 15 -61.75 -7.37 10.83
N LYS I 16 -62.36 -6.93 11.93
CA LYS I 16 -62.47 -5.51 12.20
C LYS I 16 -61.08 -4.87 12.36
N PHE I 17 -60.17 -5.55 13.06
CA PHE I 17 -58.82 -5.05 13.21
C PHE I 17 -58.12 -4.92 11.86
N ALA I 18 -58.27 -5.93 11.01
CA ALA I 18 -57.62 -5.88 9.69
C ALA I 18 -58.16 -4.74 8.84
N GLU I 19 -59.47 -4.51 8.87
CA GLU I 19 -60.01 -3.39 8.08
C GLU I 19 -59.62 -2.04 8.66
N GLU I 20 -59.76 -1.86 9.98
CA GLU I 20 -59.56 -0.54 10.57
C GLU I 20 -58.10 -0.17 10.73
N GLU I 21 -57.20 -1.14 10.83
CA GLU I 21 -55.77 -0.85 10.93
C GLU I 21 -55.06 -0.90 9.59
N ASN I 22 -55.77 -1.27 8.52
CA ASN I 22 -55.20 -1.38 7.18
C ASN I 22 -54.02 -2.35 7.17
N VAL I 23 -54.20 -3.48 7.82
CA VAL I 23 -53.20 -4.55 7.81
C VAL I 23 -53.15 -5.16 6.43
N ARG I 24 -51.94 -5.25 5.86
CA ARG I 24 -51.77 -5.80 4.53
C ARG I 24 -51.29 -7.24 4.51
N TYR I 25 -50.55 -7.68 5.53
CA TYR I 25 -49.98 -9.02 5.52
C TYR I 25 -50.09 -9.65 6.91
N LEU I 26 -50.14 -10.97 6.93
CA LEU I 26 -50.25 -11.75 8.16
C LEU I 26 -49.06 -12.68 8.26
N ARG I 27 -48.45 -12.74 9.43
CA ARG I 27 -47.40 -13.71 9.71
C ARG I 27 -47.94 -14.79 10.61
N LEU I 28 -48.01 -16.01 10.10
CA LEU I 28 -48.43 -17.16 10.88
C LEU I 28 -47.16 -17.82 11.41
N GLN I 29 -46.87 -17.61 12.69
CA GLN I 29 -45.61 -18.06 13.24
C GLN I 29 -45.83 -19.04 14.37
N PHE I 30 -44.90 -20.00 14.46
CA PHE I 30 -44.94 -21.08 15.43
C PHE I 30 -43.50 -21.42 15.79
N THR I 31 -43.34 -22.37 16.71
CA THR I 31 -42.04 -22.71 17.27
C THR I 31 -41.76 -24.19 17.05
N ASP I 32 -40.51 -24.49 16.69
CA ASP I 32 -40.06 -25.86 16.51
C ASP I 32 -39.55 -26.40 17.84
N ILE I 33 -38.97 -27.60 17.82
CA ILE I 33 -38.51 -28.23 19.04
C ILE I 33 -37.29 -27.53 19.62
N LEU I 34 -36.52 -26.83 18.80
CA LEU I 34 -35.31 -26.16 19.26
C LEU I 34 -35.57 -24.75 19.77
N GLY I 35 -36.82 -24.32 19.81
CA GLY I 35 -37.14 -22.97 20.26
C GLY I 35 -37.06 -21.91 19.19
N THR I 36 -36.65 -22.27 17.98
CA THR I 36 -36.59 -21.31 16.89
C THR I 36 -37.99 -21.00 16.40
N ILE I 37 -38.29 -19.73 16.19
CA ILE I 37 -39.60 -19.32 15.72
C ILE I 37 -39.62 -19.37 14.19
N LYS I 38 -40.61 -20.06 13.65
CA LYS I 38 -40.78 -20.24 12.21
C LYS I 38 -42.07 -19.55 11.79
N ASN I 39 -42.06 -18.94 10.60
CA ASN I 39 -43.24 -18.22 10.13
C ASN I 39 -43.33 -18.25 8.60
N VAL I 40 -44.55 -18.03 8.12
CA VAL I 40 -44.84 -17.81 6.71
C VAL I 40 -45.71 -16.57 6.61
N GLU I 41 -45.42 -15.70 5.64
CA GLU I 41 -46.14 -14.46 5.46
C GLU I 41 -47.19 -14.62 4.38
N VAL I 42 -48.40 -14.14 4.67
CA VAL I 42 -49.57 -14.38 3.83
C VAL I 42 -50.29 -13.06 3.59
N PRO I 43 -50.70 -12.76 2.36
CA PRO I 43 -51.46 -11.53 2.13
C PRO I 43 -52.81 -11.58 2.83
N VAL I 44 -53.28 -10.40 3.25
CA VAL I 44 -54.51 -10.31 4.01
C VAL I 44 -55.73 -10.79 3.25
N SER I 45 -55.62 -10.95 1.92
CA SER I 45 -56.70 -11.51 1.14
C SER I 45 -56.94 -12.99 1.44
N GLN I 46 -56.01 -13.65 2.13
CA GLN I 46 -56.18 -15.02 2.58
C GLN I 46 -56.62 -15.08 4.04
N LEU I 47 -57.21 -14.00 4.55
CA LEU I 47 -57.61 -13.97 5.95
C LEU I 47 -58.66 -15.01 6.26
N GLU I 48 -59.64 -15.18 5.37
CA GLU I 48 -60.66 -16.18 5.60
C GLU I 48 -60.10 -17.60 5.61
N LYS I 49 -59.15 -17.89 4.71
CA LYS I 49 -58.50 -19.20 4.73
C LYS I 49 -57.72 -19.39 6.03
N VAL I 50 -57.03 -18.34 6.50
CA VAL I 50 -56.28 -18.44 7.74
C VAL I 50 -57.21 -18.71 8.91
N LEU I 51 -58.33 -17.99 8.98
CA LEU I 51 -59.26 -18.14 10.09
C LEU I 51 -60.00 -19.47 10.07
N ASP I 52 -60.03 -20.15 8.92
CA ASP I 52 -60.67 -21.46 8.83
C ASP I 52 -59.70 -22.60 9.11
N ASN I 53 -58.49 -22.30 9.57
CA ASN I 53 -57.50 -23.31 9.95
C ASN I 53 -57.14 -24.21 8.77
N GLU I 54 -57.09 -23.63 7.58
CA GLU I 54 -56.81 -24.38 6.36
C GLU I 54 -55.42 -24.12 5.81
N MET I 55 -54.60 -23.33 6.50
CA MET I 55 -53.24 -23.07 6.05
C MET I 55 -52.39 -24.33 6.24
N MET I 56 -51.48 -24.57 5.30
CA MET I 56 -50.68 -25.80 5.27
C MET I 56 -49.21 -25.46 5.11
N PHE I 57 -48.35 -26.30 5.69
CA PHE I 57 -46.92 -26.21 5.46
C PHE I 57 -46.35 -27.62 5.40
N ASP I 58 -45.04 -27.72 5.18
CA ASP I 58 -44.43 -29.01 4.91
C ASP I 58 -44.30 -29.85 6.18
N GLY I 59 -43.49 -29.38 7.13
CA GLY I 59 -43.29 -30.13 8.35
C GLY I 59 -42.05 -30.99 8.32
N SER I 60 -41.78 -31.64 7.19
CA SER I 60 -40.58 -32.46 7.07
C SER I 60 -39.32 -31.63 7.02
N SER I 61 -39.43 -30.34 6.70
CA SER I 61 -38.29 -29.44 6.64
C SER I 61 -38.02 -28.72 7.95
N ILE I 62 -38.78 -29.04 9.00
CA ILE I 62 -38.69 -28.37 10.29
C ILE I 62 -38.39 -29.41 11.36
N GLU I 63 -37.44 -29.09 12.24
CA GLU I 63 -37.05 -29.99 13.32
C GLU I 63 -38.23 -30.38 14.21
N ASP I 72 -46.81 -32.73 6.42
CA ASP I 72 -48.10 -32.28 5.94
C ASP I 72 -49.00 -31.86 7.10
N MET I 73 -48.80 -30.63 7.58
CA MET I 73 -49.46 -30.15 8.77
C MET I 73 -50.33 -28.95 8.48
N TYR I 74 -51.10 -28.56 9.49
CA TYR I 74 -52.04 -27.45 9.40
C TYR I 74 -51.74 -26.44 10.51
N LEU I 75 -51.95 -25.17 10.21
CA LEU I 75 -51.76 -24.10 11.18
C LEU I 75 -53.11 -23.66 11.71
N HIS I 76 -53.25 -23.66 13.03
CA HIS I 76 -54.48 -23.22 13.70
C HIS I 76 -54.16 -21.98 14.52
N PRO I 77 -54.46 -20.78 14.02
CA PRO I 77 -54.06 -19.56 14.73
C PRO I 77 -54.76 -19.43 16.07
N ASP I 78 -54.02 -18.90 17.05
CA ASP I 78 -54.59 -18.54 18.33
C ASP I 78 -54.93 -17.06 18.28
N LEU I 79 -56.22 -16.74 18.26
CA LEU I 79 -56.66 -15.38 17.96
C LEU I 79 -56.30 -14.38 19.04
N ASP I 80 -56.07 -14.83 20.27
CA ASP I 80 -55.70 -13.89 21.34
C ASP I 80 -54.30 -13.33 21.15
N THR I 81 -53.50 -13.93 20.29
CA THR I 81 -52.11 -13.52 20.07
C THR I 81 -51.96 -12.48 18.98
N TRP I 82 -53.06 -11.93 18.48
CA TRP I 82 -53.01 -10.91 17.44
C TRP I 82 -52.21 -9.70 17.92
N VAL I 83 -51.29 -9.25 17.09
CA VAL I 83 -50.50 -8.05 17.37
C VAL I 83 -49.85 -7.60 16.08
N ILE I 84 -49.58 -6.30 15.97
CA ILE I 84 -49.07 -5.69 14.75
C ILE I 84 -47.64 -5.24 15.00
N PHE I 85 -46.73 -5.62 14.10
CA PHE I 85 -45.35 -5.18 14.21
C PHE I 85 -45.22 -3.72 13.81
N PRO I 86 -44.76 -2.84 14.69
CA PRO I 86 -44.67 -1.42 14.33
C PRO I 86 -43.39 -1.07 13.58
N TRP I 87 -43.04 -1.86 12.58
CA TRP I 87 -41.85 -1.57 11.78
C TRP I 87 -41.98 -2.16 10.37
N GLY I 92 -45.74 -2.19 3.69
CA GLY I 92 -46.98 -2.84 4.05
C GLY I 92 -47.02 -3.26 5.50
N LYS I 93 -48.08 -2.87 6.20
CA LYS I 93 -48.23 -3.20 7.62
C LYS I 93 -48.42 -4.69 7.79
N VAL I 94 -47.79 -5.24 8.82
CA VAL I 94 -47.78 -6.68 9.08
C VAL I 94 -48.31 -6.94 10.48
N ALA I 95 -49.26 -7.86 10.59
CA ALA I 95 -49.71 -8.41 11.86
C ALA I 95 -49.32 -9.87 11.92
N ARG I 96 -49.38 -10.44 13.13
CA ARG I 96 -48.99 -11.82 13.32
C ARG I 96 -50.01 -12.55 14.17
N LEU I 97 -50.05 -13.87 13.98
CA LEU I 97 -50.80 -14.77 14.84
C LEU I 97 -49.93 -15.97 15.15
N ILE I 98 -49.90 -16.35 16.44
CA ILE I 98 -49.17 -17.54 16.88
C ILE I 98 -50.10 -18.74 16.73
N CYS I 99 -49.65 -19.73 15.97
CA CYS I 99 -50.49 -20.84 15.56
C CYS I 99 -50.03 -22.14 16.21
N ASP I 100 -51.00 -22.99 16.54
CA ASP I 100 -50.71 -24.36 16.90
C ASP I 100 -50.64 -25.22 15.63
N VAL I 101 -49.95 -26.34 15.74
CA VAL I 101 -49.74 -27.24 14.62
C VAL I 101 -50.65 -28.46 14.80
N TYR I 102 -51.52 -28.69 13.82
CA TYR I 102 -52.45 -29.81 13.84
C TYR I 102 -52.13 -30.77 12.71
N LYS I 103 -52.59 -32.01 12.87
CA LYS I 103 -52.43 -33.03 11.85
C LYS I 103 -53.59 -32.94 10.87
N THR I 104 -53.61 -33.86 9.90
CA THR I 104 -54.66 -33.87 8.89
C THR I 104 -56.01 -34.30 9.45
N ASP I 105 -56.05 -34.94 10.62
CA ASP I 105 -57.28 -35.44 11.20
C ASP I 105 -57.90 -34.45 12.19
N GLY I 106 -57.38 -33.23 12.28
CA GLY I 106 -57.92 -32.24 13.18
C GLY I 106 -57.44 -32.32 14.61
N THR I 107 -56.53 -33.23 14.91
CA THR I 107 -56.00 -33.30 16.26
C THR I 107 -54.63 -32.62 16.32
N PRO I 108 -54.30 -32.01 17.45
CA PRO I 108 -53.01 -31.31 17.55
C PRO I 108 -51.84 -32.26 17.39
N PHE I 109 -50.80 -31.78 16.73
CA PHE I 109 -49.61 -32.59 16.50
C PHE I 109 -48.88 -32.79 17.82
N GLU I 110 -48.56 -34.05 18.14
CA GLU I 110 -47.94 -34.37 19.42
C GLU I 110 -46.53 -33.84 19.54
N GLY I 111 -45.89 -33.45 18.44
CA GLY I 111 -44.58 -32.87 18.46
C GLY I 111 -44.52 -31.36 18.55
N ASP I 112 -45.67 -30.70 18.70
CA ASP I 112 -45.69 -29.25 18.83
C ASP I 112 -45.51 -28.84 20.27
N PRO I 113 -44.45 -28.09 20.61
CA PRO I 113 -44.21 -27.74 22.02
C PRO I 113 -45.33 -26.96 22.68
N ARG I 114 -45.98 -26.07 21.94
CA ARG I 114 -47.03 -25.23 22.52
C ARG I 114 -48.29 -26.02 22.85
N ALA I 115 -48.73 -26.89 21.94
CA ALA I 115 -49.84 -27.79 22.23
C ALA I 115 -49.49 -28.77 23.34
N ASN I 116 -48.21 -29.09 23.51
CA ASN I 116 -47.79 -29.91 24.64
C ASN I 116 -48.02 -29.19 25.95
N LEU I 117 -47.60 -27.92 26.03
CA LEU I 117 -47.81 -27.15 27.25
C LEU I 117 -49.29 -26.96 27.52
N LYS I 118 -50.09 -26.77 26.48
CA LYS I 118 -51.53 -26.62 26.67
C LYS I 118 -52.13 -27.87 27.33
N ARG I 119 -51.75 -29.06 26.88
CA ARG I 119 -52.31 -30.27 27.48
C ARG I 119 -51.72 -30.57 28.85
N VAL I 120 -50.47 -30.17 29.10
CA VAL I 120 -49.96 -30.27 30.47
C VAL I 120 -50.75 -29.37 31.41
N LEU I 121 -51.06 -28.14 30.98
CA LEU I 121 -51.91 -27.28 31.77
C LEU I 121 -53.31 -27.85 31.95
N LYS I 122 -53.85 -28.48 30.91
CA LYS I 122 -55.15 -29.13 31.02
C LYS I 122 -55.13 -30.23 32.08
N GLU I 123 -54.07 -31.05 32.10
CA GLU I 123 -53.92 -32.05 33.15
C GLU I 123 -53.76 -31.42 34.52
N MET I 124 -53.05 -30.29 34.61
CA MET I 124 -52.92 -29.58 35.87
C MET I 124 -54.26 -29.11 36.40
N GLU I 125 -55.14 -28.65 35.51
CA GLU I 125 -56.44 -28.16 35.92
C GLU I 125 -57.28 -29.23 36.62
N ASP I 126 -57.00 -30.51 36.38
CA ASP I 126 -57.75 -31.57 37.05
C ASP I 126 -57.39 -31.67 38.53
N LEU I 127 -56.26 -31.10 38.95
CA LEU I 127 -55.86 -31.12 40.35
C LEU I 127 -56.45 -29.97 41.15
N GLY I 128 -57.27 -29.12 40.53
CA GLY I 128 -57.89 -28.00 41.19
C GLY I 128 -57.22 -26.67 40.91
N PHE I 129 -56.01 -26.68 40.37
CA PHE I 129 -55.31 -25.44 40.05
C PHE I 129 -55.82 -24.87 38.73
N THR I 130 -56.20 -23.60 38.75
CA THR I 130 -56.82 -22.97 37.58
C THR I 130 -55.88 -22.05 36.82
N ASP I 131 -54.66 -21.83 37.30
CA ASP I 131 -53.77 -20.89 36.65
C ASP I 131 -52.33 -21.23 37.00
N PHE I 132 -51.43 -20.89 36.10
CA PHE I 132 -49.99 -21.09 36.31
C PHE I 132 -49.28 -19.92 35.66
N ASN I 133 -48.78 -18.99 36.48
CA ASN I 133 -48.16 -17.77 35.98
C ASN I 133 -46.65 -17.94 35.87
N LEU I 134 -46.07 -17.27 34.89
CA LEU I 134 -44.62 -17.32 34.68
C LEU I 134 -44.10 -15.92 34.49
N GLY I 135 -43.17 -15.51 35.34
CA GLY I 135 -42.45 -14.28 35.14
C GLY I 135 -41.01 -14.55 34.73
N PRO I 136 -40.72 -14.39 33.44
CA PRO I 136 -39.36 -14.61 32.96
C PRO I 136 -38.55 -13.32 32.92
N GLU I 137 -37.23 -13.48 32.92
CA GLU I 137 -36.30 -12.37 32.82
C GLU I 137 -35.06 -12.80 32.06
N PRO I 138 -35.15 -12.84 30.73
CA PRO I 138 -33.99 -13.20 29.92
C PRO I 138 -33.01 -12.04 29.79
N GLU I 139 -31.75 -12.39 29.58
CA GLU I 139 -30.68 -11.43 29.38
C GLU I 139 -30.01 -11.72 28.04
N PHE I 140 -29.42 -10.69 27.45
CA PHE I 140 -28.81 -10.82 26.14
C PHE I 140 -27.57 -9.96 26.06
N PHE I 141 -26.68 -10.32 25.15
CA PHE I 141 -25.50 -9.52 24.82
C PHE I 141 -25.74 -8.77 23.52
N LEU I 142 -25.03 -7.65 23.38
CA LEU I 142 -25.01 -6.89 22.14
C LEU I 142 -23.59 -6.86 21.60
N PHE I 143 -23.43 -7.25 20.34
CA PHE I 143 -22.15 -7.25 19.68
C PHE I 143 -22.16 -6.30 18.49
N LYS I 144 -21.01 -5.71 18.21
CA LYS I 144 -20.89 -4.80 17.09
C LYS I 144 -20.86 -5.55 15.77
N LEU I 145 -21.46 -4.95 14.75
CA LEU I 145 -21.41 -5.50 13.40
C LEU I 145 -20.24 -4.88 12.63
N ASP I 146 -19.74 -5.63 11.66
CA ASP I 146 -18.69 -5.12 10.79
C ASP I 146 -19.34 -4.40 9.60
N GLU I 147 -18.51 -3.99 8.63
CA GLU I 147 -19.04 -3.32 7.45
C GLU I 147 -19.85 -4.24 6.56
N LYS I 148 -19.58 -5.55 6.59
CA LYS I 148 -20.33 -6.49 5.78
C LYS I 148 -21.64 -6.91 6.41
N GLY I 149 -21.91 -6.50 7.64
CA GLY I 149 -23.13 -6.87 8.33
C GLY I 149 -23.02 -8.12 9.17
N GLU I 150 -21.83 -8.64 9.39
CA GLU I 150 -21.63 -9.81 10.23
C GLU I 150 -21.24 -9.41 11.64
N PRO I 151 -21.69 -10.15 12.64
CA PRO I 151 -21.30 -9.84 14.02
C PRO I 151 -19.81 -10.06 14.24
N THR I 152 -19.23 -9.25 15.10
CA THR I 152 -17.84 -9.39 15.52
C THR I 152 -17.82 -9.92 16.96
N LEU I 153 -16.63 -10.03 17.53
CA LEU I 153 -16.48 -10.53 18.89
C LEU I 153 -16.33 -9.41 19.91
N GLU I 154 -16.47 -8.16 19.51
CA GLU I 154 -16.33 -7.03 20.44
C GLU I 154 -17.71 -6.55 20.88
N LEU I 155 -17.87 -6.41 22.18
CA LEU I 155 -19.13 -5.99 22.76
C LEU I 155 -19.39 -4.51 22.50
N ASN I 156 -20.65 -4.11 22.66
CA ASN I 156 -21.01 -2.74 22.34
C ASN I 156 -20.40 -1.74 23.31
N ASP I 157 -20.15 -2.14 24.55
CA ASP I 157 -19.54 -1.26 25.54
C ASP I 157 -18.76 -2.10 26.54
N ASP I 158 -18.33 -1.46 27.61
CA ASP I 158 -17.61 -2.12 28.71
C ASP I 158 -18.24 -1.72 30.03
N GLY I 159 -19.56 -1.63 30.06
CA GLY I 159 -20.27 -1.22 31.24
C GLY I 159 -20.47 -2.35 32.23
N GLY I 160 -20.98 -1.99 33.40
CA GLY I 160 -21.25 -2.97 34.44
C GLY I 160 -22.69 -2.94 34.90
N TYR I 161 -22.94 -3.47 36.09
CA TYR I 161 -24.30 -3.55 36.61
C TYR I 161 -24.82 -2.16 36.94
N PHE I 162 -26.01 -1.84 36.42
CA PHE I 162 -26.69 -0.57 36.68
C PHE I 162 -25.85 0.63 36.24
N ASP I 163 -25.00 0.41 35.25
CA ASP I 163 -24.15 1.46 34.73
C ASP I 163 -24.95 2.37 33.81
N LEU I 164 -24.49 3.60 33.63
CA LEU I 164 -25.17 4.57 32.82
C LEU I 164 -24.22 5.17 31.79
N ALA I 165 -24.81 5.83 30.79
CA ALA I 165 -24.03 6.38 29.69
C ALA I 165 -23.14 7.52 30.17
N PRO I 166 -21.99 7.74 29.52
CA PRO I 166 -21.49 7.05 28.32
C PRO I 166 -20.76 5.75 28.59
N THR I 167 -20.71 5.32 29.84
CA THR I 167 -20.21 3.98 30.15
C THR I 167 -21.15 2.90 29.65
N ASP I 168 -22.46 3.10 29.77
CA ASP I 168 -23.46 2.22 29.19
C ASP I 168 -23.83 2.76 27.82
N LEU I 169 -23.26 2.17 26.77
CA LEU I 169 -23.52 2.60 25.42
C LEU I 169 -24.70 1.89 24.77
N GLY I 170 -25.34 0.95 25.48
CA GLY I 170 -26.50 0.27 24.95
C GLY I 170 -27.79 0.91 25.37
N GLU I 171 -27.69 2.11 25.94
CA GLU I 171 -28.88 2.79 26.48
C GLU I 171 -29.88 3.15 25.38
N ASN I 172 -29.39 3.64 24.24
CA ASN I 172 -30.30 4.02 23.17
C ASN I 172 -30.97 2.81 22.54
N CYS I 173 -30.20 1.75 22.26
CA CYS I 173 -30.79 0.54 21.70
C CYS I 173 -31.79 -0.09 22.65
N ARG I 174 -31.46 -0.12 23.94
CA ARG I 174 -32.37 -0.64 24.95
C ARG I 174 -33.64 0.20 25.04
N ARG I 175 -33.51 1.52 24.96
CA ARG I 175 -34.67 2.40 24.95
C ARG I 175 -35.56 2.14 23.73
N ASP I 176 -34.96 1.97 22.56
CA ASP I 176 -35.76 1.66 21.38
C ASP I 176 -36.44 0.30 21.49
N ILE I 177 -35.79 -0.70 22.07
CA ILE I 177 -36.43 -1.99 22.29
C ILE I 177 -37.63 -1.82 23.23
N VAL I 178 -37.45 -1.08 24.31
CA VAL I 178 -38.55 -0.88 25.26
C VAL I 178 -39.69 -0.12 24.59
N LEU I 179 -39.37 0.88 23.77
CA LEU I 179 -40.39 1.62 23.05
C LEU I 179 -41.17 0.74 22.08
N GLU I 180 -40.49 -0.13 21.34
CA GLU I 180 -41.17 -1.02 20.41
C GLU I 180 -42.01 -2.08 21.13
N LEU I 181 -41.51 -2.60 22.26
CA LEU I 181 -42.27 -3.58 23.02
C LEU I 181 -43.53 -2.99 23.63
N GLU I 182 -43.49 -1.72 24.05
CA GLU I 182 -44.68 -1.10 24.63
C GLU I 182 -45.77 -0.88 23.58
N ASP I 183 -45.39 -0.60 22.34
CA ASP I 183 -46.38 -0.50 21.27
C ASP I 183 -47.04 -1.84 20.99
N MET I 184 -46.36 -2.93 21.30
CA MET I 184 -46.88 -4.27 21.06
C MET I 184 -47.67 -4.82 22.23
N GLY I 185 -47.88 -4.03 23.29
CA GLY I 185 -48.70 -4.47 24.38
C GLY I 185 -47.96 -5.13 25.53
N PHE I 186 -46.63 -5.02 25.57
CA PHE I 186 -45.91 -5.52 26.73
C PHE I 186 -46.07 -4.55 27.90
N ASP I 187 -45.96 -5.09 29.11
CA ASP I 187 -45.90 -4.28 30.32
C ASP I 187 -44.48 -4.36 30.83
N ILE I 188 -43.66 -3.39 30.42
CA ILE I 188 -42.26 -3.36 30.79
C ILE I 188 -42.11 -2.86 32.22
N GLU I 189 -41.27 -3.53 33.00
CA GLU I 189 -41.06 -3.21 34.40
C GLU I 189 -39.77 -2.45 34.64
N ALA I 190 -38.66 -2.86 34.03
CA ALA I 190 -37.38 -2.21 34.25
C ALA I 190 -36.45 -2.55 33.11
N SER I 191 -35.44 -1.70 32.92
CA SER I 191 -34.38 -1.96 31.97
C SER I 191 -33.08 -1.40 32.53
N HIS I 192 -32.00 -2.16 32.40
CA HIS I 192 -30.73 -1.75 32.98
C HIS I 192 -29.60 -2.53 32.33
N HIS I 193 -28.39 -2.00 32.47
CA HIS I 193 -27.19 -2.74 32.08
C HIS I 193 -26.95 -3.87 33.06
N GLU I 194 -26.40 -4.97 32.54
CA GLU I 194 -26.17 -6.18 33.33
C GLU I 194 -24.71 -6.25 33.74
N VAL I 195 -24.37 -7.30 34.47
CA VAL I 195 -23.05 -7.41 35.10
C VAL I 195 -21.95 -7.46 34.04
N ALA I 196 -22.10 -8.32 33.04
CA ALA I 196 -21.07 -8.48 32.04
C ALA I 196 -21.03 -7.28 31.11
N PRO I 197 -19.86 -6.99 30.53
CA PRO I 197 -19.80 -5.94 29.50
C PRO I 197 -20.69 -6.31 28.32
N GLY I 198 -21.40 -5.32 27.80
CA GLY I 198 -22.28 -5.57 26.68
C GLY I 198 -23.52 -6.37 27.00
N GLN I 199 -23.80 -6.64 28.26
CA GLN I 199 -24.94 -7.45 28.66
C GLN I 199 -26.06 -6.56 29.18
N HIS I 200 -27.29 -6.87 28.77
CA HIS I 200 -28.44 -6.01 29.05
C HIS I 200 -29.62 -6.87 29.47
N GLU I 201 -30.51 -6.26 30.26
CA GLU I 201 -31.72 -6.94 30.71
C GLU I 201 -32.90 -5.98 30.64
N ILE I 202 -33.98 -6.45 30.03
CA ILE I 202 -35.26 -5.74 30.00
C ILE I 202 -36.30 -6.65 30.65
N ASP I 203 -37.01 -6.13 31.64
CA ASP I 203 -37.93 -6.92 32.44
C ASP I 203 -39.36 -6.58 32.08
N PHE I 204 -40.18 -7.61 31.89
CA PHE I 204 -41.61 -7.46 31.71
C PHE I 204 -42.34 -8.36 32.69
N LYS I 205 -43.55 -7.96 33.06
CA LYS I 205 -44.26 -8.60 34.15
C LYS I 205 -44.78 -9.97 33.73
N TYR I 206 -45.24 -10.72 34.72
CA TYR I 206 -45.67 -12.09 34.50
C TYR I 206 -46.97 -12.13 33.71
N ALA I 207 -47.29 -13.30 33.21
CA ALA I 207 -48.54 -13.57 32.52
C ALA I 207 -48.86 -15.04 32.68
N ASP I 208 -49.95 -15.48 32.07
CA ASP I 208 -50.28 -16.89 32.08
C ASP I 208 -49.21 -17.67 31.33
N ALA I 209 -49.17 -18.98 31.58
CA ALA I 209 -48.06 -19.80 31.10
C ALA I 209 -47.89 -19.70 29.58
N VAL I 210 -48.96 -19.94 28.84
CA VAL I 210 -48.87 -19.93 27.38
C VAL I 210 -48.53 -18.54 26.87
N THR I 211 -49.21 -17.51 27.37
CA THR I 211 -48.90 -16.17 26.90
C THR I 211 -47.55 -15.68 27.39
N ALA I 212 -47.07 -16.18 28.53
CA ALA I 212 -45.71 -15.85 28.95
C ALA I 212 -44.67 -16.46 28.02
N CYS I 213 -44.86 -17.71 27.60
CA CYS I 213 -43.95 -18.28 26.61
C CYS I 213 -44.02 -17.54 25.28
N ASP I 214 -45.23 -17.15 24.85
CA ASP I 214 -45.36 -16.31 23.68
C ASP I 214 -44.65 -14.97 23.85
N ASN I 215 -44.71 -14.40 25.06
CA ASN I 215 -43.99 -13.17 25.34
C ASN I 215 -42.49 -13.35 25.19
N ILE I 216 -41.95 -14.46 25.68
CA ILE I 216 -40.53 -14.72 25.54
C ILE I 216 -40.15 -14.82 24.06
N GLN I 217 -40.95 -15.58 23.30
CA GLN I 217 -40.65 -15.75 21.88
C GLN I 217 -40.71 -14.43 21.13
N THR I 218 -41.72 -13.60 21.40
CA THR I 218 -41.84 -12.31 20.76
C THR I 218 -40.73 -11.36 21.20
N PHE I 219 -40.37 -11.40 22.48
CA PHE I 219 -39.34 -10.54 23.02
C PHE I 219 -38.00 -10.79 22.34
N LYS I 220 -37.66 -12.07 22.14
CA LYS I 220 -36.37 -12.36 21.50
C LYS I 220 -36.30 -11.78 20.08
N LEU I 221 -37.36 -11.95 19.29
CA LEU I 221 -37.33 -11.46 17.92
C LEU I 221 -37.38 -9.93 17.86
N VAL I 222 -38.13 -9.30 18.76
CA VAL I 222 -38.14 -7.84 18.81
C VAL I 222 -36.76 -7.31 19.17
N VAL I 223 -36.11 -7.92 20.17
CA VAL I 223 -34.78 -7.49 20.56
C VAL I 223 -33.81 -7.62 19.40
N LYS I 224 -33.85 -8.76 18.71
CA LYS I 224 -32.93 -8.97 17.60
C LYS I 224 -33.18 -7.99 16.45
N THR I 225 -34.44 -7.75 16.09
CA THR I 225 -34.74 -6.79 15.03
C THR I 225 -34.28 -5.38 15.38
N ILE I 226 -34.65 -4.90 16.58
CA ILE I 226 -34.27 -3.54 16.94
C ILE I 226 -32.77 -3.41 17.09
N ALA I 227 -32.09 -4.44 17.59
CA ALA I 227 -30.64 -4.40 17.67
C ALA I 227 -30.02 -4.31 16.28
N ARG I 228 -30.55 -5.06 15.32
CA ARG I 228 -30.06 -4.94 13.95
C ARG I 228 -30.26 -3.53 13.41
N LYS I 229 -31.38 -2.89 13.75
CA LYS I 229 -31.60 -1.51 13.32
C LYS I 229 -30.56 -0.55 13.89
N HIS I 230 -29.88 -0.93 14.97
CA HIS I 230 -28.87 -0.10 15.60
C HIS I 230 -27.45 -0.52 15.25
N ASN I 231 -27.28 -1.26 14.15
CA ASN I 231 -25.96 -1.76 13.72
C ASN I 231 -25.33 -2.62 14.81
N LEU I 232 -26.16 -3.37 15.53
CA LEU I 232 -25.70 -4.25 16.59
C LEU I 232 -26.29 -5.64 16.37
N HIS I 233 -25.62 -6.63 16.94
CA HIS I 233 -26.09 -8.02 16.90
C HIS I 233 -26.48 -8.45 18.31
N ALA I 234 -27.73 -8.86 18.47
CA ALA I 234 -28.21 -9.35 19.76
C ALA I 234 -28.19 -10.87 19.76
N THR I 235 -27.60 -11.44 20.81
CA THR I 235 -27.56 -12.88 20.94
C THR I 235 -28.04 -13.28 22.33
N PHE I 236 -28.80 -14.37 22.40
CA PHE I 236 -29.20 -14.96 23.66
C PHE I 236 -28.38 -16.21 23.98
N MET I 237 -27.21 -16.32 23.37
CA MET I 237 -26.29 -17.39 23.69
C MET I 237 -25.90 -17.31 25.16
N PRO I 238 -25.95 -18.42 25.91
CA PRO I 238 -25.72 -18.36 27.36
C PRO I 238 -24.36 -17.80 27.74
N LYS I 239 -23.29 -18.37 27.19
CA LYS I 239 -21.92 -17.97 27.54
C LYS I 239 -21.15 -17.70 26.26
N PRO I 240 -21.34 -16.53 25.64
CA PRO I 240 -20.61 -16.23 24.40
C PRO I 240 -19.12 -16.01 24.58
N LEU I 241 -18.67 -15.55 25.75
CA LEU I 241 -17.26 -15.27 25.99
C LEU I 241 -16.80 -15.89 27.29
N PHE I 242 -15.58 -16.40 27.29
CA PHE I 242 -14.99 -16.97 28.50
C PHE I 242 -14.59 -15.86 29.47
N GLY I 243 -14.67 -16.16 30.76
CA GLY I 243 -14.26 -15.22 31.79
C GLY I 243 -15.24 -14.09 32.03
N VAL I 244 -16.44 -14.18 31.49
CA VAL I 244 -17.44 -13.12 31.56
C VAL I 244 -18.76 -13.74 31.98
N ASN I 245 -19.54 -12.99 32.74
CA ASN I 245 -20.83 -13.48 33.23
C ASN I 245 -21.71 -13.94 32.08
N GLY I 246 -22.46 -15.02 32.32
CA GLY I 246 -23.38 -15.56 31.35
C GLY I 246 -24.78 -14.99 31.48
N SER I 247 -25.63 -15.39 30.54
CA SER I 247 -27.02 -14.92 30.47
C SER I 247 -27.95 -16.00 30.99
N GLY I 248 -28.89 -15.59 31.85
CA GLY I 248 -29.88 -16.49 32.39
C GLY I 248 -31.29 -16.07 32.01
N MET I 249 -32.23 -16.98 32.25
CA MET I 249 -33.65 -16.75 31.99
C MET I 249 -34.47 -17.26 33.16
N HIS I 250 -34.13 -16.78 34.36
CA HIS I 250 -34.84 -17.18 35.58
C HIS I 250 -36.35 -17.24 35.37
N PHE I 251 -36.95 -18.32 35.85
CA PHE I 251 -38.39 -18.56 35.73
C PHE I 251 -39.04 -18.35 37.09
N ASN I 252 -39.90 -17.34 37.18
CA ASN I 252 -40.69 -17.09 38.38
C ASN I 252 -42.08 -17.67 38.18
N VAL I 253 -42.45 -18.64 39.01
CA VAL I 253 -43.69 -19.39 38.79
C VAL I 253 -44.54 -19.33 40.06
N SER I 254 -45.86 -19.33 39.87
CA SER I 254 -46.80 -19.36 40.99
C SER I 254 -48.09 -20.03 40.51
N LEU I 255 -48.72 -20.76 41.43
CA LEU I 255 -49.97 -21.47 41.16
C LEU I 255 -51.15 -20.72 41.77
N PHE I 256 -52.27 -20.72 41.07
CA PHE I 256 -53.49 -20.06 41.53
C PHE I 256 -54.67 -21.01 41.44
N LYS I 257 -55.37 -21.19 42.56
CA LYS I 257 -56.64 -21.91 42.59
C LYS I 257 -57.79 -20.91 42.45
N GLY I 258 -57.66 -20.02 41.48
CA GLY I 258 -58.75 -19.12 41.16
C GLY I 258 -58.65 -17.82 41.93
N LYS I 259 -58.20 -16.74 41.28
CA LYS I 259 -58.14 -15.41 41.88
C LYS I 259 -57.45 -15.40 43.24
N GLU I 260 -56.63 -16.41 43.51
CA GLU I 260 -55.95 -16.52 44.79
C GLU I 260 -54.71 -17.37 44.62
N ASN I 261 -53.60 -16.94 45.22
CA ASN I 261 -52.33 -17.64 45.09
C ASN I 261 -52.33 -18.86 45.98
N ALA I 262 -51.99 -20.02 45.41
CA ALA I 262 -51.95 -21.25 46.17
C ALA I 262 -50.66 -21.41 46.96
N PHE I 263 -49.69 -20.52 46.79
CA PHE I 263 -48.43 -20.60 47.51
C PHE I 263 -48.40 -19.73 48.77
N PHE I 264 -49.41 -18.89 48.97
CA PHE I 264 -49.39 -17.91 50.05
C PHE I 264 -50.28 -18.35 51.21
N ASP I 265 -49.69 -18.41 52.41
CA ASP I 265 -50.40 -18.77 53.63
C ASP I 265 -50.33 -17.60 54.60
N PRO I 266 -51.41 -16.84 54.78
CA PRO I 266 -51.35 -15.70 55.70
C PRO I 266 -51.58 -16.10 57.15
N ASN I 267 -50.99 -17.22 57.57
CA ASN I 267 -51.03 -17.65 58.96
C ASN I 267 -49.61 -17.82 59.50
N THR I 268 -48.78 -18.53 58.74
CA THR I 268 -47.41 -18.77 59.17
C THR I 268 -46.58 -17.52 58.98
N GLU I 269 -45.55 -17.35 59.84
CA GLU I 269 -44.65 -16.23 59.69
C GLU I 269 -43.89 -16.29 58.37
N MET I 270 -43.44 -17.48 57.97
CA MET I 270 -42.79 -17.63 56.66
C MET I 270 -43.75 -17.29 55.54
N GLY I 271 -45.01 -17.72 55.66
CA GLY I 271 -46.03 -17.35 54.70
C GLY I 271 -46.06 -18.20 53.46
N LEU I 272 -45.77 -19.49 53.60
CA LEU I 272 -45.80 -20.43 52.48
C LEU I 272 -46.74 -21.58 52.84
N THR I 273 -47.61 -21.93 51.90
CA THR I 273 -48.51 -23.05 52.10
C THR I 273 -47.75 -24.36 52.01
N GLU I 274 -48.41 -25.46 52.40
CA GLU I 274 -47.86 -26.78 52.17
C GLU I 274 -47.71 -27.05 50.68
N THR I 275 -48.63 -26.52 49.87
CA THR I 275 -48.54 -26.69 48.42
C THR I 275 -47.25 -26.09 47.87
N ALA I 276 -46.87 -24.91 48.36
CA ALA I 276 -45.62 -24.30 47.90
C ALA I 276 -44.42 -25.15 48.26
N TYR I 277 -44.40 -25.72 49.47
CA TYR I 277 -43.32 -26.59 49.88
C TYR I 277 -43.25 -27.87 49.04
N GLN I 278 -44.39 -28.49 48.77
CA GLN I 278 -44.40 -29.68 47.93
C GLN I 278 -43.97 -29.38 46.50
N PHE I 279 -44.36 -28.23 45.96
CA PHE I 279 -43.90 -27.85 44.62
C PHE I 279 -42.39 -27.72 44.58
N THR I 280 -41.81 -27.06 45.58
CA THR I 280 -40.35 -26.95 45.66
C THR I 280 -39.70 -28.31 45.81
N ALA I 281 -40.29 -29.19 46.62
CA ALA I 281 -39.74 -30.52 46.79
C ALA I 281 -39.73 -31.28 45.47
N GLY I 282 -40.83 -31.20 44.70
CA GLY I 282 -40.86 -31.85 43.41
C GLY I 282 -39.87 -31.29 42.42
N VAL I 283 -39.74 -29.97 42.36
CA VAL I 283 -38.78 -29.36 41.44
C VAL I 283 -37.36 -29.74 41.81
N LEU I 284 -37.03 -29.73 43.11
CA LEU I 284 -35.71 -30.13 43.55
C LEU I 284 -35.44 -31.60 43.24
N LYS I 285 -36.44 -32.46 43.46
CA LYS I 285 -36.27 -33.88 43.21
C LYS I 285 -36.10 -34.20 41.74
N ASN I 286 -36.77 -33.46 40.85
CA ASN I 286 -36.67 -33.72 39.42
C ASN I 286 -35.76 -32.74 38.69
N ALA I 287 -34.98 -31.94 39.40
CA ALA I 287 -34.14 -30.93 38.75
C ALA I 287 -33.09 -31.53 37.84
N ARG I 288 -32.45 -32.63 38.24
CA ARG I 288 -31.46 -33.26 37.40
C ARG I 288 -32.07 -33.76 36.09
N GLY I 289 -33.35 -34.14 36.12
CA GLY I 289 -33.97 -34.72 34.94
C GLY I 289 -34.29 -33.74 33.84
N PHE I 290 -34.65 -32.51 34.18
CA PHE I 290 -35.06 -31.53 33.18
C PHE I 290 -33.97 -30.52 32.86
N THR I 291 -32.75 -30.74 33.33
CA THR I 291 -31.67 -29.79 33.07
C THR I 291 -31.36 -29.70 31.57
N ALA I 292 -31.42 -30.82 30.87
CA ALA I 292 -31.13 -30.80 29.43
C ALA I 292 -32.13 -29.93 28.67
N VAL I 293 -33.40 -30.00 29.03
CA VAL I 293 -34.39 -29.16 28.36
C VAL I 293 -34.19 -27.69 28.71
N CYS I 294 -33.92 -27.39 29.98
CA CYS I 294 -33.71 -26.00 30.38
C CYS I 294 -32.36 -25.46 29.96
N ASN I 295 -31.39 -26.33 29.69
CA ASN I 295 -30.05 -25.93 29.23
C ASN I 295 -29.72 -26.77 28.01
N PRO I 296 -30.29 -26.43 26.85
CA PRO I 296 -30.23 -27.35 25.70
C PRO I 296 -28.94 -27.28 24.89
N LEU I 297 -28.12 -26.26 25.06
CA LEU I 297 -26.94 -26.10 24.24
C LEU I 297 -25.72 -26.72 24.92
N VAL I 298 -24.70 -27.01 24.11
CA VAL I 298 -23.40 -27.35 24.66
C VAL I 298 -22.83 -26.17 25.41
N ASN I 299 -23.03 -24.96 24.88
CA ASN I 299 -22.57 -23.75 25.54
C ASN I 299 -23.26 -23.49 26.88
N SER I 300 -24.45 -24.07 27.09
CA SER I 300 -25.18 -23.82 28.33
C SER I 300 -24.42 -24.26 29.56
N TYR I 301 -23.56 -25.27 29.45
CA TYR I 301 -22.84 -25.81 30.58
C TYR I 301 -21.49 -25.16 30.78
N LYS I 302 -21.11 -24.24 29.89
CA LYS I 302 -20.01 -23.32 30.17
C LYS I 302 -20.46 -22.17 31.04
N ARG I 303 -21.78 -21.95 31.16
CA ARG I 303 -22.31 -20.99 32.11
C ARG I 303 -22.47 -21.62 33.49
N LEU I 304 -22.84 -22.90 33.54
CA LEU I 304 -23.03 -23.58 34.80
C LEU I 304 -21.68 -23.97 35.41
N VAL I 305 -20.86 -22.97 35.72
CA VAL I 305 -19.57 -23.18 36.34
C VAL I 305 -19.48 -22.28 37.57
N PRO I 306 -18.75 -22.66 38.61
CA PRO I 306 -18.73 -21.84 39.82
C PRO I 306 -18.06 -20.49 39.61
N GLY I 307 -18.53 -19.50 40.36
CA GLY I 307 -17.90 -18.20 40.40
C GLY I 307 -18.47 -17.14 39.47
N TYR I 308 -19.62 -17.38 38.86
CA TYR I 308 -20.20 -16.43 37.91
C TYR I 308 -21.69 -16.27 38.11
N GLU I 309 -22.13 -16.32 39.37
CA GLU I 309 -23.52 -16.08 39.75
C GLU I 309 -24.50 -17.07 39.13
N ALA I 310 -24.02 -18.20 38.63
CA ALA I 310 -24.91 -19.18 38.04
C ALA I 310 -25.14 -20.35 38.98
N PRO I 311 -26.34 -20.90 39.01
CA PRO I 311 -26.62 -22.01 39.93
C PRO I 311 -26.10 -23.33 39.40
N CYS I 312 -25.42 -24.06 40.27
CA CYS I 312 -24.98 -25.41 39.95
C CYS I 312 -25.18 -26.39 41.10
N TYR I 313 -25.87 -26.00 42.16
CA TYR I 313 -26.15 -26.88 43.28
C TYR I 313 -27.65 -26.96 43.50
N ILE I 314 -28.17 -28.17 43.63
CA ILE I 314 -29.61 -28.40 43.74
C ILE I 314 -29.99 -28.17 45.21
N ALA I 315 -30.47 -26.96 45.50
CA ALA I 315 -30.92 -26.61 46.83
C ALA I 315 -31.85 -25.42 46.72
N TRP I 316 -32.60 -25.15 47.78
CA TRP I 316 -33.52 -24.03 47.83
C TRP I 316 -33.23 -23.18 49.05
N SER I 317 -33.58 -21.90 48.96
CA SER I 317 -33.41 -20.99 50.07
C SER I 317 -34.36 -19.82 49.91
N GLY I 318 -34.72 -19.22 51.04
CA GLY I 318 -35.54 -18.03 51.04
C GLY I 318 -34.72 -16.77 51.24
N LYS I 319 -33.62 -16.90 51.98
CA LYS I 319 -32.71 -15.78 52.25
C LYS I 319 -31.31 -16.22 51.84
N ASN I 320 -31.03 -16.12 50.54
CA ASN I 320 -29.73 -16.42 49.97
C ASN I 320 -29.76 -16.04 48.50
N ARG I 321 -28.59 -15.89 47.90
CA ARG I 321 -28.52 -15.35 46.55
C ARG I 321 -28.55 -16.45 45.49
N SER I 322 -27.69 -17.46 45.63
CA SER I 322 -27.44 -18.41 44.55
C SER I 322 -27.58 -19.86 45.00
N PRO I 323 -28.80 -20.29 45.39
CA PRO I 323 -29.13 -21.72 45.27
C PRO I 323 -29.84 -21.97 43.96
N LEU I 324 -30.21 -23.23 43.68
CA LEU I 324 -30.96 -23.51 42.46
C LEU I 324 -32.32 -22.84 42.49
N ILE I 325 -33.02 -22.91 43.62
CA ILE I 325 -34.35 -22.34 43.77
C ILE I 325 -34.28 -21.25 44.83
N ARG I 326 -34.77 -20.07 44.47
CA ARG I 326 -34.87 -18.95 45.41
C ARG I 326 -36.32 -18.56 45.55
N VAL I 327 -36.80 -18.45 46.79
CA VAL I 327 -38.15 -17.99 47.08
C VAL I 327 -38.04 -16.51 47.49
N PRO I 328 -38.51 -15.58 46.68
CA PRO I 328 -38.36 -14.16 47.02
C PRO I 328 -39.17 -13.81 48.26
N SER I 329 -38.72 -12.75 48.93
CA SER I 329 -39.31 -12.32 50.19
C SER I 329 -40.71 -11.75 50.05
N SER I 330 -41.11 -11.36 48.84
CA SER I 330 -42.44 -10.81 48.64
C SER I 330 -43.50 -11.86 48.90
N ARG I 331 -44.63 -11.43 49.49
CA ARG I 331 -45.72 -12.33 49.79
C ARG I 331 -47.03 -11.81 49.23
N GLY I 332 -48.14 -12.42 49.63
CA GLY I 332 -49.43 -12.06 49.09
C GLY I 332 -49.66 -12.75 47.76
N LEU I 333 -50.24 -12.02 46.80
CA LEU I 333 -50.46 -12.57 45.47
C LEU I 333 -49.18 -12.71 44.67
N SER I 334 -48.08 -12.13 45.12
CA SER I 334 -46.81 -12.16 44.40
C SER I 334 -45.88 -13.23 44.94
N THR I 335 -46.40 -14.19 45.69
CA THR I 335 -45.61 -15.27 46.24
C THR I 335 -45.24 -16.22 45.10
N ARG I 336 -43.94 -16.37 44.84
CA ARG I 336 -43.47 -17.13 43.70
C ARG I 336 -42.25 -17.96 44.09
N ILE I 337 -41.92 -18.89 43.20
CA ILE I 337 -40.74 -19.72 43.30
C ILE I 337 -39.90 -19.48 42.05
N GLU I 338 -38.63 -19.18 42.23
CA GLU I 338 -37.76 -18.81 41.12
C GLU I 338 -36.79 -19.95 40.83
N VAL I 339 -36.90 -20.53 39.64
CA VAL I 339 -35.94 -21.51 39.17
C VAL I 339 -34.88 -20.78 38.34
N ARG I 340 -33.63 -20.87 38.77
CA ARG I 340 -32.58 -20.00 38.26
C ARG I 340 -31.66 -20.68 37.23
N SER I 341 -31.87 -21.95 36.93
CA SER I 341 -30.99 -22.66 36.00
C SER I 341 -31.38 -22.48 34.54
N VAL I 342 -32.56 -21.94 34.27
CA VAL I 342 -33.02 -21.81 32.88
C VAL I 342 -32.23 -20.72 32.19
N ASP I 343 -31.76 -21.01 30.97
CA ASP I 343 -31.03 -20.06 30.16
C ASP I 343 -31.86 -19.59 28.97
N PRO I 344 -31.54 -18.42 28.40
CA PRO I 344 -32.40 -17.86 27.35
C PRO I 344 -32.47 -18.69 26.08
N ALA I 345 -31.56 -19.63 25.87
CA ALA I 345 -31.59 -20.48 24.69
C ALA I 345 -32.59 -21.61 24.80
N ALA I 346 -33.18 -21.82 25.97
CA ALA I 346 -34.13 -22.90 26.16
C ALA I 346 -35.44 -22.61 25.43
N ASN I 347 -36.13 -23.67 25.05
CA ASN I 347 -37.47 -23.53 24.52
C ASN I 347 -38.42 -23.21 25.67
N PRO I 348 -39.08 -22.04 25.68
CA PRO I 348 -39.91 -21.68 26.84
C PRO I 348 -41.04 -22.67 27.09
N TYR I 349 -41.67 -23.19 26.04
CA TYR I 349 -42.78 -24.11 26.22
C TYR I 349 -42.33 -25.40 26.88
N MET I 350 -41.27 -26.02 26.35
CA MET I 350 -40.81 -27.30 26.90
C MET I 350 -40.26 -27.12 28.30
N ALA I 351 -39.46 -26.08 28.54
CA ALA I 351 -38.91 -25.85 29.86
C ALA I 351 -40.00 -25.58 30.89
N LEU I 352 -40.98 -24.74 30.55
CA LEU I 352 -42.06 -24.46 31.47
C LEU I 352 -42.92 -25.69 31.74
N ALA I 353 -43.20 -26.50 30.71
CA ALA I 353 -43.92 -27.74 30.92
C ALA I 353 -43.17 -28.70 31.82
N ALA I 354 -41.86 -28.83 31.62
CA ALA I 354 -41.05 -29.70 32.47
C ALA I 354 -41.07 -29.23 33.92
N ILE I 355 -40.92 -27.92 34.15
CA ILE I 355 -40.96 -27.41 35.52
C ILE I 355 -42.33 -27.61 36.15
N LEU I 356 -43.40 -27.35 35.40
CA LEU I 356 -44.73 -27.55 35.95
C LEU I 356 -44.98 -29.00 36.30
N GLU I 357 -44.58 -29.92 35.43
CA GLU I 357 -44.75 -31.34 35.73
C GLU I 357 -43.91 -31.77 36.93
N ALA I 358 -42.67 -31.25 37.05
CA ALA I 358 -41.86 -31.58 38.20
C ALA I 358 -42.50 -31.10 39.49
N GLY I 359 -43.04 -29.88 39.50
CA GLY I 359 -43.73 -29.39 40.68
C GLY I 359 -44.97 -30.19 41.02
N LEU I 360 -45.81 -30.47 40.02
CA LEU I 360 -47.00 -31.26 40.24
C LEU I 360 -46.68 -32.68 40.70
N ASP I 361 -45.52 -33.22 40.31
CA ASP I 361 -45.09 -34.50 40.83
C ASP I 361 -44.92 -34.46 42.34
N GLY I 362 -44.33 -33.39 42.87
CA GLY I 362 -44.25 -33.22 44.30
C GLY I 362 -45.57 -32.87 44.96
N ILE I 363 -46.49 -32.27 44.21
CA ILE I 363 -47.81 -31.95 44.77
C ILE I 363 -48.57 -33.24 45.09
N LYS I 364 -48.62 -34.17 44.14
CA LYS I 364 -49.45 -35.35 44.31
C LYS I 364 -48.76 -36.49 45.05
N ASN I 365 -47.47 -36.39 45.31
CA ASN I 365 -46.76 -37.37 46.12
C ASN I 365 -46.47 -36.87 47.53
N LYS I 366 -46.85 -35.63 47.86
CA LYS I 366 -46.69 -35.07 49.19
C LYS I 366 -45.24 -35.18 49.66
N LEU I 367 -44.32 -34.86 48.76
CA LEU I 367 -42.90 -34.96 49.07
C LEU I 367 -42.51 -33.96 50.16
N LYS I 368 -41.63 -34.40 51.05
CA LYS I 368 -41.09 -33.54 52.09
C LYS I 368 -39.92 -32.75 51.56
N VAL I 369 -39.80 -31.51 52.01
CA VAL I 369 -38.81 -30.58 51.48
C VAL I 369 -37.52 -30.68 52.29
N PRO I 370 -36.37 -30.74 51.65
CA PRO I 370 -35.11 -30.64 52.39
C PRO I 370 -34.97 -29.28 53.03
N GLU I 371 -34.15 -29.22 54.08
CA GLU I 371 -33.94 -27.99 54.80
C GLU I 371 -33.32 -26.94 53.88
N PRO I 372 -33.78 -25.69 53.94
CA PRO I 372 -33.18 -24.65 53.09
C PRO I 372 -31.72 -24.43 53.44
N VAL I 373 -30.92 -24.14 52.42
CA VAL I 373 -29.50 -23.89 52.60
C VAL I 373 -29.27 -22.38 52.60
N ASN I 374 -28.94 -21.83 53.76
CA ASN I 374 -28.75 -20.40 53.91
C ASN I 374 -27.29 -19.98 53.87
N GLN I 375 -26.35 -20.91 53.95
CA GLN I 375 -24.94 -20.57 53.94
C GLN I 375 -24.41 -20.45 52.52
N ILE I 390 -27.08 -32.08 49.24
CA ILE I 390 -26.94 -31.12 48.16
C ILE I 390 -26.35 -31.79 46.93
N GLN I 391 -27.22 -32.12 45.97
CA GLN I 391 -26.80 -32.78 44.75
C GLN I 391 -26.21 -31.74 43.80
N ASP I 392 -25.76 -32.19 42.63
CA ASP I 392 -25.13 -31.32 41.66
C ASP I 392 -25.86 -31.41 40.32
N LEU I 393 -25.99 -30.28 39.65
CA LEU I 393 -26.54 -30.29 38.31
C LEU I 393 -25.56 -30.99 37.36
N PRO I 394 -26.07 -31.57 36.27
CA PRO I 394 -25.16 -32.19 35.29
C PRO I 394 -24.18 -31.17 34.75
N SER I 395 -22.94 -31.62 34.53
CA SER I 395 -21.85 -30.73 34.15
C SER I 395 -21.70 -30.53 32.66
N THR I 396 -22.21 -31.44 31.83
CA THR I 396 -22.14 -31.32 30.38
C THR I 396 -23.49 -31.67 29.78
N LEU I 397 -23.65 -31.39 28.49
CA LEU I 397 -24.87 -31.77 27.79
C LEU I 397 -25.01 -33.28 27.73
N TYR I 398 -23.90 -34.00 27.59
CA TYR I 398 -23.96 -35.46 27.57
C TYR I 398 -24.48 -36.02 28.88
N THR I 399 -23.96 -35.52 30.01
CA THR I 399 -24.42 -35.99 31.31
C THR I 399 -25.88 -35.63 31.55
N ALA I 400 -26.28 -34.44 31.12
CA ALA I 400 -27.68 -34.04 31.24
C ALA I 400 -28.60 -34.92 30.40
N LEU I 401 -28.18 -35.29 29.19
CA LEU I 401 -28.95 -36.22 28.39
C LEU I 401 -29.04 -37.59 29.06
N LYS I 402 -27.93 -38.05 29.65
CA LYS I 402 -27.97 -39.31 30.38
C LYS I 402 -28.95 -39.26 31.54
N ALA I 403 -28.95 -38.17 32.29
CA ALA I 403 -29.89 -37.99 33.39
C ALA I 403 -31.34 -37.84 32.92
N MET I 404 -31.53 -37.30 31.71
CA MET I 404 -32.88 -37.13 31.19
C MET I 404 -33.51 -38.46 30.82
N ARG I 405 -32.71 -39.40 30.32
CA ARG I 405 -33.22 -40.73 30.00
C ARG I 405 -33.64 -41.54 31.22
N GLU I 406 -33.12 -41.20 32.39
CA GLU I 406 -33.41 -41.95 33.61
C GLU I 406 -34.52 -41.32 34.43
N ASN I 407 -35.13 -40.25 33.95
CA ASN I 407 -36.21 -39.58 34.66
C ASN I 407 -37.53 -39.87 33.97
N GLU I 408 -38.52 -40.29 34.76
CA GLU I 408 -39.84 -40.59 34.23
C GLU I 408 -40.75 -39.38 34.18
N VAL I 409 -40.51 -38.37 35.01
CA VAL I 409 -41.34 -37.18 35.01
C VAL I 409 -41.14 -36.33 33.75
N ILE I 410 -39.90 -36.18 33.28
CA ILE I 410 -39.66 -35.39 32.08
C ILE I 410 -40.28 -36.04 30.86
N LYS I 411 -40.25 -37.37 30.78
CA LYS I 411 -40.89 -38.06 29.66
C LYS I 411 -42.39 -37.82 29.63
N LYS I 412 -43.03 -37.83 30.79
CA LYS I 412 -44.45 -37.51 30.86
C LYS I 412 -44.71 -36.04 30.54
N ALA I 413 -43.82 -35.15 30.97
CA ALA I 413 -43.99 -33.73 30.71
C ALA I 413 -43.92 -33.42 29.22
N LEU I 414 -42.97 -34.03 28.51
CA LEU I 414 -42.76 -33.70 27.10
C LEU I 414 -43.58 -34.55 26.15
N GLY I 415 -44.05 -35.72 26.58
CA GLY I 415 -44.65 -36.67 25.67
C GLY I 415 -43.58 -37.47 24.94
N ASN I 416 -44.02 -38.55 24.31
CA ASN I 416 -43.07 -39.47 23.69
C ASN I 416 -42.35 -38.82 22.50
N HIS I 417 -43.10 -38.14 21.64
CA HIS I 417 -42.52 -37.64 20.40
C HIS I 417 -41.45 -36.58 20.66
N ILE I 418 -41.79 -35.56 21.46
CA ILE I 418 -40.85 -34.49 21.74
C ILE I 418 -39.64 -35.03 22.49
N TYR I 419 -39.88 -35.90 23.47
CA TYR I 419 -38.79 -36.52 24.23
C TYR I 419 -37.81 -37.22 23.30
N ASN I 420 -38.32 -38.09 22.42
CA ASN I 420 -37.43 -38.84 21.54
C ASN I 420 -36.70 -37.94 20.55
N GLN I 421 -37.41 -36.99 19.94
CA GLN I 421 -36.74 -36.13 18.97
C GLN I 421 -35.69 -35.25 19.63
N PHE I 422 -35.99 -34.72 20.81
CA PHE I 422 -35.01 -33.91 21.54
C PHE I 422 -33.78 -34.73 21.88
N ILE I 423 -33.97 -35.94 22.40
CA ILE I 423 -32.82 -36.75 22.76
C ILE I 423 -31.98 -37.07 21.53
N ASN I 424 -32.61 -37.45 20.43
CA ASN I 424 -31.86 -37.80 19.24
C ASN I 424 -31.07 -36.61 18.69
N SER I 425 -31.72 -35.46 18.55
CA SER I 425 -31.03 -34.28 18.03
C SER I 425 -29.91 -33.81 18.95
N LYS I 426 -30.13 -33.80 20.26
CA LYS I 426 -29.07 -33.38 21.18
C LYS I 426 -27.92 -34.38 21.20
N SER I 427 -28.21 -35.68 21.06
CA SER I 427 -27.15 -36.66 20.97
C SER I 427 -26.30 -36.44 19.72
N ILE I 428 -26.95 -36.17 18.58
CA ILE I 428 -26.19 -35.88 17.36
C ILE I 428 -25.34 -34.63 17.54
N GLU I 429 -25.91 -33.59 18.16
CA GLU I 429 -25.17 -32.35 18.38
C GLU I 429 -23.96 -32.60 19.29
N TRP I 430 -24.13 -33.37 20.35
CA TRP I 430 -23.01 -33.67 21.23
C TRP I 430 -21.94 -34.50 20.52
N ASP I 431 -22.35 -35.45 19.68
CA ASP I 431 -21.36 -36.21 18.93
C ASP I 431 -20.58 -35.33 17.97
N TYR I 432 -21.26 -34.36 17.35
CA TYR I 432 -20.55 -33.39 16.51
C TYR I 432 -19.56 -32.58 17.34
N TYR I 433 -19.97 -32.13 18.52
CA TYR I 433 -19.09 -31.29 19.34
C TYR I 433 -17.90 -32.07 19.89
N ARG I 434 -18.10 -33.36 20.20
CA ARG I 434 -17.10 -34.15 20.89
C ARG I 434 -15.82 -34.34 20.09
N THR I 435 -15.90 -34.32 18.76
CA THR I 435 -14.77 -34.66 17.91
C THR I 435 -13.97 -33.45 17.46
N GLN I 436 -14.34 -32.25 17.87
CA GLN I 436 -13.65 -31.04 17.41
C GLN I 436 -12.37 -30.82 18.21
N VAL I 437 -11.39 -30.21 17.55
CA VAL I 437 -10.14 -29.81 18.19
C VAL I 437 -10.15 -28.30 18.33
N SER I 438 -10.13 -27.80 19.56
CA SER I 438 -10.27 -26.39 19.82
C SER I 438 -8.91 -25.69 19.84
N GLU I 439 -8.96 -24.36 19.79
CA GLU I 439 -7.72 -23.58 19.85
C GLU I 439 -7.04 -23.70 21.20
N TRP I 440 -7.81 -23.96 22.26
CA TRP I 440 -7.21 -24.17 23.58
C TRP I 440 -6.28 -25.37 23.56
N GLU I 441 -6.69 -26.46 22.92
CA GLU I 441 -5.86 -27.65 22.86
C GLU I 441 -4.57 -27.37 22.08
N ARG I 442 -4.67 -26.64 20.97
CA ARG I 442 -3.47 -26.33 20.20
C ARG I 442 -2.58 -25.30 20.89
N ASP I 443 -3.12 -24.51 21.82
CA ASP I 443 -2.30 -23.61 22.61
C ASP I 443 -1.61 -24.29 23.78
N GLN I 444 -2.30 -25.21 24.46
CA GLN I 444 -1.67 -25.96 25.53
C GLN I 444 -0.66 -26.97 25.02
N TYR I 445 -1.03 -27.70 23.98
CA TYR I 445 -0.21 -28.70 23.35
C TYR I 445 0.36 -28.14 22.05
N MET I 446 0.94 -28.99 21.22
CA MET I 446 1.42 -28.65 19.86
C MET I 446 2.73 -27.88 19.92
N LYS I 447 3.13 -27.44 21.11
CA LYS I 447 4.48 -26.93 21.30
C LYS I 447 5.09 -27.58 22.54
N GLN I 448 4.24 -27.97 23.48
CA GLN I 448 4.71 -28.72 24.63
C GLN I 448 4.95 -30.18 24.29
N TYR I 449 4.14 -30.76 23.41
CA TYR I 449 4.31 -32.15 23.01
C TYR I 449 4.58 -32.25 21.52
N PHE J 9 28.89 -50.08 31.04
CA PHE J 9 29.86 -49.01 31.14
C PHE J 9 30.21 -48.70 32.59
N THR J 10 31.48 -48.42 32.84
CA THR J 10 31.97 -48.04 34.15
C THR J 10 32.44 -46.59 34.12
N LYS J 11 32.90 -46.11 35.28
CA LYS J 11 33.44 -44.75 35.34
C LYS J 11 34.67 -44.61 34.44
N GLU J 12 35.53 -45.62 34.43
CA GLU J 12 36.71 -45.57 33.57
C GLU J 12 36.32 -45.48 32.11
N ASP J 13 35.27 -46.21 31.69
CA ASP J 13 34.82 -46.12 30.31
C ASP J 13 34.35 -44.72 29.96
N ILE J 14 33.60 -44.08 30.87
CA ILE J 14 33.12 -42.73 30.61
C ILE J 14 34.28 -41.75 30.54
N ARG J 15 35.25 -41.88 31.45
CA ARG J 15 36.42 -41.00 31.40
C ARG J 15 37.19 -41.18 30.10
N LYS J 16 37.38 -42.43 29.67
CA LYS J 16 38.08 -42.69 28.42
C LYS J 16 37.31 -42.11 27.24
N PHE J 17 35.99 -42.24 27.23
CA PHE J 17 35.18 -41.67 26.17
C PHE J 17 35.32 -40.16 26.13
N ALA J 18 35.29 -39.51 27.30
CA ALA J 18 35.40 -38.07 27.36
C ALA J 18 36.76 -37.59 26.84
N GLU J 19 37.84 -38.30 27.18
CA GLU J 19 39.13 -37.87 26.68
C GLU J 19 39.29 -38.14 25.18
N GLU J 20 38.92 -39.34 24.72
CA GLU J 20 39.19 -39.69 23.33
C GLU J 20 38.23 -39.06 22.34
N GLU J 21 37.01 -38.74 22.75
CA GLU J 21 36.05 -38.07 21.87
C GLU J 21 36.10 -36.56 22.00
N ASN J 22 36.90 -36.03 22.91
CA ASN J 22 37.01 -34.59 23.14
C ASN J 22 35.64 -33.98 23.45
N VAL J 23 34.92 -34.65 24.34
CA VAL J 23 33.64 -34.14 24.80
C VAL J 23 33.87 -32.94 25.70
N ARG J 24 33.19 -31.84 25.40
CA ARG J 24 33.35 -30.61 26.17
C ARG J 24 32.26 -30.37 27.20
N TYR J 25 31.05 -30.86 26.98
CA TYR J 25 29.95 -30.57 27.88
C TYR J 25 29.10 -31.83 28.09
N LEU J 26 28.51 -31.93 29.27
CA LEU J 26 27.64 -33.05 29.64
C LEU J 26 26.25 -32.52 29.89
N ARG J 27 25.25 -33.21 29.34
CA ARG J 27 23.85 -32.90 29.60
C ARG J 27 23.26 -33.97 30.50
N LEU J 28 22.94 -33.61 31.73
CA LEU J 28 22.31 -34.52 32.67
C LEU J 28 20.81 -34.32 32.54
N GLN J 29 20.13 -35.28 31.90
CA GLN J 29 18.73 -35.11 31.57
C GLN J 29 17.89 -36.20 32.20
N PHE J 30 16.68 -35.82 32.62
CA PHE J 30 15.73 -36.69 33.27
C PHE J 30 14.34 -36.27 32.85
N THR J 31 13.34 -37.00 33.33
CA THR J 31 11.96 -36.82 32.90
C THR J 31 11.07 -36.51 34.10
N ASP J 32 10.15 -35.57 33.92
CA ASP J 32 9.19 -35.21 34.97
C ASP J 32 7.96 -36.10 34.85
N ILE J 33 6.92 -35.77 35.61
CA ILE J 33 5.72 -36.62 35.62
C ILE J 33 4.92 -36.47 34.33
N LEU J 34 5.07 -35.36 33.61
CA LEU J 34 4.33 -35.13 32.38
C LEU J 34 5.02 -35.69 31.16
N GLY J 35 6.15 -36.36 31.32
CA GLY J 35 6.89 -36.89 30.20
C GLY J 35 7.83 -35.92 29.53
N THR J 36 7.87 -34.67 30.00
CA THR J 36 8.77 -33.67 29.45
C THR J 36 10.18 -33.94 29.94
N ILE J 37 11.14 -33.92 29.02
CA ILE J 37 12.53 -34.18 29.37
C ILE J 37 13.17 -32.89 29.85
N LYS J 38 13.80 -32.94 31.02
CA LYS J 38 14.46 -31.80 31.64
C LYS J 38 15.95 -32.07 31.72
N ASN J 39 16.77 -31.04 31.55
CA ASN J 39 18.21 -31.23 31.57
C ASN J 39 18.92 -29.99 32.07
N VAL J 40 20.16 -30.20 32.52
CA VAL J 40 21.09 -29.13 32.85
C VAL J 40 22.42 -29.47 32.19
N GLU J 41 23.07 -28.47 31.59
CA GLU J 41 24.32 -28.67 30.89
C GLU J 41 25.48 -28.29 31.80
N VAL J 42 26.50 -29.14 31.81
CA VAL J 42 27.60 -29.02 32.76
C VAL J 42 28.93 -29.16 32.01
N PRO J 43 29.92 -28.32 32.27
CA PRO J 43 31.21 -28.48 31.61
C PRO J 43 31.88 -29.77 32.03
N VAL J 44 32.66 -30.35 31.12
CA VAL J 44 33.27 -31.65 31.37
C VAL J 44 34.26 -31.63 32.53
N SER J 45 34.68 -30.44 32.97
CA SER J 45 35.53 -30.34 34.16
C SER J 45 34.82 -30.76 35.42
N GLN J 46 33.48 -30.87 35.41
CA GLN J 46 32.71 -31.37 36.53
C GLN J 46 32.37 -32.85 36.37
N LEU J 47 33.14 -33.58 35.55
CA LEU J 47 32.85 -34.98 35.33
C LEU J 47 32.97 -35.80 36.60
N GLU J 48 33.98 -35.54 37.42
CA GLU J 48 34.11 -36.26 38.68
C GLU J 48 32.95 -36.00 39.62
N LYS J 49 32.47 -34.75 39.70
CA LYS J 49 31.30 -34.46 40.50
C LYS J 49 30.08 -35.18 39.97
N VAL J 50 29.92 -35.22 38.64
CA VAL J 50 28.77 -35.91 38.05
C VAL J 50 28.82 -37.40 38.37
N LEU J 51 29.99 -38.01 38.23
CA LEU J 51 30.12 -39.45 38.46
C LEU J 51 30.01 -39.83 39.93
N ASP J 52 30.18 -38.88 40.84
CA ASP J 52 30.01 -39.15 42.27
C ASP J 52 28.59 -38.91 42.76
N ASN J 53 27.64 -38.68 41.84
CA ASN J 53 26.23 -38.52 42.18
C ASN J 53 26.02 -37.33 43.12
N GLU J 54 26.78 -36.27 42.93
CA GLU J 54 26.72 -35.10 43.80
C GLU J 54 26.06 -33.91 43.14
N MET J 55 25.55 -34.05 41.92
CA MET J 55 24.89 -32.95 41.23
C MET J 55 23.53 -32.69 41.85
N MET J 56 23.19 -31.40 41.96
CA MET J 56 21.94 -31.02 42.66
C MET J 56 21.09 -30.04 41.84
N PHE J 57 19.77 -30.18 41.90
CA PHE J 57 18.85 -29.26 41.27
C PHE J 57 17.73 -28.94 42.27
N ASP J 58 16.80 -28.08 41.84
CA ASP J 58 15.81 -27.56 42.77
C ASP J 58 14.74 -28.59 43.09
N GLY J 59 13.95 -28.98 42.09
CA GLY J 59 12.90 -29.94 42.32
C GLY J 59 11.54 -29.29 42.52
N SER J 60 11.50 -28.19 43.28
CA SER J 60 10.25 -27.48 43.48
C SER J 60 9.77 -26.75 42.24
N SER J 61 10.65 -26.54 41.27
CA SER J 61 10.30 -25.87 40.02
C SER J 61 9.91 -26.85 38.92
N ILE J 62 9.85 -28.14 39.23
CA ILE J 62 9.57 -29.18 38.25
C ILE J 62 8.34 -29.96 38.70
N GLU J 63 7.41 -30.18 37.78
CA GLU J 63 6.19 -30.93 38.07
C GLU J 63 6.48 -32.34 38.57
N ASP J 72 15.13 -30.05 46.64
CA ASP J 72 16.52 -30.31 46.99
C ASP J 72 16.88 -31.75 46.68
N MET J 73 17.18 -32.02 45.41
CA MET J 73 17.32 -33.39 44.92
C MET J 73 18.72 -33.63 44.38
N TYR J 74 18.98 -34.88 44.02
CA TYR J 74 20.27 -35.33 43.54
C TYR J 74 20.10 -36.03 42.20
N LEU J 75 21.10 -35.90 41.34
CA LEU J 75 21.12 -36.56 40.05
C LEU J 75 22.09 -37.73 40.09
N HIS J 76 21.60 -38.93 39.77
CA HIS J 76 22.41 -40.13 39.74
C HIS J 76 22.46 -40.65 38.30
N PRO J 77 23.51 -40.36 37.54
CA PRO J 77 23.52 -40.77 36.13
C PRO J 77 23.53 -42.28 35.96
N ASP J 78 22.86 -42.74 34.91
CA ASP J 78 22.89 -44.12 34.49
C ASP J 78 23.92 -44.23 33.37
N LEU J 79 25.05 -44.87 33.67
CA LEU J 79 26.21 -44.81 32.79
C LEU J 79 25.99 -45.53 31.47
N ASP J 80 25.06 -46.48 31.40
CA ASP J 80 24.81 -47.19 30.15
C ASP J 80 24.13 -46.30 29.11
N THR J 81 23.62 -45.14 29.51
CA THR J 81 22.89 -44.24 28.63
C THR J 81 23.78 -43.20 27.97
N TRP J 82 25.10 -43.35 28.10
CA TRP J 82 26.03 -42.40 27.50
C TRP J 82 25.87 -42.38 25.98
N VAL J 83 25.77 -41.18 25.41
CA VAL J 83 25.68 -41.01 23.97
C VAL J 83 25.99 -39.55 23.67
N ILE J 84 26.51 -39.30 22.47
CA ILE J 84 26.97 -37.98 22.07
C ILE J 84 26.04 -37.44 21.00
N PHE J 85 25.56 -36.23 21.19
CA PHE J 85 24.71 -35.60 20.18
C PHE J 85 25.55 -35.17 18.99
N PRO J 86 25.27 -35.66 17.79
CA PRO J 86 26.09 -35.29 16.63
C PRO J 86 25.66 -33.99 15.98
N TRP J 87 25.42 -32.96 16.78
CA TRP J 87 25.05 -31.66 16.24
C TRP J 87 25.46 -30.54 17.18
N GLY J 92 31.09 -26.74 20.70
CA GLY J 92 31.50 -27.68 21.71
C GLY J 92 30.67 -28.96 21.68
N LYS J 93 31.36 -30.09 21.62
CA LYS J 93 30.69 -31.38 21.58
C LYS J 93 29.99 -31.67 22.90
N VAL J 94 28.79 -32.22 22.82
CA VAL J 94 27.95 -32.47 23.98
C VAL J 94 27.61 -33.96 24.03
N ALA J 95 27.80 -34.56 25.19
CA ALA J 95 27.29 -35.89 25.50
C ALA J 95 26.21 -35.78 26.55
N ARG J 96 25.45 -36.85 26.74
CA ARG J 96 24.37 -36.82 27.70
C ARG J 96 24.37 -38.09 28.54
N LEU J 97 23.80 -37.98 29.73
CA LEU J 97 23.54 -39.12 30.60
C LEU J 97 22.14 -38.97 31.16
N ILE J 98 21.35 -40.04 31.09
CA ILE J 98 20.02 -40.07 31.68
C ILE J 98 20.16 -40.43 33.16
N CYS J 99 19.63 -39.58 34.02
CA CYS J 99 19.86 -39.67 35.46
C CYS J 99 18.58 -40.02 36.17
N ASP J 100 18.72 -40.74 37.28
CA ASP J 100 17.64 -40.97 38.22
C ASP J 100 17.70 -39.91 39.30
N VAL J 101 16.54 -39.58 39.86
CA VAL J 101 16.43 -38.54 40.88
C VAL J 101 16.41 -39.20 42.25
N TYR J 102 17.36 -38.83 43.10
CA TYR J 102 17.45 -39.35 44.44
C TYR J 102 17.21 -38.23 45.45
N LYS J 103 16.84 -38.64 46.67
CA LYS J 103 16.70 -37.69 47.75
C LYS J 103 18.04 -37.48 48.45
N THR J 104 18.04 -36.64 49.48
CA THR J 104 19.28 -36.34 50.20
C THR J 104 19.76 -37.52 51.05
N ASP J 105 18.93 -38.54 51.27
CA ASP J 105 19.30 -39.67 52.09
C ASP J 105 19.82 -40.85 51.27
N GLY J 106 20.04 -40.66 49.96
CA GLY J 106 20.55 -41.71 49.12
C GLY J 106 19.51 -42.66 48.57
N THR J 107 18.25 -42.46 48.88
CA THR J 107 17.22 -43.33 48.33
C THR J 107 16.54 -42.66 47.14
N PRO J 108 16.13 -43.45 46.15
CA PRO J 108 15.49 -42.87 44.96
C PRO J 108 14.21 -42.14 45.32
N PHE J 109 13.96 -41.02 44.64
CA PHE J 109 12.76 -40.24 44.88
C PHE J 109 11.55 -41.01 44.37
N GLU J 110 10.52 -41.11 45.20
CA GLU J 110 9.34 -41.88 44.87
C GLU J 110 8.49 -41.25 43.78
N GLY J 111 8.76 -40.00 43.41
CA GLY J 111 8.02 -39.35 42.35
C GLY J 111 8.72 -39.35 41.01
N ASP J 112 9.82 -40.08 40.91
CA ASP J 112 10.55 -40.18 39.64
C ASP J 112 10.00 -41.34 38.84
N PRO J 113 9.44 -41.11 37.64
CA PRO J 113 8.85 -42.21 36.87
C PRO J 113 9.84 -43.31 36.49
N ARG J 114 11.09 -42.96 36.18
CA ARG J 114 12.07 -43.96 35.78
C ARG J 114 12.44 -44.89 36.93
N ALA J 115 12.70 -44.33 38.11
CA ALA J 115 12.92 -45.16 39.29
C ALA J 115 11.68 -45.96 39.66
N ASN J 116 10.48 -45.44 39.34
CA ASN J 116 9.26 -46.21 39.54
C ASN J 116 9.23 -47.44 38.65
N LEU J 117 9.55 -47.26 37.37
CA LEU J 117 9.60 -48.39 36.45
C LEU J 117 10.65 -49.40 36.84
N LYS J 118 11.81 -48.93 37.33
CA LYS J 118 12.84 -49.87 37.77
C LYS J 118 12.36 -50.75 38.91
N ARG J 119 11.68 -50.17 39.90
CA ARG J 119 11.21 -50.99 41.01
C ARG J 119 10.01 -51.86 40.64
N VAL J 120 9.18 -51.44 39.68
CA VAL J 120 8.16 -52.33 39.17
C VAL J 120 8.79 -53.54 38.48
N LEU J 121 9.84 -53.30 37.68
CA LEU J 121 10.57 -54.42 37.07
C LEU J 121 11.22 -55.31 38.12
N LYS J 122 11.75 -54.71 39.19
CA LYS J 122 12.33 -55.50 40.26
C LYS J 122 11.28 -56.39 40.92
N GLU J 123 10.09 -55.86 41.15
CA GLU J 123 9.00 -56.69 41.68
C GLU J 123 8.60 -57.78 40.69
N MET J 124 8.62 -57.48 39.38
CA MET J 124 8.34 -58.50 38.38
C MET J 124 9.34 -59.63 38.45
N GLU J 125 10.61 -59.32 38.66
CA GLU J 125 11.65 -60.35 38.69
C GLU J 125 11.44 -61.38 39.79
N ASP J 126 10.67 -61.05 40.83
CA ASP J 126 10.38 -62.03 41.87
C ASP J 126 9.39 -63.09 41.40
N LEU J 127 8.70 -62.86 40.29
CA LEU J 127 7.77 -63.84 39.74
C LEU J 127 8.43 -64.81 38.78
N GLY J 128 9.74 -64.72 38.59
CA GLY J 128 10.47 -65.60 37.72
C GLY J 128 10.80 -65.00 36.36
N PHE J 129 10.12 -63.93 35.97
CA PHE J 129 10.39 -63.29 34.70
C PHE J 129 11.64 -62.42 34.81
N THR J 130 12.59 -62.64 33.90
CA THR J 130 13.86 -61.94 33.96
C THR J 130 13.97 -60.74 33.03
N ASP J 131 12.99 -60.52 32.17
CA ASP J 131 13.11 -59.43 31.21
C ASP J 131 11.72 -59.00 30.75
N PHE J 132 11.64 -57.78 30.22
CA PHE J 132 10.40 -57.23 29.70
C PHE J 132 10.75 -56.27 28.57
N ASN J 133 10.44 -56.67 27.35
CA ASN J 133 10.83 -55.91 26.16
C ASN J 133 9.69 -55.03 25.68
N LEU J 134 10.05 -53.89 25.10
CA LEU J 134 9.08 -52.94 24.59
C LEU J 134 9.48 -52.52 23.19
N GLY J 135 8.62 -52.77 22.21
CA GLY J 135 8.79 -52.20 20.90
C GLY J 135 7.76 -51.12 20.64
N PRO J 136 8.18 -49.87 20.72
CA PRO J 136 7.28 -48.75 20.46
C PRO J 136 7.35 -48.29 19.01
N GLU J 137 6.30 -47.58 18.59
CA GLU J 137 6.24 -47.01 17.25
C GLU J 137 5.46 -45.71 17.29
N PRO J 138 6.06 -44.64 17.76
CA PRO J 138 5.38 -43.34 17.78
C PRO J 138 5.30 -42.73 16.39
N GLU J 139 4.28 -41.88 16.22
CA GLU J 139 4.06 -41.16 14.98
C GLU J 139 4.00 -39.66 15.30
N PHE J 140 4.35 -38.84 14.32
CA PHE J 140 4.40 -37.41 14.54
C PHE J 140 3.97 -36.69 13.27
N PHE J 141 3.51 -35.45 13.46
CA PHE J 141 3.21 -34.56 12.35
C PHE J 141 4.33 -33.55 12.17
N LEU J 142 4.41 -33.02 10.96
CA LEU J 142 5.33 -31.94 10.63
C LEU J 142 4.51 -30.75 10.13
N PHE J 143 4.71 -29.60 10.75
CA PHE J 143 4.07 -28.37 10.34
C PHE J 143 5.10 -27.36 9.87
N LYS J 144 4.70 -26.52 8.93
CA LYS J 144 5.59 -25.48 8.42
C LYS J 144 5.74 -24.35 9.43
N LEU J 145 6.94 -23.77 9.48
CA LEU J 145 7.20 -22.60 10.29
C LEU J 145 6.97 -21.33 9.47
N ASP J 146 6.71 -20.24 10.16
CA ASP J 146 6.56 -18.95 9.53
C ASP J 146 7.92 -18.24 9.52
N GLU J 147 7.92 -16.97 9.08
CA GLU J 147 9.17 -16.21 9.04
C GLU J 147 9.69 -15.93 10.45
N LYS J 148 8.78 -15.76 11.41
CA LYS J 148 9.20 -15.47 12.78
C LYS J 148 9.70 -16.72 13.51
N GLY J 149 9.48 -17.90 12.95
CA GLY J 149 9.88 -19.14 13.59
C GLY J 149 8.81 -19.86 14.37
N GLU J 150 7.58 -19.39 14.31
CA GLU J 150 6.48 -20.05 14.99
C GLU J 150 5.82 -21.07 14.07
N PRO J 151 5.32 -22.17 14.62
CA PRO J 151 4.61 -23.16 13.79
C PRO J 151 3.30 -22.60 13.28
N THR J 152 2.97 -22.94 12.04
CA THR J 152 1.67 -22.61 11.46
C THR J 152 0.77 -23.83 11.53
N LEU J 153 -0.41 -23.72 10.92
CA LEU J 153 -1.37 -24.82 10.91
C LEU J 153 -1.36 -25.61 9.61
N GLU J 154 -0.44 -25.31 8.70
CA GLU J 154 -0.38 -26.03 7.44
C GLU J 154 0.69 -27.12 7.52
N LEU J 155 0.31 -28.32 7.11
CA LEU J 155 1.20 -29.47 7.13
C LEU J 155 2.25 -29.35 6.04
N ASN J 156 3.34 -30.11 6.20
CA ASN J 156 4.45 -30.00 5.26
C ASN J 156 4.09 -30.51 3.88
N ASP J 157 3.15 -31.44 3.78
CA ASP J 157 2.73 -31.95 2.47
C ASP J 157 1.28 -32.42 2.58
N ASP J 158 0.82 -33.10 1.54
CA ASP J 158 -0.52 -33.69 1.49
C ASP J 158 -0.42 -35.15 1.04
N GLY J 159 0.59 -35.85 1.55
CA GLY J 159 0.83 -37.22 1.18
C GLY J 159 -0.04 -38.20 1.96
N GLY J 160 0.03 -39.45 1.54
CA GLY J 160 -0.73 -40.50 2.19
C GLY J 160 0.14 -41.63 2.68
N TYR J 161 -0.45 -42.80 2.90
CA TYR J 161 0.29 -43.94 3.42
C TYR J 161 1.25 -44.47 2.36
N PHE J 162 2.52 -44.62 2.75
CA PHE J 162 3.57 -45.17 1.89
C PHE J 162 3.76 -44.36 0.61
N ASP J 163 3.47 -43.07 0.68
CA ASP J 163 3.63 -42.18 -0.45
C ASP J 163 5.08 -41.77 -0.61
N LEU J 164 5.46 -41.37 -1.81
CA LEU J 164 6.82 -40.92 -2.07
C LEU J 164 6.81 -39.51 -2.67
N ALA J 165 8.01 -38.93 -2.74
CA ALA J 165 8.21 -37.59 -3.28
C ALA J 165 7.89 -37.55 -4.77
N PRO J 166 7.42 -36.41 -5.29
CA PRO J 166 7.21 -35.15 -4.57
C PRO J 166 5.88 -35.04 -3.83
N THR J 167 5.10 -36.12 -3.82
CA THR J 167 3.91 -36.17 -2.98
C THR J 167 4.26 -36.25 -1.49
N ASP J 168 5.28 -37.01 -1.15
CA ASP J 168 5.83 -37.06 0.21
C ASP J 168 6.97 -36.05 0.26
N LEU J 169 6.71 -34.88 0.82
CA LEU J 169 7.72 -33.83 0.93
C LEU J 169 8.50 -33.90 2.23
N GLY J 170 8.19 -34.85 3.11
CA GLY J 170 8.92 -35.00 4.35
C GLY J 170 10.02 -36.04 4.24
N GLU J 171 10.33 -36.44 3.01
CA GLU J 171 11.31 -37.51 2.80
C GLU J 171 12.71 -37.07 3.22
N ASN J 172 13.11 -35.85 2.90
CA ASN J 172 14.45 -35.39 3.27
C ASN J 172 14.59 -35.21 4.76
N CYS J 173 13.59 -34.61 5.42
CA CYS J 173 13.65 -34.44 6.86
C CYS J 173 13.65 -35.78 7.57
N ARG J 174 12.82 -36.71 7.11
CA ARG J 174 12.80 -38.05 7.68
C ARG J 174 14.12 -38.78 7.49
N ARG J 175 14.75 -38.63 6.32
CA ARG J 175 16.06 -39.21 6.08
C ARG J 175 17.11 -38.63 7.01
N ASP J 176 17.09 -37.31 7.22
CA ASP J 176 18.02 -36.71 8.16
C ASP J 176 17.79 -37.17 9.59
N ILE J 177 16.54 -37.34 9.99
CA ILE J 177 16.26 -37.88 11.32
C ILE J 177 16.82 -39.29 11.46
N VAL J 178 16.61 -40.13 10.44
CA VAL J 178 17.12 -41.50 10.49
C VAL J 178 18.65 -41.49 10.53
N LEU J 179 19.27 -40.62 9.75
CA LEU J 179 20.73 -40.51 9.75
C LEU J 179 21.27 -40.10 11.11
N GLU J 180 20.63 -39.13 11.76
CA GLU J 180 21.07 -38.70 13.08
C GLU J 180 20.83 -39.77 14.14
N LEU J 181 19.71 -40.49 14.05
CA LEU J 181 19.44 -41.55 15.01
C LEU J 181 20.41 -42.71 14.87
N GLU J 182 20.81 -43.03 13.63
CA GLU J 182 21.77 -44.11 13.45
C GLU J 182 23.13 -43.78 14.04
N ASP J 183 23.55 -42.51 13.96
CA ASP J 183 24.79 -42.11 14.59
C ASP J 183 24.73 -42.23 16.10
N MET J 184 23.54 -42.17 16.67
CA MET J 184 23.36 -42.25 18.12
C MET J 184 23.16 -43.67 18.62
N GLY J 185 23.23 -44.66 17.74
CA GLY J 185 23.13 -46.04 18.17
C GLY J 185 21.77 -46.67 18.09
N PHE J 186 20.81 -46.02 17.44
CA PHE J 186 19.51 -46.64 17.23
C PHE J 186 19.61 -47.72 16.16
N ASP J 187 18.71 -48.70 16.25
CA ASP J 187 18.56 -49.72 15.23
C ASP J 187 17.24 -49.45 14.52
N ILE J 188 17.30 -48.71 13.42
CA ILE J 188 16.12 -48.27 12.70
C ILE J 188 15.62 -49.40 11.81
N GLU J 189 14.32 -49.67 11.87
CA GLU J 189 13.69 -50.72 11.09
C GLU J 189 13.14 -50.21 9.76
N ALA J 190 12.34 -49.15 9.79
CA ALA J 190 11.71 -48.64 8.58
C ALA J 190 11.30 -47.20 8.80
N SER J 191 11.09 -46.49 7.70
CA SER J 191 10.56 -45.13 7.74
C SER J 191 9.65 -44.93 6.54
N HIS J 192 8.51 -44.28 6.75
CA HIS J 192 7.53 -44.12 5.70
C HIS J 192 6.57 -42.99 6.06
N HIS J 193 5.87 -42.50 5.05
CA HIS J 193 4.79 -41.55 5.25
C HIS J 193 3.60 -42.27 5.86
N GLU J 194 2.86 -41.56 6.71
CA GLU J 194 1.73 -42.15 7.41
C GLU J 194 0.43 -41.74 6.72
N VAL J 195 -0.69 -42.22 7.27
CA VAL J 195 -2.00 -42.07 6.62
C VAL J 195 -2.37 -40.60 6.47
N ALA J 196 -2.27 -39.84 7.56
CA ALA J 196 -2.68 -38.45 7.52
C ALA J 196 -1.68 -37.61 6.74
N PRO J 197 -2.14 -36.51 6.14
CA PRO J 197 -1.19 -35.59 5.51
C PRO J 197 -0.21 -35.03 6.53
N GLY J 198 1.06 -34.94 6.13
CA GLY J 198 2.06 -34.44 7.03
C GLY J 198 2.42 -35.34 8.19
N GLN J 199 1.95 -36.60 8.18
CA GLN J 199 2.19 -37.52 9.27
C GLN J 199 3.25 -38.54 8.86
N HIS J 200 4.18 -38.82 9.76
CA HIS J 200 5.34 -39.64 9.45
C HIS J 200 5.60 -40.63 10.57
N GLU J 201 6.22 -41.75 10.21
CA GLU J 201 6.57 -42.80 11.14
C GLU J 201 7.99 -43.27 10.88
N ILE J 202 8.79 -43.36 11.95
CA ILE J 202 10.10 -43.98 11.91
C ILE J 202 10.11 -45.08 12.96
N ASP J 203 10.47 -46.29 12.55
CA ASP J 203 10.40 -47.45 13.42
C ASP J 203 11.81 -47.87 13.84
N PHE J 204 11.96 -48.17 15.13
CA PHE J 204 13.21 -48.70 15.65
C PHE J 204 12.91 -49.95 16.45
N LYS J 205 13.91 -50.82 16.53
CA LYS J 205 13.74 -52.16 17.09
C LYS J 205 13.53 -52.08 18.61
N TYR J 206 12.90 -53.10 19.16
CA TYR J 206 12.61 -53.17 20.57
C TYR J 206 13.90 -53.22 21.39
N ALA J 207 13.75 -52.92 22.69
CA ALA J 207 14.85 -53.01 23.64
C ALA J 207 14.25 -53.38 24.98
N ASP J 208 15.10 -53.41 26.01
CA ASP J 208 14.61 -53.65 27.35
C ASP J 208 13.75 -52.46 27.80
N ALA J 209 12.94 -52.70 28.83
CA ALA J 209 11.90 -51.73 29.21
C ALA J 209 12.48 -50.34 29.47
N VAL J 210 13.49 -50.26 30.34
CA VAL J 210 14.05 -48.97 30.69
C VAL J 210 14.71 -48.31 29.49
N THR J 211 15.53 -49.07 28.75
CA THR J 211 16.19 -48.48 27.60
C THR J 211 15.22 -48.22 26.46
N ALA J 212 14.10 -48.94 26.39
CA ALA J 212 13.08 -48.61 25.40
C ALA J 212 12.42 -47.28 25.72
N CYS J 213 12.10 -47.04 26.99
CA CYS J 213 11.56 -45.74 27.36
C CYS J 213 12.57 -44.62 27.13
N ASP J 214 13.85 -44.88 27.43
CA ASP J 214 14.90 -43.93 27.10
C ASP J 214 14.98 -43.67 25.60
N ASN J 215 14.80 -44.73 24.80
CA ASN J 215 14.78 -44.58 23.35
C ASN J 215 13.63 -43.68 22.90
N ILE J 216 12.44 -43.86 23.48
CA ILE J 216 11.32 -43.00 23.12
C ILE J 216 11.63 -41.55 23.46
N GLN J 217 12.15 -41.31 24.66
CA GLN J 217 12.47 -39.94 25.07
C GLN J 217 13.52 -39.31 24.16
N THR J 218 14.57 -40.06 23.82
CA THR J 218 15.61 -39.52 22.95
C THR J 218 15.09 -39.32 21.54
N PHE J 219 14.25 -40.24 21.07
CA PHE J 219 13.70 -40.15 19.73
C PHE J 219 12.87 -38.88 19.55
N LYS J 220 12.05 -38.55 20.55
CA LYS J 220 11.23 -37.36 20.42
C LYS J 220 12.08 -36.09 20.28
N LEU J 221 13.11 -35.95 21.12
CA LEU J 221 13.94 -34.76 21.05
C LEU J 221 14.80 -34.72 19.78
N VAL J 222 15.29 -35.87 19.31
CA VAL J 222 16.03 -35.89 18.05
C VAL J 222 15.12 -35.47 16.90
N VAL J 223 13.90 -36.00 16.87
CA VAL J 223 12.96 -35.65 15.81
C VAL J 223 12.68 -34.15 15.84
N LYS J 224 12.43 -33.60 17.02
CA LYS J 224 12.11 -32.18 17.11
C LYS J 224 13.30 -31.31 16.69
N THR J 225 14.51 -31.65 17.12
CA THR J 225 15.69 -30.87 16.73
C THR J 225 15.92 -30.92 15.23
N ILE J 226 15.92 -32.11 14.64
CA ILE J 226 16.18 -32.22 13.21
C ILE J 226 15.07 -31.57 12.40
N ALA J 227 13.82 -31.66 12.85
CA ALA J 227 12.73 -30.98 12.16
C ALA J 227 12.92 -29.47 12.21
N ARG J 228 13.35 -28.93 13.35
CA ARG J 228 13.64 -27.51 13.40
C ARG J 228 14.76 -27.14 12.44
N LYS J 229 15.75 -28.01 12.27
CA LYS J 229 16.83 -27.74 11.31
C LYS J 229 16.30 -27.64 9.89
N HIS J 230 15.14 -28.24 9.61
CA HIS J 230 14.54 -28.24 8.28
C HIS J 230 13.44 -27.20 8.13
N ASN J 231 13.41 -26.19 9.01
CA ASN J 231 12.37 -25.15 8.99
C ASN J 231 10.98 -25.76 9.14
N LEU J 232 10.88 -26.82 9.93
CA LEU J 232 9.63 -27.51 10.20
C LEU J 232 9.45 -27.65 11.69
N HIS J 233 8.19 -27.81 12.10
CA HIS J 233 7.85 -28.04 13.50
C HIS J 233 7.31 -29.44 13.64
N ALA J 234 7.93 -30.25 14.49
CA ALA J 234 7.48 -31.60 14.77
C ALA J 234 6.68 -31.61 16.06
N THR J 235 5.51 -32.24 16.02
CA THR J 235 4.68 -32.35 17.20
C THR J 235 4.22 -33.80 17.35
N PHE J 236 4.19 -34.26 18.60
CA PHE J 236 3.63 -35.56 18.93
C PHE J 236 2.26 -35.44 19.56
N MET J 237 1.59 -34.32 19.34
CA MET J 237 0.22 -34.13 19.77
C MET J 237 -0.66 -35.19 19.12
N PRO J 238 -1.52 -35.87 19.89
CA PRO J 238 -2.28 -36.99 19.32
C PRO J 238 -3.17 -36.63 18.15
N LYS J 239 -4.01 -35.61 18.32
CA LYS J 239 -4.97 -35.20 17.28
C LYS J 239 -4.84 -33.69 17.08
N PRO J 240 -3.84 -33.23 16.31
CA PRO J 240 -3.70 -31.79 16.09
C PRO J 240 -4.77 -31.18 15.20
N LEU J 241 -5.37 -31.94 14.29
CA LEU J 241 -6.37 -31.41 13.38
C LEU J 241 -7.59 -32.32 13.35
N PHE J 242 -8.77 -31.71 13.25
CA PHE J 242 -10.01 -32.47 13.15
C PHE J 242 -10.16 -33.06 11.76
N GLY J 243 -10.83 -34.20 11.68
CA GLY J 243 -11.07 -34.85 10.42
C GLY J 243 -9.88 -35.52 9.79
N VAL J 244 -8.81 -35.71 10.56
CA VAL J 244 -7.55 -36.24 10.08
C VAL J 244 -7.07 -37.29 11.08
N ASN J 245 -6.44 -38.33 10.55
CA ASN J 245 -5.95 -39.42 11.38
C ASN J 245 -5.03 -38.91 12.48
N GLY J 246 -5.14 -39.52 13.66
CA GLY J 246 -4.30 -39.15 14.79
C GLY J 246 -3.04 -39.98 14.87
N SER J 247 -2.20 -39.62 15.84
CA SER J 247 -0.91 -40.28 16.05
C SER J 247 -1.00 -41.22 17.25
N GLY J 248 -0.46 -42.43 17.08
CA GLY J 248 -0.43 -43.41 18.14
C GLY J 248 1.00 -43.80 18.49
N MET J 249 1.12 -44.50 19.62
CA MET J 249 2.40 -45.00 20.11
C MET J 249 2.23 -46.44 20.57
N HIS J 250 1.71 -47.28 19.68
CA HIS J 250 1.50 -48.70 19.97
C HIS J 250 2.67 -49.30 20.75
N PHE J 251 2.35 -50.04 21.80
CA PHE J 251 3.35 -50.69 22.64
C PHE J 251 3.35 -52.18 22.37
N ASN J 252 4.46 -52.69 21.85
CA ASN J 252 4.67 -54.12 21.67
C ASN J 252 5.46 -54.65 22.86
N VAL J 253 4.88 -55.59 23.59
CA VAL J 253 5.46 -56.06 24.84
C VAL J 253 5.57 -57.58 24.81
N SER J 254 6.68 -58.10 25.36
CA SER J 254 6.87 -59.53 25.48
C SER J 254 7.66 -59.81 26.75
N LEU J 255 7.33 -60.91 27.44
CA LEU J 255 7.99 -61.32 28.66
C LEU J 255 8.99 -62.43 28.37
N PHE J 256 10.10 -62.43 29.09
CA PHE J 256 11.14 -63.43 28.96
C PHE J 256 11.53 -63.97 30.32
N LYS J 257 11.74 -65.28 30.40
CA LYS J 257 12.40 -65.88 31.55
C LYS J 257 13.65 -66.60 31.06
N GLY J 258 14.69 -65.83 30.76
CA GLY J 258 15.99 -66.37 30.48
C GLY J 258 16.09 -66.77 29.02
N LYS J 259 16.68 -65.91 28.18
CA LYS J 259 16.97 -66.20 26.76
C LYS J 259 15.83 -66.96 26.07
N GLU J 260 14.59 -66.75 26.51
CA GLU J 260 13.45 -67.45 25.90
C GLU J 260 12.18 -66.64 26.16
N ASN J 261 11.32 -66.56 25.15
CA ASN J 261 10.08 -65.81 25.26
C ASN J 261 9.08 -66.61 26.08
N ALA J 262 8.50 -65.96 27.10
CA ALA J 262 7.52 -66.63 27.94
C ALA J 262 6.14 -66.68 27.31
N PHE J 263 5.94 -66.03 26.17
CA PHE J 263 4.64 -66.01 25.51
C PHE J 263 4.51 -67.08 24.43
N PHE J 264 5.60 -67.68 23.99
CA PHE J 264 5.59 -68.58 22.85
C PHE J 264 5.49 -70.03 23.29
N ASP J 265 4.49 -70.72 22.77
CA ASP J 265 4.29 -72.16 23.03
C ASP J 265 4.56 -72.94 21.75
N PRO J 266 5.61 -73.74 21.69
CA PRO J 266 5.94 -74.43 20.43
C PRO J 266 5.12 -75.69 20.22
N ASN J 267 4.08 -75.89 21.00
CA ASN J 267 3.27 -77.10 20.93
C ASN J 267 1.89 -76.87 20.33
N THR J 268 1.12 -75.93 20.88
CA THR J 268 -0.22 -75.67 20.36
C THR J 268 -0.15 -75.00 19.01
N GLU J 269 -1.23 -75.16 18.23
CA GLU J 269 -1.29 -74.55 16.91
C GLU J 269 -1.30 -73.03 16.99
N MET J 270 -2.04 -72.46 17.94
CA MET J 270 -2.05 -71.02 18.10
C MET J 270 -0.67 -70.49 18.46
N GLY J 271 0.04 -71.20 19.32
CA GLY J 271 1.40 -70.84 19.68
C GLY J 271 1.54 -69.89 20.84
N LEU J 272 0.52 -69.75 21.69
CA LEU J 272 0.56 -68.87 22.83
C LEU J 272 0.49 -69.69 24.11
N THR J 273 1.37 -69.36 25.06
CA THR J 273 1.36 -70.04 26.35
C THR J 273 0.19 -69.55 27.19
N GLU J 274 -0.06 -70.25 28.28
CA GLU J 274 -1.04 -69.78 29.25
C GLU J 274 -0.63 -68.45 29.85
N THR J 275 0.67 -68.22 30.00
CA THR J 275 1.15 -66.94 30.53
C THR J 275 0.75 -65.79 29.61
N ALA J 276 0.88 -65.98 28.30
CA ALA J 276 0.47 -64.94 27.35
C ALA J 276 -1.02 -64.65 27.46
N TYR J 277 -1.84 -65.68 27.61
CA TYR J 277 -3.27 -65.50 27.77
C TYR J 277 -3.63 -64.77 29.06
N GLN J 278 -2.99 -65.12 30.18
CA GLN J 278 -3.25 -64.41 31.42
C GLN J 278 -2.77 -62.96 31.38
N PHE J 279 -1.67 -62.69 30.70
CA PHE J 279 -1.21 -61.31 30.53
C PHE J 279 -2.25 -60.49 29.79
N THR J 280 -2.78 -61.04 28.69
CA THR J 280 -3.83 -60.35 27.94
C THR J 280 -5.07 -60.17 28.78
N ALA J 281 -5.44 -61.19 29.57
CA ALA J 281 -6.61 -61.07 30.44
C ALA J 281 -6.44 -59.94 31.43
N GLY J 282 -5.26 -59.84 32.05
CA GLY J 282 -5.00 -58.76 32.98
C GLY J 282 -5.02 -57.38 32.34
N VAL J 283 -4.40 -57.25 31.17
CA VAL J 283 -4.38 -55.96 30.49
C VAL J 283 -5.81 -55.55 30.10
N LEU J 284 -6.60 -56.50 29.59
CA LEU J 284 -7.98 -56.20 29.24
C LEU J 284 -8.80 -55.82 30.47
N LYS J 285 -8.61 -56.54 31.57
CA LYS J 285 -9.36 -56.27 32.78
C LYS J 285 -9.01 -54.92 33.40
N ASN J 286 -7.76 -54.49 33.28
CA ASN J 286 -7.33 -53.22 33.86
C ASN J 286 -7.18 -52.11 32.84
N ALA J 287 -7.64 -52.31 31.60
CA ALA J 287 -7.45 -51.31 30.55
C ALA J 287 -8.16 -50.00 30.86
N ARG J 288 -9.37 -50.05 31.43
CA ARG J 288 -10.08 -48.83 31.76
C ARG J 288 -9.34 -48.01 32.82
N GLY J 289 -8.58 -48.68 33.69
CA GLY J 289 -7.91 -48.01 34.78
C GLY J 289 -6.67 -47.24 34.42
N PHE J 290 -5.92 -47.69 33.40
CA PHE J 290 -4.68 -47.02 33.03
C PHE J 290 -4.82 -46.17 31.77
N THR J 291 -6.04 -45.94 31.30
CA THR J 291 -6.24 -45.14 30.10
C THR J 291 -5.76 -43.71 30.31
N ALA J 292 -6.01 -43.15 31.50
CA ALA J 292 -5.59 -41.78 31.76
C ALA J 292 -4.08 -41.62 31.65
N VAL J 293 -3.32 -42.58 32.17
CA VAL J 293 -1.86 -42.51 32.07
C VAL J 293 -1.41 -42.67 30.63
N CYS J 294 -2.00 -43.63 29.89
CA CYS J 294 -1.61 -43.84 28.51
C CYS J 294 -2.17 -42.78 27.57
N ASN J 295 -3.21 -42.06 27.98
CA ASN J 295 -3.81 -40.99 27.18
C ASN J 295 -3.96 -39.77 28.07
N PRO J 296 -2.87 -39.07 28.37
CA PRO J 296 -2.87 -38.07 29.43
C PRO J 296 -3.40 -36.69 29.05
N LEU J 297 -3.62 -36.41 27.77
CA LEU J 297 -4.04 -35.08 27.35
C LEU J 297 -5.55 -35.05 27.14
N VAL J 298 -6.09 -33.83 27.18
CA VAL J 298 -7.48 -33.63 26.77
C VAL J 298 -7.62 -33.98 25.29
N ASN J 299 -6.63 -33.60 24.49
CA ASN J 299 -6.60 -33.93 23.07
C ASN J 299 -6.55 -35.42 22.79
N SER J 300 -6.06 -36.23 23.74
CA SER J 300 -5.92 -37.66 23.50
C SER J 300 -7.25 -38.33 23.19
N TYR J 301 -8.35 -37.80 23.71
CA TYR J 301 -9.65 -38.40 23.54
C TYR J 301 -10.40 -37.86 22.34
N LYS J 302 -9.83 -36.89 21.64
CA LYS J 302 -10.29 -36.55 20.30
C LYS J 302 -9.73 -37.52 19.27
N ARG J 303 -8.71 -38.30 19.63
CA ARG J 303 -8.24 -39.38 18.78
C ARG J 303 -9.03 -40.65 19.00
N LEU J 304 -9.45 -40.91 20.25
CA LEU J 304 -10.21 -42.11 20.58
C LEU J 304 -11.67 -41.91 20.18
N VAL J 305 -11.87 -41.75 18.88
CA VAL J 305 -13.21 -41.61 18.30
C VAL J 305 -13.34 -42.61 17.16
N PRO J 306 -14.52 -43.12 16.88
CA PRO J 306 -14.66 -44.15 15.84
C PRO J 306 -14.38 -43.59 14.45
N GLY J 307 -13.84 -44.45 13.59
CA GLY J 307 -13.64 -44.14 12.19
C GLY J 307 -12.28 -43.64 11.78
N TYR J 308 -11.28 -43.70 12.66
CA TYR J 308 -9.95 -43.16 12.34
C TYR J 308 -8.86 -44.12 12.80
N GLU J 309 -9.10 -45.41 12.67
CA GLU J 309 -8.10 -46.45 12.95
C GLU J 309 -7.59 -46.40 14.38
N ALA J 310 -8.40 -45.90 15.31
CA ALA J 310 -7.99 -45.82 16.71
C ALA J 310 -8.84 -46.75 17.56
N PRO J 311 -8.25 -47.41 18.55
CA PRO J 311 -9.01 -48.33 19.39
C PRO J 311 -9.85 -47.60 20.42
N CYS J 312 -11.10 -48.03 20.53
CA CYS J 312 -11.98 -47.52 21.56
C CYS J 312 -12.85 -48.59 22.20
N TYR J 313 -12.64 -49.86 21.86
CA TYR J 313 -13.37 -50.96 22.49
C TYR J 313 -12.36 -51.93 23.08
N ILE J 314 -12.63 -52.38 24.31
CA ILE J 314 -11.70 -53.22 25.06
C ILE J 314 -11.93 -54.66 24.62
N ALA J 315 -11.08 -55.14 23.71
CA ALA J 315 -11.14 -56.51 23.24
C ALA J 315 -9.78 -56.87 22.66
N TRP J 316 -9.56 -58.17 22.46
CA TRP J 316 -8.32 -58.66 21.88
C TRP J 316 -8.63 -59.54 20.68
N SER J 317 -7.67 -59.61 19.77
CA SER J 317 -7.82 -60.46 18.59
C SER J 317 -6.45 -60.79 18.03
N GLY J 318 -6.36 -61.94 17.37
CA GLY J 318 -5.15 -62.35 16.72
C GLY J 318 -5.18 -62.06 15.23
N LYS J 319 -6.37 -62.15 14.63
CA LYS J 319 -6.57 -61.85 13.21
C LYS J 319 -7.65 -60.78 13.10
N ASN J 320 -7.23 -59.52 13.27
CA ASN J 320 -8.08 -58.36 13.14
C ASN J 320 -7.20 -57.13 13.31
N ARG J 321 -7.71 -55.98 12.87
CA ARG J 321 -6.88 -54.79 12.84
C ARG J 321 -7.12 -53.86 14.03
N SER J 322 -8.37 -53.64 14.43
CA SER J 322 -8.69 -52.61 15.42
C SER J 322 -9.46 -53.14 16.62
N PRO J 323 -8.89 -54.09 17.37
CA PRO J 323 -9.29 -54.23 18.78
C PRO J 323 -8.32 -53.46 19.66
N LEU J 324 -8.57 -53.43 20.97
CA LEU J 324 -7.66 -52.74 21.87
C LEU J 324 -6.31 -53.45 21.93
N ILE J 325 -6.31 -54.78 21.94
CA ILE J 325 -5.09 -55.58 21.95
C ILE J 325 -5.05 -56.41 20.68
N ARG J 326 -3.92 -56.35 19.97
CA ARG J 326 -3.70 -57.16 18.79
C ARG J 326 -2.46 -58.02 19.03
N VAL J 327 -2.60 -59.32 18.80
CA VAL J 327 -1.48 -60.25 18.90
C VAL J 327 -0.97 -60.52 17.48
N PRO J 328 0.22 -60.05 17.12
CA PRO J 328 0.71 -60.26 15.75
C PRO J 328 0.93 -61.73 15.45
N SER J 329 0.85 -62.05 14.15
CA SER J 329 0.94 -63.43 13.70
C SER J 329 2.33 -64.03 13.87
N SER J 330 3.36 -63.21 14.04
CA SER J 330 4.71 -63.72 14.19
C SER J 330 4.84 -64.51 15.49
N ARG J 331 5.65 -65.57 15.45
CA ARG J 331 5.86 -66.42 16.61
C ARG J 331 7.35 -66.60 16.88
N GLY J 332 7.68 -67.52 17.78
CA GLY J 332 9.06 -67.71 18.17
C GLY J 332 9.47 -66.71 19.22
N LEU J 333 10.68 -66.17 19.11
CA LEU J 333 11.14 -65.16 20.05
C LEU J 333 10.46 -63.82 19.84
N SER J 334 9.75 -63.63 18.72
CA SER J 334 9.10 -62.37 18.41
C SER J 334 7.62 -62.35 18.80
N THR J 335 7.19 -63.31 19.61
CA THR J 335 5.79 -63.35 20.05
C THR J 335 5.55 -62.20 21.02
N ARG J 336 4.62 -61.31 20.67
CA ARG J 336 4.39 -60.11 21.46
C ARG J 336 2.90 -59.80 21.51
N ILE J 337 2.55 -58.90 22.42
CA ILE J 337 1.20 -58.39 22.57
C ILE J 337 1.25 -56.88 22.33
N GLU J 338 0.38 -56.38 21.47
CA GLU J 338 0.40 -54.98 21.06
C GLU J 338 -0.77 -54.25 21.70
N VAL J 339 -0.48 -53.32 22.60
CA VAL J 339 -1.49 -52.44 23.16
C VAL J 339 -1.53 -51.17 22.31
N ARG J 340 -2.70 -50.87 21.74
CA ARG J 340 -2.80 -49.90 20.67
C ARG J 340 -3.38 -48.56 21.12
N SER J 341 -3.74 -48.42 22.40
CA SER J 341 -4.35 -47.19 22.88
C SER J 341 -3.33 -46.14 23.31
N VAL J 342 -2.06 -46.50 23.43
CA VAL J 342 -1.05 -45.55 23.90
C VAL J 342 -0.79 -44.52 22.82
N ASP J 343 -0.76 -43.26 23.21
CA ASP J 343 -0.45 -42.16 22.30
C ASP J 343 0.92 -41.56 22.58
N PRO J 344 1.53 -40.88 21.61
CA PRO J 344 2.91 -40.42 21.79
C PRO J 344 3.10 -39.36 22.86
N ALA J 345 2.02 -38.76 23.36
CA ALA J 345 2.12 -37.77 24.42
C ALA J 345 2.23 -38.40 25.80
N ALA J 346 2.04 -39.71 25.91
CA ALA J 346 2.12 -40.37 27.20
C ALA J 346 3.55 -40.42 27.71
N ASN J 347 3.68 -40.48 29.02
CA ASN J 347 4.99 -40.71 29.63
C ASN J 347 5.34 -42.17 29.45
N PRO J 348 6.42 -42.50 28.73
CA PRO J 348 6.72 -43.91 28.46
C PRO J 348 6.92 -44.73 29.73
N TYR J 349 7.59 -44.16 30.74
CA TYR J 349 7.86 -44.91 31.95
C TYR J 349 6.58 -45.27 32.69
N MET J 350 5.69 -44.29 32.89
CA MET J 350 4.46 -44.55 33.62
C MET J 350 3.52 -45.47 32.87
N ALA J 351 3.36 -45.24 31.56
CA ALA J 351 2.49 -46.10 30.77
C ALA J 351 3.00 -47.53 30.73
N LEU J 352 4.30 -47.71 30.51
CA LEU J 352 4.86 -49.05 30.50
C LEU J 352 4.75 -49.73 31.85
N ALA J 353 4.98 -49.00 32.95
CA ALA J 353 4.80 -49.57 34.28
C ALA J 353 3.36 -49.99 34.53
N ALA J 354 2.40 -49.16 34.13
CA ALA J 354 0.99 -49.52 34.27
C ALA J 354 0.62 -50.76 33.48
N ILE J 355 1.07 -50.85 32.23
CA ILE J 355 0.77 -52.03 31.42
C ILE J 355 1.40 -53.27 32.02
N LEU J 356 2.67 -53.17 32.45
CA LEU J 356 3.34 -54.31 33.06
C LEU J 356 2.61 -54.76 34.32
N GLU J 357 2.19 -53.82 35.16
CA GLU J 357 1.50 -54.19 36.38
C GLU J 357 0.15 -54.83 36.08
N ALA J 358 -0.58 -54.33 35.09
CA ALA J 358 -1.85 -54.97 34.73
C ALA J 358 -1.63 -56.39 34.25
N GLY J 359 -0.63 -56.60 33.39
CA GLY J 359 -0.33 -57.95 32.93
C GLY J 359 0.10 -58.87 34.04
N LEU J 360 0.92 -58.39 34.98
CA LEU J 360 1.34 -59.21 36.10
C LEU J 360 0.18 -59.52 37.04
N ASP J 361 -0.74 -58.58 37.23
CA ASP J 361 -1.95 -58.85 37.99
C ASP J 361 -2.76 -59.96 37.35
N GLY J 362 -2.94 -59.91 36.04
CA GLY J 362 -3.58 -61.00 35.33
C GLY J 362 -2.85 -62.32 35.46
N ILE J 363 -1.52 -62.29 35.46
CA ILE J 363 -0.75 -63.52 35.59
C ILE J 363 -0.95 -64.13 36.98
N LYS J 364 -0.83 -63.32 38.02
CA LYS J 364 -0.86 -63.86 39.38
C LYS J 364 -2.27 -64.11 39.90
N ASN J 365 -3.29 -63.57 39.26
CA ASN J 365 -4.67 -63.93 39.59
C ASN J 365 -5.25 -65.00 38.68
N LYS J 366 -4.47 -65.46 37.70
CA LYS J 366 -4.86 -66.56 36.81
C LYS J 366 -6.20 -66.29 36.14
N LEU J 367 -6.39 -65.06 35.67
CA LEU J 367 -7.63 -64.66 35.03
C LEU J 367 -7.83 -65.41 33.72
N LYS J 368 -9.08 -65.76 33.44
CA LYS J 368 -9.46 -66.35 32.17
C LYS J 368 -9.67 -65.27 31.12
N VAL J 369 -9.33 -65.60 29.88
CA VAL J 369 -9.35 -64.63 28.80
C VAL J 369 -10.70 -64.65 28.10
N PRO J 370 -11.30 -63.49 27.83
CA PRO J 370 -12.50 -63.47 26.99
C PRO J 370 -12.17 -63.92 25.57
N GLU J 371 -13.20 -64.43 24.90
CA GLU J 371 -13.01 -64.93 23.55
C GLU J 371 -12.58 -63.80 22.62
N PRO J 372 -11.63 -64.05 21.73
CA PRO J 372 -11.18 -63.00 20.80
C PRO J 372 -12.30 -62.54 19.89
N VAL J 373 -12.30 -61.26 19.58
CA VAL J 373 -13.30 -60.67 18.70
C VAL J 373 -12.68 -60.51 17.31
N ASN J 374 -13.11 -61.34 16.36
CA ASN J 374 -12.59 -61.31 15.01
C ASN J 374 -13.45 -60.50 14.05
N GLN J 375 -14.71 -60.23 14.41
CA GLN J 375 -15.60 -59.50 13.53
C GLN J 375 -15.30 -58.00 13.55
N ILE J 390 -17.83 -56.71 25.65
CA ILE J 390 -16.97 -55.69 25.04
C ILE J 390 -17.24 -54.35 25.69
N GLN J 391 -16.35 -53.93 26.59
CA GLN J 391 -16.47 -52.67 27.28
C GLN J 391 -15.95 -51.55 26.38
N ASP J 392 -15.97 -50.32 26.89
CA ASP J 392 -15.53 -49.16 26.12
C ASP J 392 -14.50 -48.40 26.91
N LEU J 393 -13.51 -47.85 26.21
CA LEU J 393 -12.55 -46.97 26.85
C LEU J 393 -13.23 -45.68 27.29
N PRO J 394 -12.69 -45.01 28.31
CA PRO J 394 -13.26 -43.73 28.73
C PRO J 394 -13.24 -42.73 27.58
N SER J 395 -14.29 -41.93 27.50
CA SER J 395 -14.49 -41.03 26.37
C SER J 395 -13.84 -39.68 26.54
N THR J 396 -13.55 -39.25 27.77
CA THR J 396 -12.91 -37.97 28.04
C THR J 396 -11.83 -38.16 29.09
N LEU J 397 -11.01 -37.13 29.26
CA LEU J 397 -10.01 -37.16 30.31
C LEU J 397 -10.65 -37.20 31.69
N TYR J 398 -11.78 -36.52 31.87
CA TYR J 398 -12.48 -36.55 33.15
C TYR J 398 -12.95 -37.95 33.49
N THR J 399 -13.55 -38.64 32.53
CA THR J 399 -14.03 -40.01 32.77
C THR J 399 -12.86 -40.96 33.02
N ALA J 400 -11.76 -40.78 32.29
CA ALA J 400 -10.58 -41.61 32.53
C ALA J 400 -10.00 -41.37 33.92
N LEU J 401 -9.98 -40.13 34.38
CA LEU J 401 -9.54 -39.84 35.75
C LEU J 401 -10.47 -40.49 36.77
N LYS J 402 -11.78 -40.44 36.51
CA LYS J 402 -12.72 -41.10 37.42
C LYS J 402 -12.48 -42.60 37.48
N ALA J 403 -12.24 -43.22 36.33
CA ALA J 403 -11.93 -44.65 36.29
C ALA J 403 -10.59 -44.99 36.90
N MET J 404 -9.65 -44.04 36.89
CA MET J 404 -8.32 -44.27 37.45
C MET J 404 -8.38 -44.31 38.98
N ARG J 405 -9.22 -43.48 39.58
CA ARG J 405 -9.39 -43.48 41.03
C ARG J 405 -10.01 -44.77 41.55
N GLU J 406 -10.76 -45.49 40.72
CA GLU J 406 -11.44 -46.71 41.15
C GLU J 406 -10.63 -47.97 40.89
N ASN J 407 -9.47 -47.85 40.24
CA ASN J 407 -8.62 -49.00 39.97
C ASN J 407 -7.53 -49.10 41.02
N GLU J 408 -7.35 -50.31 41.56
CA GLU J 408 -6.33 -50.56 42.55
C GLU J 408 -5.00 -50.95 41.95
N VAL J 409 -4.99 -51.51 40.74
CA VAL J 409 -3.75 -51.91 40.09
C VAL J 409 -2.92 -50.72 39.64
N ILE J 410 -3.55 -49.68 39.08
CA ILE J 410 -2.80 -48.51 38.62
C ILE J 410 -2.14 -47.79 39.79
N LYS J 411 -2.80 -47.72 40.94
CA LYS J 411 -2.20 -47.09 42.11
C LYS J 411 -0.95 -47.84 42.54
N LYS J 412 -1.00 -49.17 42.59
CA LYS J 412 0.18 -49.95 42.92
C LYS J 412 1.26 -49.81 41.87
N ALA J 413 0.88 -49.73 40.60
CA ALA J 413 1.86 -49.55 39.53
C ALA J 413 2.61 -48.24 39.66
N LEU J 414 1.90 -47.16 39.99
CA LEU J 414 2.50 -45.84 39.99
C LEU J 414 3.09 -45.42 41.33
N GLY J 415 2.71 -46.07 42.43
CA GLY J 415 3.09 -45.56 43.73
C GLY J 415 2.18 -44.42 44.14
N ASN J 416 2.21 -44.11 45.43
CA ASN J 416 1.30 -43.11 45.96
C ASN J 416 1.61 -41.71 45.43
N HIS J 417 2.88 -41.33 45.41
CA HIS J 417 3.26 -39.96 45.06
C HIS J 417 2.89 -39.64 43.62
N ILE J 418 3.32 -40.47 42.68
CA ILE J 418 3.05 -40.22 41.27
C ILE J 418 1.55 -40.26 41.01
N TYR J 419 0.86 -41.23 41.59
CA TYR J 419 -0.59 -41.32 41.44
C TYR J 419 -1.28 -40.03 41.87
N ASN J 420 -0.97 -39.54 43.07
CA ASN J 420 -1.63 -38.35 43.58
C ASN J 420 -1.28 -37.12 42.75
N GLN J 421 0.00 -36.93 42.42
CA GLN J 421 0.37 -35.76 41.63
C GLN J 421 -0.25 -35.78 40.25
N PHE J 422 -0.27 -36.94 39.59
CA PHE J 422 -0.89 -37.05 38.29
C PHE J 422 -2.37 -36.72 38.36
N ILE J 423 -3.08 -37.28 39.33
CA ILE J 423 -4.50 -37.01 39.43
C ILE J 423 -4.76 -35.53 39.68
N ASN J 424 -3.99 -34.91 40.59
CA ASN J 424 -4.22 -33.50 40.89
C ASN J 424 -3.97 -32.62 39.67
N SER J 425 -2.82 -32.82 39.01
CA SER J 425 -2.50 -32.00 37.84
C SER J 425 -3.50 -32.20 36.71
N LYS J 426 -3.90 -33.43 36.43
CA LYS J 426 -4.87 -33.65 35.36
C LYS J 426 -6.24 -33.11 35.72
N SER J 427 -6.64 -33.15 36.99
CA SER J 427 -7.90 -32.54 37.39
C SER J 427 -7.86 -31.04 37.18
N ILE J 428 -6.75 -30.39 37.54
CA ILE J 428 -6.62 -28.96 37.29
C ILE J 428 -6.68 -28.66 35.81
N GLU J 429 -6.00 -29.47 35.00
CA GLU J 429 -6.00 -29.25 33.56
C GLU J 429 -7.40 -29.39 32.97
N TRP J 430 -8.15 -30.41 33.41
CA TRP J 430 -9.51 -30.58 32.93
C TRP J 430 -10.40 -29.41 33.36
N ASP J 431 -10.28 -28.96 34.60
CA ASP J 431 -11.06 -27.82 35.04
C ASP J 431 -10.73 -26.56 34.24
N TYR J 432 -9.47 -26.38 33.86
CA TYR J 432 -9.12 -25.30 32.95
C TYR J 432 -9.79 -25.48 31.60
N TYR J 433 -9.79 -26.70 31.06
CA TYR J 433 -10.39 -26.95 29.76
C TYR J 433 -11.90 -26.86 29.78
N ARG J 434 -12.52 -27.22 30.91
CA ARG J 434 -13.97 -27.34 30.98
C ARG J 434 -14.67 -26.00 30.77
N THR J 435 -14.03 -24.90 31.15
CA THR J 435 -14.68 -23.60 31.18
C THR J 435 -14.46 -22.77 29.92
N GLN J 436 -13.75 -23.30 28.93
CA GLN J 436 -13.45 -22.53 27.73
C GLN J 436 -14.62 -22.54 26.76
N VAL J 437 -14.73 -21.47 25.99
CA VAL J 437 -15.72 -21.35 24.93
C VAL J 437 -14.97 -21.43 23.60
N SER J 438 -15.27 -22.47 22.82
CA SER J 438 -14.56 -22.75 21.58
C SER J 438 -15.22 -22.03 20.41
N GLU J 439 -14.48 -21.99 19.29
CA GLU J 439 -15.01 -21.38 18.08
C GLU J 439 -16.16 -22.18 17.50
N TRP J 440 -16.19 -23.49 17.76
CA TRP J 440 -17.31 -24.31 17.31
C TRP J 440 -18.61 -23.84 17.94
N GLU J 441 -18.59 -23.53 19.23
CA GLU J 441 -19.79 -23.06 19.91
C GLU J 441 -20.26 -21.73 19.33
N ARG J 442 -19.33 -20.81 19.07
CA ARG J 442 -19.71 -19.54 18.49
C ARG J 442 -20.15 -19.66 17.03
N ASP J 443 -19.75 -20.71 16.33
CA ASP J 443 -20.23 -20.94 14.98
C ASP J 443 -21.60 -21.59 14.94
N GLN J 444 -21.88 -22.53 15.85
CA GLN J 444 -23.21 -23.13 15.89
C GLN J 444 -24.24 -22.17 16.49
N TYR J 445 -23.88 -21.49 17.56
CA TYR J 445 -24.74 -20.55 18.23
C TYR J 445 -24.33 -19.12 17.88
N MET J 446 -24.87 -18.13 18.58
CA MET J 446 -24.51 -16.72 18.46
C MET J 446 -25.10 -16.10 17.19
N LYS J 447 -25.64 -16.92 16.30
CA LYS J 447 -26.43 -16.41 15.20
C LYS J 447 -27.75 -17.15 15.14
N GLN J 448 -27.76 -18.39 15.62
CA GLN J 448 -28.98 -19.15 15.75
C GLN J 448 -29.75 -18.83 17.02
N TYR J 449 -29.06 -18.44 18.08
CA TYR J 449 -29.70 -18.07 19.33
C TYR J 449 -29.33 -16.65 19.73
N PHE K 9 54.74 3.58 -36.01
CA PHE K 9 54.33 2.19 -36.15
C PHE K 9 54.12 1.81 -37.60
N THR K 10 54.52 0.59 -37.95
CA THR K 10 54.34 0.04 -39.28
C THR K 10 53.37 -1.12 -39.22
N LYS K 11 53.09 -1.71 -40.39
CA LYS K 11 52.23 -2.88 -40.43
C LYS K 11 52.82 -4.04 -39.64
N GLU K 12 54.14 -4.24 -39.76
CA GLU K 12 54.79 -5.31 -39.01
C GLU K 12 54.65 -5.09 -37.51
N ASP K 13 54.74 -3.85 -37.04
CA ASP K 13 54.56 -3.57 -35.62
C ASP K 13 53.16 -3.94 -35.17
N ILE K 14 52.14 -3.60 -35.95
CA ILE K 14 50.77 -3.92 -35.60
C ILE K 14 50.55 -5.42 -35.58
N ARG K 15 51.08 -6.13 -36.58
CA ARG K 15 50.96 -7.59 -36.59
C ARG K 15 51.63 -8.21 -35.38
N LYS K 16 52.83 -7.73 -35.03
CA LYS K 16 53.53 -8.25 -33.87
C LYS K 16 52.74 -7.96 -32.59
N PHE K 17 52.16 -6.77 -32.47
CA PHE K 17 51.35 -6.45 -31.31
C PHE K 17 50.14 -7.36 -31.21
N ALA K 18 49.48 -7.62 -32.34
CA ALA K 18 48.30 -8.48 -32.34
C ALA K 18 48.66 -9.90 -31.92
N GLU K 19 49.78 -10.43 -32.40
CA GLU K 19 50.15 -11.79 -31.99
C GLU K 19 50.60 -11.85 -30.53
N GLU K 20 51.46 -10.93 -30.09
CA GLU K 20 52.03 -11.03 -28.76
C GLU K 20 51.07 -10.61 -27.65
N GLU K 21 50.12 -9.72 -27.93
CA GLU K 21 49.15 -9.31 -26.94
C GLU K 21 47.87 -10.13 -26.99
N ASN K 22 47.76 -11.06 -27.94
CA ASN K 22 46.57 -11.90 -28.12
C ASN K 22 45.31 -11.05 -28.27
N VAL K 23 45.41 -10.04 -29.12
CA VAL K 23 44.28 -9.19 -29.44
C VAL K 23 43.30 -9.98 -30.29
N ARG K 24 42.03 -9.99 -29.90
CA ARG K 24 41.01 -10.73 -30.62
C ARG K 24 40.15 -9.87 -31.53
N TYR K 25 39.95 -8.60 -31.21
CA TYR K 25 39.04 -7.75 -31.99
C TYR K 25 39.64 -6.37 -32.17
N LEU K 26 39.24 -5.71 -33.24
CA LEU K 26 39.70 -4.36 -33.59
C LEU K 26 38.51 -3.44 -33.72
N ARG K 27 38.60 -2.26 -33.11
CA ARG K 27 37.62 -1.20 -33.32
C ARG K 27 38.22 -0.17 -34.27
N LEU K 28 37.60 0.01 -35.42
CA LEU K 28 37.97 1.06 -36.35
C LEU K 28 37.04 2.23 -36.07
N GLN K 29 37.55 3.24 -35.37
CA GLN K 29 36.71 4.32 -34.88
C GLN K 29 37.13 5.65 -35.47
N PHE K 30 36.13 6.47 -35.77
CA PHE K 30 36.30 7.78 -36.38
C PHE K 30 35.25 8.71 -35.81
N THR K 31 35.31 9.96 -36.23
CA THR K 31 34.47 11.01 -35.67
C THR K 31 33.62 11.66 -36.76
N ASP K 32 32.35 11.93 -36.45
CA ASP K 32 31.47 12.60 -37.38
C ASP K 32 31.59 14.11 -37.20
N ILE K 33 30.70 14.87 -37.85
CA ILE K 33 30.78 16.32 -37.79
C ILE K 33 30.35 16.86 -36.43
N LEU K 34 29.57 16.11 -35.66
CA LEU K 34 29.09 16.55 -34.37
C LEU K 34 30.03 16.19 -33.24
N GLY K 35 31.18 15.61 -33.54
CA GLY K 35 32.13 15.20 -32.52
C GLY K 35 31.85 13.85 -31.89
N THR K 36 30.78 13.18 -32.30
CA THR K 36 30.45 11.86 -31.78
C THR K 36 31.38 10.83 -32.41
N ILE K 37 31.94 9.97 -31.58
CA ILE K 37 32.85 8.94 -32.07
C ILE K 37 32.05 7.74 -32.53
N LYS K 38 32.32 7.30 -33.77
CA LYS K 38 31.65 6.16 -34.37
C LYS K 38 32.66 5.05 -34.60
N ASN K 39 32.23 3.79 -34.45
CA ASN K 39 33.15 2.68 -34.63
C ASN K 39 32.42 1.44 -35.12
N VAL K 40 33.19 0.53 -35.70
CA VAL K 40 32.74 -0.80 -36.05
C VAL K 40 33.78 -1.79 -35.54
N GLU K 41 33.33 -2.90 -34.95
CA GLU K 41 34.21 -3.88 -34.36
C GLU K 41 34.42 -5.03 -35.36
N VAL K 42 35.68 -5.44 -35.51
CA VAL K 42 36.08 -6.38 -36.55
C VAL K 42 36.95 -7.47 -35.92
N PRO K 43 36.72 -8.73 -36.23
CA PRO K 43 37.60 -9.78 -35.71
C PRO K 43 39.02 -9.63 -36.26
N VAL K 44 40.00 -10.03 -35.44
CA VAL K 44 41.40 -9.86 -35.81
C VAL K 44 41.78 -10.65 -37.05
N SER K 45 40.96 -11.61 -37.47
CA SER K 45 41.21 -12.33 -38.72
C SER K 45 41.07 -11.44 -39.94
N GLN K 46 40.48 -10.25 -39.80
CA GLN K 46 40.39 -9.28 -40.88
C GLN K 46 41.48 -8.22 -40.77
N LEU K 47 42.57 -8.52 -40.06
CA LEU K 47 43.64 -7.55 -39.87
C LEU K 47 44.28 -7.15 -41.19
N GLU K 48 44.49 -8.10 -42.08
CA GLU K 48 45.07 -7.77 -43.38
C GLU K 48 44.16 -6.87 -44.20
N LYS K 49 42.84 -7.14 -44.17
CA LYS K 49 41.91 -6.25 -44.85
C LYS K 49 41.93 -4.86 -44.25
N VAL K 50 42.00 -4.77 -42.92
CA VAL K 50 42.04 -3.47 -42.27
C VAL K 50 43.29 -2.70 -42.66
N LEU K 51 44.44 -3.37 -42.65
CA LEU K 51 45.71 -2.72 -42.96
C LEU K 51 45.83 -2.34 -44.44
N ASP K 52 45.03 -2.94 -45.32
CA ASP K 52 45.04 -2.58 -46.73
C ASP K 52 44.05 -1.49 -47.07
N ASN K 53 43.44 -0.86 -46.07
CA ASN K 53 42.53 0.27 -46.26
C ASN K 53 41.34 -0.12 -47.13
N GLU K 54 40.86 -1.35 -46.96
CA GLU K 54 39.76 -1.86 -47.76
C GLU K 54 38.46 -1.96 -46.99
N MET K 55 38.42 -1.52 -45.74
CA MET K 55 37.21 -1.59 -44.94
C MET K 55 36.22 -0.53 -45.42
N MET K 56 34.93 -0.88 -45.38
CA MET K 56 33.88 -0.03 -45.93
C MET K 56 32.79 0.19 -44.90
N PHE K 57 32.13 1.34 -44.99
CA PHE K 57 30.92 1.61 -44.24
C PHE K 57 29.97 2.42 -45.10
N ASP K 58 28.80 2.73 -44.55
CA ASP K 58 27.75 3.34 -45.36
C ASP K 58 28.02 4.81 -45.63
N GLY K 59 28.05 5.63 -44.59
CA GLY K 59 28.28 7.06 -44.78
C GLY K 59 27.01 7.86 -44.81
N SER K 60 25.98 7.36 -45.50
CA SER K 60 24.70 8.05 -45.56
C SER K 60 23.96 8.01 -44.24
N SER K 61 24.32 7.10 -43.34
CA SER K 61 23.69 6.98 -42.03
C SER K 61 24.41 7.77 -40.96
N ILE K 62 25.45 8.52 -41.33
CA ILE K 62 26.27 9.26 -40.38
C ILE K 62 26.24 10.73 -40.75
N GLU K 63 26.03 11.59 -39.76
CA GLU K 63 26.00 13.04 -39.98
C GLU K 63 27.29 13.56 -40.58
N ASP K 72 29.16 5.43 -49.29
CA ASP K 72 30.07 4.40 -49.76
C ASP K 72 31.51 4.84 -49.56
N MET K 73 32.01 4.67 -48.34
CA MET K 73 33.29 5.26 -47.93
C MET K 73 34.27 4.17 -47.53
N TYR K 74 35.50 4.59 -47.26
CA TYR K 74 36.60 3.70 -46.92
C TYR K 74 37.23 4.16 -45.61
N LEU K 75 37.71 3.20 -44.84
CA LEU K 75 38.41 3.47 -43.59
C LEU K 75 39.90 3.27 -43.78
N HIS K 76 40.69 4.30 -43.48
CA HIS K 76 42.14 4.24 -43.57
C HIS K 76 42.72 4.41 -42.18
N PRO K 77 43.10 3.33 -41.50
CA PRO K 77 43.58 3.46 -40.13
C PRO K 77 44.88 4.24 -40.03
N ASP K 78 45.00 5.00 -38.94
CA ASP K 78 46.24 5.69 -38.60
C ASP K 78 46.97 4.81 -37.59
N LEU K 79 48.08 4.21 -38.02
CA LEU K 79 48.71 3.15 -37.24
C LEU K 79 49.33 3.65 -35.95
N ASP K 80 49.65 4.94 -35.84
CA ASP K 80 50.23 5.46 -34.61
C ASP K 80 49.22 5.51 -33.47
N THR K 81 47.93 5.36 -33.77
CA THR K 81 46.87 5.45 -32.78
C THR K 81 46.51 4.11 -32.15
N TRP K 82 47.32 3.08 -32.41
CA TRP K 82 47.06 1.77 -31.84
C TRP K 82 47.10 1.81 -30.32
N VAL K 83 46.08 1.23 -29.69
CA VAL K 83 46.01 1.15 -28.24
C VAL K 83 44.97 0.10 -27.89
N ILE K 84 45.14 -0.54 -26.73
CA ILE K 84 44.30 -1.65 -26.31
C ILE K 84 43.45 -1.20 -25.13
N PHE K 85 42.15 -1.43 -25.21
CA PHE K 85 41.27 -1.09 -24.10
C PHE K 85 41.45 -2.09 -22.97
N PRO K 86 41.83 -1.65 -21.78
CA PRO K 86 42.05 -2.60 -20.68
C PRO K 86 40.78 -2.95 -19.93
N TRP K 87 39.71 -3.25 -20.65
CA TRP K 87 38.46 -3.65 -20.01
C TRP K 87 37.64 -4.55 -20.93
N GLY K 92 37.08 -11.18 -24.75
CA GLY K 92 38.05 -11.00 -25.79
C GLY K 92 38.71 -9.64 -25.77
N LYS K 93 40.04 -9.61 -25.80
CA LYS K 93 40.78 -8.37 -25.77
C LYS K 93 40.52 -7.56 -27.03
N VAL K 94 40.39 -6.25 -26.87
CA VAL K 94 40.03 -5.34 -27.95
C VAL K 94 41.07 -4.25 -28.07
N ALA K 95 41.54 -4.01 -29.28
CA ALA K 95 42.36 -2.86 -29.62
C ALA K 95 41.60 -1.95 -30.57
N ARG K 96 42.11 -0.74 -30.76
CA ARG K 96 41.43 0.21 -31.62
C ARG K 96 42.44 0.92 -32.51
N LEU K 97 41.94 1.42 -33.64
CA LEU K 97 42.69 2.29 -34.53
C LEU K 97 41.78 3.43 -34.95
N ILE K 98 42.30 4.65 -34.87
CA ILE K 98 41.56 5.82 -35.35
C ILE K 98 41.80 5.97 -36.83
N CYS K 99 40.73 6.01 -37.61
CA CYS K 99 40.80 5.95 -39.05
C CYS K 99 40.36 7.26 -39.68
N ASP K 100 40.94 7.57 -40.83
CA ASP K 100 40.49 8.65 -41.68
C ASP K 100 39.52 8.10 -42.71
N VAL K 101 38.59 8.93 -43.13
CA VAL K 101 37.55 8.53 -44.08
C VAL K 101 37.98 8.96 -45.47
N TYR K 102 38.08 8.00 -46.38
CA TYR K 102 38.44 8.27 -47.77
C TYR K 102 37.29 7.93 -48.69
N LYS K 103 37.32 8.51 -49.88
CA LYS K 103 36.34 8.20 -50.91
C LYS K 103 36.80 6.97 -51.70
N THR K 104 36.01 6.59 -52.70
CA THR K 104 36.34 5.43 -53.51
C THR K 104 37.51 5.67 -54.46
N ASP K 105 37.92 6.93 -54.65
CA ASP K 105 39.01 7.25 -55.56
C ASP K 105 40.35 7.40 -54.85
N GLY K 106 40.41 7.05 -53.56
CA GLY K 106 41.65 7.13 -52.82
C GLY K 106 41.95 8.49 -52.22
N THR K 107 41.11 9.47 -52.41
CA THR K 107 41.34 10.77 -51.81
C THR K 107 40.54 10.93 -50.53
N PRO K 108 41.07 11.65 -49.55
CA PRO K 108 40.35 11.82 -48.29
C PRO K 108 39.03 12.54 -48.49
N PHE K 109 38.02 12.12 -47.73
CA PHE K 109 36.71 12.74 -47.82
C PHE K 109 36.77 14.14 -47.24
N GLU K 110 36.24 15.11 -47.98
CA GLU K 110 36.31 16.51 -47.58
C GLU K 110 35.44 16.83 -46.38
N GLY K 111 34.54 15.93 -45.99
CA GLY K 111 33.69 16.16 -44.83
C GLY K 111 34.19 15.50 -43.57
N ASP K 112 35.39 14.95 -43.60
CA ASP K 112 35.97 14.32 -42.42
C ASP K 112 36.74 15.35 -41.62
N PRO K 113 36.36 15.63 -40.37
CA PRO K 113 37.05 16.68 -39.60
C PRO K 113 38.53 16.41 -39.37
N ARG K 114 38.93 15.16 -39.16
CA ARG K 114 40.32 14.83 -38.90
C ARG K 114 41.20 15.06 -40.12
N ALA K 115 40.75 14.61 -41.29
CA ALA K 115 41.46 14.92 -42.52
C ALA K 115 41.45 16.41 -42.82
N ASN K 116 40.42 17.14 -42.37
CA ASN K 116 40.41 18.59 -42.50
C ASN K 116 41.52 19.21 -41.67
N LEU K 117 41.65 18.79 -40.42
CA LEU K 117 42.71 19.31 -39.56
C LEU K 117 44.08 18.95 -40.11
N LYS K 118 44.25 17.75 -40.65
CA LYS K 118 45.54 17.39 -41.23
C LYS K 118 45.94 18.32 -42.37
N ARG K 119 45.01 18.65 -43.27
CA ARG K 119 45.35 19.54 -44.37
C ARG K 119 45.50 21.00 -43.94
N VAL K 120 44.79 21.42 -42.89
CA VAL K 120 45.06 22.74 -42.33
C VAL K 120 46.48 22.80 -41.76
N LEU K 121 46.90 21.75 -41.06
CA LEU K 121 48.28 21.69 -40.57
C LEU K 121 49.28 21.67 -41.72
N LYS K 122 48.95 20.95 -42.80
CA LYS K 122 49.82 20.94 -43.98
C LYS K 122 49.97 22.33 -44.56
N GLU K 123 48.87 23.08 -44.66
CA GLU K 123 48.96 24.46 -45.12
C GLU K 123 49.77 25.33 -44.16
N MET K 124 49.65 25.09 -42.85
CA MET K 124 50.44 25.82 -41.88
C MET K 124 51.92 25.58 -42.09
N GLU K 125 52.30 24.34 -42.40
CA GLU K 125 53.72 23.99 -42.57
C GLU K 125 54.37 24.78 -43.71
N ASP K 126 53.60 25.31 -44.65
CA ASP K 126 54.18 26.14 -45.71
C ASP K 126 54.61 27.51 -45.21
N LEU K 127 54.15 27.91 -44.03
CA LEU K 127 54.53 29.20 -43.45
C LEU K 127 55.80 29.10 -42.61
N GLY K 128 56.43 27.94 -42.54
CA GLY K 128 57.64 27.75 -41.78
C GLY K 128 57.44 27.09 -40.44
N PHE K 129 56.23 27.08 -39.91
CA PHE K 129 55.97 26.44 -38.63
C PHE K 129 55.86 24.95 -38.83
N THR K 130 56.61 24.18 -38.03
CA THR K 130 56.68 22.75 -38.19
C THR K 130 55.79 21.98 -37.21
N ASP K 131 55.16 22.66 -36.25
CA ASP K 131 54.39 21.93 -35.27
C ASP K 131 53.34 22.85 -34.64
N PHE K 132 52.33 22.24 -34.04
CA PHE K 132 51.25 22.96 -33.39
C PHE K 132 50.73 22.09 -32.25
N ASN K 133 51.00 22.50 -31.01
CA ASN K 133 50.68 21.72 -29.83
C ASN K 133 49.37 22.20 -29.21
N LEU K 134 48.65 21.26 -28.60
CA LEU K 134 47.38 21.57 -27.96
C LEU K 134 47.35 20.92 -26.59
N GLY K 135 47.20 21.74 -25.55
CA GLY K 135 46.93 21.24 -24.22
C GLY K 135 45.50 21.51 -23.82
N PRO K 136 44.66 20.48 -23.86
CA PRO K 136 43.26 20.65 -23.47
C PRO K 136 43.04 20.27 -22.01
N GLU K 137 41.94 20.77 -21.46
CA GLU K 137 41.53 20.45 -20.09
C GLU K 137 40.02 20.44 -20.00
N PRO K 138 39.38 19.37 -20.46
CA PRO K 138 37.93 19.27 -20.35
C PRO K 138 37.49 18.96 -18.93
N GLU K 139 36.25 19.33 -18.64
CA GLU K 139 35.63 19.08 -17.35
C GLU K 139 34.31 18.36 -17.58
N PHE K 140 33.89 17.58 -16.58
CA PHE K 140 32.68 16.79 -16.74
C PHE K 140 31.95 16.72 -15.41
N PHE K 141 30.65 16.45 -15.49
CA PHE K 141 29.84 16.18 -14.32
C PHE K 141 29.60 14.69 -14.16
N LEU K 142 29.33 14.28 -12.94
CA LEU K 142 28.93 12.91 -12.63
C LEU K 142 27.53 12.93 -12.03
N PHE K 143 26.64 12.13 -12.60
CA PHE K 143 25.26 12.04 -12.13
C PHE K 143 24.97 10.61 -11.69
N LYS K 144 24.13 10.49 -10.66
CA LYS K 144 23.75 9.17 -10.17
C LYS K 144 22.78 8.50 -11.13
N LEU K 145 22.90 7.18 -11.24
CA LEU K 145 21.98 6.38 -12.02
C LEU K 145 20.86 5.86 -11.12
N ASP K 146 19.72 5.53 -11.74
CA ASP K 146 18.61 4.94 -11.03
C ASP K 146 18.72 3.42 -11.11
N GLU K 147 17.70 2.73 -10.61
CA GLU K 147 17.70 1.27 -10.65
C GLU K 147 17.62 0.75 -12.08
N LYS K 148 16.91 1.47 -12.94
CA LYS K 148 16.77 1.03 -14.33
C LYS K 148 18.02 1.30 -15.16
N GLY K 149 18.95 2.09 -14.64
CA GLY K 149 20.16 2.43 -15.38
C GLY K 149 20.13 3.76 -16.10
N GLU K 150 19.10 4.55 -15.91
CA GLU K 150 19.02 5.86 -16.51
C GLU K 150 19.61 6.93 -15.59
N PRO K 151 20.25 7.95 -16.15
CA PRO K 151 20.79 9.02 -15.31
C PRO K 151 19.67 9.80 -14.64
N THR K 152 19.92 10.25 -13.41
CA THR K 152 19.01 11.13 -12.70
C THR K 152 19.56 12.56 -12.74
N LEU K 153 18.90 13.45 -12.03
CA LEU K 153 19.31 14.85 -11.97
C LEU K 153 20.10 15.19 -10.73
N GLU K 154 20.42 14.21 -9.88
CA GLU K 154 21.18 14.46 -8.68
C GLU K 154 22.66 14.15 -8.90
N LEU K 155 23.52 15.08 -8.52
CA LEU K 155 24.94 14.94 -8.69
C LEU K 155 25.50 13.92 -7.69
N ASN K 156 26.70 13.41 -7.99
CA ASN K 156 27.27 12.36 -7.15
C ASN K 156 27.64 12.87 -5.76
N ASP K 157 27.94 14.16 -5.62
CA ASP K 157 28.28 14.72 -4.32
C ASP K 157 27.92 16.20 -4.32
N ASP K 158 28.35 16.90 -3.28
CA ASP K 158 28.15 18.34 -3.14
C ASP K 158 29.47 19.00 -2.78
N GLY K 159 30.54 18.54 -3.40
CA GLY K 159 31.87 19.05 -3.13
C GLY K 159 32.16 20.34 -3.87
N GLY K 160 33.30 20.93 -3.53
CA GLY K 160 33.73 22.16 -4.15
C GLY K 160 35.09 22.04 -4.78
N TYR K 161 35.75 23.17 -5.00
CA TYR K 161 37.05 23.19 -5.65
C TYR K 161 38.11 22.60 -4.72
N PHE K 162 38.87 21.63 -5.22
CA PHE K 162 39.97 20.99 -4.49
C PHE K 162 39.48 20.33 -3.20
N ASP K 163 38.22 19.93 -3.17
CA ASP K 163 37.64 19.27 -2.01
C ASP K 163 38.08 17.82 -1.97
N LEU K 164 38.06 17.24 -0.78
CA LEU K 164 38.47 15.85 -0.60
C LEU K 164 37.35 15.06 0.09
N ALA K 165 37.49 13.74 0.05
CA ALA K 165 36.51 12.83 0.61
C ALA K 165 36.44 12.97 2.13
N PRO K 166 35.26 12.72 2.73
CA PRO K 166 34.03 12.26 2.11
C PRO K 166 33.16 13.37 1.51
N THR K 167 33.64 14.61 1.53
CA THR K 167 32.97 15.67 0.79
C THR K 167 33.08 15.50 -0.71
N ASP K 168 34.24 15.06 -1.20
CA ASP K 168 34.44 14.68 -2.59
C ASP K 168 34.18 13.18 -2.70
N LEU K 169 32.99 12.82 -3.17
CA LEU K 169 32.63 11.42 -3.33
C LEU K 169 32.98 10.86 -4.70
N GLY K 170 33.54 11.67 -5.59
CA GLY K 170 33.94 11.18 -6.89
C GLY K 170 35.40 10.80 -6.94
N GLU K 171 36.01 10.68 -5.76
CA GLU K 171 37.44 10.39 -5.69
C GLU K 171 37.77 9.01 -6.22
N ASN K 172 36.97 7.99 -5.88
CA ASN K 172 37.24 6.64 -6.34
C ASN K 172 37.04 6.50 -7.83
N CYS K 173 35.94 7.06 -8.36
CA CYS K 173 35.70 7.00 -9.80
C CYS K 173 36.78 7.74 -10.57
N ARG K 174 37.17 8.92 -10.08
CA ARG K 174 38.24 9.67 -10.71
C ARG K 174 39.57 8.93 -10.68
N ARG K 175 39.87 8.26 -9.56
CA ARG K 175 41.07 7.44 -9.48
C ARG K 175 41.05 6.29 -10.48
N ASP K 176 39.90 5.62 -10.61
CA ASP K 176 39.79 4.56 -11.61
C ASP K 176 39.95 5.07 -13.03
N ILE K 177 39.39 6.25 -13.33
CA ILE K 177 39.58 6.84 -14.65
C ILE K 177 41.05 7.11 -14.90
N VAL K 178 41.75 7.68 -13.91
CA VAL K 178 43.17 7.97 -14.08
C VAL K 178 43.96 6.68 -14.26
N LEU K 179 43.62 5.65 -13.49
CA LEU K 179 44.29 4.36 -13.61
C LEU K 179 44.10 3.75 -14.99
N GLU K 180 42.89 3.81 -15.54
CA GLU K 180 42.64 3.28 -16.87
C GLU K 180 43.32 4.11 -17.96
N LEU K 181 43.34 5.43 -17.80
CA LEU K 181 44.01 6.27 -18.79
C LEU K 181 45.52 6.05 -18.79
N GLU K 182 46.11 5.82 -17.61
CA GLU K 182 47.55 5.57 -17.57
C GLU K 182 47.93 4.27 -18.26
N ASP K 183 47.08 3.24 -18.16
CA ASP K 183 47.33 2.00 -18.88
C ASP K 183 47.27 2.20 -20.38
N MET K 184 46.54 3.21 -20.85
CA MET K 184 46.38 3.47 -22.26
C MET K 184 47.43 4.42 -22.82
N GLY K 185 48.39 4.84 -22.01
CA GLY K 185 49.48 5.67 -22.49
C GLY K 185 49.29 7.15 -22.32
N PHE K 186 48.30 7.59 -21.54
CA PHE K 186 48.18 9.01 -21.25
C PHE K 186 49.24 9.43 -20.24
N ASP K 187 49.60 10.70 -20.29
CA ASP K 187 50.47 11.31 -19.28
C ASP K 187 49.60 12.25 -18.47
N ILE K 188 49.09 11.77 -17.35
CA ILE K 188 48.16 12.51 -16.51
C ILE K 188 48.95 13.49 -15.64
N GLU K 189 48.50 14.74 -15.60
CA GLU K 189 49.13 15.78 -14.81
C GLU K 189 48.52 15.90 -13.42
N ALA K 190 47.21 16.02 -13.32
CA ALA K 190 46.55 16.24 -12.04
C ALA K 190 45.09 15.84 -12.15
N SER K 191 44.48 15.59 -11.00
CA SER K 191 43.06 15.30 -10.92
C SER K 191 42.53 15.92 -9.64
N HIS K 192 41.36 16.55 -9.72
CA HIS K 192 40.81 17.25 -8.57
C HIS K 192 39.32 17.48 -8.79
N HIS K 193 38.62 17.76 -7.69
CA HIS K 193 37.23 18.19 -7.75
C HIS K 193 37.15 19.61 -8.29
N GLU K 194 36.10 19.90 -9.03
CA GLU K 194 35.94 21.21 -9.65
C GLU K 194 34.97 22.06 -8.83
N VAL K 195 34.75 23.29 -9.30
CA VAL K 195 33.99 24.28 -8.53
C VAL K 195 32.57 23.81 -8.27
N ALA K 196 31.88 23.38 -9.32
CA ALA K 196 30.49 22.99 -9.18
C ALA K 196 30.38 21.66 -8.44
N PRO K 197 29.26 21.44 -7.75
CA PRO K 197 29.02 20.12 -7.16
C PRO K 197 28.97 19.04 -8.24
N GLY K 198 29.59 17.91 -7.95
CA GLY K 198 29.62 16.82 -8.91
C GLY K 198 30.46 17.06 -10.14
N GLN K 199 31.28 18.12 -10.16
CA GLN K 199 32.09 18.46 -11.31
C GLN K 199 33.54 18.09 -11.05
N HIS K 200 34.19 17.48 -12.04
CA HIS K 200 35.52 16.92 -11.88
C HIS K 200 36.39 17.29 -13.06
N GLU K 201 37.70 17.33 -12.82
CA GLU K 201 38.69 17.64 -13.84
C GLU K 201 39.86 16.67 -13.73
N ILE K 202 40.24 16.09 -14.86
CA ILE K 202 41.46 15.30 -14.98
C ILE K 202 42.31 15.91 -16.07
N ASP K 203 43.55 16.22 -15.76
CA ASP K 203 44.44 16.94 -16.67
C ASP K 203 45.48 16.00 -17.24
N PHE K 204 45.70 16.09 -18.55
CA PHE K 204 46.77 15.37 -19.21
C PHE K 204 47.56 16.35 -20.05
N LYS K 205 48.85 16.02 -20.20
CA LYS K 205 49.80 16.96 -20.87
C LYS K 205 49.46 17.18 -22.33
N TYR K 206 50.08 18.22 -22.89
CA TYR K 206 49.86 18.56 -24.29
C TYR K 206 50.46 17.50 -25.20
N ALA K 207 49.98 17.49 -26.43
CA ALA K 207 50.52 16.63 -27.47
C ALA K 207 50.42 17.37 -28.79
N ASP K 208 50.78 16.69 -29.87
CA ASP K 208 50.63 17.31 -31.18
C ASP K 208 49.14 17.46 -31.50
N ALA K 209 48.84 18.35 -32.44
CA ALA K 209 47.45 18.76 -32.67
C ALA K 209 46.55 17.56 -32.93
N VAL K 210 46.91 16.73 -33.90
CA VAL K 210 46.06 15.59 -34.26
C VAL K 210 45.95 14.60 -33.11
N THR K 211 47.08 14.25 -32.49
CA THR K 211 47.01 13.32 -31.38
C THR K 211 46.41 13.94 -30.14
N ALA K 212 46.45 15.27 -29.99
CA ALA K 212 45.73 15.91 -28.89
C ALA K 212 44.23 15.79 -29.09
N CYS K 213 43.74 15.99 -30.31
CA CYS K 213 42.32 15.78 -30.56
C CYS K 213 41.93 14.32 -30.37
N ASP K 214 42.78 13.39 -30.80
CA ASP K 214 42.55 11.98 -30.51
C ASP K 214 42.52 11.70 -29.02
N ASN K 215 43.40 12.37 -28.26
CA ASN K 215 43.38 12.23 -26.81
C ASN K 215 42.07 12.71 -26.21
N ILE K 216 41.54 13.84 -26.69
CA ILE K 216 40.26 14.32 -26.19
C ILE K 216 39.16 13.30 -26.48
N GLN K 217 39.12 12.80 -27.71
CA GLN K 217 38.10 11.82 -28.07
C GLN K 217 38.19 10.56 -27.23
N THR K 218 39.40 10.05 -27.03
CA THR K 218 39.57 8.84 -26.24
C THR K 218 39.26 9.09 -24.78
N PHE K 219 39.64 10.27 -24.28
CA PHE K 219 39.40 10.63 -22.89
C PHE K 219 37.91 10.65 -22.57
N LYS K 220 37.11 11.22 -23.47
CA LYS K 220 35.68 11.28 -23.20
C LYS K 220 35.07 9.88 -23.08
N LEU K 221 35.41 8.97 -24.00
CA LEU K 221 34.84 7.63 -23.95
C LEU K 221 35.37 6.83 -22.76
N VAL K 222 36.64 6.99 -22.40
CA VAL K 222 37.16 6.31 -21.22
C VAL K 222 36.44 6.80 -19.97
N VAL K 223 36.25 8.12 -19.86
CA VAL K 223 35.56 8.67 -18.70
C VAL K 223 34.14 8.12 -18.62
N LYS K 224 33.43 8.10 -19.75
CA LYS K 224 32.05 7.62 -19.73
C LYS K 224 31.97 6.14 -19.38
N THR K 225 32.86 5.30 -19.93
CA THR K 225 32.85 3.88 -19.62
C THR K 225 33.15 3.64 -18.14
N ILE K 226 34.21 4.24 -17.62
CA ILE K 226 34.57 4.00 -16.23
C ILE K 226 33.51 4.56 -15.29
N ALA K 227 32.89 5.69 -15.63
CA ALA K 227 31.81 6.21 -14.81
C ALA K 227 30.63 5.26 -14.79
N ARG K 228 30.29 4.67 -15.94
CA ARG K 228 29.23 3.67 -15.95
C ARG K 228 29.59 2.47 -15.07
N LYS K 229 30.87 2.09 -15.04
CA LYS K 229 31.29 0.99 -14.17
C LYS K 229 31.06 1.32 -12.70
N HIS K 230 30.98 2.60 -12.35
CA HIS K 230 30.79 3.03 -10.97
C HIS K 230 29.34 3.42 -10.68
N ASN K 231 28.39 2.94 -11.49
CA ASN K 231 26.97 3.27 -11.33
C ASN K 231 26.74 4.78 -11.39
N LEU K 232 27.52 5.46 -12.23
CA LEU K 232 27.42 6.90 -12.40
C LEU K 232 27.31 7.21 -13.88
N HIS K 233 26.75 8.38 -14.18
CA HIS K 233 26.64 8.86 -15.55
C HIS K 233 27.54 10.07 -15.71
N ALA K 234 28.45 10.01 -16.66
CA ALA K 234 29.34 11.13 -16.96
C ALA K 234 28.83 11.88 -18.18
N THR K 235 28.74 13.20 -18.05
CA THR K 235 28.30 14.03 -19.16
C THR K 235 29.28 15.18 -19.35
N PHE K 236 29.54 15.52 -20.61
CA PHE K 236 30.32 16.69 -20.96
C PHE K 236 29.44 17.82 -21.45
N MET K 237 28.16 17.78 -21.11
CA MET K 237 27.24 18.87 -21.41
C MET K 237 27.74 20.15 -20.73
N PRO K 238 27.79 21.27 -21.45
CA PRO K 238 28.40 22.49 -20.89
C PRO K 238 27.72 22.98 -19.61
N LYS K 239 26.41 23.16 -19.65
CA LYS K 239 25.65 23.70 -18.51
C LYS K 239 24.47 22.78 -18.23
N PRO K 240 24.68 21.66 -17.54
CA PRO K 240 23.56 20.76 -17.27
C PRO K 240 22.55 21.29 -16.27
N LEU K 241 22.94 22.17 -15.35
CA LEU K 241 22.02 22.70 -14.35
C LEU K 241 22.18 24.21 -14.25
N PHE K 242 21.06 24.89 -13.99
CA PHE K 242 21.07 26.33 -13.82
C PHE K 242 21.62 26.70 -12.45
N GLY K 243 22.25 27.87 -12.36
CA GLY K 243 22.79 28.35 -11.10
C GLY K 243 24.03 27.65 -10.64
N VAL K 244 24.68 26.88 -11.51
CA VAL K 244 25.84 26.07 -11.17
C VAL K 244 26.88 26.27 -12.25
N ASN K 245 28.15 26.26 -11.84
CA ASN K 245 29.25 26.47 -12.76
C ASN K 245 29.20 25.47 -13.91
N GLY K 246 29.56 25.95 -15.12
CA GLY K 246 29.58 25.10 -16.29
C GLY K 246 30.93 24.48 -16.53
N SER K 247 30.98 23.62 -17.55
CA SER K 247 32.19 22.89 -17.91
C SER K 247 32.84 23.52 -19.14
N GLY K 248 34.15 23.70 -19.08
CA GLY K 248 34.91 24.24 -20.19
C GLY K 248 35.96 23.26 -20.69
N MET K 249 36.51 23.57 -21.86
CA MET K 249 37.56 22.78 -22.49
C MET K 249 38.65 23.71 -23.00
N HIS K 250 39.17 24.56 -22.11
CA HIS K 250 40.23 25.49 -22.45
C HIS K 250 41.28 24.86 -23.36
N PHE K 251 41.65 25.57 -24.42
CA PHE K 251 42.64 25.11 -25.39
C PHE K 251 43.94 25.89 -25.18
N ASN K 252 44.98 25.20 -24.78
CA ASN K 252 46.32 25.76 -24.70
C ASN K 252 47.07 25.43 -25.97
N VAL K 253 47.50 26.47 -26.70
CA VAL K 253 48.09 26.27 -28.02
C VAL K 253 49.44 26.99 -28.08
N SER K 254 50.41 26.36 -28.73
CA SER K 254 51.72 26.94 -28.94
C SER K 254 52.27 26.48 -30.28
N LEU K 255 52.92 27.39 -31.01
CA LEU K 255 53.50 27.10 -32.31
C LEU K 255 54.98 26.83 -32.16
N PHE K 256 55.48 25.89 -32.96
CA PHE K 256 56.89 25.52 -32.98
C PHE K 256 57.40 25.51 -34.41
N LYS K 257 58.59 26.06 -34.62
CA LYS K 257 59.33 25.86 -35.86
C LYS K 257 60.66 25.22 -35.52
N GLY K 258 60.63 23.92 -35.25
CA GLY K 258 61.82 23.11 -35.12
C GLY K 258 62.35 23.14 -33.71
N LYS K 259 62.01 22.15 -32.89
CA LYS K 259 62.57 21.98 -31.54
C LYS K 259 62.65 23.29 -30.76
N GLU K 260 61.77 24.26 -31.06
CA GLU K 260 61.82 25.54 -30.37
C GLU K 260 60.46 26.22 -30.49
N ASN K 261 60.04 26.86 -29.40
CA ASN K 261 58.74 27.54 -29.36
C ASN K 261 58.83 28.85 -30.13
N ALA K 262 57.88 29.05 -31.05
CA ALA K 262 57.86 30.29 -31.82
C ALA K 262 57.22 31.45 -31.08
N PHE K 263 56.67 31.21 -29.88
CA PHE K 263 56.03 32.26 -29.11
C PHE K 263 56.95 32.88 -28.08
N PHE K 264 58.10 32.28 -27.80
CA PHE K 264 58.96 32.69 -26.70
C PHE K 264 60.09 33.57 -27.20
N ASP K 265 60.21 34.77 -26.63
CA ASP K 265 61.29 35.70 -26.92
C ASP K 265 62.19 35.82 -25.71
N PRO K 266 63.44 35.37 -25.77
CA PRO K 266 64.30 35.41 -24.58
C PRO K 266 64.93 36.77 -24.34
N ASN K 267 64.43 37.80 -25.01
CA ASN K 267 65.03 39.13 -24.92
C ASN K 267 64.15 40.12 -24.19
N THR K 268 62.90 40.29 -24.61
CA THR K 268 62.02 41.27 -23.98
C THR K 268 61.61 40.84 -22.58
N GLU K 269 61.17 41.80 -21.78
CA GLU K 269 60.73 41.52 -20.42
C GLU K 269 59.50 40.62 -20.42
N MET K 270 58.53 40.91 -21.28
CA MET K 270 57.33 40.08 -21.35
C MET K 270 57.65 38.68 -21.85
N GLY K 271 58.58 38.55 -22.80
CA GLY K 271 58.98 37.25 -23.27
C GLY K 271 58.14 36.68 -24.39
N LEU K 272 57.42 37.52 -25.13
CA LEU K 272 56.58 37.08 -26.23
C LEU K 272 57.11 37.64 -27.54
N THR K 273 57.22 36.78 -28.54
CA THR K 273 57.67 37.22 -29.86
C THR K 273 56.56 38.00 -30.56
N GLU K 274 56.93 38.63 -31.67
CA GLU K 274 55.92 39.27 -32.51
C GLU K 274 54.95 38.24 -33.08
N THR K 275 55.43 37.03 -33.34
CA THR K 275 54.55 35.98 -33.83
C THR K 275 53.45 35.65 -32.83
N ALA K 276 53.79 35.58 -31.55
CA ALA K 276 52.79 35.33 -30.52
C ALA K 276 51.75 36.44 -30.47
N TYR K 277 52.18 37.69 -30.60
CA TYR K 277 51.26 38.82 -30.62
C TYR K 277 50.34 38.79 -31.84
N GLN K 278 50.87 38.50 -33.02
CA GLN K 278 50.02 38.41 -34.19
C GLN K 278 49.05 37.23 -34.13
N PHE K 279 49.46 36.12 -33.54
CA PHE K 279 48.55 34.99 -33.35
C PHE K 279 47.37 35.40 -32.47
N THR K 280 47.66 36.08 -31.35
CA THR K 280 46.60 36.56 -30.49
C THR K 280 45.71 37.58 -31.20
N ALA K 281 46.32 38.46 -32.00
CA ALA K 281 45.53 39.44 -32.74
C ALA K 281 44.56 38.74 -33.70
N GLY K 282 45.04 37.72 -34.41
CA GLY K 282 44.17 36.98 -35.31
C GLY K 282 43.06 36.24 -34.60
N VAL K 283 43.38 35.58 -33.49
CA VAL K 283 42.35 34.85 -32.75
C VAL K 283 41.29 35.82 -32.21
N LEU K 284 41.73 36.97 -31.68
CA LEU K 284 40.78 37.96 -31.19
C LEU K 284 39.92 38.51 -32.32
N LYS K 285 40.54 38.78 -33.47
CA LYS K 285 39.80 39.35 -34.59
C LYS K 285 38.79 38.37 -35.17
N ASN K 286 39.09 37.07 -35.14
CA ASN K 286 38.19 36.07 -35.69
C ASN K 286 37.41 35.30 -34.64
N ALA K 287 37.45 35.73 -33.37
CA ALA K 287 36.80 35.00 -32.30
C ALA K 287 35.29 34.92 -32.48
N ARG K 288 34.65 35.99 -32.93
CA ARG K 288 33.21 35.97 -33.14
C ARG K 288 32.82 34.95 -34.21
N GLY K 289 33.70 34.72 -35.18
CA GLY K 289 33.38 33.85 -36.29
C GLY K 289 33.41 32.37 -36.01
N PHE K 290 34.27 31.92 -35.09
CA PHE K 290 34.39 30.50 -34.79
C PHE K 290 33.71 30.11 -33.49
N THR K 291 32.92 31.00 -32.90
CA THR K 291 32.25 30.68 -31.65
C THR K 291 31.27 29.53 -31.83
N ALA K 292 30.55 29.50 -32.96
CA ALA K 292 29.59 28.43 -33.19
C ALA K 292 30.26 27.07 -33.21
N VAL K 293 31.42 26.95 -33.84
CA VAL K 293 32.13 25.68 -33.87
C VAL K 293 32.63 25.30 -32.48
N CYS K 294 33.21 26.27 -31.75
CA CYS K 294 33.71 25.99 -30.41
C CYS K 294 32.61 25.85 -29.38
N ASN K 295 31.42 26.37 -29.66
CA ASN K 295 30.27 26.28 -28.75
C ASN K 295 29.07 25.81 -29.56
N PRO K 296 29.04 24.53 -29.92
CA PRO K 296 28.08 24.05 -30.92
C PRO K 296 26.67 23.75 -30.43
N LEU K 297 26.43 23.72 -29.12
CA LEU K 297 25.13 23.35 -28.60
C LEU K 297 24.32 24.60 -28.26
N VAL K 298 23.01 24.42 -28.19
CA VAL K 298 22.15 25.47 -27.64
C VAL K 298 22.50 25.71 -26.17
N ASN K 299 22.77 24.62 -25.45
CA ASN K 299 23.19 24.70 -24.05
C ASN K 299 24.51 25.43 -23.85
N SER K 300 25.35 25.49 -24.88
CA SER K 300 26.66 26.11 -24.74
C SER K 300 26.57 27.58 -24.34
N TYR K 301 25.50 28.26 -24.73
CA TYR K 301 25.35 29.68 -24.48
C TYR K 301 24.61 29.96 -23.19
N LYS K 302 24.14 28.92 -22.49
CA LYS K 302 23.74 29.07 -21.10
C LYS K 302 24.95 29.05 -20.17
N ARG K 303 26.11 28.62 -20.66
CA ARG K 303 27.35 28.75 -19.91
C ARG K 303 27.99 30.12 -20.13
N LEU K 304 27.88 30.65 -21.34
CA LEU K 304 28.45 31.95 -21.66
C LEU K 304 27.57 33.08 -21.12
N VAL K 305 27.44 33.11 -19.80
CA VAL K 305 26.68 34.13 -19.10
C VAL K 305 27.57 34.71 -18.00
N PRO K 306 27.40 35.98 -17.63
CA PRO K 306 28.30 36.58 -16.64
C PRO K 306 28.10 35.97 -15.26
N GLY K 307 29.19 35.92 -14.50
CA GLY K 307 29.14 35.52 -13.11
C GLY K 307 29.47 34.07 -12.80
N TYR K 308 29.97 33.30 -13.76
CA TYR K 308 30.24 31.89 -13.54
C TYR K 308 31.57 31.49 -14.13
N GLU K 309 32.56 32.37 -14.06
CA GLU K 309 33.93 32.09 -14.48
C GLU K 309 34.02 31.70 -15.96
N ALA K 310 33.10 32.17 -16.79
CA ALA K 310 33.12 31.85 -18.20
C ALA K 310 33.38 33.10 -19.02
N PRO K 311 34.16 32.99 -20.09
CA PRO K 311 34.47 34.17 -20.91
C PRO K 311 33.32 34.55 -21.81
N CYS K 312 33.02 35.84 -21.83
CA CYS K 312 32.04 36.37 -22.75
C CYS K 312 32.43 37.71 -23.36
N TYR K 313 33.64 38.19 -23.11
CA TYR K 313 34.15 39.41 -23.72
C TYR K 313 35.43 39.10 -24.45
N ILE K 314 35.56 39.63 -25.67
CA ILE K 314 36.69 39.32 -26.54
C ILE K 314 37.83 40.25 -26.16
N ALA K 315 38.76 39.75 -25.36
CA ALA K 315 39.94 40.49 -24.95
C ALA K 315 41.00 39.50 -24.51
N TRP K 316 42.23 39.99 -24.40
CA TRP K 316 43.35 39.17 -23.96
C TRP K 316 44.04 39.84 -22.78
N SER K 317 44.70 39.03 -21.96
CA SER K 317 45.44 39.54 -20.83
C SER K 317 46.49 38.53 -20.42
N GLY K 318 47.57 39.03 -19.82
CA GLY K 318 48.61 38.19 -19.30
C GLY K 318 48.49 37.98 -17.81
N LYS K 319 47.99 39.01 -17.11
CA LYS K 319 47.77 38.95 -15.65
C LYS K 319 46.30 39.29 -15.40
N ASN K 320 45.44 38.28 -15.54
CA ASN K 320 44.02 38.38 -15.27
C ASN K 320 43.42 36.99 -15.47
N ARG K 321 42.23 36.80 -14.93
CA ARG K 321 41.65 35.46 -14.92
C ARG K 321 40.63 35.23 -16.03
N SER K 322 39.76 36.19 -16.30
CA SER K 322 38.62 35.97 -17.20
C SER K 322 38.57 36.97 -18.35
N PRO K 323 39.60 37.03 -19.20
CA PRO K 323 39.38 37.50 -20.57
C PRO K 323 39.15 36.32 -21.50
N LEU K 324 38.88 36.58 -22.77
CA LEU K 324 38.69 35.49 -23.72
C LEU K 324 39.99 34.72 -23.93
N ILE K 325 41.12 35.43 -24.02
CA ILE K 325 42.43 34.82 -24.19
C ILE K 325 43.28 35.14 -22.96
N ARG K 326 43.87 34.11 -22.37
CA ARG K 326 44.79 34.26 -21.26
C ARG K 326 46.15 33.73 -21.68
N VAL K 327 47.20 34.52 -21.46
CA VAL K 327 48.57 34.08 -21.71
C VAL K 327 49.19 33.72 -20.36
N PRO K 328 49.45 32.46 -20.07
CA PRO K 328 49.99 32.08 -18.77
C PRO K 328 51.39 32.65 -18.56
N SER K 329 51.74 32.82 -17.29
CA SER K 329 53.00 33.45 -16.91
C SER K 329 54.22 32.59 -17.24
N SER K 330 54.03 31.29 -17.45
CA SER K 330 55.16 30.43 -17.76
C SER K 330 55.78 30.80 -19.10
N ARG K 331 57.11 30.66 -19.18
CA ARG K 331 57.83 30.99 -20.39
C ARG K 331 58.75 29.84 -20.82
N GLY K 332 59.61 30.10 -21.78
CA GLY K 332 60.47 29.05 -22.31
C GLY K 332 59.73 28.23 -23.34
N LEU K 333 59.93 26.92 -23.30
CA LEU K 333 59.22 26.04 -24.23
C LEU K 333 57.74 25.90 -23.89
N SER K 334 57.31 26.34 -22.71
CA SER K 334 55.92 26.20 -22.27
C SER K 334 55.11 27.47 -22.53
N THR K 335 55.62 28.39 -23.35
CA THR K 335 54.88 29.60 -23.66
C THR K 335 53.70 29.26 -24.55
N ARG K 336 52.49 29.56 -24.07
CA ARG K 336 51.28 29.16 -24.77
C ARG K 336 50.23 30.25 -24.67
N ILE K 337 49.21 30.13 -25.49
CA ILE K 337 48.05 31.01 -25.50
C ILE K 337 46.82 30.15 -25.19
N GLU K 338 46.01 30.58 -24.23
CA GLU K 338 44.88 29.80 -23.75
C GLU K 338 43.58 30.44 -24.24
N VAL K 339 42.88 29.74 -25.12
CA VAL K 339 41.53 30.16 -25.54
C VAL K 339 40.52 29.48 -24.64
N ARG K 340 39.71 30.28 -23.94
CA ARG K 340 38.92 29.80 -22.82
C ARG K 340 37.45 29.60 -23.15
N SER K 341 37.03 29.88 -24.38
CA SER K 341 35.61 29.78 -24.73
C SER K 341 35.20 28.39 -25.19
N VAL K 342 36.15 27.49 -25.43
CA VAL K 342 35.81 26.16 -25.94
C VAL K 342 35.19 25.33 -24.82
N ASP K 343 34.10 24.65 -25.12
CA ASP K 343 33.44 23.76 -24.18
C ASP K 343 33.64 22.30 -24.59
N PRO K 344 33.50 21.36 -23.65
CA PRO K 344 33.82 19.95 -23.97
C PRO K 344 32.91 19.33 -25.00
N ALA K 345 31.79 19.94 -25.36
CA ALA K 345 30.90 19.41 -26.37
C ALA K 345 31.36 19.72 -27.79
N ALA K 346 32.37 20.56 -27.95
CA ALA K 346 32.85 20.93 -29.27
C ALA K 346 33.59 19.77 -29.92
N ASN K 347 33.59 19.75 -31.23
CA ASN K 347 34.40 18.81 -31.97
C ASN K 347 35.86 19.27 -31.90
N PRO K 348 36.76 18.49 -31.30
CA PRO K 348 38.14 18.97 -31.13
C PRO K 348 38.83 19.29 -32.45
N TYR K 349 38.60 18.48 -33.48
CA TYR K 349 39.27 18.71 -34.76
C TYR K 349 38.84 20.02 -35.39
N MET K 350 37.53 20.26 -35.45
CA MET K 350 37.03 21.48 -36.09
C MET K 350 37.39 22.72 -35.30
N ALA K 351 37.23 22.67 -33.97
CA ALA K 351 37.58 23.82 -33.14
C ALA K 351 39.06 24.14 -33.23
N LEU K 352 39.92 23.12 -33.14
CA LEU K 352 41.35 23.36 -33.25
C LEU K 352 41.73 23.88 -34.63
N ALA K 353 41.14 23.36 -35.69
CA ALA K 353 41.40 23.88 -37.02
C ALA K 353 40.98 25.33 -37.17
N ALA K 354 39.81 25.69 -36.64
CA ALA K 354 39.37 27.08 -36.67
C ALA K 354 40.30 28.01 -35.91
N ILE K 355 40.72 27.62 -34.71
CA ILE K 355 41.63 28.45 -33.94
C ILE K 355 42.97 28.60 -34.66
N LEU K 356 43.49 27.50 -35.20
CA LEU K 356 44.76 27.57 -35.92
C LEU K 356 44.66 28.48 -37.13
N GLU K 357 43.56 28.38 -37.88
CA GLU K 357 43.40 29.23 -39.04
C GLU K 357 43.26 30.70 -38.67
N ALA K 358 42.54 30.99 -37.58
CA ALA K 358 42.45 32.39 -37.14
C ALA K 358 43.82 32.94 -36.76
N GLY K 359 44.60 32.15 -36.00
CA GLY K 359 45.94 32.58 -35.64
C GLY K 359 46.84 32.77 -36.83
N LEU K 360 46.78 31.87 -37.81
CA LEU K 360 47.59 32.00 -39.01
C LEU K 360 47.16 33.19 -39.85
N ASP K 361 45.86 33.49 -39.92
CA ASP K 361 45.40 34.69 -40.58
C ASP K 361 45.97 35.94 -39.92
N GLY K 362 45.95 35.98 -38.59
CA GLY K 362 46.61 37.08 -37.89
C GLY K 362 48.10 37.17 -38.16
N ILE K 363 48.77 36.02 -38.27
CA ILE K 363 50.20 36.02 -38.55
C ILE K 363 50.49 36.59 -39.93
N LYS K 364 49.76 36.11 -40.94
CA LYS K 364 50.07 36.49 -42.31
C LYS K 364 49.51 37.84 -42.71
N ASN K 365 48.56 38.39 -41.96
CA ASN K 365 48.12 39.76 -42.19
C ASN K 365 48.81 40.77 -41.29
N LYS K 366 49.70 40.32 -40.40
CA LYS K 366 50.51 41.20 -39.55
C LYS K 366 49.63 42.14 -38.73
N LEU K 367 48.54 41.60 -38.20
CA LEU K 367 47.62 42.41 -37.41
C LEU K 367 48.27 42.90 -36.12
N LYS K 368 47.90 44.12 -35.74
CA LYS K 368 48.34 44.70 -34.48
C LYS K 368 47.40 44.29 -33.35
N VAL K 369 47.98 44.08 -32.17
CA VAL K 369 47.24 43.54 -31.04
C VAL K 369 46.61 44.67 -30.24
N PRO K 370 45.35 44.57 -29.87
CA PRO K 370 44.78 45.51 -28.90
C PRO K 370 45.46 45.37 -27.55
N GLU K 371 45.44 46.47 -26.80
CA GLU K 371 46.11 46.48 -25.50
C GLU K 371 45.45 45.48 -24.56
N PRO K 372 46.24 44.78 -23.75
CA PRO K 372 45.66 43.80 -22.82
C PRO K 372 44.75 44.48 -21.80
N VAL K 373 43.68 43.78 -21.43
CA VAL K 373 42.74 44.30 -20.43
C VAL K 373 43.05 43.62 -19.10
N ASN K 374 43.61 44.38 -18.16
CA ASN K 374 43.98 43.85 -16.87
C ASN K 374 42.93 44.12 -15.79
N GLN K 375 42.01 45.04 -16.03
CA GLN K 375 41.00 45.38 -15.03
C GLN K 375 39.88 44.34 -15.02
N ILE K 390 36.39 46.39 -26.75
CA ILE K 390 36.03 45.10 -26.18
C ILE K 390 34.69 44.65 -26.73
N GLN K 391 34.73 43.72 -27.68
CA GLN K 391 33.53 43.19 -28.29
C GLN K 391 32.93 42.11 -27.39
N ASP K 392 31.84 41.50 -27.83
CA ASP K 392 31.16 40.48 -27.06
C ASP K 392 30.97 39.24 -27.89
N LEU K 393 31.09 38.08 -27.26
CA LEU K 393 30.79 36.83 -27.93
C LEU K 393 29.30 36.74 -28.24
N PRO K 394 28.93 35.99 -29.28
CA PRO K 394 27.51 35.82 -29.57
C PRO K 394 26.77 35.21 -28.39
N SER K 395 25.55 35.68 -28.17
CA SER K 395 24.79 35.31 -26.98
C SER K 395 23.96 34.05 -27.14
N THR K 396 23.64 33.64 -28.37
CA THR K 396 22.87 32.43 -28.63
C THR K 396 23.51 31.67 -29.79
N LEU K 397 23.04 30.44 -29.98
CA LEU K 397 23.50 29.66 -31.11
C LEU K 397 23.07 30.29 -32.43
N TYR K 398 21.89 30.90 -32.47
CA TYR K 398 21.43 31.57 -33.68
C TYR K 398 22.34 32.73 -34.05
N THR K 399 22.70 33.57 -33.08
CA THR K 399 23.58 34.70 -33.34
C THR K 399 24.98 34.23 -33.74
N ALA K 400 25.47 33.17 -33.11
CA ALA K 400 26.77 32.62 -33.50
C ALA K 400 26.74 32.06 -34.92
N LEU K 401 25.66 31.41 -35.31
CA LEU K 401 25.52 30.96 -36.69
C LEU K 401 25.49 32.14 -37.66
N LYS K 402 24.79 33.21 -37.29
CA LYS K 402 24.77 34.40 -38.13
C LYS K 402 26.16 34.99 -38.29
N ALA K 403 26.92 35.06 -37.20
CA ALA K 403 28.29 35.55 -37.27
C ALA K 403 29.23 34.62 -38.00
N MET K 404 28.92 33.33 -38.03
CA MET K 404 29.76 32.36 -38.73
C MET K 404 29.62 32.49 -40.24
N ARG K 405 28.42 32.81 -40.72
CA ARG K 405 28.21 33.02 -42.15
C ARG K 405 28.93 34.25 -42.67
N GLU K 406 29.21 35.23 -41.82
CA GLU K 406 29.85 36.47 -42.24
C GLU K 406 31.37 36.44 -42.12
N ASN K 407 31.94 35.36 -41.57
CA ASN K 407 33.38 35.24 -41.45
C ASN K 407 33.94 34.42 -42.59
N GLU K 408 35.00 34.93 -43.20
CA GLU K 408 35.67 34.25 -44.30
C GLU K 408 36.75 33.29 -43.84
N VAL K 409 37.34 33.53 -42.66
CA VAL K 409 38.38 32.66 -42.15
C VAL K 409 37.85 31.30 -41.72
N ILE K 410 36.69 31.26 -41.05
CA ILE K 410 36.14 29.98 -40.60
C ILE K 410 35.76 29.10 -41.78
N LYS K 411 35.25 29.68 -42.87
CA LYS K 411 34.93 28.90 -44.05
C LYS K 411 36.18 28.25 -44.64
N LYS K 412 37.28 29.01 -44.74
CA LYS K 412 38.53 28.44 -45.23
C LYS K 412 39.07 27.39 -44.27
N ALA K 413 38.92 27.60 -42.96
CA ALA K 413 39.37 26.63 -41.98
C ALA K 413 38.64 25.31 -42.11
N LEU K 414 37.33 25.35 -42.31
CA LEU K 414 36.53 24.14 -42.31
C LEU K 414 36.36 23.49 -43.67
N GLY K 415 36.60 24.21 -44.77
CA GLY K 415 36.25 23.68 -46.07
C GLY K 415 34.78 23.88 -46.34
N ASN K 416 34.41 23.75 -47.61
CA ASN K 416 33.04 24.02 -48.00
C ASN K 416 32.06 22.99 -47.43
N HIS K 417 32.41 21.70 -47.51
CA HIS K 417 31.48 20.65 -47.12
C HIS K 417 31.14 20.71 -45.64
N ILE K 418 32.16 20.74 -44.79
CA ILE K 418 31.93 20.77 -43.35
C ILE K 418 31.21 22.04 -42.95
N TYR K 419 31.61 23.17 -43.52
CA TYR K 419 30.95 24.45 -43.24
C TYR K 419 29.45 24.37 -43.54
N ASN K 420 29.09 23.91 -44.74
CA ASN K 420 27.68 23.87 -45.12
C ASN K 420 26.90 22.87 -44.27
N GLN K 421 27.45 21.68 -44.05
CA GLN K 421 26.72 20.69 -43.24
C GLN K 421 26.54 21.17 -41.80
N PHE K 422 27.57 21.76 -41.21
CA PHE K 422 27.46 22.29 -39.86
C PHE K 422 26.39 23.37 -39.78
N ILE K 423 26.41 24.31 -40.72
CA ILE K 423 25.42 25.38 -40.68
C ILE K 423 24.02 24.83 -40.83
N ASN K 424 23.81 23.89 -41.76
CA ASN K 424 22.46 23.36 -41.97
C ASN K 424 21.96 22.61 -40.74
N SER K 425 22.79 21.72 -40.19
CA SER K 425 22.37 20.96 -39.02
C SER K 425 22.12 21.84 -37.82
N LYS K 426 22.98 22.83 -37.56
CA LYS K 426 22.76 23.71 -36.42
C LYS K 426 21.55 24.60 -36.63
N SER K 427 21.26 25.02 -37.86
CA SER K 427 20.05 25.79 -38.11
C SER K 427 18.81 24.95 -37.83
N ILE K 428 18.81 23.68 -38.26
CA ILE K 428 17.69 22.81 -37.95
C ILE K 428 17.54 22.62 -36.45
N GLU K 429 18.65 22.43 -35.76
CA GLU K 429 18.60 22.25 -34.31
C GLU K 429 18.05 23.48 -33.61
N TRP K 430 18.47 24.67 -34.03
CA TRP K 430 17.94 25.89 -33.43
C TRP K 430 16.45 26.05 -33.72
N ASP K 431 16.02 25.77 -34.94
CA ASP K 431 14.60 25.85 -35.25
C ASP K 431 13.78 24.87 -34.43
N TYR K 432 14.33 23.69 -34.15
CA TYR K 432 13.67 22.77 -33.22
C TYR K 432 13.60 23.37 -31.83
N TYR K 433 14.68 23.99 -31.35
CA TYR K 433 14.70 24.55 -30.01
C TYR K 433 13.82 25.79 -29.90
N ARG K 434 13.71 26.56 -30.98
CA ARG K 434 13.04 27.86 -30.93
C ARG K 434 11.56 27.73 -30.59
N THR K 435 10.92 26.63 -30.96
CA THR K 435 9.48 26.49 -30.87
C THR K 435 9.01 25.80 -29.59
N GLN K 436 9.92 25.43 -28.70
CA GLN K 436 9.54 24.71 -27.50
C GLN K 436 9.02 25.66 -26.43
N VAL K 437 8.13 25.14 -25.60
CA VAL K 437 7.60 25.86 -24.45
C VAL K 437 8.19 25.22 -23.20
N SER K 438 8.97 25.97 -22.45
CA SER K 438 9.70 25.47 -21.30
C SER K 438 8.85 25.57 -20.04
N GLU K 439 9.31 24.87 -18.99
CA GLU K 439 8.62 24.93 -17.70
C GLU K 439 8.76 26.31 -17.07
N TRP K 440 9.82 27.04 -17.38
CA TRP K 440 9.97 28.40 -16.87
C TRP K 440 8.83 29.28 -17.36
N GLU K 441 8.46 29.16 -18.63
CA GLU K 441 7.38 29.97 -19.17
C GLU K 441 6.06 29.64 -18.50
N ARG K 442 5.78 28.37 -18.26
CA ARG K 442 4.56 27.98 -17.59
C ARG K 442 4.56 28.35 -16.10
N ASP K 443 5.73 28.49 -15.50
CA ASP K 443 5.82 28.97 -14.12
C ASP K 443 5.62 30.47 -14.00
N GLN K 444 6.19 31.25 -14.92
CA GLN K 444 5.99 32.69 -14.87
C GLN K 444 4.60 33.09 -15.32
N TYR K 445 4.11 32.48 -16.38
CA TYR K 445 2.79 32.75 -16.94
C TYR K 445 1.85 31.63 -16.54
N MET K 446 0.65 31.60 -17.14
CA MET K 446 -0.34 30.54 -16.98
C MET K 446 -1.07 30.64 -15.64
N LYS K 447 -0.57 31.49 -14.74
CA LYS K 447 -1.32 31.84 -13.55
C LYS K 447 -1.37 33.35 -13.40
N GLN K 448 -0.37 34.03 -13.95
CA GLN K 448 -0.38 35.48 -14.00
C GLN K 448 -1.17 36.02 -15.19
N TYR K 449 -1.23 35.28 -16.28
CA TYR K 449 -1.99 35.69 -17.45
C TYR K 449 -3.04 34.64 -17.81
N PHE L 9 20.04 -61.43 -11.43
CA PHE L 9 20.69 -61.09 -10.17
C PHE L 9 20.31 -62.06 -9.08
N THR L 10 21.28 -62.37 -8.22
CA THR L 10 21.07 -63.26 -7.08
C THR L 10 21.25 -62.46 -5.78
N LYS L 11 21.05 -63.15 -4.65
CA LYS L 11 21.26 -62.51 -3.36
C LYS L 11 22.71 -62.06 -3.21
N GLU L 12 23.65 -62.90 -3.64
CA GLU L 12 25.06 -62.52 -3.58
C GLU L 12 25.36 -61.29 -4.41
N ASP L 13 24.74 -61.17 -5.59
CA ASP L 13 24.93 -59.97 -6.40
C ASP L 13 24.45 -58.72 -5.68
N ILE L 14 23.28 -58.80 -5.02
CA ILE L 14 22.76 -57.64 -4.30
C ILE L 14 23.65 -57.29 -3.12
N ARG L 15 24.12 -58.30 -2.37
CA ARG L 15 25.03 -58.01 -1.26
C ARG L 15 26.32 -57.36 -1.76
N LYS L 16 26.87 -57.88 -2.86
CA LYS L 16 28.07 -57.29 -3.44
C LYS L 16 27.83 -55.85 -3.87
N PHE L 17 26.69 -55.58 -4.50
CA PHE L 17 26.36 -54.23 -4.91
C PHE L 17 26.24 -53.30 -3.72
N ALA L 18 25.58 -53.75 -2.65
CA ALA L 18 25.43 -52.91 -1.46
C ALA L 18 26.78 -52.60 -0.83
N GLU L 19 27.68 -53.58 -0.77
CA GLU L 19 28.99 -53.31 -0.17
C GLU L 19 29.82 -52.41 -1.06
N GLU L 20 29.87 -52.68 -2.36
CA GLU L 20 30.80 -51.97 -3.24
C GLU L 20 30.28 -50.61 -3.68
N GLU L 21 28.98 -50.34 -3.52
CA GLU L 21 28.44 -49.03 -3.86
C GLU L 21 28.16 -48.19 -2.63
N ASN L 22 28.37 -48.73 -1.43
CA ASN L 22 28.12 -48.03 -0.18
C ASN L 22 26.67 -47.55 -0.10
N VAL L 23 25.76 -48.43 -0.48
CA VAL L 23 24.33 -48.16 -0.38
C VAL L 23 23.94 -48.15 1.09
N ARG L 24 23.28 -47.08 1.52
CA ARG L 24 22.87 -46.95 2.92
C ARG L 24 21.42 -47.29 3.17
N TYR L 25 20.53 -47.09 2.19
CA TYR L 25 19.11 -47.30 2.41
C TYR L 25 18.50 -48.01 1.22
N LEU L 26 17.47 -48.81 1.49
CA LEU L 26 16.75 -49.57 0.49
C LEU L 26 15.31 -49.09 0.43
N ARG L 27 14.82 -48.85 -0.77
CA ARG L 27 13.43 -48.48 -0.98
C ARG L 27 12.68 -49.65 -1.60
N LEU L 28 11.75 -50.23 -0.85
CA LEU L 28 10.92 -51.33 -1.32
C LEU L 28 9.61 -50.74 -1.83
N GLN L 29 9.46 -50.66 -3.15
CA GLN L 29 8.34 -49.96 -3.73
C GLN L 29 7.50 -50.90 -4.59
N PHE L 30 6.20 -50.66 -4.56
CA PHE L 30 5.22 -51.45 -5.28
C PHE L 30 4.09 -50.53 -5.70
N THR L 31 3.17 -51.07 -6.50
CA THR L 31 2.10 -50.29 -7.11
C THR L 31 0.74 -50.75 -6.59
N ASP L 32 -0.13 -49.80 -6.30
CA ASP L 32 -1.48 -50.09 -5.88
C ASP L 32 -2.39 -50.22 -7.10
N ILE L 33 -3.69 -50.35 -6.87
CA ILE L 33 -4.62 -50.57 -7.98
C ILE L 33 -4.77 -49.33 -8.86
N LEU L 34 -4.51 -48.14 -8.33
CA LEU L 34 -4.66 -46.92 -9.08
C LEU L 34 -3.41 -46.51 -9.84
N GLY L 35 -2.35 -47.32 -9.79
CA GLY L 35 -1.13 -47.00 -10.46
C GLY L 35 -0.16 -46.15 -9.67
N THR L 36 -0.50 -45.77 -8.43
CA THR L 36 0.38 -44.95 -7.61
C THR L 36 1.48 -45.81 -7.01
N ILE L 37 2.71 -45.31 -7.04
CA ILE L 37 3.83 -46.03 -6.45
C ILE L 37 3.81 -45.84 -4.94
N LYS L 38 3.92 -46.94 -4.21
CA LYS L 38 3.99 -46.93 -2.75
C LYS L 38 5.30 -47.55 -2.34
N ASN L 39 5.97 -46.96 -1.35
CA ASN L 39 7.27 -47.44 -0.91
C ASN L 39 7.47 -47.24 0.58
N VAL L 40 8.41 -48.01 1.13
CA VAL L 40 8.92 -47.83 2.47
C VAL L 40 10.43 -47.89 2.41
N GLU L 41 11.09 -46.99 3.12
CA GLU L 41 12.54 -46.91 3.12
C GLU L 41 13.11 -47.64 4.32
N VAL L 42 14.12 -48.46 4.09
CA VAL L 42 14.66 -49.37 5.09
C VAL L 42 16.18 -49.23 5.12
N PRO L 43 16.79 -49.16 6.30
CA PRO L 43 18.26 -49.11 6.35
C PRO L 43 18.87 -50.39 5.83
N VAL L 44 20.06 -50.26 5.25
CA VAL L 44 20.71 -51.41 4.63
C VAL L 44 21.07 -52.49 5.64
N SER L 45 21.03 -52.18 6.93
CA SER L 45 21.23 -53.20 7.96
C SER L 45 20.12 -54.23 8.00
N GLN L 46 18.98 -53.97 7.34
CA GLN L 46 17.90 -54.93 7.22
C GLN L 46 17.91 -55.63 5.86
N LEU L 47 19.06 -55.65 5.19
CA LEU L 47 19.15 -56.27 3.88
C LEU L 47 18.82 -57.75 3.93
N GLU L 48 19.31 -58.46 4.94
CA GLU L 48 19.02 -59.88 5.05
C GLU L 48 17.54 -60.13 5.28
N LYS L 49 16.88 -59.30 6.09
CA LYS L 49 15.44 -59.44 6.27
C LYS L 49 14.69 -59.16 4.97
N VAL L 50 15.15 -58.15 4.21
CA VAL L 50 14.51 -57.84 2.94
C VAL L 50 14.64 -58.99 1.96
N LEU L 51 15.84 -59.58 1.88
CA LEU L 51 16.08 -60.66 0.94
C LEU L 51 15.39 -61.95 1.34
N ASP L 52 14.98 -62.09 2.60
CA ASP L 52 14.25 -63.27 3.05
C ASP L 52 12.74 -63.11 2.92
N ASN L 53 12.28 -62.06 2.25
CA ASN L 53 10.85 -61.85 1.98
C ASN L 53 10.05 -61.76 3.27
N GLU L 54 10.64 -61.16 4.30
CA GLU L 54 10.01 -61.05 5.60
C GLU L 54 9.50 -59.64 5.90
N MET L 55 9.61 -58.72 4.95
CA MET L 55 9.12 -57.36 5.15
C MET L 55 7.60 -57.36 5.21
N MET L 56 7.03 -56.53 6.08
CA MET L 56 5.61 -56.49 6.33
C MET L 56 5.09 -55.07 6.19
N PHE L 57 3.86 -54.92 5.72
CA PHE L 57 3.17 -53.64 5.72
C PHE L 57 1.69 -53.89 5.99
N ASP L 58 0.92 -52.81 6.10
CA ASP L 58 -0.46 -52.92 6.55
C ASP L 58 -1.36 -53.49 5.47
N GLY L 59 -1.50 -52.79 4.35
CA GLY L 59 -2.38 -53.24 3.30
C GLY L 59 -3.77 -52.65 3.37
N SER L 60 -4.33 -52.55 4.58
CA SER L 60 -5.65 -51.95 4.73
C SER L 60 -5.63 -50.45 4.50
N SER L 61 -4.47 -49.82 4.52
CA SER L 61 -4.33 -48.40 4.27
C SER L 61 -4.04 -48.09 2.81
N ILE L 62 -4.03 -49.10 1.94
CA ILE L 62 -3.68 -48.94 0.54
C ILE L 62 -4.83 -49.44 -0.31
N GLU L 63 -5.19 -48.68 -1.34
CA GLU L 63 -6.27 -49.05 -2.26
C GLU L 63 -6.02 -50.40 -2.92
N ASP L 72 -2.42 -57.12 6.16
CA ASP L 72 -1.26 -57.85 6.66
C ASP L 72 -0.56 -58.61 5.54
N MET L 73 0.31 -57.92 4.81
CA MET L 73 0.92 -58.47 3.61
C MET L 73 2.44 -58.53 3.74
N TYR L 74 3.05 -59.21 2.78
CA TYR L 74 4.49 -59.41 2.72
C TYR L 74 5.03 -58.79 1.45
N LEU L 75 6.25 -58.28 1.52
CA LEU L 75 6.95 -57.74 0.36
C LEU L 75 7.99 -58.74 -0.12
N HIS L 76 7.90 -59.12 -1.39
CA HIS L 76 8.85 -60.05 -2.00
C HIS L 76 9.61 -59.32 -3.10
N PRO L 77 10.83 -58.87 -2.84
CA PRO L 77 11.55 -58.07 -3.84
C PRO L 77 11.86 -58.87 -5.09
N ASP L 78 11.80 -58.21 -6.24
CA ASP L 78 12.25 -58.77 -7.50
C ASP L 78 13.66 -58.28 -7.73
N LEU L 79 14.63 -59.17 -7.59
CA LEU L 79 16.03 -58.78 -7.54
C LEU L 79 16.55 -58.20 -8.85
N ASP L 80 15.90 -58.51 -9.97
CA ASP L 80 16.35 -57.96 -11.25
C ASP L 80 16.07 -56.47 -11.38
N THR L 81 15.22 -55.92 -10.50
CA THR L 81 14.84 -54.52 -10.55
C THR L 81 15.76 -53.62 -9.72
N TRP L 82 16.90 -54.13 -9.26
CA TRP L 82 17.83 -53.34 -8.48
C TRP L 82 18.35 -52.16 -9.29
N VAL L 83 18.32 -50.97 -8.68
CA VAL L 83 18.86 -49.77 -9.30
C VAL L 83 19.04 -48.72 -8.21
N ILE L 84 20.02 -47.85 -8.39
CA ILE L 84 20.39 -46.84 -7.41
C ILE L 84 19.93 -45.49 -7.91
N PHE L 85 19.24 -44.73 -7.05
CA PHE L 85 18.80 -43.39 -7.42
C PHE L 85 19.98 -42.43 -7.35
N PRO L 86 20.36 -41.79 -8.46
CA PRO L 86 21.51 -40.89 -8.43
C PRO L 86 21.18 -39.49 -7.95
N TRP L 87 20.43 -39.38 -6.85
CA TRP L 87 20.12 -38.07 -6.30
C TRP L 87 19.89 -38.16 -4.79
N GLY L 92 22.71 -39.86 2.15
CA GLY L 92 22.74 -41.31 2.11
C GLY L 92 22.25 -41.87 0.79
N LYS L 93 23.08 -42.70 0.16
CA LYS L 93 22.73 -43.30 -1.12
C LYS L 93 21.58 -44.27 -0.96
N VAL L 94 20.65 -44.24 -1.90
CA VAL L 94 19.42 -45.03 -1.84
C VAL L 94 19.33 -45.90 -3.09
N ALA L 95 19.08 -47.18 -2.90
CA ALA L 95 18.74 -48.11 -3.96
C ALA L 95 17.31 -48.59 -3.77
N ARG L 96 16.72 -49.10 -4.84
CA ARG L 96 15.33 -49.53 -4.82
C ARG L 96 15.20 -50.97 -5.29
N LEU L 97 14.15 -51.61 -4.82
CA LEU L 97 13.71 -52.91 -5.33
C LEU L 97 12.20 -52.88 -5.49
N ILE L 98 11.72 -53.35 -6.63
CA ILE L 98 10.29 -53.45 -6.90
C ILE L 98 9.82 -54.81 -6.40
N CYS L 99 8.84 -54.79 -5.51
CA CYS L 99 8.42 -55.97 -4.79
C CYS L 99 7.02 -56.40 -5.21
N ASP L 100 6.80 -57.71 -5.22
CA ASP L 100 5.46 -58.26 -5.33
C ASP L 100 4.85 -58.36 -3.93
N VAL L 101 3.53 -58.41 -3.88
CA VAL L 101 2.79 -58.46 -2.63
C VAL L 101 2.26 -59.87 -2.44
N TYR L 102 2.66 -60.51 -1.35
CA TYR L 102 2.23 -61.87 -1.02
C TYR L 102 1.39 -61.86 0.24
N LYS L 103 0.58 -62.90 0.39
CA LYS L 103 -0.23 -63.07 1.59
C LYS L 103 0.60 -63.78 2.67
N THR L 104 -0.04 -64.04 3.81
CA THR L 104 0.64 -64.70 4.91
C THR L 104 0.98 -66.16 4.62
N ASP L 105 0.33 -66.78 3.63
CA ASP L 105 0.54 -68.18 3.32
C ASP L 105 1.58 -68.40 2.23
N GLY L 106 2.28 -67.35 1.81
CA GLY L 106 3.29 -67.47 0.79
C GLY L 106 2.80 -67.42 -0.64
N THR L 107 1.52 -67.26 -0.85
CA THR L 107 1.00 -67.13 -2.21
C THR L 107 0.82 -65.66 -2.57
N PRO L 108 1.01 -65.31 -3.83
CA PRO L 108 0.87 -63.90 -4.22
C PRO L 108 -0.54 -63.39 -3.99
N PHE L 109 -0.64 -62.14 -3.56
CA PHE L 109 -1.93 -61.52 -3.32
C PHE L 109 -2.65 -61.30 -4.64
N GLU L 110 -3.91 -61.74 -4.71
CA GLU L 110 -4.65 -61.67 -5.95
C GLU L 110 -5.00 -60.25 -6.36
N GLY L 111 -4.89 -59.28 -5.47
CA GLY L 111 -5.14 -57.90 -5.77
C GLY L 111 -3.93 -57.09 -6.18
N ASP L 112 -2.78 -57.73 -6.37
CA ASP L 112 -1.57 -57.02 -6.76
C ASP L 112 -1.50 -56.95 -8.28
N PRO L 113 -1.48 -55.75 -8.88
CA PRO L 113 -1.47 -55.66 -10.35
C PRO L 113 -0.28 -56.32 -11.01
N ARG L 114 0.90 -56.28 -10.39
CA ARG L 114 2.11 -56.83 -11.00
C ARG L 114 2.08 -58.36 -11.05
N ALA L 115 1.71 -59.01 -9.95
CA ALA L 115 1.53 -60.45 -9.97
C ALA L 115 0.42 -60.87 -10.92
N ASN L 116 -0.62 -60.05 -11.08
CA ASN L 116 -1.66 -60.33 -12.05
C ASN L 116 -1.09 -60.39 -13.46
N LEU L 117 -0.25 -59.42 -13.82
CA LEU L 117 0.39 -59.44 -15.13
C LEU L 117 1.32 -60.63 -15.27
N LYS L 118 2.05 -60.98 -14.20
CA LYS L 118 2.91 -62.15 -14.27
C LYS L 118 2.11 -63.42 -14.55
N ARG L 119 0.97 -63.60 -13.89
CA ARG L 119 0.20 -64.81 -14.13
C ARG L 119 -0.53 -64.80 -15.46
N VAL L 120 -0.90 -63.62 -15.98
CA VAL L 120 -1.43 -63.55 -17.34
C VAL L 120 -0.36 -63.95 -18.35
N LEU L 121 0.88 -63.48 -18.15
CA LEU L 121 1.98 -63.91 -19.01
C LEU L 121 2.23 -65.40 -18.90
N LYS L 122 2.13 -65.95 -17.68
CA LYS L 122 2.30 -67.39 -17.51
C LYS L 122 1.24 -68.16 -18.28
N GLU L 123 -0.02 -67.70 -18.23
CA GLU L 123 -1.06 -68.32 -19.04
C GLU L 123 -0.81 -68.17 -20.53
N MET L 124 -0.27 -67.03 -20.96
CA MET L 124 0.06 -66.85 -22.37
C MET L 124 1.13 -67.84 -22.82
N GLU L 125 2.11 -68.11 -21.96
CA GLU L 125 3.19 -69.02 -22.32
C GLU L 125 2.69 -70.42 -22.64
N ASP L 126 1.51 -70.80 -22.15
CA ASP L 126 0.95 -72.10 -22.49
C ASP L 126 0.52 -72.19 -23.95
N LEU L 127 0.32 -71.04 -24.61
CA LEU L 127 -0.07 -71.02 -26.01
C LEU L 127 1.13 -71.10 -26.95
N GLY L 128 2.34 -71.18 -26.43
CA GLY L 128 3.54 -71.26 -27.24
C GLY L 128 4.31 -69.95 -27.34
N PHE L 129 3.70 -68.84 -26.97
CA PHE L 129 4.39 -67.56 -27.01
C PHE L 129 5.28 -67.40 -25.80
N THR L 130 6.54 -67.03 -26.04
CA THR L 130 7.54 -66.96 -24.98
C THR L 130 7.87 -65.54 -24.53
N ASP L 131 7.36 -64.53 -25.22
CA ASP L 131 7.73 -63.16 -24.88
C ASP L 131 6.63 -62.21 -25.32
N PHE L 132 6.52 -61.09 -24.62
CA PHE L 132 5.54 -60.05 -24.94
C PHE L 132 6.21 -58.71 -24.65
N ASN L 133 6.62 -58.02 -25.71
CA ASN L 133 7.34 -56.77 -25.57
C ASN L 133 6.38 -55.60 -25.58
N LEU L 134 6.75 -54.55 -24.84
CA LEU L 134 5.90 -53.36 -24.73
C LEU L 134 6.77 -52.12 -24.86
N GLY L 135 6.54 -51.34 -25.90
CA GLY L 135 7.19 -50.07 -26.05
C GLY L 135 6.24 -48.92 -25.78
N PRO L 136 6.37 -48.31 -24.62
CA PRO L 136 5.49 -47.18 -24.27
C PRO L 136 6.12 -45.84 -24.62
N GLU L 137 5.28 -44.82 -24.68
CA GLU L 137 5.71 -43.45 -24.94
C GLU L 137 4.77 -42.48 -24.25
N PRO L 138 4.93 -42.32 -22.93
CA PRO L 138 4.10 -41.35 -22.20
C PRO L 138 4.55 -39.92 -22.47
N GLU L 139 3.60 -39.01 -22.30
CA GLU L 139 3.83 -37.58 -22.47
C GLU L 139 3.39 -36.87 -21.19
N PHE L 140 4.02 -35.74 -20.92
CA PHE L 140 3.74 -35.01 -19.68
C PHE L 140 3.77 -33.52 -19.95
N PHE L 141 3.08 -32.77 -19.09
CA PHE L 141 3.14 -31.32 -19.09
C PHE L 141 4.04 -30.84 -17.96
N LEU L 142 4.57 -29.64 -18.13
CA LEU L 142 5.35 -28.98 -17.09
C LEU L 142 4.67 -27.67 -16.72
N PHE L 143 4.39 -27.48 -15.45
CA PHE L 143 3.75 -26.29 -14.94
C PHE L 143 4.69 -25.56 -13.98
N LYS L 144 4.63 -24.23 -14.02
CA LYS L 144 5.45 -23.43 -13.13
C LYS L 144 4.95 -23.53 -11.69
N LEU L 145 5.89 -23.46 -10.75
CA LEU L 145 5.57 -23.43 -9.33
C LEU L 145 5.53 -22.00 -8.84
N ASP L 146 4.75 -21.78 -7.79
CA ASP L 146 4.70 -20.46 -7.16
C ASP L 146 5.78 -20.38 -6.08
N GLU L 147 5.81 -19.27 -5.34
CA GLU L 147 6.78 -19.11 -4.26
C GLU L 147 6.54 -20.08 -3.11
N LYS L 148 5.31 -20.53 -2.92
CA LYS L 148 5.01 -21.47 -1.84
C LYS L 148 5.30 -22.91 -2.23
N GLY L 149 5.67 -23.17 -3.47
CA GLY L 149 5.92 -24.51 -3.93
C GLY L 149 4.73 -25.24 -4.51
N GLU L 150 3.63 -24.56 -4.75
CA GLU L 150 2.45 -25.19 -5.32
C GLU L 150 2.42 -24.97 -6.82
N PRO L 151 1.93 -25.95 -7.58
CA PRO L 151 1.80 -25.75 -9.03
C PRO L 151 0.78 -24.68 -9.36
N THR L 152 1.07 -23.94 -10.42
CA THR L 152 0.14 -22.94 -10.96
C THR L 152 -0.49 -23.50 -12.22
N LEU L 153 -1.25 -22.66 -12.93
CA LEU L 153 -1.92 -23.07 -14.15
C LEU L 153 -1.19 -22.61 -15.41
N GLU L 154 -0.03 -21.99 -15.28
CA GLU L 154 0.72 -21.50 -16.42
C GLU L 154 1.80 -22.50 -16.81
N LEU L 155 1.85 -22.82 -18.10
CA LEU L 155 2.79 -23.80 -18.63
C LEU L 155 4.20 -23.23 -18.64
N ASN L 156 5.18 -24.13 -18.71
CA ASN L 156 6.58 -23.70 -18.65
C ASN L 156 6.99 -22.89 -19.87
N ASP L 157 6.32 -23.09 -21.00
CA ASP L 157 6.64 -22.33 -22.20
C ASP L 157 5.41 -22.29 -23.10
N ASP L 158 5.60 -21.82 -24.33
CA ASP L 158 4.55 -21.72 -25.34
C ASP L 158 5.02 -22.35 -26.63
N GLY L 159 5.87 -23.37 -26.53
CA GLY L 159 6.43 -24.00 -27.69
C GLY L 159 5.49 -24.99 -28.36
N GLY L 160 5.90 -25.46 -29.53
CA GLY L 160 5.12 -26.41 -30.28
C GLY L 160 5.89 -27.68 -30.57
N TYR L 161 5.47 -28.40 -31.61
CA TYR L 161 6.07 -29.68 -31.93
C TYR L 161 7.47 -29.49 -32.49
N PHE L 162 8.44 -30.21 -31.90
CA PHE L 162 9.84 -30.20 -32.35
C PHE L 162 10.45 -28.81 -32.29
N ASP L 163 9.97 -27.98 -31.37
CA ASP L 163 10.48 -26.63 -31.21
C ASP L 163 11.76 -26.64 -30.39
N LEU L 164 12.57 -25.61 -30.55
CA LEU L 164 13.82 -25.48 -29.82
C LEU L 164 13.85 -24.18 -29.03
N ALA L 165 14.85 -24.07 -28.16
CA ALA L 165 14.98 -22.91 -27.30
C ALA L 165 15.34 -21.67 -28.13
N PRO L 166 14.95 -20.46 -27.68
CA PRO L 166 14.23 -20.18 -26.43
C PRO L 166 12.72 -20.34 -26.52
N THR L 167 12.20 -20.75 -27.68
CA THR L 167 10.80 -21.12 -27.78
C THR L 167 10.47 -22.34 -26.94
N ASP L 168 11.33 -23.35 -26.96
CA ASP L 168 11.23 -24.51 -26.08
C ASP L 168 12.04 -24.23 -24.83
N LEU L 169 11.37 -23.82 -23.76
CA LEU L 169 12.04 -23.53 -22.50
C LEU L 169 12.18 -24.76 -21.61
N GLY L 170 11.69 -25.91 -22.02
CA GLY L 170 11.83 -27.12 -21.24
C GLY L 170 13.03 -27.94 -21.64
N GLU L 171 13.93 -27.34 -22.42
CA GLU L 171 15.08 -28.05 -22.93
C GLU L 171 16.00 -28.52 -21.81
N ASN L 172 16.27 -27.65 -20.83
CA ASN L 172 17.19 -28.02 -19.76
C ASN L 172 16.60 -29.06 -18.82
N CYS L 173 15.33 -28.90 -18.44
CA CYS L 173 14.69 -29.90 -17.58
C CYS L 173 14.62 -31.25 -18.28
N ARG L 174 14.26 -31.26 -19.55
CA ARG L 174 14.22 -32.49 -20.32
C ARG L 174 15.60 -33.12 -20.45
N ARG L 175 16.64 -32.31 -20.66
CA ARG L 175 18.00 -32.83 -20.71
C ARG L 175 18.41 -33.45 -19.37
N ASP L 176 18.09 -32.79 -18.26
CA ASP L 176 18.40 -33.37 -16.96
C ASP L 176 17.64 -34.66 -16.71
N ILE L 177 16.38 -34.74 -17.13
CA ILE L 177 15.64 -36.00 -17.00
C ILE L 177 16.32 -37.10 -17.81
N VAL L 178 16.71 -36.79 -19.05
CA VAL L 178 17.37 -37.79 -19.88
C VAL L 178 18.70 -38.23 -19.27
N LEU L 179 19.47 -37.27 -18.75
CA LEU L 179 20.73 -37.59 -18.09
C LEU L 179 20.53 -38.48 -16.88
N GLU L 180 19.52 -38.19 -16.06
CA GLU L 180 19.30 -38.99 -14.86
C GLU L 180 18.76 -40.37 -15.19
N LEU L 181 17.93 -40.49 -16.22
CA LEU L 181 17.43 -41.79 -16.64
C LEU L 181 18.53 -42.67 -17.22
N GLU L 182 19.49 -42.09 -17.93
CA GLU L 182 20.58 -42.89 -18.49
C GLU L 182 21.50 -43.43 -17.41
N ASP L 183 21.68 -42.70 -16.31
CA ASP L 183 22.44 -43.23 -15.19
C ASP L 183 21.73 -44.40 -14.54
N MET L 184 20.42 -44.51 -14.72
CA MET L 184 19.63 -45.57 -14.11
C MET L 184 19.44 -46.76 -15.01
N GLY L 185 20.08 -46.78 -16.18
CA GLY L 185 20.00 -47.93 -17.04
C GLY L 185 18.94 -47.88 -18.12
N PHE L 186 18.30 -46.73 -18.32
CA PHE L 186 17.36 -46.61 -19.43
C PHE L 186 18.10 -46.52 -20.75
N ASP L 187 17.42 -46.95 -21.81
CA ASP L 187 17.91 -46.80 -23.17
C ASP L 187 17.04 -45.74 -23.84
N ILE L 188 17.43 -44.48 -23.68
CA ILE L 188 16.67 -43.36 -24.21
C ILE L 188 16.85 -43.30 -25.72
N GLU L 189 15.75 -43.06 -26.44
CA GLU L 189 15.77 -43.01 -27.89
C GLU L 189 15.65 -41.58 -28.44
N ALA L 190 14.75 -40.78 -27.88
CA ALA L 190 14.55 -39.43 -28.39
C ALA L 190 13.87 -38.59 -27.30
N SER L 191 14.04 -37.27 -27.42
CA SER L 191 13.36 -36.32 -26.55
C SER L 191 13.08 -35.07 -27.36
N HIS L 192 11.87 -34.54 -27.22
CA HIS L 192 11.47 -33.39 -28.01
C HIS L 192 10.27 -32.72 -27.36
N HIS L 193 10.03 -31.48 -27.76
CA HIS L 193 8.80 -30.79 -27.38
C HIS L 193 7.62 -31.41 -28.11
N GLU L 194 6.48 -31.41 -27.45
CA GLU L 194 5.26 -32.01 -27.99
C GLU L 194 4.35 -30.92 -28.52
N VAL L 195 3.20 -31.34 -29.06
CA VAL L 195 2.32 -30.43 -29.80
C VAL L 195 1.81 -29.32 -28.90
N ALA L 196 1.30 -29.67 -27.73
CA ALA L 196 0.71 -28.69 -26.85
C ALA L 196 1.80 -27.82 -26.22
N PRO L 197 1.48 -26.58 -25.87
CA PRO L 197 2.46 -25.76 -25.12
C PRO L 197 2.76 -26.40 -23.77
N GLY L 198 4.04 -26.42 -23.43
CA GLY L 198 4.45 -27.03 -22.18
C GLY L 198 4.40 -28.53 -22.14
N GLN L 199 4.17 -29.18 -23.27
CA GLN L 199 4.06 -30.64 -23.33
C GLN L 199 5.35 -31.23 -23.89
N HIS L 200 5.82 -32.32 -23.27
CA HIS L 200 7.11 -32.89 -23.60
C HIS L 200 7.00 -34.40 -23.71
N GLU L 201 7.93 -34.99 -24.47
CA GLU L 201 7.97 -36.43 -24.64
C GLU L 201 9.41 -36.89 -24.62
N ILE L 202 9.69 -37.93 -23.83
CA ILE L 202 10.98 -38.62 -23.82
C ILE L 202 10.70 -40.09 -24.12
N ASP L 203 11.40 -40.63 -25.12
CA ASP L 203 11.15 -41.97 -25.61
C ASP L 203 12.26 -42.90 -25.17
N PHE L 204 11.89 -44.08 -24.68
CA PHE L 204 12.82 -45.15 -24.37
C PHE L 204 12.35 -46.42 -25.05
N LYS L 205 13.31 -47.29 -25.38
CA LYS L 205 13.02 -48.45 -26.20
C LYS L 205 12.23 -49.49 -25.43
N TYR L 206 11.70 -50.46 -26.17
CA TYR L 206 10.83 -51.48 -25.60
C TYR L 206 11.62 -52.40 -24.68
N ALA L 207 10.89 -53.16 -23.88
CA ALA L 207 11.45 -54.19 -23.03
C ALA L 207 10.38 -55.26 -22.84
N ASP L 208 10.67 -56.26 -22.01
CA ASP L 208 9.67 -57.25 -21.70
C ASP L 208 8.53 -56.60 -20.91
N ALA L 209 7.38 -57.28 -20.90
CA ALA L 209 6.16 -56.67 -20.39
C ALA L 209 6.33 -56.17 -18.96
N VAL L 210 6.81 -57.03 -18.06
CA VAL L 210 6.95 -56.64 -16.67
C VAL L 210 7.97 -55.52 -16.51
N THR L 211 9.14 -55.65 -17.13
CA THR L 211 10.15 -54.61 -17.00
C THR L 211 9.75 -53.34 -17.75
N ALA L 212 8.92 -53.45 -18.78
CA ALA L 212 8.41 -52.24 -19.42
C ALA L 212 7.43 -51.49 -18.51
N CYS L 213 6.56 -52.22 -17.81
CA CYS L 213 5.70 -51.55 -16.84
C CYS L 213 6.51 -50.94 -15.70
N ASP L 214 7.54 -51.65 -15.23
CA ASP L 214 8.46 -51.08 -14.26
C ASP L 214 9.15 -49.84 -14.80
N ASN L 215 9.51 -49.84 -16.09
CA ASN L 215 10.11 -48.66 -16.71
C ASN L 215 9.15 -47.49 -16.69
N ILE L 216 7.87 -47.73 -16.98
CA ILE L 216 6.90 -46.65 -16.94
C ILE L 216 6.79 -46.09 -15.53
N GLN L 217 6.68 -46.97 -14.53
CA GLN L 217 6.55 -46.52 -13.16
C GLN L 217 7.77 -45.72 -12.71
N THR L 218 8.96 -46.19 -13.05
CA THR L 218 10.19 -45.47 -12.69
C THR L 218 10.31 -44.16 -13.45
N PHE L 219 9.93 -44.16 -14.72
CA PHE L 219 9.99 -42.96 -15.55
C PHE L 219 9.14 -41.86 -14.97
N LYS L 220 7.93 -42.17 -14.53
CA LYS L 220 7.06 -41.13 -13.98
C LYS L 220 7.68 -40.48 -12.75
N LEU L 221 8.20 -41.29 -11.82
CA LEU L 221 8.76 -40.72 -10.61
C LEU L 221 10.06 -39.96 -10.87
N VAL L 222 10.89 -40.45 -11.80
CA VAL L 222 12.10 -39.72 -12.13
C VAL L 222 11.76 -38.37 -12.77
N VAL L 223 10.79 -38.37 -13.69
CA VAL L 223 10.38 -37.12 -14.32
C VAL L 223 9.85 -36.14 -13.28
N LYS L 224 9.01 -36.60 -12.38
CA LYS L 224 8.47 -35.71 -11.36
C LYS L 224 9.53 -35.17 -10.42
N THR L 225 10.47 -36.01 -9.97
CA THR L 225 11.54 -35.54 -9.10
C THR L 225 12.43 -34.52 -9.80
N ILE L 226 12.88 -34.81 -11.01
CA ILE L 226 13.77 -33.88 -11.70
C ILE L 226 13.04 -32.60 -12.06
N ALA L 227 11.75 -32.67 -12.42
CA ALA L 227 11.00 -31.44 -12.66
C ALA L 227 10.89 -30.61 -11.40
N ARG L 228 10.66 -31.24 -10.25
CA ARG L 228 10.66 -30.50 -9.01
C ARG L 228 12.00 -29.84 -8.75
N LYS L 229 13.09 -30.49 -9.14
CA LYS L 229 14.41 -29.87 -8.99
C LYS L 229 14.57 -28.62 -9.84
N HIS L 230 13.76 -28.46 -10.89
CA HIS L 230 13.86 -27.31 -11.78
C HIS L 230 12.76 -26.27 -11.51
N ASN L 231 12.19 -26.28 -10.32
CA ASN L 231 11.10 -25.37 -9.96
C ASN L 231 9.91 -25.52 -10.90
N LEU L 232 9.64 -26.76 -11.31
CA LEU L 232 8.53 -27.07 -12.20
C LEU L 232 7.74 -28.23 -11.63
N HIS L 233 6.48 -28.31 -12.03
CA HIS L 233 5.59 -29.41 -11.63
C HIS L 233 5.29 -30.26 -12.85
N ALA L 234 5.64 -31.53 -12.79
CA ALA L 234 5.34 -32.47 -13.87
C ALA L 234 4.05 -33.22 -13.55
N THR L 235 3.16 -33.26 -14.52
CA THR L 235 1.90 -33.98 -14.36
C THR L 235 1.67 -34.88 -15.57
N PHE L 236 1.16 -36.08 -15.31
CA PHE L 236 0.74 -36.99 -16.36
C PHE L 236 -0.77 -37.02 -16.49
N MET L 237 -1.44 -35.96 -16.04
CA MET L 237 -2.87 -35.82 -16.23
C MET L 237 -3.19 -35.81 -17.72
N PRO L 238 -4.17 -36.59 -18.18
CA PRO L 238 -4.43 -36.69 -19.62
C PRO L 238 -4.76 -35.37 -20.29
N LYS L 239 -5.71 -34.62 -19.74
CA LYS L 239 -6.16 -33.36 -20.33
C LYS L 239 -6.17 -32.28 -19.26
N PRO L 240 -5.01 -31.73 -18.91
CA PRO L 240 -4.97 -30.68 -17.87
C PRO L 240 -5.67 -29.39 -18.25
N LEU L 241 -5.72 -29.03 -19.53
CA LEU L 241 -6.30 -27.76 -19.96
C LEU L 241 -7.20 -27.96 -21.16
N PHE L 242 -8.31 -27.23 -21.18
CA PHE L 242 -9.23 -27.28 -22.31
C PHE L 242 -8.63 -26.58 -23.53
N GLY L 243 -8.99 -27.06 -24.71
CA GLY L 243 -8.56 -26.45 -25.95
C GLY L 243 -7.11 -26.71 -26.32
N VAL L 244 -6.47 -27.64 -25.63
CA VAL L 244 -5.05 -27.94 -25.82
C VAL L 244 -4.90 -29.44 -25.92
N ASN L 245 -3.94 -29.87 -26.74
CA ASN L 245 -3.70 -31.30 -26.95
C ASN L 245 -3.46 -32.01 -25.63
N GLY L 246 -3.98 -33.23 -25.52
CA GLY L 246 -3.80 -34.05 -24.34
C GLY L 246 -2.58 -34.95 -24.44
N SER L 247 -2.35 -35.70 -23.37
CA SER L 247 -1.19 -36.58 -23.25
C SER L 247 -1.64 -38.03 -23.44
N GLY L 248 -0.90 -38.77 -24.27
CA GLY L 248 -1.17 -40.17 -24.50
C GLY L 248 0.00 -41.04 -24.09
N MET L 249 -0.26 -42.33 -23.97
CA MET L 249 0.75 -43.32 -23.59
C MET L 249 0.59 -44.52 -24.53
N HIS L 250 0.69 -44.27 -25.83
CA HIS L 250 0.60 -45.32 -26.83
C HIS L 250 1.38 -46.57 -26.43
N PHE L 251 0.76 -47.73 -26.61
CA PHE L 251 1.36 -49.01 -26.26
C PHE L 251 1.74 -49.75 -27.54
N ASN L 252 3.03 -49.91 -27.77
CA ASN L 252 3.54 -50.73 -28.86
C ASN L 252 3.80 -52.14 -28.34
N VAL L 253 3.15 -53.13 -28.93
CA VAL L 253 3.19 -54.50 -28.43
C VAL L 253 3.54 -55.45 -29.57
N SER L 254 4.35 -56.47 -29.25
CA SER L 254 4.70 -57.50 -30.21
C SER L 254 4.93 -58.81 -29.47
N LEU L 255 4.55 -59.92 -30.12
CA LEU L 255 4.66 -61.25 -29.55
C LEU L 255 5.84 -61.99 -30.17
N PHE L 256 6.54 -62.78 -29.37
CA PHE L 256 7.69 -63.54 -29.80
C PHE L 256 7.56 -65.00 -29.39
N LYS L 257 7.66 -65.91 -30.35
CA LYS L 257 7.74 -67.34 -30.08
C LYS L 257 9.21 -67.75 -30.03
N GLY L 258 10.01 -66.98 -29.29
CA GLY L 258 11.39 -67.34 -29.06
C GLY L 258 12.33 -66.75 -30.08
N LYS L 259 13.03 -65.68 -29.72
CA LYS L 259 14.06 -65.06 -30.56
C LYS L 259 13.53 -64.77 -31.97
N GLU L 260 12.20 -64.68 -32.12
CA GLU L 260 11.62 -64.44 -33.44
C GLU L 260 10.23 -63.84 -33.24
N ASN L 261 9.90 -62.84 -34.05
CA ASN L 261 8.64 -62.12 -33.92
C ASN L 261 7.52 -62.95 -34.54
N ALA L 262 6.43 -63.13 -33.80
CA ALA L 262 5.29 -63.88 -34.29
C ALA L 262 4.36 -63.05 -35.15
N PHE L 263 4.62 -61.76 -35.30
CA PHE L 263 3.78 -60.90 -36.12
C PHE L 263 4.32 -60.69 -37.52
N PHE L 264 5.56 -61.08 -37.79
CA PHE L 264 6.24 -60.77 -39.04
C PHE L 264 6.17 -61.95 -39.99
N ASP L 265 5.65 -61.72 -41.19
CA ASP L 265 5.58 -62.74 -42.24
C ASP L 265 6.54 -62.37 -43.36
N PRO L 266 7.63 -63.12 -43.56
CA PRO L 266 8.62 -62.75 -44.57
C PRO L 266 8.21 -63.06 -46.00
N ASN L 267 7.02 -63.61 -46.22
CA ASN L 267 6.57 -63.98 -47.56
C ASN L 267 5.52 -63.03 -48.11
N THR L 268 4.51 -62.70 -47.31
CA THR L 268 3.46 -61.79 -47.77
C THR L 268 4.02 -60.39 -47.97
N GLU L 269 3.49 -59.69 -48.98
CA GLU L 269 3.92 -58.32 -49.24
C GLU L 269 3.59 -57.40 -48.08
N MET L 270 2.42 -57.55 -47.47
CA MET L 270 2.08 -56.77 -46.29
C MET L 270 3.03 -57.08 -45.14
N GLY L 271 3.39 -58.35 -44.98
CA GLY L 271 4.35 -58.75 -43.98
C GLY L 271 3.78 -59.04 -42.61
N LEU L 272 2.50 -59.37 -42.51
CA LEU L 272 1.85 -59.67 -41.24
C LEU L 272 1.36 -61.11 -41.24
N THR L 273 1.64 -61.83 -40.17
CA THR L 273 1.21 -63.21 -40.06
C THR L 273 -0.29 -63.26 -39.73
N GLU L 274 -0.86 -64.46 -39.78
CA GLU L 274 -2.23 -64.64 -39.34
C GLU L 274 -2.37 -64.37 -37.85
N THR L 275 -1.32 -64.66 -37.08
CA THR L 275 -1.35 -64.36 -35.64
C THR L 275 -1.46 -62.86 -35.40
N ALA L 276 -0.75 -62.05 -36.18
CA ALA L 276 -0.85 -60.60 -36.03
C ALA L 276 -2.25 -60.11 -36.34
N TYR L 277 -2.88 -60.64 -37.38
CA TYR L 277 -4.24 -60.27 -37.71
C TYR L 277 -5.23 -60.69 -36.65
N GLN L 278 -5.10 -61.90 -36.11
CA GLN L 278 -5.99 -62.34 -35.04
C GLN L 278 -5.81 -61.51 -33.77
N PHE L 279 -4.58 -61.13 -33.44
CA PHE L 279 -4.36 -60.27 -32.28
C PHE L 279 -5.07 -58.93 -32.45
N THR L 280 -4.94 -58.32 -33.63
CA THR L 280 -5.65 -57.07 -33.91
C THR L 280 -7.15 -57.25 -33.85
N ALA L 281 -7.66 -58.37 -34.37
CA ALA L 281 -9.08 -58.64 -34.32
C ALA L 281 -9.57 -58.72 -32.88
N GLY L 282 -8.82 -59.43 -32.03
CA GLY L 282 -9.20 -59.53 -30.63
C GLY L 282 -9.17 -58.20 -29.91
N VAL L 283 -8.12 -57.40 -30.14
CA VAL L 283 -8.03 -56.10 -29.48
C VAL L 283 -9.17 -55.19 -29.93
N LEU L 284 -9.48 -55.20 -31.23
CA LEU L 284 -10.58 -54.39 -31.73
C LEU L 284 -11.91 -54.86 -31.15
N LYS L 285 -12.12 -56.17 -31.07
CA LYS L 285 -13.36 -56.72 -30.55
C LYS L 285 -13.55 -56.43 -29.07
N ASN L 286 -12.47 -56.40 -28.29
CA ASN L 286 -12.57 -56.16 -26.86
C ASN L 286 -12.17 -54.74 -26.46
N ALA L 287 -12.00 -53.82 -27.41
CA ALA L 287 -11.54 -52.48 -27.09
C ALA L 287 -12.52 -51.73 -26.20
N ARG L 288 -13.82 -51.86 -26.43
CA ARG L 288 -14.81 -51.19 -25.58
C ARG L 288 -14.73 -51.69 -24.14
N GLY L 289 -14.32 -52.95 -23.95
CA GLY L 289 -14.31 -53.52 -22.62
C GLY L 289 -13.21 -53.02 -21.72
N PHE L 290 -12.01 -52.77 -22.26
CA PHE L 290 -10.88 -52.38 -21.44
C PHE L 290 -10.60 -50.89 -21.48
N THR L 291 -11.52 -50.10 -22.02
CA THR L 291 -11.31 -48.66 -22.09
C THR L 291 -11.22 -48.05 -20.69
N ALA L 292 -12.05 -48.52 -19.77
CA ALA L 292 -12.02 -47.98 -18.41
C ALA L 292 -10.67 -48.20 -17.74
N VAL L 293 -10.06 -49.37 -17.94
CA VAL L 293 -8.74 -49.62 -17.36
C VAL L 293 -7.68 -48.76 -18.03
N CYS L 294 -7.73 -48.65 -19.36
CA CYS L 294 -6.73 -47.86 -20.07
C CYS L 294 -6.98 -46.35 -19.93
N ASN L 295 -8.19 -45.93 -19.59
CA ASN L 295 -8.53 -44.53 -19.38
C ASN L 295 -9.28 -44.44 -18.06
N PRO L 296 -8.56 -44.50 -16.93
CA PRO L 296 -9.22 -44.65 -15.63
C PRO L 296 -9.76 -43.40 -15.00
N LEU L 297 -9.41 -42.21 -15.49
CA LEU L 297 -9.81 -40.97 -14.85
C LEU L 297 -11.08 -40.42 -15.51
N VAL L 298 -11.77 -39.56 -14.76
CA VAL L 298 -12.83 -38.76 -15.36
C VAL L 298 -12.25 -37.83 -16.41
N ASN L 299 -11.08 -37.25 -16.14
CA ASN L 299 -10.41 -36.40 -17.10
C ASN L 299 -9.98 -37.12 -18.35
N SER L 300 -9.83 -38.45 -18.30
CA SER L 300 -9.36 -39.20 -19.45
C SER L 300 -10.27 -39.07 -20.66
N TYR L 301 -11.56 -38.83 -20.44
CA TYR L 301 -12.53 -38.77 -21.53
C TYR L 301 -12.74 -37.35 -22.02
N LYS L 302 -12.10 -36.36 -21.40
CA LYS L 302 -11.97 -35.05 -22.01
C LYS L 302 -10.87 -35.03 -23.07
N ARG L 303 -9.93 -35.96 -23.00
CA ARG L 303 -8.96 -36.13 -24.07
C ARG L 303 -9.57 -36.86 -25.26
N LEU L 304 -10.43 -37.84 -25.01
CA LEU L 304 -11.04 -38.61 -26.08
C LEU L 304 -12.16 -37.83 -26.74
N VAL L 305 -11.83 -36.70 -27.36
CA VAL L 305 -12.79 -35.88 -28.08
C VAL L 305 -12.23 -35.63 -29.47
N PRO L 306 -13.07 -35.44 -30.49
CA PRO L 306 -12.55 -35.27 -31.85
C PRO L 306 -11.77 -33.98 -32.02
N GLY L 307 -10.77 -34.03 -32.89
CA GLY L 307 -10.03 -32.86 -33.28
C GLY L 307 -8.74 -32.58 -32.53
N TYR L 308 -8.24 -33.54 -31.75
CA TYR L 308 -7.04 -33.31 -30.95
C TYR L 308 -6.10 -34.50 -31.02
N GLU L 309 -6.04 -35.16 -32.18
CA GLU L 309 -5.13 -36.27 -32.44
C GLU L 309 -5.36 -37.46 -31.51
N ALA L 310 -6.50 -37.53 -30.84
CA ALA L 310 -6.76 -38.64 -29.95
C ALA L 310 -7.72 -39.64 -30.59
N PRO L 311 -7.52 -40.93 -30.39
CA PRO L 311 -8.39 -41.92 -31.01
C PRO L 311 -9.71 -42.06 -30.27
N CYS L 312 -10.79 -42.09 -31.03
CA CYS L 312 -12.10 -42.34 -30.47
C CYS L 312 -12.95 -43.29 -31.30
N TYR L 313 -12.43 -43.83 -32.40
CA TYR L 313 -13.16 -44.78 -33.22
C TYR L 313 -12.39 -46.09 -33.26
N ILE L 314 -13.11 -47.20 -33.07
CA ILE L 314 -12.51 -48.52 -32.97
C ILE L 314 -12.28 -49.03 -34.39
N ALA L 315 -11.07 -48.85 -34.89
CA ALA L 315 -10.68 -49.34 -36.21
C ALA L 315 -9.17 -49.45 -36.25
N TRP L 316 -8.66 -50.15 -37.25
CA TRP L 316 -7.23 -50.33 -37.43
C TRP L 316 -6.83 -49.91 -38.83
N SER L 317 -5.56 -49.52 -38.96
CA SER L 317 -5.03 -49.14 -40.25
C SER L 317 -3.52 -49.31 -40.24
N GLY L 318 -2.96 -49.59 -41.42
CA GLY L 318 -1.53 -49.67 -41.57
C GLY L 318 -0.94 -48.39 -42.11
N LYS L 319 -1.72 -47.68 -42.93
CA LYS L 319 -1.31 -46.40 -43.52
C LYS L 319 -2.38 -45.38 -43.19
N ASN L 320 -2.30 -44.81 -41.99
CA ASN L 320 -3.19 -43.76 -41.52
C ASN L 320 -2.69 -43.30 -40.16
N ARG L 321 -3.13 -42.12 -39.75
CA ARG L 321 -2.57 -41.53 -38.54
C ARG L 321 -3.37 -41.88 -37.30
N SER L 322 -4.69 -41.72 -37.33
CA SER L 322 -5.51 -41.77 -36.12
C SER L 322 -6.68 -42.75 -36.25
N PRO L 323 -6.41 -44.05 -36.38
CA PRO L 323 -7.40 -45.05 -35.95
C PRO L 323 -7.07 -45.49 -34.53
N LEU L 324 -7.89 -46.37 -33.95
CA LEU L 324 -7.61 -46.85 -32.60
C LEU L 324 -6.33 -47.68 -32.57
N ILE L 325 -6.12 -48.53 -33.57
CA ILE L 325 -4.93 -49.36 -33.69
C ILE L 325 -4.17 -48.92 -34.93
N ARG L 326 -2.88 -48.67 -34.77
CA ARG L 326 -2.00 -48.35 -35.89
C ARG L 326 -0.93 -49.42 -35.98
N VAL L 327 -0.72 -49.94 -37.18
CA VAL L 327 0.36 -50.90 -37.44
C VAL L 327 1.48 -50.14 -38.16
N PRO L 328 2.61 -49.90 -37.51
CA PRO L 328 3.68 -49.14 -38.16
C PRO L 328 4.25 -49.88 -39.35
N SER L 329 4.81 -49.10 -40.28
CA SER L 329 5.33 -49.62 -41.52
C SER L 329 6.59 -50.47 -41.34
N SER L 330 7.29 -50.34 -40.22
CA SER L 330 8.50 -51.11 -40.01
C SER L 330 8.18 -52.60 -39.91
N ARG L 331 9.08 -53.42 -40.42
CA ARG L 331 8.88 -54.87 -40.39
C ARG L 331 10.12 -55.56 -39.82
N GLY L 332 10.16 -56.88 -39.91
CA GLY L 332 11.25 -57.64 -39.33
C GLY L 332 10.97 -57.94 -37.88
N LEU L 333 11.99 -57.82 -37.04
CA LEU L 333 11.81 -58.04 -35.61
C LEU L 333 11.10 -56.90 -34.91
N SER L 334 10.92 -55.77 -35.59
CA SER L 334 10.27 -54.59 -35.00
C SER L 334 8.82 -54.46 -35.43
N THR L 335 8.22 -55.53 -35.92
CA THR L 335 6.81 -55.53 -36.31
C THR L 335 5.96 -55.46 -35.04
N ARG L 336 5.17 -54.40 -34.91
CA ARG L 336 4.43 -54.16 -33.69
C ARG L 336 3.03 -53.66 -34.02
N ILE L 337 2.18 -53.65 -32.99
CA ILE L 337 0.82 -53.11 -33.06
C ILE L 337 0.71 -52.02 -32.02
N GLU L 338 0.25 -50.85 -32.43
CA GLU L 338 0.21 -49.67 -31.56
C GLU L 338 -1.23 -49.41 -31.14
N VAL L 339 -1.51 -49.59 -29.85
CA VAL L 339 -2.80 -49.20 -29.29
C VAL L 339 -2.69 -47.79 -28.75
N ARG L 340 -3.52 -46.89 -29.25
CA ARG L 340 -3.32 -45.46 -29.07
C ARG L 340 -4.27 -44.83 -28.04
N SER L 341 -5.15 -45.60 -27.42
CA SER L 341 -6.11 -45.03 -26.48
C SER L 341 -5.59 -44.96 -25.06
N VAL L 342 -4.44 -45.56 -24.76
CA VAL L 342 -3.93 -45.57 -23.40
C VAL L 342 -3.37 -44.20 -23.06
N ASP L 343 -3.73 -43.69 -21.89
CA ASP L 343 -3.21 -42.42 -21.39
C ASP L 343 -2.22 -42.65 -20.25
N PRO L 344 -1.35 -41.68 -19.96
CA PRO L 344 -0.31 -41.92 -18.96
C PRO L 344 -0.81 -42.11 -17.54
N ALA L 345 -2.09 -41.86 -17.26
CA ALA L 345 -2.64 -42.05 -15.93
C ALA L 345 -3.05 -43.49 -15.68
N ALA L 346 -3.04 -44.35 -16.68
CA ALA L 346 -3.45 -45.73 -16.51
C ALA L 346 -2.41 -46.51 -15.73
N ASN L 347 -2.86 -47.55 -15.04
CA ASN L 347 -1.95 -48.48 -14.39
C ASN L 347 -1.30 -49.34 -15.47
N PRO L 348 0.01 -49.27 -15.65
CA PRO L 348 0.63 -50.01 -16.77
C PRO L 348 0.41 -51.51 -16.69
N TYR L 349 0.45 -52.10 -15.50
CA TYR L 349 0.27 -53.53 -15.36
C TYR L 349 -1.13 -53.96 -15.77
N MET L 350 -2.16 -53.26 -15.28
CA MET L 350 -3.53 -53.63 -15.59
C MET L 350 -3.84 -53.39 -17.06
N ALA L 351 -3.40 -52.25 -17.61
CA ALA L 351 -3.65 -51.98 -19.03
C ALA L 351 -2.95 -52.97 -19.92
N LEU L 352 -1.69 -53.30 -19.64
CA LEU L 352 -0.97 -54.29 -20.43
C LEU L 352 -1.61 -55.67 -20.32
N ALA L 353 -2.03 -56.08 -19.12
CA ALA L 353 -2.73 -57.35 -18.99
C ALA L 353 -4.02 -57.38 -19.77
N ALA L 354 -4.80 -56.29 -19.73
CA ALA L 354 -6.05 -56.22 -20.48
C ALA L 354 -5.80 -56.32 -21.98
N ILE L 355 -4.81 -55.59 -22.50
CA ILE L 355 -4.52 -55.65 -23.92
C ILE L 355 -4.03 -57.04 -24.33
N LEU L 356 -3.15 -57.63 -23.53
CA LEU L 356 -2.65 -58.96 -23.86
C LEU L 356 -3.77 -59.99 -23.86
N GLU L 357 -4.66 -59.94 -22.87
CA GLU L 357 -5.79 -60.87 -22.85
C GLU L 357 -6.73 -60.63 -24.01
N ALA L 358 -6.97 -59.38 -24.38
CA ALA L 358 -7.84 -59.10 -25.52
C ALA L 358 -7.24 -59.68 -26.81
N GLY L 359 -5.93 -59.51 -27.00
CA GLY L 359 -5.29 -60.09 -28.17
C GLY L 359 -5.32 -61.60 -28.17
N LEU L 360 -4.99 -62.22 -27.05
CA LEU L 360 -5.03 -63.68 -26.96
C LEU L 360 -6.43 -64.23 -27.13
N ASP L 361 -7.47 -63.47 -26.77
CA ASP L 361 -8.83 -63.90 -27.03
C ASP L 361 -9.08 -64.06 -28.52
N GLY L 362 -8.58 -63.13 -29.34
CA GLY L 362 -8.65 -63.29 -30.78
C GLY L 362 -7.72 -64.35 -31.32
N ILE L 363 -6.61 -64.63 -30.62
CA ILE L 363 -5.70 -65.67 -31.08
C ILE L 363 -6.37 -67.04 -30.99
N LYS L 364 -6.98 -67.36 -29.85
CA LYS L 364 -7.50 -68.69 -29.64
C LYS L 364 -8.90 -68.90 -30.21
N ASN L 365 -9.59 -67.85 -30.64
CA ASN L 365 -10.86 -67.98 -31.31
C ASN L 365 -10.77 -67.74 -32.81
N LYS L 366 -9.57 -67.45 -33.33
CA LYS L 366 -9.35 -67.28 -34.77
C LYS L 366 -10.30 -66.25 -35.36
N LEU L 367 -10.42 -65.12 -34.68
CA LEU L 367 -11.31 -64.06 -35.13
C LEU L 367 -10.83 -63.48 -36.45
N LYS L 368 -11.79 -63.13 -37.31
CA LYS L 368 -11.50 -62.50 -38.58
C LYS L 368 -11.45 -60.98 -38.41
N VAL L 369 -10.49 -60.37 -39.11
CA VAL L 369 -10.21 -58.95 -38.94
C VAL L 369 -11.11 -58.12 -39.84
N PRO L 370 -11.71 -57.05 -39.34
CA PRO L 370 -12.39 -56.11 -40.24
C PRO L 370 -11.39 -55.42 -41.15
N GLU L 371 -11.91 -54.97 -42.29
CA GLU L 371 -11.05 -54.33 -43.28
C GLU L 371 -10.44 -53.06 -42.70
N PRO L 372 -9.16 -52.80 -42.97
CA PRO L 372 -8.53 -51.58 -42.45
C PRO L 372 -9.21 -50.33 -42.98
N VAL L 373 -9.30 -49.31 -42.14
CA VAL L 373 -9.91 -48.05 -42.53
C VAL L 373 -8.79 -47.06 -42.87
N ASN L 374 -8.65 -46.75 -44.16
CA ASN L 374 -7.58 -45.89 -44.63
C ASN L 374 -8.01 -44.44 -44.83
N GLN L 375 -9.30 -44.17 -44.91
CA GLN L 375 -9.77 -42.80 -45.12
C GLN L 375 -9.77 -42.01 -43.82
N ILE L 390 -17.70 -49.51 -38.05
CA ILE L 390 -16.84 -48.75 -37.15
C ILE L 390 -17.62 -48.45 -35.87
N GLN L 391 -17.07 -48.88 -34.74
CA GLN L 391 -17.72 -48.66 -33.45
C GLN L 391 -17.15 -47.40 -32.81
N ASP L 392 -17.60 -47.10 -31.59
CA ASP L 392 -17.24 -45.87 -30.92
C ASP L 392 -16.75 -46.20 -29.50
N LEU L 393 -15.67 -45.56 -29.08
CA LEU L 393 -15.21 -45.73 -27.72
C LEU L 393 -16.18 -45.08 -26.74
N PRO L 394 -16.24 -45.58 -25.50
CA PRO L 394 -17.11 -44.96 -24.50
C PRO L 394 -16.74 -43.50 -24.30
N SER L 395 -17.77 -42.67 -24.11
CA SER L 395 -17.59 -41.23 -24.06
C SER L 395 -17.32 -40.68 -22.66
N THR L 396 -17.69 -41.40 -21.61
CA THR L 396 -17.46 -40.98 -20.25
C THR L 396 -16.95 -42.16 -19.43
N LEU L 397 -16.48 -41.87 -18.22
CA LEU L 397 -16.06 -42.93 -17.32
C LEU L 397 -17.22 -43.82 -16.94
N TYR L 398 -18.42 -43.24 -16.78
CA TYR L 398 -19.59 -44.04 -16.46
C TYR L 398 -19.93 -45.04 -17.56
N THR L 399 -19.92 -44.60 -18.82
CA THR L 399 -20.20 -45.50 -19.92
C THR L 399 -19.11 -46.57 -20.05
N ALA L 400 -17.85 -46.19 -19.80
CA ALA L 400 -16.77 -47.15 -19.83
C ALA L 400 -16.90 -48.19 -18.73
N LEU L 401 -17.33 -47.79 -17.53
CA LEU L 401 -17.60 -48.76 -16.48
C LEU L 401 -18.76 -49.68 -16.85
N LYS L 402 -19.80 -49.13 -17.47
CA LYS L 402 -20.91 -49.95 -17.92
C LYS L 402 -20.45 -50.99 -18.94
N ALA L 403 -19.61 -50.59 -19.89
CA ALA L 403 -19.06 -51.53 -20.86
C ALA L 403 -18.09 -52.52 -20.22
N MET L 404 -17.40 -52.12 -19.16
CA MET L 404 -16.52 -53.05 -18.43
C MET L 404 -17.31 -54.18 -17.80
N ARG L 405 -18.47 -53.89 -17.22
CA ARG L 405 -19.29 -54.90 -16.56
C ARG L 405 -19.90 -55.90 -17.53
N GLU L 406 -19.93 -55.60 -18.82
CA GLU L 406 -20.52 -56.47 -19.81
C GLU L 406 -19.47 -57.25 -20.61
N ASN L 407 -18.20 -57.12 -20.26
CA ASN L 407 -17.12 -57.81 -20.96
C ASN L 407 -16.57 -58.93 -20.10
N GLU L 408 -16.48 -60.12 -20.68
CA GLU L 408 -15.95 -61.28 -19.98
C GLU L 408 -14.43 -61.36 -20.05
N VAL L 409 -13.82 -60.82 -21.10
CA VAL L 409 -12.37 -60.88 -21.25
C VAL L 409 -11.65 -60.00 -20.21
N ILE L 410 -12.16 -58.81 -19.93
CA ILE L 410 -11.53 -57.95 -18.93
C ILE L 410 -11.57 -58.59 -17.55
N LYS L 411 -12.66 -59.27 -17.20
CA LYS L 411 -12.73 -59.91 -15.89
C LYS L 411 -11.70 -61.02 -15.76
N LYS L 412 -11.50 -61.80 -16.83
CA LYS L 412 -10.46 -62.82 -16.81
C LYS L 412 -9.07 -62.22 -16.79
N ALA L 413 -8.88 -61.09 -17.48
CA ALA L 413 -7.58 -60.44 -17.50
C ALA L 413 -7.19 -59.91 -16.13
N LEU L 414 -8.14 -59.30 -15.42
CA LEU L 414 -7.82 -58.67 -14.15
C LEU L 414 -7.99 -59.59 -12.95
N GLY L 415 -8.73 -60.68 -13.09
CA GLY L 415 -9.12 -61.48 -11.94
C GLY L 415 -10.28 -60.83 -11.21
N ASN L 416 -10.86 -61.59 -10.28
CA ASN L 416 -12.06 -61.12 -9.59
C ASN L 416 -11.76 -59.95 -8.67
N HIS L 417 -10.69 -60.04 -7.88
CA HIS L 417 -10.44 -59.04 -6.85
C HIS L 417 -10.17 -57.67 -7.46
N ILE L 418 -9.23 -57.59 -8.40
CA ILE L 418 -8.88 -56.30 -9.01
C ILE L 418 -10.07 -55.74 -9.76
N TYR L 419 -10.78 -56.59 -10.50
CA TYR L 419 -11.96 -56.16 -11.24
C TYR L 419 -12.99 -55.51 -10.31
N ASN L 420 -13.33 -56.19 -9.21
CA ASN L 420 -14.34 -55.66 -8.31
C ASN L 420 -13.87 -54.38 -7.63
N GLN L 421 -12.62 -54.35 -7.15
CA GLN L 421 -12.14 -53.15 -6.47
C GLN L 421 -12.08 -51.96 -7.42
N PHE L 422 -11.60 -52.18 -8.64
CA PHE L 422 -11.56 -51.11 -9.63
C PHE L 422 -12.95 -50.58 -9.93
N ILE L 423 -13.91 -51.48 -10.14
CA ILE L 423 -15.26 -51.03 -10.45
C ILE L 423 -15.83 -50.23 -9.29
N ASN L 424 -15.67 -50.72 -8.06
CA ASN L 424 -16.22 -50.00 -6.92
C ASN L 424 -15.59 -48.62 -6.75
N SER L 425 -14.26 -48.53 -6.79
CA SER L 425 -13.60 -47.24 -6.63
C SER L 425 -13.94 -46.27 -7.74
N LYS L 426 -13.97 -46.72 -9.00
CA LYS L 426 -14.32 -45.83 -10.09
C LYS L 426 -15.77 -45.40 -10.04
N SER L 427 -16.67 -46.28 -9.59
CA SER L 427 -18.07 -45.88 -9.41
C SER L 427 -18.19 -44.80 -8.34
N ILE L 428 -17.47 -44.95 -7.23
CA ILE L 428 -17.51 -43.92 -6.20
C ILE L 428 -16.95 -42.61 -6.73
N GLU L 429 -15.86 -42.68 -7.49
CA GLU L 429 -15.27 -41.47 -8.06
C GLU L 429 -16.22 -40.78 -9.02
N TRP L 430 -16.90 -41.56 -9.87
CA TRP L 430 -17.87 -40.97 -10.79
C TRP L 430 -19.04 -40.37 -10.04
N ASP L 431 -19.50 -41.02 -8.97
CA ASP L 431 -20.59 -40.44 -8.18
C ASP L 431 -20.19 -39.12 -7.55
N TYR L 432 -18.95 -39.05 -7.07
CA TYR L 432 -18.45 -37.78 -6.55
C TYR L 432 -18.40 -36.71 -7.63
N TYR L 433 -17.94 -37.07 -8.83
CA TYR L 433 -17.83 -36.09 -9.91
C TYR L 433 -19.20 -35.64 -10.42
N ARG L 434 -20.18 -36.54 -10.42
CA ARG L 434 -21.48 -36.27 -11.04
C ARG L 434 -22.24 -35.14 -10.37
N THR L 435 -22.02 -34.91 -9.08
CA THR L 435 -22.81 -33.94 -8.32
C THR L 435 -22.16 -32.57 -8.25
N GLN L 436 -20.99 -32.38 -8.85
CA GLN L 436 -20.30 -31.10 -8.77
C GLN L 436 -20.92 -30.08 -9.71
N VAL L 437 -20.88 -28.82 -9.31
CA VAL L 437 -21.32 -27.71 -10.15
C VAL L 437 -20.08 -26.96 -10.61
N SER L 438 -19.84 -26.95 -11.90
CA SER L 438 -18.62 -26.39 -12.47
C SER L 438 -18.80 -24.89 -12.75
N GLU L 439 -17.66 -24.23 -12.97
CA GLU L 439 -17.69 -22.82 -13.33
C GLU L 439 -18.32 -22.59 -14.70
N TRP L 440 -18.23 -23.58 -15.59
CA TRP L 440 -18.89 -23.46 -16.89
C TRP L 440 -20.38 -23.30 -16.74
N GLU L 441 -20.99 -24.08 -15.84
CA GLU L 441 -22.43 -23.99 -15.63
C GLU L 441 -22.82 -22.60 -15.09
N ARG L 442 -22.04 -22.08 -14.15
CA ARG L 442 -22.34 -20.76 -13.61
C ARG L 442 -22.05 -19.64 -14.59
N ASP L 443 -21.21 -19.89 -15.59
CA ASP L 443 -20.99 -18.92 -16.65
C ASP L 443 -22.07 -18.93 -17.72
N GLN L 444 -22.56 -20.11 -18.11
CA GLN L 444 -23.64 -20.18 -19.07
C GLN L 444 -24.97 -19.78 -18.45
N TYR L 445 -25.24 -20.26 -17.25
CA TYR L 445 -26.45 -19.95 -16.50
C TYR L 445 -26.12 -18.91 -15.44
N MET L 446 -27.05 -18.70 -14.51
CA MET L 446 -26.87 -17.83 -13.34
C MET L 446 -26.98 -16.36 -13.72
N LYS L 447 -26.98 -16.06 -15.02
CA LYS L 447 -27.32 -14.72 -15.47
C LYS L 447 -28.33 -14.82 -16.61
N GLN L 448 -28.29 -15.93 -17.34
CA GLN L 448 -29.31 -16.18 -18.35
C GLN L 448 -30.61 -16.67 -17.73
N TYR L 449 -30.55 -17.39 -16.62
CA TYR L 449 -31.74 -17.91 -15.97
C TYR L 449 -31.81 -17.42 -14.53
#